data_8JB0
#
_entry.id   8JB0
#
_cell.length_a   1.00
_cell.length_b   1.00
_cell.length_c   1.00
_cell.angle_alpha   90.00
_cell.angle_beta   90.00
_cell.angle_gamma   90.00
#
_symmetry.space_group_name_H-M   'P 1'
#
loop_
_entity.id
_entity.type
_entity.pdbx_description
1 polymer Bacterioferritin
2 non-polymer 'FE (II) ION'
#
_entity_poly.entity_id   1
_entity_poly.type   'polypeptide(L)'
_entity_poly.pdbx_seq_one_letter_code
;MQGDPEVIEFLNEQLTAELTAINQYFLHAKLQDHKGWTKLAKYTRAESFDEMRHAEVLTDRILLLDGLPNYQRLFHVRVG
QSVTEMFQADREVELEAIDRLRRGIEVMRAKHDITSANVFEAILADEEHHIDYLETQLDLIEKLGESLYLSTVIEQTQPD
PSGPGSL
;
_entity_poly.pdbx_strand_id   A,B,C,D,F,E,G,H,I,J,K,L,M,N,O,P,Q,R,S,T,U,V,W,X
#
loop_
_chem_comp.id
_chem_comp.type
_chem_comp.name
_chem_comp.formula
FE2 non-polymer 'FE (II) ION' 'Fe 2'
#
# COMPACT_ATOMS: atom_id res chain seq x y z
N MET A 1 -44.91 -34.74 -19.49
CA MET A 1 -45.05 -33.29 -19.51
C MET A 1 -44.97 -32.75 -20.94
N GLN A 2 -46.11 -32.78 -21.63
CA GLN A 2 -46.20 -32.30 -23.01
C GLN A 2 -47.15 -31.11 -23.05
N GLY A 3 -46.73 -30.04 -23.71
CA GLY A 3 -47.59 -28.89 -23.86
C GLY A 3 -48.62 -29.08 -24.96
N ASP A 4 -49.60 -28.19 -24.98
CA ASP A 4 -50.63 -28.24 -26.00
C ASP A 4 -50.09 -27.75 -27.34
N PRO A 5 -50.58 -28.31 -28.45
CA PRO A 5 -50.05 -27.91 -29.76
C PRO A 5 -50.23 -26.42 -30.06
N GLU A 6 -51.33 -25.82 -29.62
CA GLU A 6 -51.51 -24.38 -29.84
C GLU A 6 -50.46 -23.58 -29.08
N VAL A 7 -50.08 -24.04 -27.89
CA VAL A 7 -48.98 -23.41 -27.16
C VAL A 7 -47.71 -23.46 -28.00
N ILE A 8 -47.43 -24.63 -28.58
CA ILE A 8 -46.22 -24.79 -29.38
C ILE A 8 -46.24 -23.87 -30.59
N GLU A 9 -47.39 -23.79 -31.27
CA GLU A 9 -47.47 -22.93 -32.45
C GLU A 9 -47.34 -21.45 -32.08
N PHE A 10 -47.90 -21.04 -30.94
CA PHE A 10 -47.76 -19.66 -30.51
C PHE A 10 -46.31 -19.33 -30.20
N LEU A 11 -45.64 -20.22 -29.47
CA LEU A 11 -44.23 -20.01 -29.17
C LEU A 11 -43.41 -19.97 -30.45
N ASN A 12 -43.72 -20.84 -31.41
CA ASN A 12 -42.97 -20.86 -32.66
C ASN A 12 -43.18 -19.58 -33.46
N GLU A 13 -44.42 -19.08 -33.51
CA GLU A 13 -44.69 -17.83 -34.20
C GLU A 13 -43.93 -16.67 -33.55
N GLN A 14 -43.94 -16.62 -32.22
CA GLN A 14 -43.20 -15.57 -31.54
C GLN A 14 -41.71 -15.68 -31.81
N LEU A 15 -41.18 -16.91 -31.83
CA LEU A 15 -39.77 -17.12 -32.14
C LEU A 15 -39.43 -16.64 -33.54
N THR A 16 -40.30 -16.94 -34.51
CA THR A 16 -40.08 -16.47 -35.88
C THR A 16 -40.06 -14.96 -35.93
N ALA A 17 -41.01 -14.31 -35.24
CA ALA A 17 -41.04 -12.86 -35.20
C ALA A 17 -39.76 -12.31 -34.58
N GLU A 18 -39.26 -12.96 -33.52
CA GLU A 18 -38.03 -12.50 -32.89
C GLU A 18 -36.84 -12.64 -33.84
N LEU A 19 -36.76 -13.73 -34.59
CA LEU A 19 -35.67 -13.88 -35.56
C LEU A 19 -35.72 -12.80 -36.63
N THR A 20 -36.93 -12.50 -37.14
CA THR A 20 -37.06 -11.43 -38.11
C THR A 20 -36.65 -10.10 -37.52
N ALA A 21 -37.03 -9.84 -36.26
CA ALA A 21 -36.62 -8.61 -35.60
C ALA A 21 -35.11 -8.52 -35.50
N ILE A 22 -34.46 -9.63 -35.14
CA ILE A 22 -33.01 -9.67 -35.05
C ILE A 22 -32.39 -9.30 -36.38
N ASN A 23 -32.83 -9.95 -37.45
CA ASN A 23 -32.24 -9.71 -38.77
C ASN A 23 -32.44 -8.27 -39.21
N GLN A 24 -33.66 -7.75 -39.07
CA GLN A 24 -33.93 -6.38 -39.48
C GLN A 24 -33.10 -5.39 -38.68
N TYR A 25 -33.04 -5.57 -37.36
CA TYR A 25 -32.29 -4.62 -36.54
C TYR A 25 -30.80 -4.66 -36.87
N PHE A 26 -30.24 -5.84 -37.09
CA PHE A 26 -28.82 -5.90 -37.42
C PHE A 26 -28.54 -5.26 -38.77
N LEU A 27 -29.37 -5.56 -39.78
CA LEU A 27 -29.16 -4.96 -41.09
C LEU A 27 -29.30 -3.44 -41.03
N HIS A 28 -30.29 -2.96 -40.27
CA HIS A 28 -30.40 -1.52 -40.08
C HIS A 28 -29.14 -0.96 -39.44
N ALA A 29 -28.73 -1.53 -38.31
CA ALA A 29 -27.53 -1.04 -37.61
C ALA A 29 -26.36 -0.92 -38.57
N LYS A 30 -26.19 -1.93 -39.43
CA LYS A 30 -25.13 -1.84 -40.43
C LYS A 30 -25.37 -0.68 -41.39
N LEU A 31 -26.62 -0.45 -41.77
CA LEU A 31 -26.91 0.63 -42.71
C LEU A 31 -26.60 2.00 -42.11
N GLN A 32 -27.10 2.27 -40.89
CA GLN A 32 -26.78 3.55 -40.26
C GLN A 32 -25.28 3.68 -39.98
N ASP A 33 -24.60 2.58 -39.65
CA ASP A 33 -23.16 2.65 -39.44
C ASP A 33 -22.44 3.02 -40.73
N HIS A 34 -22.85 2.42 -41.85
CA HIS A 34 -22.24 2.76 -43.13
C HIS A 34 -22.51 4.21 -43.50
N LYS A 35 -23.72 4.69 -43.22
CA LYS A 35 -24.04 6.09 -43.47
C LYS A 35 -23.21 7.02 -42.60
N GLY A 36 -22.57 6.50 -41.55
CA GLY A 36 -21.77 7.30 -40.64
C GLY A 36 -22.46 7.67 -39.35
N TRP A 37 -23.77 7.48 -39.26
CA TRP A 37 -24.52 7.85 -38.07
C TRP A 37 -24.19 6.86 -36.95
N THR A 38 -23.77 7.38 -35.80
CA THR A 38 -23.19 6.56 -34.73
C THR A 38 -24.16 6.21 -33.63
N LYS A 39 -24.78 7.22 -33.01
CA LYS A 39 -25.65 6.95 -31.86
C LYS A 39 -26.81 6.05 -32.24
N LEU A 40 -27.43 6.31 -33.39
CA LEU A 40 -28.50 5.44 -33.86
C LEU A 40 -28.01 4.01 -34.03
N ALA A 41 -26.82 3.85 -34.63
CA ALA A 41 -26.28 2.52 -34.87
C ALA A 41 -26.06 1.76 -33.57
N LYS A 42 -25.44 2.41 -32.58
CA LYS A 42 -25.19 1.70 -31.33
C LYS A 42 -26.49 1.39 -30.60
N TYR A 43 -27.46 2.32 -30.61
CA TYR A 43 -28.73 2.05 -29.93
C TYR A 43 -29.46 0.88 -30.57
N THR A 44 -29.51 0.83 -31.91
CA THR A 44 -30.22 -0.28 -32.53
C THR A 44 -29.44 -1.58 -32.41
N ARG A 45 -28.11 -1.52 -32.31
CA ARG A 45 -27.34 -2.72 -32.01
C ARG A 45 -27.70 -3.28 -30.64
N ALA A 46 -27.83 -2.39 -29.64
CA ALA A 46 -28.28 -2.83 -28.32
C ALA A 46 -29.68 -3.43 -28.39
N GLU A 47 -30.56 -2.82 -29.18
CA GLU A 47 -31.91 -3.37 -29.33
C GLU A 47 -31.88 -4.76 -29.94
N SER A 48 -31.03 -4.96 -30.95
CA SER A 48 -30.89 -6.28 -31.56
C SER A 48 -30.38 -7.31 -30.55
N PHE A 49 -29.42 -6.91 -29.72
CA PHE A 49 -28.92 -7.83 -28.70
C PHE A 49 -30.03 -8.21 -27.71
N ASP A 50 -30.85 -7.24 -27.34
CA ASP A 50 -31.98 -7.53 -26.45
C ASP A 50 -32.95 -8.50 -27.10
N GLU A 51 -33.22 -8.32 -28.39
CA GLU A 51 -34.09 -9.24 -29.10
C GLU A 51 -33.49 -10.64 -29.14
N MET A 52 -32.17 -10.75 -29.30
CA MET A 52 -31.53 -12.05 -29.25
C MET A 52 -31.69 -12.70 -27.88
N ARG A 53 -31.59 -11.91 -26.81
CA ARG A 53 -31.84 -12.44 -25.48
C ARG A 53 -33.27 -12.97 -25.34
N HIS A 54 -34.24 -12.23 -25.88
CA HIS A 54 -35.62 -12.71 -25.86
C HIS A 54 -35.77 -14.03 -26.61
N ALA A 55 -35.12 -14.13 -27.78
CA ALA A 55 -35.17 -15.39 -28.52
C ALA A 55 -34.55 -16.52 -27.71
N GLU A 56 -33.45 -16.23 -27.00
CA GLU A 56 -32.84 -17.22 -26.12
C GLU A 56 -33.83 -17.75 -25.09
N VAL A 57 -34.49 -16.84 -24.37
CA VAL A 57 -35.36 -17.31 -23.29
C VAL A 57 -36.55 -18.08 -23.88
N LEU A 58 -37.07 -17.62 -25.01
CA LEU A 58 -38.21 -18.31 -25.62
C LEU A 58 -37.83 -19.71 -26.07
N THR A 59 -36.67 -19.86 -26.71
CA THR A 59 -36.28 -21.18 -27.19
C THR A 59 -35.96 -22.12 -26.02
N ASP A 60 -35.39 -21.61 -24.93
CA ASP A 60 -35.23 -22.45 -23.75
C ASP A 60 -36.57 -22.95 -23.25
N ARG A 61 -37.54 -22.04 -23.12
CA ARG A 61 -38.84 -22.44 -22.58
C ARG A 61 -39.52 -23.48 -23.47
N ILE A 62 -39.49 -23.26 -24.79
CA ILE A 62 -40.15 -24.22 -25.67
C ILE A 62 -39.41 -25.55 -25.70
N LEU A 63 -38.08 -25.52 -25.60
CA LEU A 63 -37.32 -26.78 -25.58
C LEU A 63 -37.65 -27.58 -24.33
N LEU A 64 -37.83 -26.91 -23.19
CA LEU A 64 -38.21 -27.62 -21.97
C LEU A 64 -39.55 -28.33 -22.13
N LEU A 65 -40.48 -27.73 -22.88
CA LEU A 65 -41.80 -28.31 -23.09
C LEU A 65 -41.80 -29.51 -24.02
N ASP A 66 -40.62 -30.03 -24.36
CA ASP A 66 -40.48 -31.19 -25.26
C ASP A 66 -41.11 -30.90 -26.62
N GLY A 67 -40.53 -29.91 -27.31
CA GLY A 67 -40.95 -29.55 -28.64
C GLY A 67 -39.76 -29.45 -29.58
N LEU A 68 -40.08 -29.23 -30.86
CA LEU A 68 -39.07 -29.09 -31.90
C LEU A 68 -39.14 -27.68 -32.47
N PRO A 69 -38.29 -26.76 -32.02
CA PRO A 69 -38.32 -25.41 -32.59
C PRO A 69 -37.96 -25.43 -34.07
N ASN A 70 -38.64 -24.60 -34.84
CA ASN A 70 -38.42 -24.49 -36.28
C ASN A 70 -37.60 -23.25 -36.57
N TYR A 71 -36.39 -23.45 -37.06
CA TYR A 71 -35.48 -22.36 -37.40
C TYR A 71 -35.47 -22.09 -38.90
N GLN A 72 -36.43 -22.62 -39.64
CA GLN A 72 -36.48 -22.47 -41.09
C GLN A 72 -37.36 -21.29 -41.52
N ARG A 73 -38.53 -21.15 -40.90
CA ARG A 73 -39.48 -20.13 -41.32
C ARG A 73 -39.00 -18.74 -40.92
N LEU A 74 -39.23 -17.77 -41.81
CA LEU A 74 -38.92 -16.37 -41.56
C LEU A 74 -39.96 -15.51 -42.26
N PHE A 75 -40.38 -14.44 -41.59
CA PHE A 75 -41.32 -13.50 -42.16
C PHE A 75 -40.62 -12.62 -43.19
N HIS A 76 -41.36 -11.66 -43.73
CA HIS A 76 -40.81 -10.72 -44.68
C HIS A 76 -39.87 -9.73 -44.00
N VAL A 77 -38.94 -9.16 -44.77
CA VAL A 77 -37.97 -8.20 -44.27
C VAL A 77 -38.10 -6.93 -45.09
N ARG A 78 -38.16 -5.78 -44.41
CA ARG A 78 -38.38 -4.50 -45.07
C ARG A 78 -37.15 -3.62 -44.93
N VAL A 79 -36.83 -2.89 -46.00
CA VAL A 79 -35.71 -1.97 -46.03
C VAL A 79 -36.13 -0.68 -46.73
N GLY A 80 -35.68 0.44 -46.16
CA GLY A 80 -35.95 1.74 -46.74
C GLY A 80 -34.65 2.55 -46.81
N GLN A 81 -34.80 3.78 -47.27
CA GLN A 81 -33.62 4.62 -47.48
C GLN A 81 -33.42 5.65 -46.37
N SER A 82 -34.47 6.32 -45.95
CA SER A 82 -34.36 7.36 -44.94
C SER A 82 -34.78 6.82 -43.58
N VAL A 83 -34.59 7.67 -42.56
CA VAL A 83 -34.87 7.26 -41.18
C VAL A 83 -36.36 7.03 -40.97
N THR A 84 -37.19 7.79 -41.67
CA THR A 84 -38.64 7.68 -41.47
C THR A 84 -39.13 6.28 -41.79
N GLU A 85 -38.65 5.70 -42.90
CA GLU A 85 -39.05 4.34 -43.25
C GLU A 85 -38.55 3.34 -42.22
N MET A 86 -37.31 3.53 -41.74
CA MET A 86 -36.81 2.72 -40.64
C MET A 86 -37.80 2.68 -39.49
N PHE A 87 -38.12 3.86 -38.95
CA PHE A 87 -38.97 3.91 -37.77
C PHE A 87 -40.37 3.38 -38.07
N GLN A 88 -40.89 3.66 -39.26
CA GLN A 88 -42.24 3.20 -39.59
C GLN A 88 -42.30 1.67 -39.65
N ALA A 89 -41.34 1.05 -40.33
CA ALA A 89 -41.34 -0.41 -40.43
C ALA A 89 -41.14 -1.04 -39.06
N ASP A 90 -40.25 -0.47 -38.25
CA ASP A 90 -40.04 -1.02 -36.91
C ASP A 90 -41.29 -0.90 -36.06
N ARG A 91 -41.99 0.24 -36.18
CA ARG A 91 -43.25 0.41 -35.46
C ARG A 91 -44.28 -0.61 -35.91
N GLU A 92 -44.34 -0.88 -37.22
CA GLU A 92 -45.28 -1.87 -37.72
C GLU A 92 -45.01 -3.25 -37.15
N VAL A 93 -43.74 -3.68 -37.18
CA VAL A 93 -43.42 -5.03 -36.71
C VAL A 93 -43.68 -5.14 -35.21
N GLU A 94 -43.34 -4.08 -34.45
CA GLU A 94 -43.62 -4.12 -33.03
C GLU A 94 -45.12 -4.14 -32.74
N LEU A 95 -45.92 -3.43 -33.55
CA LEU A 95 -47.36 -3.43 -33.33
C LEU A 95 -47.96 -4.82 -33.56
N GLU A 96 -47.58 -5.47 -34.67
CA GLU A 96 -48.08 -6.81 -34.90
C GLU A 96 -47.60 -7.76 -33.81
N ALA A 97 -46.38 -7.54 -33.32
CA ALA A 97 -45.87 -8.35 -32.21
C ALA A 97 -46.75 -8.19 -30.97
N ILE A 98 -47.11 -6.95 -30.63
CA ILE A 98 -47.92 -6.72 -29.44
C ILE A 98 -49.29 -7.36 -29.58
N ASP A 99 -49.87 -7.27 -30.77
CA ASP A 99 -51.16 -7.93 -30.99
C ASP A 99 -51.06 -9.44 -30.76
N ARG A 100 -50.03 -10.07 -31.33
CA ARG A 100 -49.85 -11.50 -31.14
C ARG A 100 -49.60 -11.84 -29.67
N LEU A 101 -48.80 -11.01 -28.98
CA LEU A 101 -48.55 -11.22 -27.56
C LEU A 101 -49.82 -11.16 -26.73
N ARG A 102 -50.69 -10.18 -27.01
CA ARG A 102 -51.93 -10.08 -26.24
C ARG A 102 -52.82 -11.28 -26.46
N ARG A 103 -52.97 -11.70 -27.72
CA ARG A 103 -53.78 -12.88 -27.99
C ARG A 103 -53.21 -14.11 -27.29
N GLY A 104 -51.88 -14.28 -27.38
CA GLY A 104 -51.24 -15.44 -26.79
C GLY A 104 -51.36 -15.46 -25.28
N ILE A 105 -51.16 -14.30 -24.64
CA ILE A 105 -51.26 -14.25 -23.19
C ILE A 105 -52.68 -14.57 -22.73
N GLU A 106 -53.68 -14.02 -23.43
CA GLU A 106 -55.06 -14.31 -23.05
C GLU A 106 -55.34 -15.81 -23.13
N VAL A 107 -55.03 -16.43 -24.28
CA VAL A 107 -55.37 -17.84 -24.46
C VAL A 107 -54.54 -18.72 -23.54
N MET A 108 -53.27 -18.35 -23.33
CA MET A 108 -52.40 -19.15 -22.47
C MET A 108 -52.88 -19.13 -21.03
N ARG A 109 -53.25 -17.95 -20.51
CA ARG A 109 -53.81 -17.91 -19.17
C ARG A 109 -55.14 -18.64 -19.11
N ALA A 110 -55.86 -18.67 -20.23
CA ALA A 110 -57.10 -19.43 -20.30
C ALA A 110 -56.89 -20.94 -20.25
N LYS A 111 -55.76 -21.45 -20.76
CA LYS A 111 -55.61 -22.90 -20.92
C LYS A 111 -54.49 -23.44 -20.01
N HIS A 112 -54.48 -22.96 -18.75
CA HIS A 112 -53.72 -23.59 -17.67
C HIS A 112 -52.24 -23.79 -18.03
N ASP A 113 -51.55 -22.67 -18.25
CA ASP A 113 -50.11 -22.68 -18.43
C ASP A 113 -49.62 -21.27 -18.12
N ILE A 114 -48.57 -21.17 -17.31
CA ILE A 114 -48.24 -19.93 -16.62
C ILE A 114 -46.84 -19.43 -16.97
N THR A 115 -45.82 -20.28 -16.85
CA THR A 115 -44.45 -19.83 -17.06
C THR A 115 -44.27 -19.27 -18.47
N SER A 116 -44.79 -19.99 -19.47
CA SER A 116 -44.82 -19.46 -20.82
C SER A 116 -45.60 -18.15 -20.85
N ALA A 117 -46.74 -18.09 -20.17
CA ALA A 117 -47.48 -16.84 -20.08
C ALA A 117 -46.62 -15.74 -19.46
N ASN A 118 -45.87 -16.07 -18.40
CA ASN A 118 -45.05 -15.06 -17.73
C ASN A 118 -44.01 -14.47 -18.69
N VAL A 119 -43.28 -15.32 -19.41
CA VAL A 119 -42.33 -14.78 -20.37
C VAL A 119 -43.06 -14.02 -21.47
N PHE A 120 -44.32 -14.40 -21.74
CA PHE A 120 -45.11 -13.63 -22.70
C PHE A 120 -45.30 -12.19 -22.24
N GLU A 121 -45.74 -11.96 -21.00
CA GLU A 121 -45.95 -10.55 -20.62
C GLU A 121 -44.63 -9.84 -20.42
N ALA A 122 -43.56 -10.58 -20.09
CA ALA A 122 -42.24 -9.94 -20.03
C ALA A 122 -41.85 -9.37 -21.38
N ILE A 123 -41.96 -10.18 -22.44
CA ILE A 123 -41.68 -9.69 -23.79
C ILE A 123 -42.64 -8.56 -24.15
N LEU A 124 -43.90 -8.67 -23.71
CA LEU A 124 -44.88 -7.61 -23.96
C LEU A 124 -44.40 -6.28 -23.40
N ALA A 125 -43.97 -6.27 -22.14
CA ALA A 125 -43.53 -5.03 -21.51
C ALA A 125 -42.31 -4.47 -22.21
N ASP A 126 -41.34 -5.32 -22.54
CA ASP A 126 -40.15 -4.83 -23.23
C ASP A 126 -40.50 -4.20 -24.57
N GLU A 127 -41.38 -4.86 -25.32
CA GLU A 127 -41.72 -4.36 -26.64
C GLU A 127 -42.55 -3.09 -26.57
N GLU A 128 -43.40 -2.96 -25.54
CA GLU A 128 -44.15 -1.71 -25.40
C GLU A 128 -43.23 -0.56 -25.04
N HIS A 129 -42.19 -0.83 -24.23
CA HIS A 129 -41.19 0.20 -23.98
C HIS A 129 -40.49 0.61 -25.28
N HIS A 130 -40.12 -0.38 -26.10
CA HIS A 130 -39.47 -0.06 -27.36
C HIS A 130 -40.37 0.75 -28.27
N ILE A 131 -41.67 0.43 -28.29
CA ILE A 131 -42.61 1.20 -29.08
C ILE A 131 -42.71 2.63 -28.58
N ASP A 132 -42.73 2.83 -27.27
CA ASP A 132 -42.76 4.19 -26.73
C ASP A 132 -41.54 4.98 -27.21
N TYR A 133 -40.35 4.37 -27.11
CA TYR A 133 -39.14 5.05 -27.56
C TYR A 133 -39.23 5.39 -29.04
N LEU A 134 -39.66 4.44 -29.86
CA LEU A 134 -39.74 4.66 -31.30
C LEU A 134 -40.73 5.76 -31.62
N GLU A 135 -41.89 5.77 -30.96
CA GLU A 135 -42.90 6.77 -31.23
C GLU A 135 -42.42 8.16 -30.84
N THR A 136 -41.75 8.28 -29.69
CA THR A 136 -41.30 9.61 -29.29
C THR A 136 -40.20 10.12 -30.21
N GLN A 137 -39.32 9.24 -30.70
CA GLN A 137 -38.32 9.70 -31.65
C GLN A 137 -38.95 10.06 -33.00
N LEU A 138 -39.98 9.31 -33.42
CA LEU A 138 -40.68 9.67 -34.64
C LEU A 138 -41.32 11.05 -34.53
N ASP A 139 -41.96 11.33 -33.39
CA ASP A 139 -42.54 12.64 -33.18
C ASP A 139 -41.47 13.72 -33.19
N LEU A 140 -40.33 13.45 -32.54
CA LEU A 140 -39.26 14.44 -32.48
C LEU A 140 -38.72 14.75 -33.86
N ILE A 141 -38.49 13.73 -34.69
CA ILE A 141 -37.97 13.99 -36.02
C ILE A 141 -39.02 14.68 -36.88
N GLU A 142 -40.30 14.34 -36.70
CA GLU A 142 -41.34 15.00 -37.47
C GLU A 142 -41.41 16.50 -37.15
N LYS A 143 -41.30 16.85 -35.87
CA LYS A 143 -41.39 18.26 -35.49
C LYS A 143 -40.11 19.00 -35.80
N LEU A 144 -38.96 18.37 -35.60
CA LEU A 144 -37.68 19.07 -35.59
C LEU A 144 -37.17 19.39 -37.00
N GLY A 145 -37.35 18.48 -37.95
CA GLY A 145 -36.73 18.72 -39.26
C GLY A 145 -35.65 17.67 -39.46
N GLU A 146 -35.69 17.03 -40.62
CA GLU A 146 -34.85 15.85 -40.85
C GLU A 146 -33.37 16.18 -40.79
N SER A 147 -32.93 17.18 -41.56
CA SER A 147 -31.52 17.53 -41.58
C SER A 147 -31.07 18.07 -40.23
N LEU A 148 -31.89 18.95 -39.64
CA LEU A 148 -31.53 19.53 -38.35
C LEU A 148 -31.43 18.47 -37.28
N TYR A 149 -32.34 17.50 -37.27
CA TYR A 149 -32.27 16.42 -36.31
C TYR A 149 -31.04 15.55 -36.55
N LEU A 150 -30.85 15.12 -37.80
CA LEU A 150 -29.72 14.25 -38.12
C LEU A 150 -28.37 14.92 -37.89
N SER A 151 -28.34 16.24 -37.78
CA SER A 151 -27.11 16.91 -37.38
C SER A 151 -26.67 16.51 -35.98
N THR A 152 -27.56 15.92 -35.19
CA THR A 152 -27.27 15.54 -33.81
C THR A 152 -26.57 14.19 -33.71
N VAL A 153 -27.07 13.17 -34.39
CA VAL A 153 -26.51 11.83 -34.23
C VAL A 153 -25.08 11.76 -34.74
N ILE A 154 -24.78 12.49 -35.81
CA ILE A 154 -23.41 12.57 -36.30
C ILE A 154 -22.68 13.70 -35.60
N GLU A 155 -21.50 13.40 -35.08
CA GLU A 155 -20.62 14.44 -34.56
C GLU A 155 -19.21 13.87 -34.42
N GLN A 156 -18.25 14.49 -35.10
CA GLN A 156 -16.84 14.21 -34.89
C GLN A 156 -16.26 15.45 -34.20
N THR A 157 -16.18 15.40 -32.87
CA THR A 157 -15.70 16.54 -32.09
C THR A 157 -14.82 16.06 -30.95
N GLN A 158 -13.91 15.14 -31.23
CA GLN A 158 -12.94 14.64 -30.27
C GLN A 158 -13.61 14.06 -29.01
N PRO A 159 -14.41 13.00 -29.16
CA PRO A 159 -15.05 12.40 -27.98
C PRO A 159 -14.12 11.54 -27.14
N ASP A 160 -12.90 11.26 -27.61
CA ASP A 160 -12.00 10.38 -26.87
C ASP A 160 -11.62 10.93 -25.51
N PRO A 161 -11.28 12.21 -25.35
CA PRO A 161 -10.85 12.70 -24.04
C PRO A 161 -12.01 12.74 -23.06
N SER A 162 -11.78 12.20 -21.86
CA SER A 162 -12.79 12.17 -20.82
C SER A 162 -12.15 12.16 -19.44
N MET B 1 -16.22 3.05 -58.02
CA MET B 1 -16.01 2.28 -56.80
C MET B 1 -16.91 1.05 -56.77
N GLN B 2 -17.94 1.08 -57.61
CA GLN B 2 -18.87 -0.03 -57.71
C GLN B 2 -18.17 -1.30 -58.17
N GLY B 3 -18.51 -2.42 -57.54
CA GLY B 3 -17.95 -3.71 -57.89
C GLY B 3 -18.79 -4.44 -58.93
N ASP B 4 -18.22 -5.55 -59.41
CA ASP B 4 -18.84 -6.35 -60.44
C ASP B 4 -19.99 -7.19 -59.88
N PRO B 5 -20.95 -7.58 -60.73
CA PRO B 5 -22.04 -8.44 -60.24
C PRO B 5 -21.58 -9.79 -59.72
N GLU B 6 -20.54 -10.38 -60.32
CA GLU B 6 -20.13 -11.72 -59.90
C GLU B 6 -19.59 -11.72 -58.48
N VAL B 7 -18.73 -10.75 -58.15
CA VAL B 7 -18.13 -10.73 -56.82
C VAL B 7 -19.21 -10.47 -55.76
N ILE B 8 -20.13 -9.54 -56.02
CA ILE B 8 -21.15 -9.22 -55.03
C ILE B 8 -22.11 -10.39 -54.85
N GLU B 9 -22.45 -11.09 -55.95
CA GLU B 9 -23.34 -12.24 -55.79
C GLU B 9 -22.65 -13.39 -55.07
N PHE B 10 -21.34 -13.58 -55.28
CA PHE B 10 -20.62 -14.58 -54.50
C PHE B 10 -20.60 -14.20 -53.02
N LEU B 11 -20.38 -12.92 -52.73
CA LEU B 11 -20.42 -12.46 -51.34
C LEU B 11 -21.78 -12.73 -50.71
N ASN B 12 -22.86 -12.45 -51.45
CA ASN B 12 -24.20 -12.66 -50.91
C ASN B 12 -24.47 -14.14 -50.65
N GLU B 13 -24.07 -15.01 -51.59
CA GLU B 13 -24.27 -16.45 -51.38
C GLU B 13 -23.50 -16.94 -50.16
N GLN B 14 -22.24 -16.51 -50.03
CA GLN B 14 -21.45 -16.92 -48.87
C GLN B 14 -22.06 -16.41 -47.58
N LEU B 15 -22.55 -15.17 -47.56
CA LEU B 15 -23.17 -14.62 -46.37
C LEU B 15 -24.41 -15.40 -45.98
N THR B 16 -25.23 -15.77 -46.97
CA THR B 16 -26.43 -16.55 -46.68
C THR B 16 -26.09 -17.92 -46.11
N ALA B 17 -25.13 -18.61 -46.73
CA ALA B 17 -24.73 -19.91 -46.23
C ALA B 17 -24.19 -19.81 -44.81
N GLU B 18 -23.40 -18.77 -44.55
CA GLU B 18 -22.85 -18.58 -43.22
C GLU B 18 -23.93 -18.28 -42.19
N LEU B 19 -24.95 -17.49 -42.56
CA LEU B 19 -26.05 -17.24 -41.63
C LEU B 19 -26.79 -18.53 -41.30
N THR B 20 -27.03 -19.36 -42.31
CA THR B 20 -27.63 -20.67 -42.05
C THR B 20 -26.75 -21.50 -41.11
N ALA B 21 -25.44 -21.44 -41.30
CA ALA B 21 -24.53 -22.17 -40.42
C ALA B 21 -24.63 -21.66 -38.99
N ILE B 22 -24.71 -20.34 -38.81
CA ILE B 22 -24.84 -19.78 -37.47
C ILE B 22 -26.10 -20.31 -36.80
N ASN B 23 -27.22 -20.28 -37.53
CA ASN B 23 -28.48 -20.75 -36.98
C ASN B 23 -28.39 -22.23 -36.59
N GLN B 24 -27.81 -23.05 -37.48
CA GLN B 24 -27.67 -24.47 -37.20
C GLN B 24 -26.81 -24.72 -35.98
N TYR B 25 -25.69 -24.01 -35.88
CA TYR B 25 -24.79 -24.19 -34.73
C TYR B 25 -25.51 -23.83 -33.43
N PHE B 26 -26.27 -22.74 -33.43
CA PHE B 26 -26.97 -22.36 -32.21
C PHE B 26 -28.00 -23.43 -31.84
N LEU B 27 -28.73 -23.95 -32.82
CA LEU B 27 -29.73 -24.98 -32.55
C LEU B 27 -29.10 -26.22 -31.95
N HIS B 28 -28.02 -26.72 -32.58
CA HIS B 28 -27.34 -27.89 -32.03
C HIS B 28 -26.79 -27.61 -30.64
N ALA B 29 -26.24 -26.42 -30.42
CA ALA B 29 -25.72 -26.08 -29.10
C ALA B 29 -26.79 -26.18 -28.04
N LYS B 30 -27.99 -25.65 -28.33
CA LYS B 30 -29.05 -25.69 -27.34
C LYS B 30 -29.49 -27.13 -27.05
N LEU B 31 -29.63 -27.95 -28.10
CA LEU B 31 -30.00 -29.33 -27.85
C LEU B 31 -28.92 -30.09 -27.08
N GLN B 32 -27.64 -29.83 -27.35
CA GLN B 32 -26.60 -30.48 -26.56
C GLN B 32 -26.67 -30.05 -25.10
N ASP B 33 -26.91 -28.77 -24.84
CA ASP B 33 -26.99 -28.31 -23.46
C ASP B 33 -28.21 -28.91 -22.76
N HIS B 34 -29.28 -29.18 -23.51
CA HIS B 34 -30.49 -29.73 -22.89
C HIS B 34 -30.23 -31.09 -22.25
N LYS B 35 -29.46 -31.94 -22.91
CA LYS B 35 -29.27 -33.32 -22.46
C LYS B 35 -28.09 -33.48 -21.51
N GLY B 36 -27.37 -32.42 -21.20
CA GLY B 36 -26.32 -32.46 -20.19
C GLY B 36 -24.90 -32.55 -20.70
N TRP B 37 -24.69 -32.57 -22.02
CA TRP B 37 -23.34 -32.64 -22.58
C TRP B 37 -22.76 -31.24 -22.63
N THR B 38 -22.31 -30.78 -21.45
CA THR B 38 -22.01 -29.35 -21.26
C THR B 38 -20.80 -28.91 -22.09
N LYS B 39 -19.74 -29.73 -22.10
CA LYS B 39 -18.51 -29.31 -22.78
C LYS B 39 -18.76 -29.10 -24.27
N LEU B 40 -19.50 -30.03 -24.89
CA LEU B 40 -19.89 -29.85 -26.28
C LEU B 40 -20.70 -28.57 -26.47
N ALA B 41 -21.56 -28.25 -25.50
CA ALA B 41 -22.35 -27.04 -25.59
C ALA B 41 -21.47 -25.80 -25.60
N LYS B 42 -20.46 -25.76 -24.72
CA LYS B 42 -19.54 -24.62 -24.71
C LYS B 42 -18.78 -24.52 -26.03
N TYR B 43 -18.32 -25.66 -26.56
CA TYR B 43 -17.59 -25.64 -27.81
C TYR B 43 -18.46 -25.11 -28.95
N THR B 44 -19.71 -25.57 -29.01
CA THR B 44 -20.61 -25.14 -30.06
C THR B 44 -20.97 -23.66 -29.93
N ARG B 45 -21.15 -23.17 -28.70
CA ARG B 45 -21.41 -21.74 -28.53
C ARG B 45 -20.24 -20.90 -29.03
N ALA B 46 -19.02 -21.33 -28.70
CA ALA B 46 -17.85 -20.60 -29.18
C ALA B 46 -17.80 -20.60 -30.70
N GLU B 47 -18.07 -21.74 -31.33
CA GLU B 47 -18.04 -21.81 -32.79
C GLU B 47 -19.11 -20.92 -33.40
N SER B 48 -20.31 -20.89 -32.81
CA SER B 48 -21.38 -20.05 -33.32
C SER B 48 -21.01 -18.57 -33.23
N PHE B 49 -20.39 -18.17 -32.12
CA PHE B 49 -19.99 -16.77 -31.99
C PHE B 49 -18.90 -16.41 -33.01
N ASP B 50 -17.98 -17.34 -33.27
CA ASP B 50 -16.98 -17.11 -34.32
C ASP B 50 -17.66 -16.93 -35.67
N GLU B 51 -18.66 -17.76 -35.97
CA GLU B 51 -19.38 -17.58 -37.22
C GLU B 51 -20.12 -16.25 -37.26
N MET B 52 -20.63 -15.79 -36.11
CA MET B 52 -21.26 -14.48 -36.07
C MET B 52 -20.27 -13.37 -36.44
N ARG B 53 -19.07 -13.43 -35.88
CA ARG B 53 -18.08 -12.39 -36.21
C ARG B 53 -17.69 -12.46 -37.68
N HIS B 54 -17.56 -13.67 -38.22
CA HIS B 54 -17.24 -13.81 -39.63
C HIS B 54 -18.33 -13.21 -40.52
N ALA B 55 -19.60 -13.45 -40.16
CA ALA B 55 -20.70 -12.86 -40.91
C ALA B 55 -20.69 -11.34 -40.81
N GLU B 56 -20.36 -10.81 -39.63
CA GLU B 56 -20.26 -9.36 -39.47
C GLU B 56 -19.22 -8.77 -40.40
N VAL B 57 -18.04 -9.37 -40.46
CA VAL B 57 -17.00 -8.82 -41.33
C VAL B 57 -17.40 -8.98 -42.80
N LEU B 58 -18.06 -10.08 -43.15
CA LEU B 58 -18.50 -10.27 -44.52
C LEU B 58 -19.52 -9.22 -44.94
N THR B 59 -20.49 -8.92 -44.07
CA THR B 59 -21.49 -7.92 -44.43
C THR B 59 -20.88 -6.53 -44.47
N ASP B 60 -19.89 -6.26 -43.62
CA ASP B 60 -19.18 -4.98 -43.74
C ASP B 60 -18.51 -4.85 -45.10
N ARG B 61 -17.82 -5.92 -45.54
CA ARG B 61 -17.15 -5.86 -46.83
C ARG B 61 -18.15 -5.67 -47.97
N ILE B 62 -19.25 -6.43 -47.95
CA ILE B 62 -20.20 -6.33 -49.06
C ILE B 62 -20.89 -4.97 -49.06
N LEU B 63 -21.14 -4.39 -47.89
CA LEU B 63 -21.72 -3.05 -47.85
C LEU B 63 -20.71 -2.00 -48.28
N LEU B 64 -19.43 -2.29 -48.15
CA LEU B 64 -18.41 -1.35 -48.61
C LEU B 64 -18.47 -1.15 -50.13
N LEU B 65 -18.89 -2.17 -50.87
CA LEU B 65 -18.84 -2.14 -52.33
C LEU B 65 -20.12 -1.62 -52.96
N ASP B 66 -20.86 -0.75 -52.26
CA ASP B 66 -22.14 -0.23 -52.73
C ASP B 66 -23.04 -1.43 -53.07
N GLY B 67 -22.99 -2.44 -52.20
CA GLY B 67 -23.81 -3.62 -52.35
C GLY B 67 -25.12 -3.51 -51.60
N LEU B 68 -25.95 -4.53 -51.79
CA LEU B 68 -27.24 -4.64 -51.11
C LEU B 68 -27.35 -6.02 -50.49
N PRO B 69 -26.85 -6.19 -49.26
CA PRO B 69 -26.91 -7.51 -48.63
C PRO B 69 -28.35 -7.93 -48.38
N ASN B 70 -28.59 -9.23 -48.42
CA ASN B 70 -29.91 -9.79 -48.15
C ASN B 70 -29.86 -10.69 -46.92
N TYR B 71 -30.77 -10.44 -45.98
CA TYR B 71 -30.96 -11.29 -44.81
C TYR B 71 -32.25 -12.08 -44.90
N GLN B 72 -32.89 -12.09 -46.07
CA GLN B 72 -34.22 -12.69 -46.22
C GLN B 72 -34.15 -14.18 -46.51
N ARG B 73 -33.50 -14.56 -47.60
CA ARG B 73 -33.48 -15.95 -48.03
C ARG B 73 -32.40 -16.73 -47.28
N LEU B 74 -32.71 -18.00 -47.03
CA LEU B 74 -31.78 -18.91 -46.37
C LEU B 74 -31.74 -20.21 -47.16
N PHE B 75 -30.73 -21.02 -46.87
CA PHE B 75 -30.66 -22.39 -47.35
C PHE B 75 -31.27 -23.33 -46.31
N HIS B 76 -31.46 -24.58 -46.72
CA HIS B 76 -32.06 -25.56 -45.83
C HIS B 76 -31.14 -25.85 -44.65
N VAL B 77 -31.73 -26.09 -43.48
CA VAL B 77 -31.00 -26.46 -42.28
C VAL B 77 -31.43 -27.87 -41.88
N ARG B 78 -30.50 -28.62 -41.32
CA ARG B 78 -30.75 -30.00 -40.90
C ARG B 78 -30.47 -30.14 -39.41
N VAL B 79 -31.16 -31.09 -38.78
CA VAL B 79 -31.01 -31.36 -37.35
C VAL B 79 -30.77 -32.84 -37.15
N GLY B 80 -30.23 -33.18 -35.98
CA GLY B 80 -29.91 -34.55 -35.65
C GLY B 80 -30.34 -34.88 -34.24
N GLN B 81 -30.35 -36.18 -33.94
CA GLN B 81 -30.74 -36.69 -32.63
C GLN B 81 -29.56 -37.23 -31.84
N SER B 82 -28.57 -37.82 -32.50
CA SER B 82 -27.32 -38.23 -31.86
C SER B 82 -26.17 -37.43 -32.43
N VAL B 83 -24.99 -37.66 -31.86
CA VAL B 83 -23.81 -36.86 -32.22
C VAL B 83 -23.38 -37.13 -33.65
N THR B 84 -23.49 -38.38 -34.11
CA THR B 84 -22.91 -38.75 -35.39
C THR B 84 -23.54 -37.97 -36.54
N GLU B 85 -24.88 -37.94 -36.60
CA GLU B 85 -25.54 -37.28 -37.73
C GLU B 85 -25.35 -35.77 -37.70
N MET B 86 -25.39 -35.15 -36.53
CA MET B 86 -25.15 -33.72 -36.47
C MET B 86 -23.72 -33.38 -36.87
N PHE B 87 -22.76 -34.20 -36.45
CA PHE B 87 -21.38 -33.98 -36.89
C PHE B 87 -21.25 -34.13 -38.40
N GLN B 88 -21.95 -35.12 -38.97
CA GLN B 88 -21.89 -35.31 -40.42
C GLN B 88 -22.50 -34.13 -41.17
N ALA B 89 -23.63 -33.62 -40.69
CA ALA B 89 -24.22 -32.44 -41.30
C ALA B 89 -23.27 -31.25 -41.22
N ASP B 90 -22.62 -31.07 -40.08
CA ASP B 90 -21.65 -30.00 -39.95
C ASP B 90 -20.52 -30.16 -40.96
N ARG B 91 -20.01 -31.38 -41.09
CA ARG B 91 -18.89 -31.61 -42.00
C ARG B 91 -19.29 -31.37 -43.44
N GLU B 92 -20.52 -31.76 -43.83
CA GLU B 92 -20.92 -31.61 -45.22
C GLU B 92 -21.19 -30.15 -45.55
N VAL B 93 -21.78 -29.39 -44.64
CA VAL B 93 -21.96 -27.96 -44.91
C VAL B 93 -20.60 -27.27 -45.00
N GLU B 94 -19.65 -27.68 -44.16
CA GLU B 94 -18.29 -27.13 -44.26
C GLU B 94 -17.67 -27.45 -45.62
N LEU B 95 -17.85 -28.68 -46.10
CA LEU B 95 -17.26 -29.07 -47.38
C LEU B 95 -17.85 -28.25 -48.53
N GLU B 96 -19.18 -28.11 -48.55
CA GLU B 96 -19.77 -27.31 -49.62
C GLU B 96 -19.32 -25.85 -49.54
N ALA B 97 -19.20 -25.32 -48.31
CA ALA B 97 -18.73 -23.94 -48.15
C ALA B 97 -17.32 -23.77 -48.70
N ILE B 98 -16.42 -24.69 -48.36
CA ILE B 98 -15.04 -24.54 -48.79
C ILE B 98 -14.91 -24.73 -50.30
N ASP B 99 -15.73 -25.59 -50.89
CA ASP B 99 -15.68 -25.75 -52.35
C ASP B 99 -16.11 -24.48 -53.05
N ARG B 100 -17.28 -23.94 -52.67
CA ARG B 100 -17.73 -22.68 -53.26
C ARG B 100 -16.70 -21.58 -53.00
N LEU B 101 -16.06 -21.62 -51.84
CA LEU B 101 -15.08 -20.62 -51.47
C LEU B 101 -13.85 -20.68 -52.36
N ARG B 102 -13.36 -21.88 -52.68
CA ARG B 102 -12.22 -22.00 -53.58
C ARG B 102 -12.57 -21.50 -54.98
N ARG B 103 -13.76 -21.87 -55.47
CA ARG B 103 -14.16 -21.37 -56.77
C ARG B 103 -14.23 -19.85 -56.78
N GLY B 104 -14.82 -19.27 -55.74
CA GLY B 104 -14.95 -17.83 -55.66
C GLY B 104 -13.60 -17.12 -55.55
N ILE B 105 -12.68 -17.69 -54.76
CA ILE B 105 -11.38 -17.05 -54.61
C ILE B 105 -10.62 -17.07 -55.93
N GLU B 106 -10.68 -18.18 -56.67
CA GLU B 106 -10.02 -18.20 -57.97
C GLU B 106 -10.62 -17.17 -58.91
N VAL B 107 -11.96 -17.12 -58.98
CA VAL B 107 -12.61 -16.20 -59.91
C VAL B 107 -12.28 -14.75 -59.54
N MET B 108 -12.36 -14.41 -58.25
CA MET B 108 -12.09 -13.04 -57.84
C MET B 108 -10.64 -12.65 -58.07
N ARG B 109 -9.70 -13.55 -57.78
CA ARG B 109 -8.30 -13.22 -58.05
C ARG B 109 -8.08 -13.03 -59.55
N ALA B 110 -8.87 -13.70 -60.38
CA ALA B 110 -8.82 -13.42 -61.81
C ALA B 110 -9.49 -12.10 -62.18
N LYS B 111 -10.45 -11.63 -61.37
CA LYS B 111 -11.22 -10.44 -61.69
C LYS B 111 -10.69 -9.17 -61.01
N HIS B 112 -9.40 -9.13 -60.68
CA HIS B 112 -8.75 -7.91 -60.21
C HIS B 112 -9.37 -7.39 -58.91
N ASP B 113 -9.38 -8.25 -57.88
CA ASP B 113 -9.83 -7.85 -56.56
C ASP B 113 -8.95 -8.53 -55.52
N ILE B 114 -8.65 -7.81 -54.43
CA ILE B 114 -7.63 -8.22 -53.48
C ILE B 114 -8.19 -8.32 -52.06
N THR B 115 -8.80 -7.25 -51.56
CA THR B 115 -9.22 -7.22 -50.16
C THR B 115 -10.23 -8.32 -49.86
N SER B 116 -11.26 -8.44 -50.71
CA SER B 116 -12.20 -9.53 -50.57
C SER B 116 -11.49 -10.88 -50.71
N ALA B 117 -10.50 -10.97 -51.60
CA ALA B 117 -9.76 -12.22 -51.72
C ALA B 117 -9.06 -12.57 -50.40
N ASN B 118 -8.48 -11.57 -49.73
CA ASN B 118 -7.82 -11.83 -48.46
C ASN B 118 -8.81 -12.28 -47.39
N VAL B 119 -9.98 -11.64 -47.33
CA VAL B 119 -10.93 -12.03 -46.30
C VAL B 119 -11.49 -13.43 -46.55
N PHE B 120 -11.70 -13.80 -47.82
CA PHE B 120 -12.08 -15.18 -48.10
C PHE B 120 -10.93 -16.14 -47.81
N GLU B 121 -9.69 -15.70 -47.95
CA GLU B 121 -8.58 -16.56 -47.54
C GLU B 121 -8.64 -16.86 -46.05
N ALA B 122 -8.88 -15.84 -45.24
CA ALA B 122 -8.96 -16.05 -43.79
C ALA B 122 -10.11 -16.97 -43.42
N ILE B 123 -11.29 -16.74 -44.02
CA ILE B 123 -12.43 -17.59 -43.70
C ILE B 123 -12.15 -19.04 -44.13
N LEU B 124 -11.49 -19.22 -45.27
CA LEU B 124 -11.14 -20.57 -45.72
C LEU B 124 -10.22 -21.26 -44.72
N ALA B 125 -9.23 -20.54 -44.22
CA ALA B 125 -8.33 -21.13 -43.24
C ALA B 125 -9.09 -21.57 -41.99
N ASP B 126 -9.97 -20.71 -41.48
CA ASP B 126 -10.66 -21.07 -40.24
C ASP B 126 -11.59 -22.27 -40.46
N GLU B 127 -12.30 -22.29 -41.59
CA GLU B 127 -13.15 -23.45 -41.85
C GLU B 127 -12.35 -24.72 -42.05
N GLU B 128 -11.13 -24.62 -42.61
CA GLU B 128 -10.26 -25.79 -42.69
C GLU B 128 -9.95 -26.31 -41.29
N HIS B 129 -9.61 -25.41 -40.38
CA HIS B 129 -9.32 -25.83 -39.01
C HIS B 129 -10.55 -26.50 -38.37
N HIS B 130 -11.73 -25.89 -38.56
CA HIS B 130 -12.95 -26.43 -37.95
C HIS B 130 -13.30 -27.80 -38.51
N ILE B 131 -13.16 -27.98 -39.83
CA ILE B 131 -13.45 -29.29 -40.41
C ILE B 131 -12.46 -30.33 -39.93
N ASP B 132 -11.20 -29.93 -39.72
CA ASP B 132 -10.24 -30.87 -39.15
C ASP B 132 -10.67 -31.31 -37.76
N TYR B 133 -11.13 -30.35 -36.94
CA TYR B 133 -11.62 -30.70 -35.61
C TYR B 133 -12.81 -31.66 -35.70
N LEU B 134 -13.75 -31.37 -36.59
CA LEU B 134 -14.94 -32.21 -36.71
C LEU B 134 -14.56 -33.63 -37.09
N GLU B 135 -13.65 -33.76 -38.07
CA GLU B 135 -13.26 -35.09 -38.52
C GLU B 135 -12.53 -35.86 -37.42
N THR B 136 -11.60 -35.22 -36.71
CA THR B 136 -10.88 -35.94 -35.66
C THR B 136 -11.82 -36.35 -34.53
N GLN B 137 -12.78 -35.48 -34.18
CA GLN B 137 -13.75 -35.85 -33.16
C GLN B 137 -14.61 -37.02 -33.62
N LEU B 138 -15.05 -37.01 -34.88
CA LEU B 138 -15.87 -38.11 -35.38
C LEU B 138 -15.12 -39.43 -35.33
N ASP B 139 -13.85 -39.40 -35.75
CA ASP B 139 -13.05 -40.62 -35.71
C ASP B 139 -12.83 -41.10 -34.28
N LEU B 140 -12.56 -40.18 -33.35
CA LEU B 140 -12.37 -40.57 -31.96
C LEU B 140 -13.64 -41.19 -31.38
N ILE B 141 -14.79 -40.58 -31.67
CA ILE B 141 -16.07 -41.14 -31.19
C ILE B 141 -16.30 -42.52 -31.79
N GLU B 142 -15.98 -42.68 -33.08
CA GLU B 142 -16.11 -44.00 -33.70
C GLU B 142 -15.27 -45.04 -32.97
N LYS B 143 -13.99 -44.72 -32.72
CA LYS B 143 -13.11 -45.71 -32.11
C LYS B 143 -13.54 -46.04 -30.68
N LEU B 144 -13.88 -45.01 -29.90
CA LEU B 144 -14.09 -45.21 -28.47
C LEU B 144 -15.40 -45.92 -28.17
N GLY B 145 -16.47 -45.52 -28.85
CA GLY B 145 -17.80 -46.00 -28.50
C GLY B 145 -18.64 -44.89 -27.93
N GLU B 146 -19.93 -44.86 -28.29
CA GLU B 146 -20.78 -43.72 -27.94
C GLU B 146 -20.95 -43.59 -26.43
N SER B 147 -21.19 -44.70 -25.74
CA SER B 147 -21.47 -44.63 -24.31
C SER B 147 -20.29 -44.08 -23.53
N LEU B 148 -19.08 -44.55 -23.83
CA LEU B 148 -17.92 -44.07 -23.09
C LEU B 148 -17.64 -42.60 -23.36
N TYR B 149 -17.80 -42.18 -24.62
CA TYR B 149 -17.59 -40.76 -24.94
C TYR B 149 -18.61 -39.89 -24.22
N LEU B 150 -19.88 -40.32 -24.21
CA LEU B 150 -20.90 -39.57 -23.50
C LEU B 150 -20.60 -39.51 -22.00
N SER B 151 -20.09 -40.60 -21.44
CA SER B 151 -19.66 -40.58 -20.05
C SER B 151 -18.51 -39.62 -19.84
N THR B 152 -17.63 -39.50 -20.83
CA THR B 152 -16.50 -38.57 -20.73
C THR B 152 -16.98 -37.13 -20.72
N VAL B 153 -17.93 -36.78 -21.60
CA VAL B 153 -18.31 -35.39 -21.78
C VAL B 153 -19.25 -34.87 -20.70
N ILE B 154 -19.80 -35.74 -19.85
CA ILE B 154 -20.78 -35.29 -18.86
C ILE B 154 -20.10 -34.46 -17.77
N GLU B 155 -20.79 -33.43 -17.31
CA GLU B 155 -20.32 -32.59 -16.21
C GLU B 155 -21.03 -32.92 -14.90
N GLN B 156 -22.36 -32.79 -14.87
CA GLN B 156 -23.23 -33.04 -13.73
C GLN B 156 -22.89 -32.16 -12.52
N THR B 157 -22.08 -31.12 -12.70
CA THR B 157 -21.67 -30.25 -11.59
C THR B 157 -22.50 -28.98 -11.52
N GLN B 158 -23.80 -29.08 -11.79
CA GLN B 158 -24.67 -27.94 -11.65
C GLN B 158 -24.71 -27.48 -10.20
N PRO B 159 -24.48 -26.19 -9.92
CA PRO B 159 -24.45 -25.76 -8.51
C PRO B 159 -25.74 -26.01 -7.77
N ASP B 160 -26.89 -25.91 -8.44
CA ASP B 160 -28.18 -26.16 -7.81
C ASP B 160 -29.24 -26.48 -8.85
N MET C 1 18.60 -9.61 -52.88
CA MET C 1 19.28 -9.55 -54.17
C MET C 1 19.05 -8.22 -54.86
N GLN C 2 19.09 -8.23 -56.18
CA GLN C 2 18.85 -7.05 -57.00
C GLN C 2 17.54 -7.24 -57.77
N GLY C 3 16.75 -6.18 -57.82
CA GLY C 3 15.44 -6.23 -58.47
C GLY C 3 15.47 -5.71 -59.89
N ASP C 4 14.57 -6.23 -60.70
CA ASP C 4 14.42 -5.75 -62.06
C ASP C 4 13.83 -4.34 -62.05
N PRO C 5 14.10 -3.55 -63.10
CA PRO C 5 13.75 -2.12 -63.04
C PRO C 5 12.27 -1.83 -62.90
N GLU C 6 11.38 -2.75 -63.30
CA GLU C 6 9.96 -2.49 -63.23
C GLU C 6 9.49 -2.27 -61.81
N VAL C 7 9.85 -3.18 -60.90
CA VAL C 7 9.46 -3.05 -59.50
C VAL C 7 10.05 -1.79 -58.90
N ILE C 8 11.33 -1.51 -59.21
CA ILE C 8 12.00 -0.35 -58.65
C ILE C 8 11.31 0.94 -59.08
N GLU C 9 10.98 1.05 -60.37
CA GLU C 9 10.33 2.26 -60.85
C GLU C 9 8.92 2.41 -60.30
N PHE C 10 8.19 1.30 -60.16
CA PHE C 10 6.85 1.40 -59.56
C PHE C 10 6.94 1.84 -58.11
N LEU C 11 7.89 1.30 -57.36
CA LEU C 11 8.06 1.71 -55.97
C LEU C 11 8.44 3.18 -55.87
N ASN C 12 9.32 3.64 -56.77
CA ASN C 12 9.72 5.04 -56.76
C ASN C 12 8.54 5.95 -57.08
N GLU C 13 7.72 5.56 -58.06
CA GLU C 13 6.51 6.32 -58.37
C GLU C 13 5.59 6.38 -57.17
N GLN C 14 5.42 5.24 -56.48
CA GLN C 14 4.58 5.24 -55.29
C GLN C 14 5.15 6.17 -54.23
N LEU C 15 6.47 6.15 -54.04
CA LEU C 15 7.11 7.05 -53.08
C LEU C 15 6.78 8.50 -53.40
N THR C 16 6.89 8.88 -54.68
CA THR C 16 6.53 10.23 -55.07
C THR C 16 5.07 10.52 -54.72
N ALA C 17 4.19 9.55 -54.98
CA ALA C 17 2.78 9.74 -54.69
C ALA C 17 2.54 9.99 -53.20
N GLU C 18 3.16 9.18 -52.33
CA GLU C 18 2.90 9.39 -50.90
C GLU C 18 3.58 10.64 -50.37
N LEU C 19 4.70 11.05 -50.94
CA LEU C 19 5.27 12.34 -50.55
C LEU C 19 4.29 13.47 -50.88
N THR C 20 3.71 13.42 -52.08
CA THR C 20 2.71 14.42 -52.44
C THR C 20 1.52 14.38 -51.50
N ALA C 21 1.06 13.17 -51.15
CA ALA C 21 -0.06 13.03 -50.24
C ALA C 21 0.26 13.61 -48.88
N ILE C 22 1.46 13.36 -48.37
CA ILE C 22 1.85 13.88 -47.05
C ILE C 22 1.83 15.39 -47.06
N ASN C 23 2.45 16.01 -48.07
CA ASN C 23 2.50 17.47 -48.11
C ASN C 23 1.09 18.05 -48.23
N GLN C 24 0.27 17.48 -49.11
CA GLN C 24 -1.07 18.00 -49.32
C GLN C 24 -1.90 17.89 -48.04
N TYR C 25 -1.85 16.73 -47.38
CA TYR C 25 -2.65 16.53 -46.18
C TYR C 25 -2.17 17.44 -45.04
N PHE C 26 -0.85 17.62 -44.89
CA PHE C 26 -0.38 18.50 -43.84
C PHE C 26 -0.82 19.93 -44.08
N LEU C 27 -0.75 20.40 -45.33
CA LEU C 27 -1.21 21.75 -45.61
C LEU C 27 -2.71 21.89 -45.35
N HIS C 28 -3.49 20.88 -45.73
CA HIS C 28 -4.92 20.90 -45.45
C HIS C 28 -5.18 20.98 -43.95
N ALA C 29 -4.47 20.18 -43.17
CA ALA C 29 -4.68 20.19 -41.72
C ALA C 29 -4.33 21.55 -41.13
N LYS C 30 -3.22 22.15 -41.58
CA LYS C 30 -2.83 23.45 -41.05
C LYS C 30 -3.86 24.53 -41.42
N LEU C 31 -4.32 24.54 -42.66
CA LEU C 31 -5.29 25.56 -43.06
C LEU C 31 -6.61 25.36 -42.33
N GLN C 32 -7.02 24.10 -42.12
CA GLN C 32 -8.20 23.83 -41.32
C GLN C 32 -8.02 24.36 -39.89
N ASP C 33 -6.82 24.18 -39.34
CA ASP C 33 -6.55 24.72 -38.02
C ASP C 33 -6.68 26.24 -37.98
N HIS C 34 -6.17 26.94 -39.00
CA HIS C 34 -6.25 28.39 -38.98
C HIS C 34 -7.68 28.89 -39.00
N LYS C 35 -8.56 28.27 -39.79
CA LYS C 35 -9.94 28.71 -39.86
C LYS C 35 -10.75 28.30 -38.63
N GLY C 36 -10.13 27.67 -37.65
CA GLY C 36 -10.76 27.36 -36.39
C GLY C 36 -11.42 26.00 -36.32
N TRP C 37 -11.62 25.33 -37.46
CA TRP C 37 -12.23 24.00 -37.45
C TRP C 37 -11.23 23.01 -36.86
N THR C 38 -11.63 22.33 -35.79
CA THR C 38 -10.69 21.58 -34.96
C THR C 38 -10.57 20.11 -35.36
N LYS C 39 -11.67 19.36 -35.31
CA LYS C 39 -11.58 17.91 -35.44
C LYS C 39 -11.06 17.49 -36.81
N LEU C 40 -11.51 18.19 -37.86
CA LEU C 40 -11.01 17.88 -39.20
C LEU C 40 -9.49 17.98 -39.24
N ALA C 41 -8.93 18.97 -38.55
CA ALA C 41 -7.48 19.16 -38.54
C ALA C 41 -6.77 17.96 -37.91
N LYS C 42 -7.28 17.47 -36.77
CA LYS C 42 -6.62 16.36 -36.11
C LYS C 42 -6.79 15.05 -36.89
N TYR C 43 -7.96 14.85 -37.50
CA TYR C 43 -8.16 13.68 -38.34
C TYR C 43 -7.20 13.69 -39.53
N THR C 44 -7.07 14.84 -40.19
CA THR C 44 -6.16 14.93 -41.31
C THR C 44 -4.71 14.78 -40.87
N ARG C 45 -4.38 15.25 -39.65
CA ARG C 45 -3.04 15.02 -39.11
C ARG C 45 -2.76 13.55 -38.93
N ALA C 46 -3.75 12.80 -38.41
CA ALA C 46 -3.57 11.35 -38.28
C ALA C 46 -3.38 10.70 -39.64
N GLU C 47 -4.13 11.15 -40.64
CA GLU C 47 -3.94 10.62 -41.99
C GLU C 47 -2.54 10.92 -42.51
N SER C 48 -2.03 12.12 -42.22
CA SER C 48 -0.69 12.48 -42.64
C SER C 48 0.34 11.57 -42.00
N PHE C 49 0.19 11.28 -40.71
CA PHE C 49 1.12 10.36 -40.05
C PHE C 49 1.03 8.96 -40.65
N ASP C 50 -0.17 8.51 -40.99
CA ASP C 50 -0.32 7.20 -41.64
C ASP C 50 0.42 7.17 -42.98
N GLU C 51 0.28 8.24 -43.77
CA GLU C 51 0.99 8.29 -45.05
C GLU C 51 2.50 8.35 -44.84
N MET C 52 2.95 9.03 -43.79
CA MET C 52 4.38 9.05 -43.47
C MET C 52 4.89 7.64 -43.17
N ARG C 53 4.12 6.88 -42.39
CA ARG C 53 4.48 5.49 -42.12
C ARG C 53 4.53 4.67 -43.42
N HIS C 54 3.55 4.89 -44.30
CA HIS C 54 3.54 4.20 -45.58
C HIS C 54 4.80 4.50 -46.38
N ALA C 55 5.18 5.78 -46.45
CA ALA C 55 6.38 6.15 -47.18
C ALA C 55 7.62 5.51 -46.57
N GLU C 56 7.68 5.48 -45.24
CA GLU C 56 8.84 4.87 -44.57
C GLU C 56 8.96 3.39 -44.92
N VAL C 57 7.86 2.64 -44.84
CA VAL C 57 7.95 1.21 -45.09
C VAL C 57 8.24 0.93 -46.57
N LEU C 58 7.65 1.72 -47.47
CA LEU C 58 7.94 1.53 -48.89
C LEU C 58 9.40 1.84 -49.20
N THR C 59 9.95 2.90 -48.59
CA THR C 59 11.36 3.22 -48.79
C THR C 59 12.25 2.10 -48.28
N ASP C 60 11.92 1.53 -47.11
CA ASP C 60 12.69 0.40 -46.62
C ASP C 60 12.65 -0.76 -47.62
N ARG C 61 11.46 -1.06 -48.13
CA ARG C 61 11.33 -2.18 -49.06
C ARG C 61 12.15 -1.95 -50.33
N ILE C 62 12.09 -0.74 -50.90
CA ILE C 62 12.84 -0.49 -52.12
C ILE C 62 14.34 -0.49 -51.86
N LEU C 63 14.79 0.05 -50.73
CA LEU C 63 16.20 0.09 -50.41
C LEU C 63 16.74 -1.30 -50.12
N LEU C 64 15.89 -2.24 -49.72
CA LEU C 64 16.33 -3.61 -49.50
C LEU C 64 16.91 -4.22 -50.78
N LEU C 65 16.33 -3.87 -51.94
CA LEU C 65 16.74 -4.43 -53.21
C LEU C 65 17.85 -3.64 -53.88
N ASP C 66 18.61 -2.84 -53.12
CA ASP C 66 19.73 -2.06 -53.63
C ASP C 66 19.30 -1.10 -54.73
N GLY C 67 18.15 -0.47 -54.53
CA GLY C 67 17.65 0.56 -55.41
C GLY C 67 18.05 1.94 -54.94
N LEU C 68 17.58 2.94 -55.68
CA LEU C 68 17.83 4.34 -55.36
C LEU C 68 16.50 5.06 -55.19
N PRO C 69 15.98 5.15 -53.97
CA PRO C 69 14.75 5.93 -53.74
C PRO C 69 14.96 7.38 -54.13
N ASN C 70 13.94 7.97 -54.74
CA ASN C 70 14.00 9.34 -55.23
C ASN C 70 13.14 10.22 -54.32
N TYR C 71 13.72 11.31 -53.84
CA TYR C 71 13.00 12.31 -53.07
C TYR C 71 13.09 13.69 -53.70
N GLN C 72 13.70 13.80 -54.88
CA GLN C 72 13.90 15.06 -55.56
C GLN C 72 12.63 15.55 -56.26
N ARG C 73 11.84 14.62 -56.81
CA ARG C 73 10.70 14.98 -57.63
C ARG C 73 9.40 14.69 -56.91
N LEU C 74 8.40 15.53 -57.16
CA LEU C 74 7.07 15.42 -56.57
C LEU C 74 6.03 15.49 -57.67
N PHE C 75 4.77 15.32 -57.29
CA PHE C 75 3.64 15.51 -58.17
C PHE C 75 3.01 16.88 -57.88
N HIS C 76 1.89 17.15 -58.54
CA HIS C 76 1.24 18.45 -58.39
C HIS C 76 0.36 18.44 -57.15
N VAL C 77 0.74 19.23 -56.15
CA VAL C 77 -0.06 19.43 -54.95
C VAL C 77 -1.00 20.60 -55.19
N ARG C 78 -2.24 20.46 -54.77
CA ARG C 78 -3.27 21.47 -54.98
C ARG C 78 -3.95 21.80 -53.68
N VAL C 79 -4.49 23.02 -53.60
CA VAL C 79 -5.05 23.56 -52.37
C VAL C 79 -6.46 24.05 -52.63
N GLY C 80 -7.27 24.04 -51.57
CA GLY C 80 -8.63 24.54 -51.65
C GLY C 80 -8.90 25.55 -50.56
N GLN C 81 -9.95 26.33 -50.77
CA GLN C 81 -10.39 27.33 -49.81
C GLN C 81 -11.54 26.85 -48.93
N SER C 82 -12.43 26.03 -49.49
CA SER C 82 -13.57 25.47 -48.77
C SER C 82 -13.41 23.96 -48.65
N VAL C 83 -14.35 23.36 -47.92
CA VAL C 83 -14.25 21.93 -47.61
C VAL C 83 -14.47 21.07 -48.86
N THR C 84 -15.43 21.47 -49.70
CA THR C 84 -15.84 20.61 -50.80
C THR C 84 -14.69 20.32 -51.75
N GLU C 85 -13.94 21.36 -52.15
CA GLU C 85 -12.92 21.15 -53.17
C GLU C 85 -11.70 20.40 -52.63
N MET C 86 -11.36 20.56 -51.35
CA MET C 86 -10.24 19.78 -50.83
C MET C 86 -10.65 18.32 -50.62
N PHE C 87 -11.90 18.07 -50.24
CA PHE C 87 -12.40 16.70 -50.25
C PHE C 87 -12.32 16.10 -51.65
N GLN C 88 -12.73 16.87 -52.66
CA GLN C 88 -12.67 16.38 -54.04
C GLN C 88 -11.24 16.10 -54.46
N ALA C 89 -10.31 16.99 -54.10
CA ALA C 89 -8.91 16.78 -54.48
C ALA C 89 -8.33 15.54 -53.82
N ASP C 90 -8.65 15.33 -52.55
CA ASP C 90 -8.23 14.11 -51.87
C ASP C 90 -8.78 12.89 -52.58
N ARG C 91 -10.05 12.95 -52.98
CA ARG C 91 -10.65 11.82 -53.70
C ARG C 91 -9.93 11.58 -55.03
N GLU C 92 -9.58 12.64 -55.74
CA GLU C 92 -8.90 12.49 -57.03
C GLU C 92 -7.55 11.81 -56.88
N VAL C 93 -6.72 12.34 -55.98
CA VAL C 93 -5.40 11.75 -55.79
C VAL C 93 -5.53 10.31 -55.29
N GLU C 94 -6.55 10.05 -54.48
CA GLU C 94 -6.80 8.70 -54.00
C GLU C 94 -7.14 7.75 -55.14
N LEU C 95 -8.01 8.18 -56.07
CA LEU C 95 -8.38 7.32 -57.19
C LEU C 95 -7.16 7.02 -58.05
N GLU C 96 -6.34 8.03 -58.31
CA GLU C 96 -5.12 7.78 -59.08
C GLU C 96 -4.22 6.79 -58.39
N ALA C 97 -4.03 6.94 -57.08
CA ALA C 97 -3.19 6.00 -56.33
C ALA C 97 -3.73 4.58 -56.42
N ILE C 98 -5.05 4.43 -56.27
CA ILE C 98 -5.64 3.09 -56.30
C ILE C 98 -5.43 2.44 -57.66
N ASP C 99 -5.70 3.17 -58.74
CA ASP C 99 -5.55 2.57 -60.05
C ASP C 99 -4.10 2.18 -60.33
N ARG C 100 -3.15 3.08 -60.03
CA ARG C 100 -1.75 2.76 -60.28
C ARG C 100 -1.30 1.58 -59.44
N LEU C 101 -1.71 1.54 -58.17
CA LEU C 101 -1.32 0.43 -57.30
C LEU C 101 -1.88 -0.89 -57.82
N ARG C 102 -3.13 -0.90 -58.27
CA ARG C 102 -3.71 -2.13 -58.79
C ARG C 102 -2.95 -2.63 -60.01
N ARG C 103 -2.66 -1.73 -60.95
CA ARG C 103 -1.93 -2.14 -62.14
C ARG C 103 -0.55 -2.68 -61.78
N GLY C 104 0.18 -1.95 -60.92
CA GLY C 104 1.51 -2.39 -60.54
C GLY C 104 1.52 -3.72 -59.81
N ILE C 105 0.58 -3.89 -58.89
CA ILE C 105 0.55 -5.12 -58.11
C ILE C 105 0.21 -6.31 -59.00
N GLU C 106 -0.70 -6.12 -59.98
CA GLU C 106 -0.99 -7.21 -60.89
C GLU C 106 0.23 -7.58 -61.72
N VAL C 107 0.84 -6.59 -62.38
CA VAL C 107 1.95 -6.91 -63.28
C VAL C 107 3.14 -7.46 -62.50
N MET C 108 3.33 -7.02 -61.25
CA MET C 108 4.49 -7.40 -60.46
C MET C 108 4.27 -8.72 -59.72
N ARG C 109 3.01 -9.06 -59.43
CA ARG C 109 2.70 -10.44 -59.07
C ARG C 109 2.92 -11.37 -60.25
N ALA C 110 2.68 -10.88 -61.47
CA ALA C 110 2.96 -11.67 -62.66
C ALA C 110 4.46 -11.84 -62.92
N LYS C 111 5.35 -11.15 -62.19
CA LYS C 111 6.78 -11.26 -62.40
C LYS C 111 7.48 -11.68 -61.11
N HIS C 112 6.90 -12.65 -60.40
CA HIS C 112 7.56 -13.34 -59.29
C HIS C 112 7.98 -12.38 -58.17
N ASP C 113 7.00 -11.79 -57.48
CA ASP C 113 7.26 -11.10 -56.22
C ASP C 113 5.97 -11.00 -55.43
N ILE C 114 6.04 -11.34 -54.13
CA ILE C 114 4.88 -11.39 -53.25
C ILE C 114 5.03 -10.44 -52.06
N THR C 115 6.22 -10.41 -51.45
CA THR C 115 6.41 -9.57 -50.26
C THR C 115 6.04 -8.12 -50.53
N SER C 116 6.64 -7.54 -51.57
CA SER C 116 6.25 -6.21 -51.99
C SER C 116 4.81 -6.20 -52.49
N ALA C 117 4.33 -7.29 -53.06
CA ALA C 117 2.90 -7.39 -53.38
C ALA C 117 2.06 -7.31 -52.10
N ASN C 118 2.52 -7.94 -51.03
CA ASN C 118 1.79 -7.86 -49.76
C ASN C 118 1.77 -6.43 -49.21
N VAL C 119 2.90 -5.71 -49.27
CA VAL C 119 2.87 -4.34 -48.75
C VAL C 119 1.99 -3.47 -49.63
N PHE C 120 1.97 -3.73 -50.94
CA PHE C 120 1.03 -3.04 -51.82
C PHE C 120 -0.41 -3.36 -51.42
N GLU C 121 -0.69 -4.60 -51.03
CA GLU C 121 -2.03 -4.95 -50.56
C GLU C 121 -2.40 -4.14 -49.32
N ALA C 122 -1.47 -4.01 -48.37
CA ALA C 122 -1.75 -3.24 -47.17
C ALA C 122 -2.04 -1.78 -47.51
N ILE C 123 -1.22 -1.19 -48.38
CA ILE C 123 -1.46 0.19 -48.80
C ILE C 123 -2.81 0.30 -49.48
N LEU C 124 -3.15 -0.68 -50.30
CA LEU C 124 -4.45 -0.68 -50.99
C LEU C 124 -5.59 -0.64 -49.99
N ALA C 125 -5.52 -1.49 -48.96
CA ALA C 125 -6.59 -1.55 -47.97
C ALA C 125 -6.71 -0.22 -47.21
N ASP C 126 -5.57 0.33 -46.77
CA ASP C 126 -5.61 1.59 -46.03
C ASP C 126 -6.18 2.71 -46.89
N GLU C 127 -5.73 2.81 -48.14
CA GLU C 127 -6.23 3.84 -49.04
C GLU C 127 -7.71 3.64 -49.35
N GLU C 128 -8.17 2.38 -49.44
CA GLU C 128 -9.59 2.14 -49.67
C GLU C 128 -10.43 2.61 -48.49
N HIS C 129 -9.97 2.35 -47.27
CA HIS C 129 -10.69 2.88 -46.11
C HIS C 129 -10.73 4.40 -46.15
N HIS C 130 -9.61 5.02 -46.50
CA HIS C 130 -9.57 6.48 -46.55
C HIS C 130 -10.55 7.03 -47.58
N ILE C 131 -10.61 6.41 -48.76
CA ILE C 131 -11.53 6.90 -49.79
C ILE C 131 -12.98 6.65 -49.39
N ASP C 132 -13.28 5.53 -48.74
CA ASP C 132 -14.66 5.31 -48.32
C ASP C 132 -15.08 6.36 -47.30
N TYR C 133 -14.20 6.67 -46.35
CA TYR C 133 -14.53 7.71 -45.38
C TYR C 133 -14.72 9.05 -46.08
N LEU C 134 -13.87 9.37 -47.05
CA LEU C 134 -14.01 10.62 -47.78
C LEU C 134 -15.33 10.70 -48.52
N GLU C 135 -15.73 9.61 -49.19
CA GLU C 135 -16.98 9.61 -49.95
C GLU C 135 -18.18 9.76 -49.02
N THR C 136 -18.16 9.04 -47.89
CA THR C 136 -19.25 9.18 -46.93
C THR C 136 -19.33 10.61 -46.42
N GLN C 137 -18.19 11.22 -46.13
CA GLN C 137 -18.17 12.59 -45.65
C GLN C 137 -18.75 13.55 -46.70
N LEU C 138 -18.36 13.35 -47.96
CA LEU C 138 -18.86 14.21 -49.03
C LEU C 138 -20.37 14.09 -49.18
N ASP C 139 -20.88 12.86 -49.13
CA ASP C 139 -22.33 12.67 -49.23
C ASP C 139 -23.04 13.32 -48.06
N LEU C 140 -22.50 13.19 -46.86
CA LEU C 140 -23.13 13.80 -45.70
C LEU C 140 -23.15 15.31 -45.82
N ILE C 141 -22.04 15.92 -46.24
CA ILE C 141 -22.01 17.38 -46.31
C ILE C 141 -22.93 17.88 -47.42
N GLU C 142 -23.04 17.15 -48.54
CA GLU C 142 -23.93 17.62 -49.59
C GLU C 142 -25.39 17.48 -49.16
N LYS C 143 -25.71 16.44 -48.38
CA LYS C 143 -27.09 16.25 -47.96
C LYS C 143 -27.50 17.25 -46.87
N LEU C 144 -26.60 17.53 -45.93
CA LEU C 144 -26.99 18.27 -44.74
C LEU C 144 -26.85 19.78 -44.90
N GLY C 145 -25.92 20.25 -45.71
CA GLY C 145 -25.72 21.68 -45.87
C GLY C 145 -24.38 22.13 -45.31
N GLU C 146 -23.69 23.02 -46.02
CA GLU C 146 -22.34 23.40 -45.63
C GLU C 146 -22.30 24.08 -44.28
N SER C 147 -23.13 25.11 -44.09
CA SER C 147 -23.07 25.87 -42.84
C SER C 147 -23.49 25.03 -41.65
N LEU C 148 -24.61 24.34 -41.76
CA LEU C 148 -25.12 23.55 -40.63
C LEU C 148 -24.13 22.46 -40.23
N TYR C 149 -23.56 21.78 -41.22
CA TYR C 149 -22.52 20.79 -40.93
C TYR C 149 -21.31 21.44 -40.27
N LEU C 150 -20.81 22.53 -40.85
CA LEU C 150 -19.64 23.19 -40.29
C LEU C 150 -19.88 23.64 -38.86
N SER C 151 -21.13 23.86 -38.48
CA SER C 151 -21.45 24.22 -37.10
C SER C 151 -21.16 23.07 -36.13
N THR C 152 -21.01 21.85 -36.63
CA THR C 152 -20.90 20.69 -35.75
C THR C 152 -19.48 20.40 -35.29
N VAL C 153 -18.49 21.20 -35.70
CA VAL C 153 -17.09 20.84 -35.50
C VAL C 153 -16.29 21.92 -34.77
N ILE C 154 -16.82 23.13 -34.68
CA ILE C 154 -15.97 24.29 -34.38
C ILE C 154 -15.45 24.24 -32.95
N GLU C 155 -16.25 23.78 -32.01
CA GLU C 155 -15.86 23.85 -30.60
C GLU C 155 -16.54 22.69 -29.88
N GLN C 156 -16.57 22.76 -28.55
CA GLN C 156 -17.16 21.72 -27.69
C GLN C 156 -16.42 20.39 -27.82
N THR C 157 -15.09 20.45 -27.89
CA THR C 157 -14.28 19.23 -28.00
C THR C 157 -14.05 18.60 -26.62
N GLN C 158 -13.44 19.35 -25.71
CA GLN C 158 -13.17 18.94 -24.33
C GLN C 158 -12.38 17.63 -24.25
N PRO C 159 -11.11 17.62 -24.66
CA PRO C 159 -10.27 16.43 -24.43
C PRO C 159 -9.70 16.42 -23.02
N ASP C 160 -10.22 15.53 -22.18
CA ASP C 160 -9.79 15.38 -20.80
C ASP C 160 -9.57 13.90 -20.50
N PRO C 161 -8.42 13.35 -20.89
CA PRO C 161 -8.18 11.92 -20.59
C PRO C 161 -8.25 11.60 -19.11
N SER C 162 -7.89 12.55 -18.25
CA SER C 162 -7.96 12.35 -16.81
C SER C 162 -9.29 12.85 -16.26
N MET D 1 -3.13 44.35 -41.71
CA MET D 1 -2.24 43.84 -40.67
C MET D 1 -1.27 42.82 -41.24
N GLN D 2 -1.43 42.51 -42.53
CA GLN D 2 -0.51 41.62 -43.22
C GLN D 2 0.81 42.33 -43.51
N GLY D 3 1.88 41.54 -43.56
CA GLY D 3 3.21 42.07 -43.83
C GLY D 3 3.46 42.28 -45.31
N ASP D 4 4.61 42.89 -45.59
CA ASP D 4 5.01 43.17 -46.96
C ASP D 4 5.45 41.89 -47.67
N PRO D 5 5.66 41.95 -49.00
CA PRO D 5 6.13 40.74 -49.70
C PRO D 5 7.50 40.24 -49.24
N GLU D 6 8.49 41.12 -49.12
CA GLU D 6 9.86 40.67 -48.87
C GLU D 6 9.92 39.66 -47.72
N VAL D 7 9.20 39.93 -46.63
CA VAL D 7 9.20 38.98 -45.52
C VAL D 7 8.56 37.67 -45.95
N ILE D 8 7.48 37.73 -46.74
CA ILE D 8 6.77 36.48 -46.99
C ILE D 8 7.58 35.56 -47.89
N GLU D 9 8.27 36.09 -48.93
CA GLU D 9 9.02 35.11 -49.72
C GLU D 9 10.29 34.69 -48.99
N PHE D 10 10.84 35.53 -48.11
CA PHE D 10 11.92 35.05 -47.26
C PHE D 10 11.47 33.83 -46.44
N LEU D 11 10.31 33.94 -45.79
CA LEU D 11 9.80 32.81 -45.01
C LEU D 11 9.49 31.59 -45.88
N ASN D 12 8.89 31.80 -47.05
CA ASN D 12 8.55 30.66 -47.91
C ASN D 12 9.80 29.93 -48.40
N GLU D 13 10.82 30.69 -48.81
CA GLU D 13 12.07 30.06 -49.22
C GLU D 13 12.73 29.33 -48.05
N GLN D 14 12.69 29.92 -46.86
CA GLN D 14 13.25 29.22 -45.70
C GLN D 14 12.51 27.91 -45.43
N LEU D 15 11.18 27.92 -45.60
CA LEU D 15 10.40 26.71 -45.44
C LEU D 15 10.81 25.65 -46.46
N THR D 16 11.01 26.06 -47.71
CA THR D 16 11.44 25.11 -48.73
C THR D 16 12.80 24.51 -48.38
N ALA D 17 13.71 25.36 -47.90
CA ALA D 17 15.02 24.86 -47.46
C ALA D 17 14.87 23.86 -46.33
N GLU D 18 13.96 24.12 -45.39
CA GLU D 18 13.72 23.19 -44.30
C GLU D 18 13.18 21.86 -44.81
N LEU D 19 12.27 21.89 -45.78
CA LEU D 19 11.74 20.64 -46.34
C LEU D 19 12.84 19.82 -47.00
N THR D 20 13.68 20.48 -47.79
CA THR D 20 14.80 19.78 -48.40
C THR D 20 15.71 19.18 -47.32
N ALA D 21 15.96 19.94 -46.25
CA ALA D 21 16.81 19.45 -45.18
C ALA D 21 16.22 18.21 -44.51
N ILE D 22 14.91 18.22 -44.24
CA ILE D 22 14.31 17.06 -43.58
C ILE D 22 14.38 15.84 -44.47
N ASN D 23 14.13 16.01 -45.79
CA ASN D 23 14.20 14.86 -46.68
C ASN D 23 15.62 14.30 -46.75
N GLN D 24 16.61 15.18 -46.88
CA GLN D 24 18.00 14.72 -46.97
C GLN D 24 18.42 14.01 -45.69
N TYR D 25 18.07 14.58 -44.53
CA TYR D 25 18.43 13.98 -43.25
C TYR D 25 17.77 12.62 -43.08
N PHE D 26 16.49 12.50 -43.46
CA PHE D 26 15.82 11.21 -43.35
C PHE D 26 16.47 10.17 -44.25
N LEU D 27 16.82 10.56 -45.48
CA LEU D 27 17.47 9.62 -46.38
C LEU D 27 18.81 9.15 -45.82
N HIS D 28 19.60 10.09 -45.29
CA HIS D 28 20.88 9.73 -44.71
C HIS D 28 20.70 8.78 -43.54
N ALA D 29 19.74 9.07 -42.66
CA ALA D 29 19.49 8.20 -41.51
C ALA D 29 19.09 6.81 -41.94
N LYS D 30 18.21 6.70 -42.94
CA LYS D 30 17.78 5.39 -43.41
C LYS D 30 18.96 4.61 -43.99
N LEU D 31 19.81 5.28 -44.78
CA LEU D 31 20.96 4.61 -45.36
C LEU D 31 21.91 4.11 -44.29
N GLN D 32 22.27 4.97 -43.33
CA GLN D 32 23.20 4.55 -42.28
C GLN D 32 22.59 3.43 -41.43
N ASP D 33 21.28 3.48 -41.20
CA ASP D 33 20.64 2.38 -40.46
C ASP D 33 20.74 1.07 -41.23
N HIS D 34 20.55 1.11 -42.56
CA HIS D 34 20.70 -0.12 -43.34
C HIS D 34 22.12 -0.64 -43.27
N LYS D 35 23.11 0.25 -43.37
CA LYS D 35 24.49 -0.20 -43.37
C LYS D 35 24.91 -0.84 -42.06
N GLY D 36 24.16 -0.62 -40.99
CA GLY D 36 24.49 -1.15 -39.69
C GLY D 36 25.04 -0.15 -38.70
N TRP D 37 25.03 1.13 -39.03
CA TRP D 37 25.59 2.19 -38.19
C TRP D 37 24.42 2.80 -37.41
N THR D 38 24.16 2.25 -36.23
CA THR D 38 22.90 2.52 -35.55
C THR D 38 22.89 3.90 -34.89
N LYS D 39 23.89 4.20 -34.06
CA LYS D 39 23.88 5.44 -33.30
C LYS D 39 23.84 6.66 -34.22
N LEU D 40 24.58 6.61 -35.32
CA LEU D 40 24.47 7.65 -36.33
C LEU D 40 23.04 7.78 -36.82
N ALA D 41 22.36 6.66 -37.03
CA ALA D 41 20.97 6.69 -37.49
C ALA D 41 20.08 7.37 -36.47
N LYS D 42 20.27 7.05 -35.17
CA LYS D 42 19.45 7.68 -34.13
C LYS D 42 19.67 9.19 -34.10
N TYR D 43 20.93 9.61 -34.16
CA TYR D 43 21.21 11.04 -34.12
C TYR D 43 20.63 11.75 -35.33
N THR D 44 20.76 11.14 -36.51
CA THR D 44 20.23 11.76 -37.71
C THR D 44 18.70 11.83 -37.68
N ARG D 45 18.06 10.79 -37.14
CA ARG D 45 16.61 10.81 -37.00
C ARG D 45 16.15 11.92 -36.07
N ALA D 46 16.86 12.10 -34.94
CA ALA D 46 16.54 13.20 -34.05
C ALA D 46 16.71 14.54 -34.73
N GLU D 47 17.79 14.71 -35.49
CA GLU D 47 18.00 15.95 -36.22
C GLU D 47 16.87 16.20 -37.22
N SER D 48 16.45 15.15 -37.93
CA SER D 48 15.37 15.29 -38.91
C SER D 48 14.07 15.70 -38.23
N PHE D 49 13.76 15.10 -37.08
CA PHE D 49 12.55 15.47 -36.37
C PHE D 49 12.60 16.92 -35.89
N ASP D 50 13.77 17.36 -35.41
CA ASP D 50 13.89 18.76 -35.01
C ASP D 50 13.68 19.69 -36.20
N GLU D 51 14.25 19.34 -37.35
CA GLU D 51 14.05 20.15 -38.55
C GLU D 51 12.58 20.16 -38.97
N MET D 52 11.88 19.05 -38.77
CA MET D 52 10.45 19.02 -39.08
C MET D 52 9.68 19.95 -38.15
N ARG D 53 10.05 20.00 -36.87
CA ARG D 53 9.43 20.97 -35.98
C ARG D 53 9.70 22.39 -36.45
N HIS D 54 10.94 22.66 -36.89
CA HIS D 54 11.25 23.96 -37.48
C HIS D 54 10.29 24.29 -38.62
N ALA D 55 10.11 23.34 -39.54
CA ALA D 55 9.23 23.58 -40.68
C ALA D 55 7.80 23.86 -40.22
N GLU D 56 7.32 23.10 -39.24
CA GLU D 56 5.94 23.28 -38.78
C GLU D 56 5.75 24.67 -38.17
N VAL D 57 6.63 25.08 -37.27
CA VAL D 57 6.45 26.39 -36.64
C VAL D 57 6.61 27.51 -37.66
N LEU D 58 7.52 27.33 -38.62
CA LEU D 58 7.74 28.40 -39.59
C LEU D 58 6.56 28.54 -40.53
N THR D 59 5.94 27.42 -40.95
CA THR D 59 4.75 27.55 -41.79
C THR D 59 3.56 28.05 -40.98
N ASP D 60 3.51 27.75 -39.68
CA ASP D 60 2.48 28.34 -38.83
C ASP D 60 2.61 29.86 -38.85
N ARG D 61 3.83 30.37 -38.72
CA ARG D 61 4.03 31.81 -38.78
C ARG D 61 3.67 32.36 -40.16
N ILE D 62 4.01 31.63 -41.23
CA ILE D 62 3.65 32.08 -42.57
C ILE D 62 2.14 32.25 -42.68
N LEU D 63 1.39 31.25 -42.21
CA LEU D 63 -0.07 31.34 -42.27
C LEU D 63 -0.60 32.44 -41.37
N LEU D 64 0.10 32.71 -40.25
CA LEU D 64 -0.36 33.71 -39.29
C LEU D 64 -0.62 35.06 -39.95
N LEU D 65 0.30 35.51 -40.81
CA LEU D 65 0.20 36.81 -41.46
C LEU D 65 -0.60 36.75 -42.75
N ASP D 66 -1.48 35.78 -42.90
CA ASP D 66 -2.32 35.61 -44.10
C ASP D 66 -1.46 35.37 -45.34
N GLY D 67 -0.63 34.33 -45.25
CA GLY D 67 0.27 33.97 -46.31
C GLY D 67 -0.28 32.84 -47.17
N LEU D 68 0.53 32.46 -48.16
CA LEU D 68 0.19 31.41 -49.12
C LEU D 68 1.33 30.41 -49.18
N PRO D 69 1.39 29.47 -48.25
CA PRO D 69 2.49 28.50 -48.25
C PRO D 69 2.50 27.65 -49.51
N ASN D 70 3.70 27.42 -50.04
CA ASN D 70 3.90 26.60 -51.23
C ASN D 70 4.75 25.39 -50.88
N TYR D 71 4.25 24.21 -51.19
CA TYR D 71 4.96 22.96 -50.97
C TYR D 71 5.44 22.33 -52.27
N GLN D 72 5.21 22.98 -53.40
CA GLN D 72 5.50 22.36 -54.70
C GLN D 72 6.98 22.33 -55.00
N ARG D 73 7.70 23.43 -54.71
CA ARG D 73 9.09 23.57 -55.12
C ARG D 73 10.02 22.94 -54.09
N LEU D 74 11.21 22.55 -54.56
CA LEU D 74 12.23 21.96 -53.72
C LEU D 74 13.61 22.33 -54.25
N PHE D 75 14.56 22.47 -53.32
CA PHE D 75 15.95 22.70 -53.68
C PHE D 75 16.60 21.36 -54.06
N HIS D 76 17.89 21.41 -54.38
CA HIS D 76 18.62 20.20 -54.73
C HIS D 76 18.88 19.36 -53.49
N VAL D 77 18.77 18.04 -53.66
CA VAL D 77 19.08 17.07 -52.61
C VAL D 77 20.22 16.21 -53.09
N ARG D 78 21.28 16.13 -52.29
CA ARG D 78 22.48 15.41 -52.64
C ARG D 78 22.68 14.22 -51.71
N VAL D 79 23.32 13.17 -52.23
CA VAL D 79 23.54 11.94 -51.49
C VAL D 79 25.02 11.58 -51.56
N GLY D 80 25.46 10.79 -50.57
CA GLY D 80 26.84 10.38 -50.48
C GLY D 80 26.95 8.89 -50.18
N GLN D 81 28.21 8.44 -50.04
CA GLN D 81 28.50 7.05 -49.78
C GLN D 81 29.16 6.83 -48.43
N SER D 82 30.23 7.55 -48.14
CA SER D 82 30.86 7.49 -46.82
C SER D 82 30.34 8.62 -45.95
N VAL D 83 30.74 8.59 -44.67
CA VAL D 83 30.30 9.62 -43.74
C VAL D 83 30.83 10.99 -44.13
N THR D 84 32.00 11.03 -44.77
CA THR D 84 32.65 12.30 -45.07
C THR D 84 31.81 13.17 -46.00
N GLU D 85 31.36 12.61 -47.12
CA GLU D 85 30.60 13.40 -48.08
C GLU D 85 29.25 13.80 -47.50
N MET D 86 28.61 12.92 -46.73
CA MET D 86 27.35 13.26 -46.09
C MET D 86 27.53 14.45 -45.16
N PHE D 87 28.57 14.39 -44.32
CA PHE D 87 28.82 15.48 -43.38
C PHE D 87 29.15 16.77 -44.12
N GLN D 88 29.91 16.68 -45.21
CA GLN D 88 30.26 17.88 -45.96
C GLN D 88 29.03 18.51 -46.61
N ALA D 89 28.14 17.67 -47.16
CA ALA D 89 26.89 18.18 -47.73
C ALA D 89 26.06 18.87 -46.66
N ASP D 90 25.97 18.26 -45.48
CA ASP D 90 25.25 18.89 -44.38
C ASP D 90 25.88 20.22 -44.00
N ARG D 91 27.22 20.28 -44.00
CA ARG D 91 27.90 21.52 -43.67
C ARG D 91 27.59 22.62 -44.67
N GLU D 92 27.59 22.30 -45.96
CA GLU D 92 27.26 23.30 -46.97
C GLU D 92 25.83 23.79 -46.80
N VAL D 93 24.89 22.86 -46.57
CA VAL D 93 23.50 23.25 -46.37
C VAL D 93 23.38 24.19 -45.17
N GLU D 94 24.05 23.85 -44.08
CA GLU D 94 23.96 24.67 -42.87
C GLU D 94 24.60 26.03 -43.08
N LEU D 95 25.68 26.09 -43.85
CA LEU D 95 26.32 27.38 -44.13
C LEU D 95 25.41 28.29 -44.92
N GLU D 96 24.78 27.75 -45.97
CA GLU D 96 23.82 28.55 -46.72
C GLU D 96 22.68 29.00 -45.81
N ALA D 97 22.21 28.10 -44.94
CA ALA D 97 21.11 28.44 -44.04
C ALA D 97 21.48 29.59 -43.12
N ILE D 98 22.66 29.53 -42.49
CA ILE D 98 23.03 30.59 -41.55
C ILE D 98 23.21 31.91 -42.28
N ASP D 99 23.87 31.90 -43.44
CA ASP D 99 24.08 33.15 -44.18
C ASP D 99 22.75 33.80 -44.53
N ARG D 100 21.86 33.04 -45.17
CA ARG D 100 20.60 33.61 -45.62
C ARG D 100 19.71 33.99 -44.45
N LEU D 101 19.74 33.22 -43.37
CA LEU D 101 18.94 33.56 -42.20
C LEU D 101 19.42 34.87 -41.58
N ARG D 102 20.74 35.07 -41.53
CA ARG D 102 21.25 36.34 -41.01
C ARG D 102 20.80 37.51 -41.87
N ARG D 103 20.92 37.38 -43.19
CA ARG D 103 20.53 38.49 -44.05
C ARG D 103 19.03 38.78 -43.90
N GLY D 104 18.21 37.73 -43.83
CA GLY D 104 16.78 37.93 -43.66
C GLY D 104 16.43 38.56 -42.33
N ILE D 105 17.04 38.06 -41.24
CA ILE D 105 16.70 38.58 -39.93
C ILE D 105 17.05 40.05 -39.84
N GLU D 106 18.20 40.46 -40.40
CA GLU D 106 18.54 41.89 -40.34
C GLU D 106 17.59 42.70 -41.23
N VAL D 107 17.27 42.20 -42.42
CA VAL D 107 16.50 43.03 -43.35
C VAL D 107 15.08 43.25 -42.84
N MET D 108 14.48 42.24 -42.19
CA MET D 108 13.14 42.49 -41.66
C MET D 108 13.15 43.00 -40.23
N ARG D 109 14.27 42.90 -39.50
CA ARG D 109 14.37 43.63 -38.25
C ARG D 109 14.42 45.13 -38.53
N ALA D 110 15.01 45.53 -39.65
CA ALA D 110 14.99 46.93 -40.03
C ALA D 110 13.63 47.39 -40.54
N LYS D 111 12.58 46.57 -40.48
CA LYS D 111 11.28 46.95 -41.00
C LYS D 111 10.20 46.63 -39.96
N HIS D 112 10.39 47.09 -38.73
CA HIS D 112 9.34 47.19 -37.73
C HIS D 112 8.59 45.85 -37.53
N ASP D 113 9.35 44.76 -37.54
CA ASP D 113 8.78 43.45 -37.27
C ASP D 113 9.69 42.72 -36.29
N ILE D 114 9.10 41.94 -35.38
CA ILE D 114 9.82 41.35 -34.27
C ILE D 114 9.68 39.83 -34.21
N THR D 115 8.45 39.31 -34.36
CA THR D 115 8.22 37.89 -34.10
C THR D 115 8.95 37.00 -35.09
N SER D 116 8.88 37.33 -36.38
CA SER D 116 9.63 36.58 -37.37
C SER D 116 11.12 36.65 -37.09
N ALA D 117 11.62 37.81 -36.70
CA ALA D 117 13.01 37.91 -36.27
C ALA D 117 13.28 36.95 -35.11
N ASN D 118 12.35 36.86 -34.17
CA ASN D 118 12.54 36.00 -33.00
C ASN D 118 12.68 34.53 -33.40
N VAL D 119 11.74 34.03 -34.21
CA VAL D 119 11.86 32.65 -34.67
C VAL D 119 13.13 32.48 -35.48
N PHE D 120 13.60 33.55 -36.13
CA PHE D 120 14.84 33.45 -36.87
C PHE D 120 16.06 33.27 -35.96
N GLU D 121 16.16 33.98 -34.84
CA GLU D 121 17.34 33.67 -34.02
C GLU D 121 17.20 32.29 -33.39
N ALA D 122 15.97 31.85 -33.13
CA ALA D 122 15.81 30.47 -32.66
C ALA D 122 16.38 29.47 -33.66
N ILE D 123 15.97 29.58 -34.92
CA ILE D 123 16.46 28.67 -35.95
C ILE D 123 17.97 28.82 -36.11
N LEU D 124 18.47 30.05 -36.05
CA LEU D 124 19.90 30.28 -36.26
C LEU D 124 20.72 29.64 -35.15
N ALA D 125 20.26 29.74 -33.90
CA ALA D 125 20.96 29.08 -32.81
C ALA D 125 20.99 27.57 -33.02
N ASP D 126 19.85 26.99 -33.42
CA ASP D 126 19.83 25.55 -33.65
C ASP D 126 20.83 25.17 -34.74
N GLU D 127 20.85 25.92 -35.85
CA GLU D 127 21.73 25.57 -36.95
C GLU D 127 23.19 25.75 -36.57
N GLU D 128 23.51 26.77 -35.77
CA GLU D 128 24.87 26.92 -35.27
C GLU D 128 25.29 25.72 -34.44
N HIS D 129 24.40 25.24 -33.57
CA HIS D 129 24.72 24.05 -32.78
C HIS D 129 24.96 22.84 -33.69
N HIS D 130 24.10 22.66 -34.70
CA HIS D 130 24.23 21.51 -35.57
C HIS D 130 25.54 21.55 -36.37
N ILE D 131 25.89 22.74 -36.88
CA ILE D 131 27.14 22.84 -37.63
C ILE D 131 28.33 22.62 -36.72
N ASP D 132 28.25 23.05 -35.45
CA ASP D 132 29.31 22.73 -34.50
C ASP D 132 29.47 21.22 -34.35
N TYR D 133 28.35 20.50 -34.19
CA TYR D 133 28.44 19.05 -34.03
C TYR D 133 29.06 18.40 -35.26
N LEU D 134 28.60 18.79 -36.45
CA LEU D 134 29.13 18.18 -37.66
C LEU D 134 30.62 18.50 -37.84
N GLU D 135 31.02 19.72 -37.52
CA GLU D 135 32.43 20.08 -37.62
C GLU D 135 33.29 19.22 -36.71
N THR D 136 32.87 19.06 -35.46
CA THR D 136 33.67 18.26 -34.54
C THR D 136 33.68 16.79 -34.95
N GLN D 137 32.57 16.29 -35.51
CA GLN D 137 32.56 14.91 -36.00
C GLN D 137 33.56 14.73 -37.14
N LEU D 138 33.57 15.64 -38.11
CA LEU D 138 34.49 15.53 -39.23
C LEU D 138 35.95 15.63 -38.75
N ASP D 139 36.22 16.55 -37.82
CA ASP D 139 37.58 16.68 -37.30
C ASP D 139 38.01 15.41 -36.58
N LEU D 140 37.12 14.81 -35.81
CA LEU D 140 37.47 13.57 -35.10
C LEU D 140 37.70 12.43 -36.08
N ILE D 141 36.89 12.34 -37.14
CA ILE D 141 37.10 11.32 -38.16
C ILE D 141 38.46 11.50 -38.81
N GLU D 142 38.82 12.74 -39.12
CA GLU D 142 40.14 13.00 -39.69
C GLU D 142 41.24 12.61 -38.73
N LYS D 143 41.07 12.93 -37.43
CA LYS D 143 42.10 12.62 -36.44
C LYS D 143 42.30 11.12 -36.30
N LEU D 144 41.22 10.35 -36.25
CA LEU D 144 41.33 8.91 -36.00
C LEU D 144 41.48 8.12 -37.30
N GLY D 145 40.50 8.22 -38.18
CA GLY D 145 40.49 7.41 -39.39
C GLY D 145 39.09 7.01 -39.78
N GLU D 146 38.96 6.01 -40.66
CA GLU D 146 37.64 5.59 -41.14
C GLU D 146 37.16 4.33 -40.44
N SER D 147 37.95 3.25 -40.52
CA SER D 147 37.49 1.96 -40.01
C SER D 147 37.29 1.98 -38.50
N LEU D 148 38.17 2.64 -37.77
CA LEU D 148 38.05 2.69 -36.31
C LEU D 148 36.77 3.42 -35.89
N TYR D 149 36.42 4.51 -36.57
CA TYR D 149 35.21 5.24 -36.22
C TYR D 149 33.98 4.39 -36.44
N LEU D 150 33.93 3.68 -37.57
CA LEU D 150 32.82 2.75 -37.80
C LEU D 150 32.77 1.67 -36.74
N SER D 151 33.93 1.12 -36.37
CA SER D 151 33.97 0.14 -35.29
C SER D 151 33.39 0.71 -34.00
N THR D 152 33.70 1.97 -33.70
CA THR D 152 33.14 2.60 -32.52
C THR D 152 31.63 2.71 -32.61
N VAL D 153 31.12 3.15 -33.76
CA VAL D 153 29.68 3.38 -33.88
C VAL D 153 28.91 2.07 -34.05
N ILE D 154 29.49 1.10 -34.76
CA ILE D 154 28.75 -0.11 -35.09
C ILE D 154 28.44 -0.89 -33.81
N GLU D 155 27.26 -1.51 -33.79
CA GLU D 155 26.86 -2.37 -32.70
C GLU D 155 26.05 -3.53 -33.26
N GLN D 156 26.05 -4.64 -32.53
CA GLN D 156 25.32 -5.83 -32.95
C GLN D 156 23.92 -5.78 -32.36
N THR D 157 22.91 -5.71 -33.23
CA THR D 157 21.52 -5.66 -32.80
C THR D 157 21.06 -7.08 -32.42
N GLN D 158 21.64 -7.57 -31.33
CA GLN D 158 21.31 -8.89 -30.84
C GLN D 158 19.83 -9.03 -30.49
N PRO D 159 19.20 -8.06 -29.80
CA PRO D 159 17.79 -8.20 -29.40
C PRO D 159 17.47 -9.54 -28.74
N ASP D 160 18.38 -10.02 -27.90
CA ASP D 160 18.19 -11.28 -27.21
C ASP D 160 18.71 -11.19 -25.77
N PRO D 161 18.32 -10.15 -25.02
CA PRO D 161 18.77 -9.97 -23.63
C PRO D 161 17.85 -9.04 -22.85
N MET E 1 21.19 54.45 -10.77
CA MET E 1 20.72 54.31 -12.14
C MET E 1 19.32 54.92 -12.31
N GLN E 2 19.05 55.44 -13.49
CA GLN E 2 17.81 56.14 -13.76
C GLN E 2 17.39 55.92 -15.21
N GLY E 3 16.12 56.18 -15.48
CA GLY E 3 15.58 56.07 -16.82
C GLY E 3 15.07 57.41 -17.31
N ASP E 4 15.23 57.64 -18.62
CA ASP E 4 14.78 58.88 -19.22
C ASP E 4 13.25 58.97 -19.18
N PRO E 5 12.69 60.17 -19.09
CA PRO E 5 11.23 60.30 -18.92
C PRO E 5 10.43 59.74 -20.09
N GLU E 6 11.02 59.65 -21.28
CA GLU E 6 10.25 59.18 -22.43
C GLU E 6 9.81 57.73 -22.24
N VAL E 7 10.73 56.83 -21.88
CA VAL E 7 10.33 55.44 -21.66
C VAL E 7 9.32 55.37 -20.52
N ILE E 8 9.46 56.26 -19.52
CA ILE E 8 8.50 56.29 -18.42
C ILE E 8 7.10 56.57 -18.94
N GLU E 9 6.97 57.55 -19.84
CA GLU E 9 5.64 57.88 -20.33
C GLU E 9 5.11 56.83 -21.31
N PHE E 10 5.99 56.18 -22.08
CA PHE E 10 5.52 55.04 -22.88
C PHE E 10 4.96 53.94 -21.99
N LEU E 11 5.67 53.62 -20.91
CA LEU E 11 5.19 52.59 -19.99
C LEU E 11 3.88 53.03 -19.33
N ASN E 12 3.76 54.32 -19.00
CA ASN E 12 2.52 54.81 -18.42
C ASN E 12 1.34 54.67 -19.39
N GLU E 13 1.56 55.00 -20.66
CA GLU E 13 0.51 54.85 -21.65
C GLU E 13 0.12 53.38 -21.82
N GLN E 14 1.12 52.49 -21.86
CA GLN E 14 0.82 51.07 -21.97
C GLN E 14 0.04 50.58 -20.76
N LEU E 15 0.42 51.04 -19.57
CA LEU E 15 -0.29 50.66 -18.35
C LEU E 15 -1.74 51.12 -18.38
N THR E 16 -1.99 52.36 -18.83
CA THR E 16 -3.35 52.85 -18.94
C THR E 16 -4.15 52.02 -19.93
N ALA E 17 -3.56 51.70 -21.08
CA ALA E 17 -4.25 50.87 -22.06
C ALA E 17 -4.56 49.49 -21.48
N GLU E 18 -3.61 48.91 -20.73
CA GLU E 18 -3.84 47.60 -20.15
C GLU E 18 -4.95 47.63 -19.11
N LEU E 19 -5.01 48.66 -18.28
CA LEU E 19 -6.10 48.77 -17.30
C LEU E 19 -7.44 48.91 -18.00
N THR E 20 -7.49 49.73 -19.06
CA THR E 20 -8.71 49.85 -19.84
C THR E 20 -9.12 48.50 -20.43
N ALA E 21 -8.15 47.74 -20.92
CA ALA E 21 -8.44 46.42 -21.45
C ALA E 21 -8.98 45.49 -20.36
N ILE E 22 -8.40 45.56 -19.17
CA ILE E 22 -8.92 44.77 -18.03
C ILE E 22 -10.39 45.07 -17.82
N ASN E 23 -10.73 46.35 -17.66
CA ASN E 23 -12.11 46.68 -17.32
C ASN E 23 -13.06 46.30 -18.45
N GLN E 24 -12.66 46.57 -19.70
CA GLN E 24 -13.51 46.25 -20.84
C GLN E 24 -13.74 44.75 -20.96
N TYR E 25 -12.67 43.97 -20.90
CA TYR E 25 -12.80 42.52 -21.03
C TYR E 25 -13.64 41.94 -19.88
N PHE E 26 -13.43 42.43 -18.67
CA PHE E 26 -14.16 41.90 -17.52
C PHE E 26 -15.65 42.21 -17.62
N LEU E 27 -15.99 43.47 -17.94
CA LEU E 27 -17.40 43.81 -18.11
C LEU E 27 -18.02 43.01 -19.24
N HIS E 28 -17.27 42.80 -20.32
CA HIS E 28 -17.80 42.03 -21.45
C HIS E 28 -18.07 40.59 -21.04
N ALA E 29 -17.12 39.99 -20.33
CA ALA E 29 -17.30 38.63 -19.85
C ALA E 29 -18.53 38.54 -18.96
N LYS E 30 -18.75 39.54 -18.11
CA LYS E 30 -19.90 39.51 -17.23
C LYS E 30 -21.21 39.63 -18.03
N LEU E 31 -21.22 40.47 -19.06
CA LEU E 31 -22.43 40.59 -19.88
C LEU E 31 -22.74 39.26 -20.59
N GLN E 32 -21.72 38.63 -21.16
CA GLN E 32 -21.96 37.30 -21.74
C GLN E 32 -22.44 36.31 -20.70
N ASP E 33 -21.88 36.37 -19.48
CA ASP E 33 -22.33 35.47 -18.42
C ASP E 33 -23.81 35.67 -18.13
N HIS E 34 -24.25 36.91 -17.95
CA HIS E 34 -25.63 37.15 -17.57
C HIS E 34 -26.59 36.83 -18.72
N LYS E 35 -26.18 37.10 -19.96
CA LYS E 35 -27.07 36.84 -21.08
C LYS E 35 -27.22 35.36 -21.37
N GLY E 36 -26.34 34.53 -20.82
CA GLY E 36 -26.45 33.09 -21.01
C GLY E 36 -25.28 32.50 -21.76
N TRP E 37 -24.29 33.33 -22.08
CA TRP E 37 -23.13 32.84 -22.82
C TRP E 37 -22.08 32.32 -21.85
N THR E 38 -21.57 31.12 -22.10
CA THR E 38 -20.68 30.44 -21.17
C THR E 38 -19.26 30.29 -21.67
N LYS E 39 -19.05 29.67 -22.84
CA LYS E 39 -17.70 29.44 -23.33
C LYS E 39 -16.98 30.75 -23.59
N LEU E 40 -17.64 31.68 -24.26
CA LEU E 40 -17.04 32.98 -24.52
C LEU E 40 -16.71 33.70 -23.22
N ALA E 41 -17.54 33.50 -22.19
CA ALA E 41 -17.26 34.09 -20.88
C ALA E 41 -15.94 33.57 -20.32
N LYS E 42 -15.72 32.25 -20.38
CA LYS E 42 -14.48 31.69 -19.87
C LYS E 42 -13.28 32.17 -20.68
N TYR E 43 -13.41 32.20 -22.00
CA TYR E 43 -12.31 32.69 -22.82
C TYR E 43 -11.98 34.13 -22.51
N THR E 44 -13.00 34.98 -22.36
CA THR E 44 -12.78 36.39 -22.06
C THR E 44 -12.17 36.57 -20.68
N ARG E 45 -12.58 35.77 -19.69
CA ARG E 45 -11.98 35.88 -18.37
C ARG E 45 -10.52 35.44 -18.39
N ALA E 46 -10.21 34.41 -19.19
CA ALA E 46 -8.81 34.01 -19.35
C ALA E 46 -7.99 35.13 -19.97
N GLU E 47 -8.54 35.78 -20.99
CA GLU E 47 -7.86 36.92 -21.61
C GLU E 47 -7.68 38.06 -20.62
N SER E 48 -8.69 38.33 -19.78
CA SER E 48 -8.57 39.39 -18.79
C SER E 48 -7.47 39.08 -17.80
N PHE E 49 -7.39 37.84 -17.33
CA PHE E 49 -6.31 37.47 -16.42
C PHE E 49 -4.94 37.59 -17.09
N ASP E 50 -4.84 37.23 -18.36
CA ASP E 50 -3.58 37.40 -19.07
C ASP E 50 -3.19 38.87 -19.17
N GLU E 51 -4.16 39.73 -19.47
CA GLU E 51 -3.87 41.17 -19.51
C GLU E 51 -3.47 41.68 -18.13
N MET E 52 -4.05 41.11 -17.08
CA MET E 52 -3.65 41.50 -15.72
C MET E 52 -2.21 41.08 -15.43
N ARG E 53 -1.80 39.91 -15.92
CA ARG E 53 -0.40 39.53 -15.82
C ARG E 53 0.49 40.53 -16.56
N HIS E 54 0.03 40.98 -17.73
CA HIS E 54 0.75 42.02 -18.46
C HIS E 54 0.89 43.28 -17.62
N ALA E 55 -0.20 43.72 -16.99
CA ALA E 55 -0.14 44.91 -16.17
C ALA E 55 0.80 44.73 -14.99
N GLU E 56 0.79 43.55 -14.39
CA GLU E 56 1.68 43.24 -13.27
C GLU E 56 3.14 43.38 -13.69
N VAL E 57 3.52 42.73 -14.79
CA VAL E 57 4.92 42.78 -15.20
C VAL E 57 5.29 44.21 -15.60
N LEU E 58 4.37 44.94 -16.23
CA LEU E 58 4.66 46.32 -16.63
C LEU E 58 4.89 47.20 -15.42
N THR E 59 4.03 47.11 -14.39
CA THR E 59 4.21 47.96 -13.22
C THR E 59 5.46 47.57 -12.45
N ASP E 60 5.80 46.29 -12.39
CA ASP E 60 7.06 45.89 -11.75
C ASP E 60 8.25 46.48 -12.50
N ARG E 61 8.22 46.39 -13.84
CA ARG E 61 9.33 46.91 -14.63
C ARG E 61 9.48 48.42 -14.46
N ILE E 62 8.37 49.15 -14.47
CA ILE E 62 8.47 50.60 -14.34
C ILE E 62 8.88 50.99 -12.91
N LEU E 63 8.45 50.22 -11.89
CA LEU E 63 8.92 50.52 -10.54
C LEU E 63 10.40 50.21 -10.39
N LEU E 64 10.92 49.29 -11.20
CA LEU E 64 12.37 49.04 -11.19
C LEU E 64 13.15 50.26 -11.63
N LEU E 65 12.60 51.04 -12.58
CA LEU E 65 13.31 52.17 -13.16
C LEU E 65 13.00 53.49 -12.46
N ASP E 66 12.73 53.45 -11.15
CA ASP E 66 12.49 54.66 -10.35
C ASP E 66 11.26 55.42 -10.86
N GLY E 67 10.32 54.70 -11.45
CA GLY E 67 9.12 55.29 -12.00
C GLY E 67 8.06 55.56 -10.94
N LEU E 68 7.03 56.29 -11.37
CA LEU E 68 5.88 56.61 -10.53
C LEU E 68 4.62 56.27 -11.32
N PRO E 69 4.18 55.01 -11.28
CA PRO E 69 3.00 54.63 -12.06
C PRO E 69 1.77 55.41 -11.61
N ASN E 70 0.92 55.75 -12.58
CA ASN E 70 -0.31 56.50 -12.33
C ASN E 70 -1.49 55.60 -12.65
N TYR E 71 -2.39 55.45 -11.70
CA TYR E 71 -3.59 54.64 -11.86
C TYR E 71 -4.86 55.48 -11.94
N GLN E 72 -4.75 56.79 -11.75
CA GLN E 72 -5.93 57.64 -11.74
C GLN E 72 -6.61 57.68 -13.10
N ARG E 73 -5.84 57.79 -14.17
CA ARG E 73 -6.41 58.02 -15.49
C ARG E 73 -6.78 56.70 -16.18
N LEU E 74 -7.74 56.78 -17.07
CA LEU E 74 -8.14 55.66 -17.91
C LEU E 74 -8.47 56.16 -19.31
N PHE E 75 -8.40 55.27 -20.28
CA PHE E 75 -8.84 55.56 -21.63
C PHE E 75 -10.36 55.45 -21.71
N HIS E 76 -10.89 55.43 -22.92
CA HIS E 76 -12.34 55.33 -23.10
C HIS E 76 -12.73 53.86 -23.28
N VAL E 77 -13.71 53.42 -22.50
CA VAL E 77 -14.14 52.03 -22.48
C VAL E 77 -15.43 51.90 -23.29
N ARG E 78 -15.49 50.88 -24.14
CA ARG E 78 -16.63 50.68 -25.02
C ARG E 78 -17.32 49.36 -24.71
N VAL E 79 -18.65 49.38 -24.75
CA VAL E 79 -19.48 48.23 -24.46
C VAL E 79 -20.47 48.06 -25.60
N GLY E 80 -20.90 46.82 -25.84
CA GLY E 80 -21.79 46.50 -26.92
C GLY E 80 -22.92 45.58 -26.47
N GLN E 81 -23.94 45.49 -27.31
CA GLN E 81 -25.11 44.66 -27.05
C GLN E 81 -24.95 43.27 -27.66
N SER E 82 -24.75 43.19 -28.97
CA SER E 82 -24.49 41.92 -29.64
C SER E 82 -22.98 41.70 -29.76
N VAL E 83 -22.63 40.48 -30.17
CA VAL E 83 -21.23 40.05 -30.15
C VAL E 83 -20.36 40.85 -31.11
N THR E 84 -20.92 41.21 -32.27
CA THR E 84 -20.11 41.82 -33.32
C THR E 84 -19.48 43.14 -32.88
N GLU E 85 -20.25 43.98 -32.19
CA GLU E 85 -19.77 45.32 -31.90
C GLU E 85 -18.65 45.32 -30.86
N MET E 86 -18.79 44.54 -29.78
CA MET E 86 -17.67 44.57 -28.82
C MET E 86 -16.51 43.74 -29.34
N PHE E 87 -16.77 42.79 -30.24
CA PHE E 87 -15.66 42.20 -30.98
C PHE E 87 -14.86 43.26 -31.73
N GLN E 88 -15.56 44.15 -32.43
CA GLN E 88 -14.90 45.22 -33.16
C GLN E 88 -14.17 46.16 -32.20
N ALA E 89 -14.77 46.45 -31.04
CA ALA E 89 -14.12 47.31 -30.06
C ALA E 89 -12.82 46.71 -29.56
N ASP E 90 -12.84 45.40 -29.27
CA ASP E 90 -11.61 44.73 -28.88
C ASP E 90 -10.57 44.79 -29.99
N ARG E 91 -11.01 44.59 -31.23
CA ARG E 91 -10.10 44.69 -32.37
C ARG E 91 -9.42 46.05 -32.42
N GLU E 92 -10.21 47.12 -32.32
CA GLU E 92 -9.65 48.46 -32.47
C GLU E 92 -8.73 48.82 -31.30
N VAL E 93 -9.10 48.45 -30.07
CA VAL E 93 -8.23 48.75 -28.95
C VAL E 93 -6.91 47.99 -29.07
N GLU E 94 -6.97 46.74 -29.56
CA GLU E 94 -5.74 46.00 -29.77
C GLU E 94 -4.87 46.61 -30.85
N LEU E 95 -5.50 47.12 -31.91
CA LEU E 95 -4.73 47.79 -32.96
C LEU E 95 -4.01 49.02 -32.42
N GLU E 96 -4.72 49.83 -31.62
CA GLU E 96 -4.08 50.98 -30.99
C GLU E 96 -2.91 50.54 -30.12
N ALA E 97 -3.11 49.48 -29.33
CA ALA E 97 -2.07 49.00 -28.44
C ALA E 97 -0.83 48.57 -29.23
N ILE E 98 -1.03 47.82 -30.32
CA ILE E 98 0.12 47.31 -31.05
C ILE E 98 0.88 48.44 -31.74
N ASP E 99 0.15 49.45 -32.25
CA ASP E 99 0.84 50.59 -32.85
C ASP E 99 1.70 51.31 -31.81
N ARG E 100 1.11 51.58 -30.64
CA ARG E 100 1.87 52.27 -29.60
C ARG E 100 3.07 51.45 -29.16
N LEU E 101 2.90 50.13 -29.05
CA LEU E 101 3.98 49.27 -28.59
C LEU E 101 5.12 49.23 -29.59
N ARG E 102 4.80 49.17 -30.89
CA ARG E 102 5.86 49.20 -31.90
C ARG E 102 6.63 50.51 -31.85
N ARG E 103 5.91 51.64 -31.75
CA ARG E 103 6.58 52.93 -31.66
C ARG E 103 7.51 52.98 -30.44
N GLY E 104 7.00 52.56 -29.28
CA GLY E 104 7.83 52.59 -28.08
C GLY E 104 9.03 51.68 -28.19
N ILE E 105 8.83 50.46 -28.71
CA ILE E 105 9.94 49.51 -28.77
C ILE E 105 11.05 50.04 -29.66
N GLU E 106 10.71 50.60 -30.82
CA GLU E 106 11.77 51.15 -31.65
C GLU E 106 12.44 52.34 -30.97
N VAL E 107 11.66 53.20 -30.31
CA VAL E 107 12.23 54.43 -29.79
C VAL E 107 13.21 54.16 -28.66
N MET E 108 12.94 53.14 -27.82
CA MET E 108 13.94 52.95 -26.77
C MET E 108 14.97 51.90 -27.15
N ARG E 109 14.74 51.09 -28.19
CA ARG E 109 15.85 50.32 -28.74
C ARG E 109 16.87 51.24 -29.36
N ALA E 110 16.43 52.39 -29.87
CA ALA E 110 17.38 53.37 -30.39
C ALA E 110 18.15 54.10 -29.29
N LYS E 111 17.74 54.00 -28.02
CA LYS E 111 18.31 54.82 -26.97
C LYS E 111 18.69 53.99 -25.75
N HIS E 112 19.42 52.88 -25.98
CA HIS E 112 20.17 52.20 -24.94
C HIS E 112 19.26 51.64 -23.84
N ASP E 113 18.32 50.79 -24.25
CA ASP E 113 17.47 50.08 -23.29
C ASP E 113 16.87 48.88 -23.98
N ILE E 114 17.13 47.68 -23.45
CA ILE E 114 16.76 46.43 -24.10
C ILE E 114 15.70 45.67 -23.31
N THR E 115 15.74 45.75 -21.97
CA THR E 115 14.82 44.98 -21.16
C THR E 115 13.37 45.38 -21.41
N SER E 116 13.07 46.67 -21.36
CA SER E 116 11.72 47.14 -21.66
C SER E 116 11.32 46.75 -23.08
N ALA E 117 12.29 46.72 -24.00
CA ALA E 117 12.00 46.25 -25.35
C ALA E 117 11.55 44.79 -25.34
N ASN E 118 12.19 43.96 -24.52
CA ASN E 118 11.77 42.57 -24.40
C ASN E 118 10.36 42.47 -23.81
N VAL E 119 10.07 43.29 -22.81
CA VAL E 119 8.71 43.28 -22.23
C VAL E 119 7.68 43.64 -23.29
N PHE E 120 7.95 44.70 -24.04
CA PHE E 120 7.00 45.13 -25.06
C PHE E 120 6.87 44.10 -26.19
N GLU E 121 7.94 43.43 -26.57
CA GLU E 121 7.82 42.45 -27.64
C GLU E 121 7.02 41.24 -27.17
N ALA E 122 7.19 40.84 -25.92
CA ALA E 122 6.37 39.75 -25.38
C ALA E 122 4.90 40.14 -25.37
N ILE E 123 4.60 41.35 -24.89
CA ILE E 123 3.22 41.82 -24.89
C ILE E 123 2.67 41.88 -26.31
N LEU E 124 3.50 42.31 -27.26
CA LEU E 124 3.08 42.39 -28.65
C LEU E 124 2.73 41.02 -29.21
N ALA E 125 3.54 40.01 -28.92
CA ALA E 125 3.22 38.66 -29.38
C ALA E 125 1.90 38.19 -28.80
N ASP E 126 1.69 38.42 -27.49
CA ASP E 126 0.44 38.01 -26.87
C ASP E 126 -0.77 38.69 -27.51
N GLU E 127 -0.70 40.01 -27.70
CA GLU E 127 -1.81 40.72 -28.31
C GLU E 127 -2.01 40.33 -29.77
N GLU E 128 -0.93 39.98 -30.48
CA GLU E 128 -1.06 39.49 -31.84
C GLU E 128 -1.86 38.20 -31.88
N HIS E 129 -1.55 37.27 -30.98
CA HIS E 129 -2.32 36.02 -30.95
C HIS E 129 -3.78 36.29 -30.60
N HIS E 130 -4.02 37.19 -29.63
CA HIS E 130 -5.39 37.49 -29.26
C HIS E 130 -6.17 38.11 -30.42
N ILE E 131 -5.55 39.04 -31.16
CA ILE E 131 -6.25 39.67 -32.27
C ILE E 131 -6.46 38.69 -33.40
N ASP E 132 -5.56 37.72 -33.58
CA ASP E 132 -5.82 36.66 -34.56
C ASP E 132 -7.06 35.86 -34.16
N TYR E 133 -7.17 35.52 -32.88
CA TYR E 133 -8.36 34.80 -32.42
C TYR E 133 -9.62 35.62 -32.70
N LEU E 134 -9.57 36.92 -32.41
CA LEU E 134 -10.73 37.76 -32.66
C LEU E 134 -11.08 37.79 -34.14
N GLU E 135 -10.07 37.93 -35.01
CA GLU E 135 -10.33 38.03 -36.44
C GLU E 135 -10.94 36.75 -36.98
N THR E 136 -10.42 35.59 -36.57
CA THR E 136 -10.99 34.34 -37.06
C THR E 136 -12.39 34.13 -36.53
N GLN E 137 -12.67 34.54 -35.29
CA GLN E 137 -14.03 34.47 -34.78
C GLN E 137 -14.97 35.34 -35.61
N LEU E 138 -14.52 36.55 -35.97
CA LEU E 138 -15.34 37.45 -36.79
C LEU E 138 -15.64 36.83 -38.15
N ASP E 139 -14.61 36.28 -38.79
CA ASP E 139 -14.83 35.66 -40.09
C ASP E 139 -15.79 34.49 -39.98
N LEU E 140 -15.65 33.68 -38.92
CA LEU E 140 -16.58 32.59 -38.69
C LEU E 140 -18.01 33.08 -38.56
N ILE E 141 -18.24 34.10 -37.73
CA ILE E 141 -19.61 34.52 -37.47
C ILE E 141 -20.22 35.17 -38.69
N GLU E 142 -19.41 35.89 -39.48
CA GLU E 142 -19.97 36.50 -40.69
C GLU E 142 -20.27 35.45 -41.75
N LYS E 143 -19.47 34.37 -41.80
CA LYS E 143 -19.76 33.33 -42.79
C LYS E 143 -20.93 32.44 -42.38
N LEU E 144 -21.04 32.11 -41.11
CA LEU E 144 -21.95 31.05 -40.66
C LEU E 144 -23.31 31.56 -40.21
N GLY E 145 -23.39 32.79 -39.69
CA GLY E 145 -24.66 33.31 -39.20
C GLY E 145 -24.70 33.45 -37.69
N GLU E 146 -25.39 34.48 -37.21
CA GLU E 146 -25.36 34.80 -35.79
C GLU E 146 -26.07 33.74 -34.95
N SER E 147 -27.29 33.36 -35.35
CA SER E 147 -28.09 32.46 -34.52
C SER E 147 -27.49 31.06 -34.46
N LEU E 148 -27.11 30.52 -35.61
CA LEU E 148 -26.53 29.18 -35.63
C LEU E 148 -25.21 29.13 -34.86
N TYR E 149 -24.39 30.19 -34.96
CA TYR E 149 -23.17 30.25 -34.16
C TYR E 149 -23.49 30.28 -32.68
N LEU E 150 -24.37 31.18 -32.24
CA LEU E 150 -24.69 31.26 -30.83
C LEU E 150 -25.36 29.98 -30.33
N SER E 151 -25.88 29.15 -31.23
CA SER E 151 -26.48 27.89 -30.83
C SER E 151 -25.47 26.89 -30.25
N THR E 152 -24.18 27.07 -30.50
CA THR E 152 -23.19 26.10 -30.08
C THR E 152 -22.43 26.51 -28.83
N VAL E 153 -22.71 27.69 -28.28
CA VAL E 153 -22.01 28.19 -27.11
C VAL E 153 -22.68 27.75 -25.82
N ILE E 154 -24.01 27.86 -25.75
CA ILE E 154 -24.74 27.43 -24.56
C ILE E 154 -24.75 25.90 -24.50
N GLU E 155 -24.43 25.36 -23.32
CA GLU E 155 -24.33 23.91 -23.19
C GLU E 155 -25.17 23.36 -22.04
N GLN E 156 -25.21 24.08 -20.91
CA GLN E 156 -25.99 23.67 -19.73
C GLN E 156 -25.71 22.22 -19.34
N THR E 157 -24.43 21.81 -19.43
CA THR E 157 -24.05 20.42 -19.18
C THR E 157 -23.46 20.21 -17.79
N GLN E 158 -22.40 20.96 -17.46
CA GLN E 158 -21.71 20.88 -16.16
C GLN E 158 -21.20 19.48 -15.86
N PRO E 159 -20.18 19.00 -16.58
CA PRO E 159 -19.62 17.68 -16.30
C PRO E 159 -18.47 17.75 -15.31
N ASP E 160 -17.99 16.57 -14.93
CA ASP E 160 -16.89 16.44 -13.98
C ASP E 160 -16.23 15.07 -14.13
N PRO E 161 -14.91 15.01 -14.31
CA PRO E 161 -14.20 13.74 -14.52
C PRO E 161 -13.84 13.04 -13.22
N MET F 1 -39.34 43.07 -13.94
CA MET F 1 -38.46 43.19 -12.79
C MET F 1 -37.47 44.33 -12.98
N GLN F 2 -37.69 45.42 -12.25
CA GLN F 2 -36.85 46.62 -12.35
C GLN F 2 -36.85 47.34 -11.01
N GLY F 3 -35.91 48.27 -10.86
CA GLY F 3 -35.75 49.01 -9.63
C GLY F 3 -35.67 50.50 -9.89
N ASP F 4 -35.85 51.28 -8.82
CA ASP F 4 -35.76 52.72 -8.90
C ASP F 4 -34.30 53.16 -9.05
N PRO F 5 -34.05 54.30 -9.70
CA PRO F 5 -32.66 54.70 -9.97
C PRO F 5 -31.83 54.97 -8.72
N GLU F 6 -32.44 55.28 -7.57
CA GLU F 6 -31.66 55.63 -6.39
C GLU F 6 -30.84 54.44 -5.90
N VAL F 7 -31.42 53.24 -5.90
CA VAL F 7 -30.66 52.07 -5.47
C VAL F 7 -29.53 51.79 -6.46
N ILE F 8 -29.77 52.01 -7.75
CA ILE F 8 -28.75 51.75 -8.76
C ILE F 8 -27.58 52.71 -8.59
N GLU F 9 -27.87 53.99 -8.32
CA GLU F 9 -26.78 54.93 -8.13
C GLU F 9 -26.04 54.70 -6.81
N PHE F 10 -26.75 54.28 -5.76
CA PHE F 10 -26.05 53.83 -4.55
C PHE F 10 -25.07 52.72 -4.87
N LEU F 11 -25.53 51.70 -5.59
CA LEU F 11 -24.68 50.56 -5.90
C LEU F 11 -23.52 50.96 -6.78
N ASN F 12 -23.74 51.89 -7.73
CA ASN F 12 -22.67 52.32 -8.59
C ASN F 12 -21.63 53.14 -7.84
N GLU F 13 -22.07 53.98 -6.91
CA GLU F 13 -21.14 54.69 -6.04
C GLU F 13 -20.27 53.69 -5.27
N GLN F 14 -20.91 52.67 -4.69
CA GLN F 14 -20.16 51.66 -3.96
C GLN F 14 -19.17 50.93 -4.88
N LEU F 15 -19.61 50.64 -6.11
CA LEU F 15 -18.76 49.93 -7.07
C LEU F 15 -17.52 50.76 -7.42
N THR F 16 -17.71 52.04 -7.72
CA THR F 16 -16.58 52.90 -8.04
C THR F 16 -15.64 53.03 -6.86
N ALA F 17 -16.20 53.13 -5.65
CA ALA F 17 -15.37 53.16 -4.45
C ALA F 17 -14.55 51.88 -4.33
N GLU F 18 -15.16 50.73 -4.63
CA GLU F 18 -14.44 49.46 -4.55
C GLU F 18 -13.31 49.39 -5.58
N LEU F 19 -13.58 49.85 -6.81
CA LEU F 19 -12.52 49.83 -7.82
C LEU F 19 -11.36 50.73 -7.43
N THR F 20 -11.66 51.92 -6.91
CA THR F 20 -10.60 52.82 -6.46
C THR F 20 -9.83 52.21 -5.30
N ALA F 21 -10.53 51.54 -4.38
CA ALA F 21 -9.86 50.86 -3.28
C ALA F 21 -8.94 49.76 -3.80
N ILE F 22 -9.39 49.01 -4.81
CA ILE F 22 -8.55 47.98 -5.40
C ILE F 22 -7.26 48.58 -5.94
N ASN F 23 -7.40 49.66 -6.73
CA ASN F 23 -6.21 50.28 -7.33
C ASN F 23 -5.27 50.82 -6.26
N GLN F 24 -5.83 51.50 -5.25
CA GLN F 24 -5.02 52.08 -4.19
C GLN F 24 -4.28 51.00 -3.41
N TYR F 25 -4.98 49.93 -3.06
CA TYR F 25 -4.36 48.87 -2.28
C TYR F 25 -3.27 48.17 -3.09
N PHE F 26 -3.51 47.96 -4.39
CA PHE F 26 -2.51 47.30 -5.20
C PHE F 26 -1.26 48.17 -5.35
N LEU F 27 -1.45 49.48 -5.54
CA LEU F 27 -0.30 50.38 -5.61
C LEU F 27 0.47 50.38 -4.29
N HIS F 28 -0.24 50.42 -3.16
CA HIS F 28 0.43 50.35 -1.87
C HIS F 28 1.22 49.06 -1.74
N ALA F 29 0.63 47.94 -2.15
CA ALA F 29 1.31 46.65 -2.05
C ALA F 29 2.59 46.65 -2.86
N LYS F 30 2.53 47.12 -4.11
CA LYS F 30 3.73 47.12 -4.94
C LYS F 30 4.80 48.05 -4.38
N LEU F 31 4.41 49.23 -3.92
CA LEU F 31 5.40 50.16 -3.38
C LEU F 31 6.09 49.58 -2.15
N GLN F 32 5.31 49.04 -1.21
CA GLN F 32 5.89 48.53 0.02
C GLN F 32 6.63 47.23 -0.21
N ASP F 33 6.31 46.52 -1.30
CA ASP F 33 7.10 45.37 -1.69
C ASP F 33 8.45 45.79 -2.24
N HIS F 34 8.47 46.83 -3.07
CA HIS F 34 9.75 47.35 -3.56
C HIS F 34 10.59 47.89 -2.43
N LYS F 35 9.94 48.45 -1.40
CA LYS F 35 10.68 48.87 -0.21
C LYS F 35 11.40 47.69 0.44
N GLY F 36 10.74 46.55 0.52
CA GLY F 36 11.33 45.37 1.12
C GLY F 36 10.52 44.84 2.29
N TRP F 37 9.34 45.43 2.51
CA TRP F 37 8.46 45.06 3.62
C TRP F 37 7.50 44.00 3.09
N THR F 38 7.79 42.74 3.42
CA THR F 38 7.15 41.62 2.73
C THR F 38 5.78 41.29 3.30
N LYS F 39 5.70 41.14 4.63
CA LYS F 39 4.45 40.69 5.23
C LYS F 39 3.32 41.69 4.99
N LEU F 40 3.63 42.99 5.06
CA LEU F 40 2.64 44.00 4.72
C LEU F 40 2.18 43.82 3.27
N ALA F 41 3.11 43.53 2.37
CA ALA F 41 2.75 43.32 0.97
C ALA F 41 1.79 42.15 0.82
N LYS F 42 2.06 41.04 1.49
CA LYS F 42 1.18 39.88 1.40
C LYS F 42 -0.20 40.18 1.97
N TYR F 43 -0.24 40.85 3.11
CA TYR F 43 -1.52 41.17 3.74
C TYR F 43 -2.35 42.09 2.87
N THR F 44 -1.72 43.11 2.28
CA THR F 44 -2.47 44.03 1.44
C THR F 44 -2.84 43.38 0.11
N ARG F 45 -2.07 42.40 -0.35
CA ARG F 45 -2.49 41.62 -1.52
C ARG F 45 -3.76 40.84 -1.22
N ALA F 46 -3.81 40.22 -0.04
CA ALA F 46 -5.04 39.54 0.38
C ALA F 46 -6.20 40.50 0.47
N GLU F 47 -5.97 41.69 1.03
CA GLU F 47 -7.02 42.70 1.11
C GLU F 47 -7.48 43.11 -0.29
N SER F 48 -6.55 43.26 -1.22
CA SER F 48 -6.91 43.61 -2.59
C SER F 48 -7.80 42.53 -3.21
N PHE F 49 -7.44 41.26 -3.02
CA PHE F 49 -8.27 40.18 -3.54
C PHE F 49 -9.66 40.19 -2.91
N ASP F 50 -9.73 40.48 -1.61
CA ASP F 50 -11.03 40.62 -0.96
C ASP F 50 -11.85 41.73 -1.60
N GLU F 51 -11.21 42.86 -1.92
CA GLU F 51 -11.92 43.95 -2.55
C GLU F 51 -12.40 43.57 -3.95
N MET F 52 -11.61 42.78 -4.69
CA MET F 52 -12.09 42.29 -5.97
C MET F 52 -13.32 41.39 -5.80
N ARG F 53 -13.31 40.55 -4.76
CA ARG F 53 -14.48 39.72 -4.49
C ARG F 53 -15.71 40.58 -4.24
N HIS F 54 -15.54 41.64 -3.44
CA HIS F 54 -16.64 42.55 -3.17
C HIS F 54 -17.14 43.21 -4.45
N ALA F 55 -16.21 43.63 -5.31
CA ALA F 55 -16.60 44.23 -6.57
C ALA F 55 -17.38 43.26 -7.43
N GLU F 56 -16.95 42.00 -7.45
CA GLU F 56 -17.65 40.98 -8.24
C GLU F 56 -19.09 40.79 -7.74
N VAL F 57 -19.27 40.66 -6.43
CA VAL F 57 -20.62 40.44 -5.94
C VAL F 57 -21.50 41.66 -6.18
N LEU F 58 -20.92 42.86 -6.04
CA LEU F 58 -21.68 44.07 -6.32
C LEU F 58 -22.10 44.14 -7.79
N THR F 59 -21.18 43.79 -8.70
CA THR F 59 -21.51 43.76 -10.11
C THR F 59 -22.63 42.75 -10.39
N ASP F 60 -22.55 41.58 -9.75
CA ASP F 60 -23.60 40.58 -9.95
C ASP F 60 -24.96 41.14 -9.54
N ARG F 61 -25.02 41.76 -8.36
CA ARG F 61 -26.29 42.26 -7.88
C ARG F 61 -26.82 43.39 -8.77
N ILE F 62 -25.94 44.28 -9.24
CA ILE F 62 -26.44 45.38 -10.06
C ILE F 62 -26.90 44.86 -11.42
N LEU F 63 -26.17 43.90 -12.01
CA LEU F 63 -26.60 43.35 -13.29
C LEU F 63 -27.87 42.53 -13.15
N LEU F 64 -28.15 42.05 -11.94
CA LEU F 64 -29.43 41.37 -11.71
C LEU F 64 -30.60 42.31 -11.94
N LEU F 65 -30.49 43.56 -11.50
CA LEU F 65 -31.58 44.52 -11.57
C LEU F 65 -31.67 45.23 -12.92
N ASP F 66 -31.07 44.67 -13.98
CA ASP F 66 -31.12 45.23 -15.31
C ASP F 66 -30.57 46.67 -15.33
N GLY F 67 -29.36 46.81 -14.79
CA GLY F 67 -28.69 48.08 -14.73
C GLY F 67 -27.53 48.17 -15.71
N LEU F 68 -26.83 49.31 -15.65
CA LEU F 68 -25.67 49.55 -16.49
C LEU F 68 -24.44 49.70 -15.60
N PRO F 69 -23.59 48.69 -15.50
CA PRO F 69 -22.39 48.82 -14.66
C PRO F 69 -21.37 49.75 -15.27
N ASN F 70 -21.26 50.96 -14.71
CA ASN F 70 -20.32 51.93 -15.23
C ASN F 70 -18.93 51.69 -14.67
N TYR F 71 -17.94 51.69 -15.55
CA TYR F 71 -16.56 51.46 -15.19
C TYR F 71 -15.68 52.69 -15.40
N GLN F 72 -16.21 53.72 -16.06
CA GLN F 72 -15.39 54.88 -16.41
C GLN F 72 -15.05 55.72 -15.18
N ARG F 73 -16.02 55.95 -14.31
CA ARG F 73 -15.83 56.88 -13.21
C ARG F 73 -14.90 56.31 -12.15
N LEU F 74 -13.97 57.13 -11.69
CA LEU F 74 -13.10 56.79 -10.58
C LEU F 74 -13.01 57.98 -9.64
N PHE F 75 -12.67 57.70 -8.39
CA PHE F 75 -12.52 58.73 -7.38
C PHE F 75 -11.06 59.15 -7.31
N HIS F 76 -10.73 60.01 -6.35
CA HIS F 76 -9.36 60.45 -6.17
C HIS F 76 -8.53 59.35 -5.52
N VAL F 77 -7.40 59.03 -6.14
CA VAL F 77 -6.50 57.99 -5.66
C VAL F 77 -5.24 58.66 -5.12
N ARG F 78 -4.88 58.35 -3.89
CA ARG F 78 -3.73 58.95 -3.22
C ARG F 78 -2.74 57.87 -2.80
N VAL F 79 -1.46 58.24 -2.78
CA VAL F 79 -0.38 57.34 -2.38
C VAL F 79 0.51 58.08 -1.39
N GLY F 80 1.32 57.30 -0.67
CA GLY F 80 2.21 57.84 0.35
C GLY F 80 3.62 57.28 0.22
N GLN F 81 4.49 57.78 1.09
CA GLN F 81 5.89 57.35 1.14
C GLN F 81 6.18 56.47 2.35
N SER F 82 5.73 56.86 3.53
CA SER F 82 5.89 56.05 4.72
C SER F 82 4.59 55.30 5.03
N VAL F 83 4.68 54.34 5.93
CA VAL F 83 3.54 53.49 6.24
C VAL F 83 2.44 54.29 6.94
N THR F 84 2.82 55.31 7.70
CA THR F 84 1.84 56.07 8.47
C THR F 84 0.82 56.74 7.54
N GLU F 85 1.30 57.41 6.49
CA GLU F 85 0.38 58.14 5.62
C GLU F 85 -0.48 57.20 4.78
N MET F 86 0.07 56.08 4.31
CA MET F 86 -0.75 55.15 3.55
C MET F 86 -1.81 54.50 4.43
N PHE F 87 -1.45 54.19 5.67
CA PHE F 87 -2.45 53.68 6.62
C PHE F 87 -3.53 54.71 6.87
N GLN F 88 -3.15 55.97 7.06
CA GLN F 88 -4.14 57.03 7.27
C GLN F 88 -5.07 57.16 6.07
N ALA F 89 -4.50 57.15 4.85
CA ALA F 89 -5.32 57.26 3.65
C ALA F 89 -6.31 56.12 3.54
N ASP F 90 -5.85 54.89 3.78
CA ASP F 90 -6.77 53.76 3.79
C ASP F 90 -7.85 53.94 4.84
N ARG F 91 -7.48 54.50 6.00
CA ARG F 91 -8.47 54.73 7.05
C ARG F 91 -9.56 55.69 6.59
N GLU F 92 -9.19 56.79 5.93
CA GLU F 92 -10.22 57.72 5.47
C GLU F 92 -11.06 57.09 4.36
N VAL F 93 -10.44 56.28 3.49
CA VAL F 93 -11.22 55.60 2.45
C VAL F 93 -12.26 54.70 3.08
N GLU F 94 -11.87 53.92 4.09
CA GLU F 94 -12.81 53.04 4.76
C GLU F 94 -13.91 53.83 5.47
N LEU F 95 -13.56 54.97 6.08
CA LEU F 95 -14.56 55.79 6.74
C LEU F 95 -15.60 56.29 5.75
N GLU F 96 -15.15 56.80 4.61
CA GLU F 96 -16.09 57.27 3.59
C GLU F 96 -16.96 56.12 3.09
N ALA F 97 -16.36 54.96 2.85
CA ALA F 97 -17.11 53.82 2.35
C ALA F 97 -18.19 53.40 3.35
N ILE F 98 -17.84 53.33 4.63
CA ILE F 98 -18.81 52.86 5.61
C ILE F 98 -19.92 53.89 5.82
N ASP F 99 -19.59 55.19 5.77
CA ASP F 99 -20.63 56.20 5.89
C ASP F 99 -21.61 56.10 4.72
N ARG F 100 -21.08 55.98 3.50
CA ARG F 100 -21.95 55.82 2.34
C ARG F 100 -22.79 54.56 2.47
N LEU F 101 -22.18 53.49 2.99
CA LEU F 101 -22.91 52.23 3.13
C LEU F 101 -24.07 52.37 4.10
N ARG F 102 -23.86 53.03 5.23
CA ARG F 102 -24.96 53.22 6.19
C ARG F 102 -26.07 54.07 5.59
N ARG F 103 -25.70 55.16 4.93
CA ARG F 103 -26.73 56.01 4.33
C ARG F 103 -27.53 55.25 3.29
N GLY F 104 -26.85 54.54 2.39
CA GLY F 104 -27.54 53.77 1.37
C GLY F 104 -28.39 52.66 1.95
N ILE F 105 -27.88 51.97 2.98
CA ILE F 105 -28.64 50.87 3.57
C ILE F 105 -29.94 51.39 4.18
N GLU F 106 -29.89 52.52 4.88
CA GLU F 106 -31.13 53.04 5.45
C GLU F 106 -32.11 53.45 4.34
N VAL F 107 -31.61 54.23 3.37
CA VAL F 107 -32.51 54.78 2.34
C VAL F 107 -33.16 53.65 1.55
N MET F 108 -32.37 52.64 1.18
CA MET F 108 -32.87 51.54 0.37
C MET F 108 -33.70 50.53 1.18
N ARG F 109 -33.37 50.31 2.45
CA ARG F 109 -34.21 49.47 3.29
C ARG F 109 -35.59 50.08 3.46
N ALA F 110 -35.67 51.42 3.45
CA ALA F 110 -36.98 52.05 3.51
C ALA F 110 -37.80 51.85 2.23
N LYS F 111 -37.32 51.05 1.26
CA LYS F 111 -37.97 50.91 -0.04
C LYS F 111 -38.52 49.50 -0.27
N HIS F 112 -38.31 48.60 0.71
CA HIS F 112 -38.76 47.20 0.63
C HIS F 112 -37.91 46.37 -0.33
N ASP F 113 -36.61 46.62 -0.34
CA ASP F 113 -35.65 45.78 -1.06
C ASP F 113 -34.70 45.16 -0.04
N ILE F 114 -34.29 43.91 -0.27
CA ILE F 114 -33.71 43.06 0.76
C ILE F 114 -32.33 42.55 0.37
N THR F 115 -32.22 41.93 -0.81
CA THR F 115 -30.98 41.23 -1.17
C THR F 115 -29.81 42.20 -1.27
N SER F 116 -30.02 43.34 -1.92
CA SER F 116 -28.99 44.38 -1.96
C SER F 116 -28.63 44.81 -0.56
N ALA F 117 -29.62 44.85 0.34
CA ALA F 117 -29.30 45.17 1.72
C ALA F 117 -28.35 44.13 2.32
N ASN F 118 -28.55 42.86 1.98
CA ASN F 118 -27.70 41.79 2.49
C ASN F 118 -26.26 41.96 2.02
N VAL F 119 -26.08 42.15 0.71
CA VAL F 119 -24.71 42.37 0.24
C VAL F 119 -24.13 43.61 0.91
N PHE F 120 -24.97 44.58 1.23
CA PHE F 120 -24.48 45.78 1.92
C PHE F 120 -23.95 45.47 3.33
N GLU F 121 -24.66 44.69 4.15
CA GLU F 121 -24.07 44.46 5.47
C GLU F 121 -22.82 43.58 5.36
N ALA F 122 -22.79 42.67 4.40
CA ALA F 122 -21.56 41.91 4.17
C ALA F 122 -20.39 42.86 3.93
N ILE F 123 -20.59 43.82 3.02
CA ILE F 123 -19.53 44.77 2.69
C ILE F 123 -19.13 45.59 3.90
N LEU F 124 -20.12 46.08 4.66
CA LEU F 124 -19.79 46.98 5.76
C LEU F 124 -19.11 46.23 6.89
N ALA F 125 -19.47 44.97 7.11
CA ALA F 125 -18.79 44.16 8.11
C ALA F 125 -17.34 43.94 7.74
N ASP F 126 -17.07 43.61 6.47
CA ASP F 126 -15.68 43.44 6.06
C ASP F 126 -14.89 44.75 6.17
N GLU F 127 -15.51 45.86 5.80
CA GLU F 127 -14.84 47.16 5.89
C GLU F 127 -14.55 47.53 7.34
N GLU F 128 -15.50 47.25 8.24
CA GLU F 128 -15.27 47.50 9.67
C GLU F 128 -14.12 46.67 10.19
N HIS F 129 -14.06 45.39 9.79
CA HIS F 129 -12.94 44.54 10.21
C HIS F 129 -11.62 45.12 9.73
N HIS F 130 -11.54 45.49 8.46
CA HIS F 130 -10.28 46.01 7.92
C HIS F 130 -9.88 47.32 8.58
N ILE F 131 -10.85 48.21 8.82
CA ILE F 131 -10.51 49.49 9.42
C ILE F 131 -10.08 49.29 10.87
N ASP F 132 -10.66 48.32 11.59
CA ASP F 132 -10.17 48.02 12.92
C ASP F 132 -8.73 47.52 12.88
N TYR F 133 -8.41 46.66 11.91
CA TYR F 133 -7.03 46.21 11.74
C TYR F 133 -6.09 47.39 11.52
N LEU F 134 -6.48 48.31 10.63
CA LEU F 134 -5.63 49.45 10.32
C LEU F 134 -5.44 50.35 11.52
N GLU F 135 -6.51 50.59 12.29
CA GLU F 135 -6.41 51.45 13.47
C GLU F 135 -5.50 50.81 14.51
N THR F 136 -5.61 49.49 14.69
CA THR F 136 -4.72 48.80 15.62
C THR F 136 -3.26 48.93 15.17
N GLN F 137 -3.02 48.80 13.86
CA GLN F 137 -1.67 48.97 13.35
C GLN F 137 -1.15 50.38 13.60
N LEU F 138 -1.99 51.39 13.38
CA LEU F 138 -1.57 52.77 13.60
C LEU F 138 -1.23 53.01 15.07
N ASP F 139 -2.07 52.54 15.99
CA ASP F 139 -1.75 52.69 17.41
C ASP F 139 -0.48 51.95 17.77
N LEU F 140 -0.28 50.77 17.18
CA LEU F 140 0.92 50.00 17.45
C LEU F 140 2.18 50.76 17.02
N ILE F 141 2.19 51.30 15.80
CA ILE F 141 3.36 52.01 15.33
C ILE F 141 3.55 53.30 16.11
N GLU F 142 2.45 53.96 16.51
CA GLU F 142 2.58 55.17 17.31
C GLU F 142 3.23 54.89 18.65
N LYS F 143 2.82 53.80 19.32
CA LYS F 143 3.39 53.50 20.63
C LYS F 143 4.81 52.97 20.52
N LEU F 144 5.09 52.16 19.51
CA LEU F 144 6.38 51.47 19.41
C LEU F 144 7.48 52.35 18.86
N GLY F 145 7.31 52.82 17.62
CA GLY F 145 8.36 53.56 16.94
C GLY F 145 8.46 53.14 15.48
N GLU F 146 8.66 54.12 14.59
CA GLU F 146 8.61 53.83 13.16
C GLU F 146 9.74 52.90 12.73
N SER F 147 10.98 53.24 13.10
CA SER F 147 12.13 52.50 12.60
C SER F 147 12.09 51.03 13.03
N LEU F 148 11.86 50.80 14.33
CA LEU F 148 11.90 49.42 14.82
C LEU F 148 10.72 48.62 14.29
N TYR F 149 9.54 49.24 14.18
CA TYR F 149 8.39 48.53 13.64
C TYR F 149 8.63 48.15 12.19
N LEU F 150 9.19 49.05 11.39
CA LEU F 150 9.58 48.69 10.03
C LEU F 150 10.63 47.59 10.03
N SER F 151 11.50 47.57 11.04
CA SER F 151 12.49 46.51 11.16
C SER F 151 11.86 45.18 11.53
N THR F 152 10.65 45.21 12.10
CA THR F 152 10.00 43.95 12.47
C THR F 152 9.64 43.12 11.24
N VAL F 153 9.15 43.76 10.18
CA VAL F 153 8.55 43.06 9.06
C VAL F 153 9.53 42.77 7.94
N ILE F 154 10.82 43.03 8.13
CA ILE F 154 11.81 42.76 7.09
C ILE F 154 12.19 41.28 7.13
N GLU F 155 12.34 40.69 5.95
CA GLU F 155 12.77 39.30 5.85
C GLU F 155 13.26 39.06 4.42
N GLN F 156 14.09 38.04 4.26
CA GLN F 156 14.71 37.73 2.98
C GLN F 156 14.36 36.35 2.44
N THR F 157 14.18 35.36 3.32
CA THR F 157 13.85 34.01 2.92
C THR F 157 12.35 33.76 3.11
N GLN F 158 11.93 32.51 2.95
CA GLN F 158 10.53 32.13 3.06
C GLN F 158 10.36 30.97 4.03
N PRO F 159 9.19 30.84 4.65
CA PRO F 159 8.98 29.76 5.62
C PRO F 159 8.44 28.49 4.98
N ASP F 160 9.00 27.36 5.42
CA ASP F 160 8.56 26.07 4.89
C ASP F 160 7.10 25.77 5.22
N PRO F 161 6.63 25.94 6.46
CA PRO F 161 5.25 25.61 6.82
C PRO F 161 4.23 26.52 6.12
N MET G 1 52.55 -4.48 28.85
CA MET G 1 51.87 -3.32 28.31
C MET G 1 51.47 -2.36 29.42
N GLN G 2 52.41 -1.52 29.86
CA GLN G 2 52.19 -0.58 30.94
C GLN G 2 52.48 0.84 30.44
N GLY G 3 51.66 1.79 30.88
CA GLY G 3 51.89 3.16 30.53
C GLY G 3 52.85 3.86 31.48
N ASP G 4 53.53 4.87 30.94
CA ASP G 4 54.48 5.63 31.73
C ASP G 4 53.74 6.54 32.72
N PRO G 5 54.30 6.75 33.91
CA PRO G 5 53.59 7.56 34.91
C PRO G 5 53.29 8.98 34.45
N GLU G 6 54.18 9.60 33.68
CA GLU G 6 53.91 10.92 33.15
C GLU G 6 52.70 10.90 32.22
N VAL G 7 52.58 9.86 31.40
CA VAL G 7 51.41 9.72 30.55
C VAL G 7 50.15 9.69 31.40
N ILE G 8 50.17 8.92 32.48
CA ILE G 8 48.99 8.78 33.32
C ILE G 8 48.66 10.11 34.00
N GLU G 9 49.67 10.86 34.43
CA GLU G 9 49.38 12.12 35.10
C GLU G 9 48.83 13.16 34.12
N PHE G 10 49.36 13.21 32.90
CA PHE G 10 48.76 14.09 31.89
C PHE G 10 47.32 13.71 31.62
N LEU G 11 47.05 12.41 31.47
CA LEU G 11 45.68 11.96 31.21
C LEU G 11 44.76 12.31 32.38
N ASN G 12 45.25 12.15 33.61
CA ASN G 12 44.43 12.45 34.78
C ASN G 12 44.13 13.94 34.89
N GLU G 13 45.13 14.78 34.62
CA GLU G 13 44.88 16.22 34.63
C GLU G 13 43.85 16.59 33.56
N GLN G 14 43.97 15.98 32.38
CA GLN G 14 42.99 16.26 31.33
C GLN G 14 41.59 15.81 31.75
N LEU G 15 41.49 14.64 32.41
CA LEU G 15 40.19 14.17 32.87
C LEU G 15 39.59 15.13 33.90
N THR G 16 40.41 15.62 34.83
CA THR G 16 39.92 16.58 35.81
C THR G 16 39.42 17.84 35.11
N ALA G 17 40.16 18.32 34.11
CA ALA G 17 39.72 19.48 33.36
C ALA G 17 38.38 19.23 32.69
N GLU G 18 38.21 18.05 32.08
CA GLU G 18 36.94 17.75 31.43
C GLU G 18 35.78 17.68 32.42
N LEU G 19 36.02 17.10 33.59
CA LEU G 19 34.95 17.03 34.60
C LEU G 19 34.54 18.43 35.06
N THR G 20 35.53 19.29 35.32
CA THR G 20 35.22 20.66 35.70
C THR G 20 34.45 21.38 34.61
N ALA G 21 34.85 21.17 33.35
CA ALA G 21 34.14 21.78 32.23
C ALA G 21 32.70 21.31 32.17
N ILE G 22 32.47 20.01 32.37
CA ILE G 22 31.10 19.49 32.36
C ILE G 22 30.28 20.16 33.45
N ASN G 23 30.83 20.24 34.66
CA ASN G 23 30.08 20.84 35.77
C ASN G 23 29.72 22.29 35.47
N GLN G 24 30.70 23.08 35.03
CA GLN G 24 30.44 24.49 34.80
C GLN G 24 29.46 24.69 33.64
N TYR G 25 29.59 23.88 32.59
CA TYR G 25 28.68 24.00 31.46
C TYR G 25 27.24 23.68 31.87
N PHE G 26 27.06 22.61 32.65
CA PHE G 26 25.71 22.26 33.07
C PHE G 26 25.11 23.33 33.96
N LEU G 27 25.90 23.85 34.91
CA LEU G 27 25.39 24.90 35.78
C LEU G 27 25.03 26.14 34.97
N HIS G 28 25.87 26.54 34.02
CA HIS G 28 25.57 27.71 33.21
C HIS G 28 24.34 27.50 32.36
N ALA G 29 24.16 26.29 31.82
CA ALA G 29 22.97 26.01 31.03
C ALA G 29 21.71 26.13 31.88
N LYS G 30 21.75 25.59 33.10
CA LYS G 30 20.57 25.68 33.96
C LYS G 30 20.27 27.13 34.33
N LEU G 31 21.30 27.90 34.67
CA LEU G 31 21.07 29.30 35.02
C LEU G 31 20.52 30.08 33.84
N GLN G 32 21.06 29.85 32.65
CA GLN G 32 20.56 30.53 31.46
C GLN G 32 19.11 30.17 31.18
N ASP G 33 18.76 28.88 31.35
CA ASP G 33 17.37 28.48 31.15
C ASP G 33 16.45 29.13 32.17
N HIS G 34 16.91 29.27 33.42
CA HIS G 34 16.07 29.88 34.44
C HIS G 34 15.72 31.32 34.11
N LYS G 35 16.66 32.07 33.53
CA LYS G 35 16.40 33.44 33.15
C LYS G 35 15.45 33.58 31.98
N GLY G 36 15.12 32.47 31.30
CA GLY G 36 14.23 32.51 30.17
C GLY G 36 14.91 32.47 28.82
N TRP G 37 16.23 32.57 28.77
CA TRP G 37 16.97 32.51 27.52
C TRP G 37 17.06 31.05 27.07
N THR G 38 16.52 30.77 25.90
CA THR G 38 16.32 29.39 25.44
C THR G 38 17.47 28.86 24.60
N LYS G 39 17.80 29.55 23.51
CA LYS G 39 18.80 29.03 22.57
C LYS G 39 20.17 28.90 23.23
N LEU G 40 20.52 29.86 24.08
CA LEU G 40 21.78 29.78 24.81
C LEU G 40 21.82 28.54 25.68
N ALA G 41 20.72 28.25 26.39
CA ALA G 41 20.67 27.06 27.23
C ALA G 41 20.80 25.80 26.39
N LYS G 42 20.13 25.74 25.23
CA LYS G 42 20.23 24.57 24.38
C LYS G 42 21.65 24.35 23.90
N TYR G 43 22.31 25.41 23.43
CA TYR G 43 23.68 25.29 22.95
C TYR G 43 24.63 24.86 24.06
N THR G 44 24.47 25.43 25.26
CA THR G 44 25.34 25.08 26.36
C THR G 44 25.12 23.63 26.79
N ARG G 45 23.86 23.18 26.75
CA ARG G 45 23.59 21.77 27.04
C ARG G 45 24.30 20.86 26.04
N ALA G 46 24.21 21.17 24.75
CA ALA G 46 24.87 20.35 23.75
C ALA G 46 26.38 20.31 23.98
N GLU G 47 26.98 21.47 24.29
CA GLU G 47 28.40 21.51 24.60
C GLU G 47 28.73 20.63 25.80
N SER G 48 27.87 20.64 26.82
CA SER G 48 28.08 19.80 27.99
C SER G 48 28.05 18.32 27.64
N PHE G 49 27.10 17.90 26.80
CA PHE G 49 27.09 16.50 26.39
C PHE G 49 28.35 16.14 25.61
N ASP G 50 28.81 17.05 24.75
CA ASP G 50 30.04 16.77 24.00
C ASP G 50 31.23 16.60 24.95
N GLU G 51 31.31 17.46 25.98
CA GLU G 51 32.39 17.30 26.95
C GLU G 51 32.27 16.00 27.73
N MET G 52 31.04 15.57 28.02
CA MET G 52 30.84 14.27 28.67
C MET G 52 31.36 13.14 27.79
N ARG G 53 31.10 13.21 26.49
CA ARG G 53 31.64 12.22 25.56
C ARG G 53 33.16 12.22 25.58
N HIS G 54 33.76 13.41 25.58
CA HIS G 54 35.22 13.52 25.68
C HIS G 54 35.73 12.85 26.93
N ALA G 55 35.07 13.11 28.07
CA ALA G 55 35.49 12.52 29.32
C ALA G 55 35.41 11.00 29.26
N GLU G 56 34.34 10.47 28.67
CA GLU G 56 34.17 9.01 28.61
C GLU G 56 35.27 8.38 27.77
N VAL G 57 35.56 8.95 26.60
CA VAL G 57 36.57 8.33 25.75
C VAL G 57 37.94 8.45 26.38
N LEU G 58 38.23 9.57 27.04
CA LEU G 58 39.52 9.70 27.72
C LEU G 58 39.64 8.73 28.87
N THR G 59 38.53 8.47 29.59
CA THR G 59 38.55 7.46 30.65
C THR G 59 38.84 6.09 30.08
N ASP G 60 38.22 5.76 28.94
CA ASP G 60 38.49 4.47 28.30
C ASP G 60 39.96 4.35 27.96
N ARG G 61 40.54 5.42 27.38
CA ARG G 61 41.94 5.36 26.99
C ARG G 61 42.85 5.22 28.20
N ILE G 62 42.60 5.97 29.28
CA ILE G 62 43.47 5.90 30.44
C ILE G 62 43.36 4.54 31.13
N LEU G 63 42.16 3.98 31.21
CA LEU G 63 42.01 2.69 31.85
C LEU G 63 42.58 1.58 30.97
N LEU G 64 42.65 1.83 29.66
CA LEU G 64 43.26 0.86 28.75
C LEU G 64 44.71 0.62 29.08
N LEU G 65 45.46 1.67 29.42
CA LEU G 65 46.88 1.55 29.72
C LEU G 65 47.15 0.98 31.11
N ASP G 66 46.15 0.40 31.76
CA ASP G 66 46.26 -0.15 33.12
C ASP G 66 46.66 0.93 34.11
N GLY G 67 45.77 1.92 34.24
CA GLY G 67 45.96 3.01 35.17
C GLY G 67 44.69 3.30 35.93
N LEU G 68 44.85 4.10 36.99
CA LEU G 68 43.72 4.45 37.85
C LEU G 68 43.27 5.87 37.55
N PRO G 69 42.05 6.07 37.04
CA PRO G 69 41.59 7.43 36.74
C PRO G 69 41.15 8.14 38.01
N ASN G 70 41.84 9.24 38.33
CA ASN G 70 41.52 10.03 39.52
C ASN G 70 40.21 10.77 39.30
N TYR G 71 39.30 10.64 40.28
CA TYR G 71 38.01 11.32 40.25
C TYR G 71 37.73 12.21 41.45
N GLN G 72 38.54 12.13 42.51
CA GLN G 72 38.28 12.98 43.67
C GLN G 72 38.64 14.44 43.38
N ARG G 73 39.67 14.66 42.59
CA ARG G 73 40.18 16.00 42.37
C ARG G 73 39.23 16.84 41.53
N LEU G 74 39.12 18.13 41.87
CA LEU G 74 38.33 19.09 41.13
C LEU G 74 39.03 20.44 41.15
N PHE G 75 39.05 21.09 39.99
CA PHE G 75 39.64 22.43 39.90
C PHE G 75 38.64 23.47 40.37
N HIS G 76 39.00 24.73 40.21
CA HIS G 76 38.13 25.83 40.61
C HIS G 76 37.05 26.02 39.56
N VAL G 77 35.80 25.75 39.94
CA VAL G 77 34.64 26.01 39.08
C VAL G 77 34.05 27.35 39.48
N ARG G 78 33.77 28.18 38.48
CA ARG G 78 33.30 29.54 38.71
C ARG G 78 32.02 29.80 37.94
N VAL G 79 31.27 30.79 38.41
CA VAL G 79 29.94 31.09 37.89
C VAL G 79 29.84 32.59 37.63
N GLY G 80 28.93 32.95 36.71
CA GLY G 80 28.70 34.34 36.39
C GLY G 80 27.24 34.74 36.49
N GLN G 81 26.98 36.02 36.71
CA GLN G 81 25.62 36.55 36.82
C GLN G 81 25.04 36.99 35.49
N SER G 82 25.86 37.55 34.60
CA SER G 82 25.43 37.96 33.27
C SER G 82 26.17 37.15 32.22
N VAL G 83 25.85 37.47 30.95
CA VAL G 83 26.38 36.68 29.84
C VAL G 83 27.88 36.92 29.66
N THR G 84 28.32 38.16 29.85
CA THR G 84 29.70 38.51 29.51
C THR G 84 30.70 37.74 30.36
N GLU G 85 30.53 37.75 31.68
CA GLU G 85 31.48 37.05 32.53
C GLU G 85 31.35 35.54 32.40
N MET G 86 30.16 35.03 32.08
CA MET G 86 30.02 33.62 31.75
C MET G 86 30.92 33.26 30.58
N PHE G 87 30.84 34.04 29.50
CA PHE G 87 31.67 33.78 28.33
C PHE G 87 33.14 33.93 28.65
N GLN G 88 33.50 34.92 29.49
CA GLN G 88 34.90 35.11 29.85
C GLN G 88 35.44 33.91 30.63
N ALA G 89 34.65 33.40 31.57
CA ALA G 89 35.08 32.22 32.31
C ALA G 89 35.27 31.02 31.39
N ASP G 90 34.32 30.81 30.47
CA ASP G 90 34.47 29.73 29.50
C ASP G 90 35.74 29.92 28.67
N ARG G 91 36.01 31.17 28.26
CA ARG G 91 37.19 31.46 27.44
C ARG G 91 38.47 31.11 28.17
N GLU G 92 38.59 31.53 29.43
CA GLU G 92 39.83 31.26 30.15
C GLU G 92 39.99 29.77 30.43
N VAL G 93 38.88 29.06 30.71
CA VAL G 93 38.96 27.62 30.90
C VAL G 93 39.49 26.95 29.63
N GLU G 94 38.96 27.35 28.47
CA GLU G 94 39.38 26.72 27.22
C GLU G 94 40.82 27.07 26.88
N LEU G 95 41.27 28.29 27.20
CA LEU G 95 42.66 28.64 26.97
C LEU G 95 43.60 27.78 27.81
N GLU G 96 43.26 27.60 29.09
CA GLU G 96 44.06 26.72 29.94
C GLU G 96 44.11 25.31 29.37
N ALA G 97 42.95 24.80 28.94
CA ALA G 97 42.89 23.45 28.39
C ALA G 97 43.76 23.32 27.15
N ILE G 98 43.68 24.30 26.25
CA ILE G 98 44.41 24.19 24.97
C ILE G 98 45.91 24.26 25.20
N ASP G 99 46.35 25.11 26.13
CA ASP G 99 47.79 25.18 26.41
C ASP G 99 48.28 23.85 26.99
N ARG G 100 47.57 23.34 28.01
CA ARG G 100 47.95 22.06 28.58
C ARG G 100 47.96 20.96 27.53
N LEU G 101 47.00 21.00 26.61
CA LEU G 101 46.86 19.93 25.63
C LEU G 101 47.98 19.99 24.59
N ARG G 102 48.39 21.20 24.19
CA ARG G 102 49.52 21.31 23.27
C ARG G 102 50.81 20.79 23.91
N ARG G 103 51.04 21.15 25.18
CA ARG G 103 52.19 20.60 25.88
C ARG G 103 52.10 19.07 25.95
N GLY G 104 50.90 18.55 26.17
CA GLY G 104 50.70 17.11 26.16
C GLY G 104 51.03 16.49 24.81
N ILE G 105 50.61 17.14 23.72
CA ILE G 105 50.98 16.67 22.39
C ILE G 105 52.48 16.54 22.28
N GLU G 106 53.20 17.59 22.69
CA GLU G 106 54.65 17.59 22.48
C GLU G 106 55.30 16.45 23.26
N VAL G 107 54.99 16.34 24.56
CA VAL G 107 55.63 15.29 25.37
C VAL G 107 55.20 13.90 24.88
N MET G 108 53.91 13.76 24.54
CA MET G 108 53.38 12.47 24.10
C MET G 108 54.07 11.99 22.84
N ARG G 109 54.20 12.86 21.85
CA ARG G 109 54.86 12.49 20.60
C ARG G 109 56.33 12.20 20.85
N ALA G 110 56.96 12.96 21.75
CA ALA G 110 58.36 12.71 22.06
C ALA G 110 58.59 11.37 22.72
N LYS G 111 57.65 10.87 23.52
CA LYS G 111 57.89 9.71 24.38
C LYS G 111 57.28 8.44 23.75
N HIS G 112 57.33 8.34 22.43
CA HIS G 112 57.03 7.09 21.71
C HIS G 112 55.63 6.56 22.00
N ASP G 113 54.68 7.48 22.13
CA ASP G 113 53.28 7.11 22.30
C ASP G 113 52.43 8.04 21.44
N ILE G 114 51.68 7.46 20.50
CA ILE G 114 51.04 8.22 19.44
C ILE G 114 49.52 8.21 19.57
N THR G 115 48.93 7.09 20.00
CA THR G 115 47.48 7.01 20.06
C THR G 115 46.90 8.08 20.98
N SER G 116 47.52 8.26 22.16
CA SER G 116 47.11 9.34 23.05
C SER G 116 47.26 10.69 22.36
N ALA G 117 48.32 10.85 21.55
CA ALA G 117 48.48 12.08 20.80
C ALA G 117 47.31 12.29 19.84
N ASN G 118 46.86 11.22 19.17
CA ASN G 118 45.75 11.37 18.22
C ASN G 118 44.46 11.74 18.91
N VAL G 119 44.15 11.09 20.04
CA VAL G 119 42.92 11.43 20.75
C VAL G 119 43.01 12.86 21.31
N PHE G 120 44.19 13.26 21.77
CA PHE G 120 44.39 14.63 22.20
C PHE G 120 44.21 15.61 21.04
N GLU G 121 44.63 15.21 19.83
CA GLU G 121 44.45 16.07 18.66
C GLU G 121 42.98 16.27 18.34
N ALA G 122 42.18 15.20 18.44
CA ALA G 122 40.74 15.35 18.24
C ALA G 122 40.16 16.29 19.29
N ILE G 123 40.59 16.13 20.55
CA ILE G 123 40.17 17.06 21.60
C ILE G 123 40.56 18.49 21.24
N LEU G 124 41.77 18.66 20.69
CA LEU G 124 42.27 19.98 20.34
C LEU G 124 41.39 20.63 19.28
N ALA G 125 41.04 19.88 18.24
CA ALA G 125 40.19 20.43 17.19
C ALA G 125 38.83 20.84 17.76
N ASP G 126 38.24 19.97 18.59
CA ASP G 126 36.95 20.30 19.17
C ASP G 126 37.02 21.57 20.02
N GLU G 127 38.06 21.68 20.86
CA GLU G 127 38.14 22.80 21.77
C GLU G 127 38.45 24.10 21.04
N GLU G 128 39.26 24.04 19.99
CA GLU G 128 39.53 25.27 19.25
C GLU G 128 38.29 25.72 18.48
N HIS G 129 37.49 24.77 17.97
CA HIS G 129 36.22 25.16 17.37
C HIS G 129 35.31 25.84 18.41
N HIS G 130 35.23 25.26 19.60
CA HIS G 130 34.38 25.83 20.64
C HIS G 130 34.84 27.23 21.03
N ILE G 131 36.16 27.43 21.17
CA ILE G 131 36.65 28.74 21.57
C ILE G 131 36.48 29.75 20.45
N ASP G 132 36.56 29.31 19.19
CA ASP G 132 36.27 30.22 18.08
C ASP G 132 34.83 30.71 18.15
N TYR G 133 33.89 29.80 18.36
CA TYR G 133 32.49 30.23 18.50
C TYR G 133 32.33 31.19 19.66
N LEU G 134 32.95 30.86 20.79
CA LEU G 134 32.83 31.72 21.97
C LEU G 134 33.36 33.12 21.71
N GLU G 135 34.55 33.22 21.11
CA GLU G 135 35.15 34.52 20.87
C GLU G 135 34.34 35.35 19.88
N THR G 136 33.87 34.72 18.80
CA THR G 136 33.09 35.50 17.83
C THR G 136 31.76 35.95 18.44
N GLN G 137 31.14 35.10 19.26
CA GLN G 137 29.89 35.50 19.92
C GLN G 137 30.13 36.66 20.88
N LEU G 138 31.23 36.60 21.65
CA LEU G 138 31.53 37.70 22.56
C LEU G 138 31.79 38.99 21.81
N ASP G 139 32.53 38.92 20.69
CA ASP G 139 32.77 40.12 19.91
C ASP G 139 31.48 40.72 19.37
N LEU G 140 30.59 39.86 18.86
CA LEU G 140 29.34 40.38 18.31
C LEU G 140 28.45 40.98 19.40
N ILE G 141 28.39 40.33 20.57
CA ILE G 141 27.57 40.88 21.64
C ILE G 141 28.16 42.20 22.13
N GLU G 142 29.48 42.33 22.14
CA GLU G 142 30.08 43.62 22.50
C GLU G 142 29.69 44.70 21.49
N LYS G 143 29.74 44.37 20.20
CA LYS G 143 29.42 45.37 19.18
C LYS G 143 27.93 45.72 19.20
N LEU G 144 27.08 44.78 19.57
CA LEU G 144 25.64 44.96 19.38
C LEU G 144 24.97 45.60 20.58
N GLY G 145 25.53 45.46 21.76
CA GLY G 145 24.89 45.95 22.97
C GLY G 145 24.19 44.81 23.69
N GLU G 146 24.17 44.88 25.01
CA GLU G 146 23.65 43.77 25.81
C GLU G 146 22.15 43.60 25.61
N SER G 147 21.38 44.68 25.75
CA SER G 147 19.93 44.56 25.72
C SER G 147 19.42 44.17 24.33
N LEU G 148 19.92 44.84 23.29
CA LEU G 148 19.47 44.53 21.94
C LEU G 148 19.79 43.09 21.56
N TYR G 149 20.99 42.62 21.90
CA TYR G 149 21.35 41.24 21.62
C TYR G 149 20.48 40.27 22.41
N LEU G 150 20.31 40.52 23.70
CA LEU G 150 19.52 39.63 24.54
C LEU G 150 18.06 39.60 24.12
N SER G 151 17.58 40.63 23.43
CA SER G 151 16.23 40.62 22.88
C SER G 151 16.06 39.67 21.71
N THR G 152 17.06 38.83 21.39
CA THR G 152 17.00 37.94 20.25
C THR G 152 16.72 36.50 20.64
N VAL G 153 17.01 36.10 21.88
CA VAL G 153 17.02 34.70 22.26
C VAL G 153 15.72 34.24 22.91
N ILE G 154 14.87 35.16 23.36
CA ILE G 154 13.68 34.79 24.12
C ILE G 154 12.75 33.92 23.27
N GLU G 155 12.05 33.00 23.96
CA GLU G 155 11.12 32.08 23.32
C GLU G 155 9.82 32.76 22.91
N GLN G 156 9.46 33.87 23.56
CA GLN G 156 8.16 34.50 23.36
C GLN G 156 7.98 35.10 21.96
N THR G 157 8.91 34.93 21.03
CA THR G 157 8.71 35.40 19.67
C THR G 157 7.85 34.40 18.89
N GLN G 158 7.80 34.59 17.57
CA GLN G 158 7.01 33.73 16.70
C GLN G 158 7.73 32.39 16.47
N PRO G 159 7.13 31.47 15.73
CA PRO G 159 7.78 30.17 15.49
C PRO G 159 7.91 29.84 14.02
N ASP G 160 6.92 29.18 13.46
CA ASP G 160 6.88 28.78 12.07
C ASP G 160 5.54 29.14 11.45
N PRO G 161 5.49 29.30 10.13
CA PRO G 161 4.25 29.64 9.44
C PRO G 161 3.25 28.48 9.42
N MET H 1 33.75 28.52 -39.70
CA MET H 1 33.29 29.79 -39.15
C MET H 1 34.41 30.47 -38.36
N GLN H 2 34.46 31.81 -38.43
CA GLN H 2 35.55 32.56 -37.81
C GLN H 2 34.98 33.88 -37.32
N GLY H 3 35.10 34.14 -36.01
CA GLY H 3 34.60 35.38 -35.46
C GLY H 3 35.64 36.48 -35.50
N ASP H 4 35.15 37.71 -35.57
CA ASP H 4 36.01 38.88 -35.56
C ASP H 4 36.63 39.10 -34.19
N PRO H 5 37.81 39.71 -34.13
CA PRO H 5 38.51 39.86 -32.84
C PRO H 5 37.74 40.67 -31.80
N GLU H 6 36.97 41.68 -32.22
CA GLU H 6 36.35 42.58 -31.25
C GLU H 6 35.31 41.87 -30.39
N VAL H 7 34.48 41.01 -30.98
CA VAL H 7 33.56 40.22 -30.17
C VAL H 7 34.32 39.33 -29.21
N ILE H 8 35.42 38.73 -29.68
CA ILE H 8 36.21 37.84 -28.83
C ILE H 8 36.75 38.59 -27.62
N GLU H 9 37.28 39.80 -27.83
CA GLU H 9 37.84 40.54 -26.71
C GLU H 9 36.76 41.10 -25.80
N PHE H 10 35.58 41.44 -26.34
CA PHE H 10 34.46 41.79 -25.48
C PHE H 10 34.08 40.62 -24.57
N LEU H 11 34.00 39.41 -25.15
CA LEU H 11 33.67 38.24 -24.35
C LEU H 11 34.74 37.96 -23.30
N ASN H 12 36.02 38.13 -23.66
CA ASN H 12 37.09 37.92 -22.71
C ASN H 12 37.03 38.92 -21.56
N GLU H 13 36.73 40.19 -21.88
CA GLU H 13 36.56 41.18 -20.83
C GLU H 13 35.43 40.81 -19.89
N GLN H 14 34.29 40.39 -20.45
CA GLN H 14 33.16 40.02 -19.61
C GLN H 14 33.49 38.79 -18.76
N LEU H 15 34.23 37.84 -19.32
CA LEU H 15 34.64 36.67 -18.56
C LEU H 15 35.55 37.04 -17.40
N THR H 16 36.51 37.95 -17.64
CA THR H 16 37.36 38.42 -16.57
C THR H 16 36.54 39.09 -15.48
N ALA H 17 35.57 39.91 -15.88
CA ALA H 17 34.69 40.56 -14.90
C ALA H 17 33.93 39.52 -14.08
N GLU H 18 33.46 38.45 -14.75
CA GLU H 18 32.74 37.40 -14.04
C GLU H 18 33.63 36.70 -13.03
N LEU H 19 34.88 36.39 -13.41
CA LEU H 19 35.79 35.73 -12.48
C LEU H 19 36.08 36.61 -11.26
N THR H 20 36.32 37.90 -11.50
CA THR H 20 36.54 38.81 -10.38
C THR H 20 35.31 38.88 -9.48
N ALA H 21 34.12 38.93 -10.07
CA ALA H 21 32.90 38.93 -9.28
C ALA H 21 32.78 37.66 -8.45
N ILE H 22 33.15 36.52 -9.03
CA ILE H 22 33.14 35.26 -8.30
C ILE H 22 34.03 35.37 -7.07
N ASN H 23 35.26 35.82 -7.26
CA ASN H 23 36.20 35.91 -6.14
C ASN H 23 35.66 36.84 -5.06
N GLN H 24 35.16 38.01 -5.47
CA GLN H 24 34.67 38.98 -4.49
C GLN H 24 33.50 38.42 -3.71
N TYR H 25 32.53 37.83 -4.41
CA TYR H 25 31.34 37.32 -3.73
C TYR H 25 31.68 36.19 -2.79
N PHE H 26 32.56 35.28 -3.21
CA PHE H 26 32.89 34.16 -2.33
C PHE H 26 33.64 34.62 -1.10
N LEU H 27 34.63 35.52 -1.27
CA LEU H 27 35.36 36.01 -0.11
C LEU H 27 34.44 36.76 0.85
N HIS H 28 33.53 37.57 0.31
CA HIS H 28 32.60 38.29 1.16
C HIS H 28 31.68 37.33 1.90
N ALA H 29 31.21 36.28 1.22
CA ALA H 29 30.36 35.29 1.88
C ALA H 29 31.10 34.60 3.02
N LYS H 30 32.36 34.25 2.80
CA LYS H 30 33.14 33.62 3.86
C LYS H 30 33.33 34.56 5.05
N LEU H 31 33.64 35.83 4.77
CA LEU H 31 33.79 36.80 5.85
C LEU H 31 32.47 36.96 6.62
N GLN H 32 31.35 37.00 5.91
CA GLN H 32 30.05 37.11 6.57
C GLN H 32 29.78 35.91 7.46
N ASP H 33 30.06 34.70 6.97
CA ASP H 33 29.78 33.51 7.76
C ASP H 33 30.68 33.43 9.00
N HIS H 34 31.96 33.74 8.84
CA HIS H 34 32.86 33.70 9.99
C HIS H 34 32.46 34.72 11.05
N LYS H 35 32.05 35.92 10.64
CA LYS H 35 31.71 36.97 11.59
C LYS H 35 30.37 36.74 12.26
N GLY H 36 29.60 35.73 11.84
CA GLY H 36 28.38 35.35 12.52
C GLY H 36 27.10 35.58 11.76
N TRP H 37 27.11 36.38 10.70
CA TRP H 37 25.91 36.61 9.89
C TRP H 37 25.73 35.45 8.92
N THR H 38 24.54 34.85 8.92
CA THR H 38 24.29 33.61 8.19
C THR H 38 23.42 33.80 6.96
N LYS H 39 22.28 34.49 7.09
CA LYS H 39 21.37 34.62 5.96
C LYS H 39 22.04 35.34 4.79
N LEU H 40 22.72 36.45 5.07
CA LEU H 40 23.49 37.11 4.01
C LEU H 40 24.54 36.19 3.42
N ALA H 41 25.09 35.29 4.24
CA ALA H 41 26.06 34.33 3.70
C ALA H 41 25.42 33.44 2.65
N LYS H 42 24.22 32.93 2.94
CA LYS H 42 23.52 32.09 1.97
C LYS H 42 23.16 32.89 0.71
N TYR H 43 22.68 34.12 0.88
CA TYR H 43 22.32 34.92 -0.29
C TYR H 43 23.54 35.21 -1.16
N THR H 44 24.67 35.55 -0.53
CA THR H 44 25.89 35.81 -1.28
C THR H 44 26.39 34.55 -1.96
N ARG H 45 26.26 33.39 -1.31
CA ARG H 45 26.65 32.14 -1.96
C ARG H 45 25.80 31.89 -3.20
N ALA H 46 24.49 32.12 -3.10
CA ALA H 46 23.62 31.94 -4.25
C ALA H 46 23.99 32.90 -5.38
N GLU H 47 24.25 34.17 -5.04
CA GLU H 47 24.66 35.13 -6.06
C GLU H 47 25.97 34.72 -6.72
N SER H 48 26.92 34.22 -5.92
CA SER H 48 28.19 33.74 -6.48
C SER H 48 27.95 32.58 -7.43
N PHE H 49 27.07 31.66 -7.07
CA PHE H 49 26.80 30.52 -7.96
C PHE H 49 26.17 30.98 -9.26
N ASP H 50 25.26 31.96 -9.21
CA ASP H 50 24.66 32.48 -10.43
C ASP H 50 25.71 33.16 -11.31
N GLU H 51 26.60 33.95 -10.70
CA GLU H 51 27.68 34.55 -11.46
C GLU H 51 28.58 33.48 -12.07
N MET H 52 28.78 32.37 -11.36
CA MET H 52 29.55 31.27 -11.92
C MET H 52 28.87 30.70 -13.16
N ARG H 53 27.54 30.54 -13.09
CA ARG H 53 26.79 30.05 -14.25
C ARG H 53 26.99 30.98 -15.45
N HIS H 54 26.89 32.28 -15.21
CA HIS H 54 27.27 33.26 -16.23
C HIS H 54 28.66 32.96 -16.77
N ALA H 55 29.59 32.61 -15.88
CA ALA H 55 30.97 32.38 -16.31
C ALA H 55 31.06 31.23 -17.30
N GLU H 56 30.44 30.07 -17.00
CA GLU H 56 30.65 28.97 -17.94
C GLU H 56 29.86 29.22 -19.22
N VAL H 57 28.72 29.90 -19.15
CA VAL H 57 27.99 30.13 -20.40
C VAL H 57 28.78 31.05 -21.32
N LEU H 58 29.41 32.09 -20.76
CA LEU H 58 30.28 32.93 -21.58
C LEU H 58 31.48 32.14 -22.11
N THR H 59 32.04 31.25 -21.28
CA THR H 59 33.18 30.45 -21.74
C THR H 59 32.77 29.57 -22.92
N ASP H 60 31.62 28.93 -22.83
CA ASP H 60 31.12 28.12 -23.94
C ASP H 60 30.92 28.96 -25.19
N ARG H 61 30.32 30.14 -25.04
CA ARG H 61 30.06 30.99 -26.19
C ARG H 61 31.36 31.40 -26.89
N ILE H 62 32.35 31.84 -26.10
CA ILE H 62 33.59 32.29 -26.74
C ILE H 62 34.35 31.12 -27.34
N LEU H 63 34.33 29.97 -26.68
CA LEU H 63 34.99 28.79 -27.24
C LEU H 63 34.32 28.34 -28.54
N LEU H 64 33.02 28.60 -28.69
CA LEU H 64 32.34 28.24 -29.93
C LEU H 64 32.96 28.96 -31.13
N LEU H 65 33.34 30.23 -30.96
CA LEU H 65 33.90 31.04 -32.03
C LEU H 65 35.33 30.67 -32.39
N ASP H 66 35.84 29.56 -31.86
CA ASP H 66 37.22 29.11 -32.10
C ASP H 66 38.23 30.16 -31.64
N GLY H 67 38.09 30.54 -30.37
CA GLY H 67 38.99 31.51 -29.77
C GLY H 67 39.87 30.91 -28.70
N LEU H 68 40.42 31.76 -27.83
CA LEU H 68 41.30 31.32 -26.74
C LEU H 68 40.85 31.99 -25.46
N PRO H 69 39.97 31.34 -24.69
CA PRO H 69 39.54 31.93 -23.42
C PRO H 69 40.64 31.91 -22.39
N ASN H 70 41.25 33.07 -22.14
CA ASN H 70 42.37 33.17 -21.21
C ASN H 70 41.87 33.32 -19.79
N TYR H 71 42.63 32.78 -18.84
CA TYR H 71 42.30 32.86 -17.43
C TYR H 71 43.37 33.57 -16.61
N GLN H 72 44.45 34.03 -17.24
CA GLN H 72 45.53 34.67 -16.49
C GLN H 72 45.09 35.98 -15.87
N ARG H 73 44.50 36.88 -16.66
CA ARG H 73 44.27 38.23 -16.17
C ARG H 73 43.11 38.25 -15.17
N LEU H 74 43.21 39.13 -14.18
CA LEU H 74 42.22 39.25 -13.14
C LEU H 74 42.24 40.67 -12.60
N PHE H 75 41.08 41.31 -12.55
CA PHE H 75 41.00 42.70 -12.17
C PHE H 75 41.11 42.84 -10.65
N HIS H 76 41.07 44.09 -10.19
CA HIS H 76 41.32 44.37 -8.78
C HIS H 76 40.16 43.86 -7.91
N VAL H 77 40.52 43.29 -6.77
CA VAL H 77 39.58 42.67 -5.84
C VAL H 77 39.69 43.38 -4.50
N ARG H 78 38.55 43.84 -3.97
CA ARG H 78 38.52 44.68 -2.78
C ARG H 78 37.53 44.13 -1.75
N VAL H 79 37.87 44.26 -0.48
CA VAL H 79 37.03 43.78 0.61
C VAL H 79 36.88 44.88 1.64
N GLY H 80 35.89 44.71 2.52
CA GLY H 80 35.61 45.68 3.55
C GLY H 80 35.29 45.01 4.87
N GLN H 81 35.27 45.83 5.92
CA GLN H 81 35.00 45.36 7.28
C GLN H 81 33.52 45.43 7.62
N SER H 82 32.94 46.62 7.56
CA SER H 82 31.50 46.76 7.76
C SER H 82 30.76 46.39 6.47
N VAL H 83 29.45 46.18 6.61
CA VAL H 83 28.66 45.75 5.47
C VAL H 83 28.57 46.85 4.42
N THR H 84 28.51 48.11 4.83
CA THR H 84 28.22 49.19 3.90
C THR H 84 29.28 49.28 2.80
N GLU H 85 30.56 49.22 3.18
CA GLU H 85 31.62 49.37 2.18
C GLU H 85 31.65 48.22 1.18
N MET H 86 31.47 46.98 1.63
CA MET H 86 31.43 45.87 0.69
C MET H 86 30.21 45.94 -0.21
N PHE H 87 29.08 46.39 0.33
CA PHE H 87 27.89 46.58 -0.49
C PHE H 87 28.15 47.60 -1.59
N GLN H 88 28.79 48.71 -1.24
CA GLN H 88 29.10 49.72 -2.25
C GLN H 88 30.12 49.22 -3.26
N ALA H 89 31.07 48.39 -2.82
CA ALA H 89 32.03 47.80 -3.75
C ALA H 89 31.33 46.89 -4.76
N ASP H 90 30.38 46.08 -4.28
CA ASP H 90 29.61 45.26 -5.20
C ASP H 90 28.80 46.12 -6.15
N ARG H 91 28.26 47.23 -5.65
CA ARG H 91 27.49 48.13 -6.51
C ARG H 91 28.35 48.71 -7.63
N GLU H 92 29.58 49.13 -7.31
CA GLU H 92 30.44 49.71 -8.33
C GLU H 92 30.91 48.64 -9.31
N VAL H 93 31.15 47.42 -8.84
CA VAL H 93 31.45 46.31 -9.75
C VAL H 93 30.29 46.12 -10.72
N GLU H 94 29.06 46.16 -10.19
CA GLU H 94 27.88 45.97 -11.02
C GLU H 94 27.74 47.06 -12.07
N LEU H 95 27.97 48.32 -11.69
CA LEU H 95 27.83 49.40 -12.67
C LEU H 95 28.89 49.28 -13.76
N GLU H 96 30.12 48.91 -13.38
CA GLU H 96 31.15 48.67 -14.37
C GLU H 96 30.71 47.59 -15.37
N ALA H 97 30.21 46.46 -14.85
CA ALA H 97 29.77 45.38 -15.73
C ALA H 97 28.63 45.83 -16.62
N ILE H 98 27.67 46.58 -16.05
CA ILE H 98 26.50 47.01 -16.81
C ILE H 98 26.93 47.90 -17.98
N ASP H 99 27.81 48.87 -17.72
CA ASP H 99 28.19 49.81 -18.77
C ASP H 99 29.04 49.13 -19.84
N ARG H 100 29.97 48.28 -19.43
CA ARG H 100 30.77 47.57 -20.43
C ARG H 100 29.89 46.66 -21.28
N LEU H 101 28.90 46.03 -20.66
CA LEU H 101 28.00 45.15 -21.39
C LEU H 101 27.12 45.94 -22.36
N ARG H 102 26.66 47.13 -21.96
CA ARG H 102 25.87 47.94 -22.88
C ARG H 102 26.69 48.34 -24.10
N ARG H 103 27.93 48.78 -23.88
CA ARG H 103 28.78 49.12 -25.02
C ARG H 103 28.97 47.91 -25.93
N GLY H 104 29.28 46.76 -25.33
CA GLY H 104 29.50 45.56 -26.12
C GLY H 104 28.27 45.11 -26.87
N ILE H 105 27.10 45.16 -26.23
CA ILE H 105 25.88 44.70 -26.88
C ILE H 105 25.56 45.58 -28.07
N GLU H 106 25.67 46.90 -27.92
CA GLU H 106 25.41 47.77 -29.06
C GLU H 106 26.38 47.49 -30.19
N VAL H 107 27.68 47.41 -29.86
CA VAL H 107 28.70 47.26 -30.90
C VAL H 107 28.50 45.95 -31.66
N MET H 108 28.26 44.85 -30.93
CA MET H 108 28.17 43.55 -31.58
C MET H 108 26.85 43.39 -32.33
N ARG H 109 25.74 43.84 -31.74
CA ARG H 109 24.47 43.80 -32.44
C ARG H 109 24.55 44.59 -33.74
N ALA H 110 25.32 45.67 -33.77
CA ALA H 110 25.49 46.34 -35.06
C ALA H 110 26.39 45.55 -36.02
N LYS H 111 26.81 44.31 -35.76
CA LYS H 111 27.71 43.59 -36.66
C LYS H 111 27.21 42.16 -36.88
N HIS H 112 25.93 42.02 -37.18
CA HIS H 112 25.33 40.80 -37.72
C HIS H 112 25.50 39.58 -36.81
N ASP H 113 25.81 39.78 -35.52
CA ASP H 113 25.92 38.69 -34.57
C ASP H 113 24.85 38.88 -33.50
N ILE H 114 24.05 37.83 -33.27
CA ILE H 114 22.82 37.93 -32.51
C ILE H 114 22.80 37.00 -31.29
N THR H 115 23.37 35.80 -31.41
CA THR H 115 23.34 34.87 -30.28
C THR H 115 24.16 35.39 -29.09
N SER H 116 25.38 35.87 -29.36
CA SER H 116 26.16 36.52 -28.32
C SER H 116 25.40 37.71 -27.75
N ALA H 117 24.68 38.41 -28.62
CA ALA H 117 23.78 39.45 -28.13
C ALA H 117 22.79 38.89 -27.14
N ASN H 118 22.22 37.73 -27.44
CA ASN H 118 21.23 37.11 -26.56
C ASN H 118 21.82 36.85 -25.18
N VAL H 119 23.03 36.29 -25.16
CA VAL H 119 23.60 36.01 -23.83
C VAL H 119 23.85 37.33 -23.12
N PHE H 120 24.11 38.41 -23.88
CA PHE H 120 24.34 39.69 -23.21
C PHE H 120 23.09 40.25 -22.58
N GLU H 121 21.92 40.14 -23.22
CA GLU H 121 20.76 40.67 -22.49
C GLU H 121 20.42 39.77 -21.31
N ALA H 122 20.76 38.50 -21.40
CA ALA H 122 20.59 37.67 -20.21
C ALA H 122 21.41 38.21 -19.06
N ILE H 123 22.69 38.51 -19.33
CA ILE H 123 23.57 39.04 -18.28
C ILE H 123 23.06 40.41 -17.82
N LEU H 124 22.56 41.23 -18.75
CA LEU H 124 22.02 42.53 -18.37
C LEU H 124 20.89 42.38 -17.36
N ALA H 125 19.91 41.53 -17.68
CA ALA H 125 18.77 41.37 -16.77
C ALA H 125 19.23 40.85 -15.41
N ASP H 126 20.11 39.85 -15.41
CA ASP H 126 20.58 39.31 -14.13
C ASP H 126 21.28 40.36 -13.30
N GLU H 127 22.18 41.13 -13.91
CA GLU H 127 22.95 42.12 -13.15
C GLU H 127 22.06 43.28 -12.69
N GLU H 128 21.10 43.68 -13.52
CA GLU H 128 20.19 44.75 -13.08
C GLU H 128 19.35 44.28 -11.89
N HIS H 129 18.87 43.05 -11.92
CA HIS H 129 18.14 42.53 -10.76
C HIS H 129 19.03 42.52 -9.52
N HIS H 130 20.27 42.05 -9.68
CA HIS H 130 21.18 41.98 -8.55
C HIS H 130 21.45 43.37 -7.97
N ILE H 131 21.70 44.36 -8.82
CA ILE H 131 22.00 45.69 -8.31
C ILE H 131 20.75 46.34 -7.72
N ASP H 132 19.56 46.00 -8.23
CA ASP H 132 18.33 46.47 -7.60
C ASP H 132 18.23 45.97 -6.16
N TYR H 133 18.42 44.66 -5.98
CA TYR H 133 18.46 44.08 -4.64
C TYR H 133 19.50 44.77 -3.77
N LEU H 134 20.68 44.99 -4.32
CA LEU H 134 21.81 45.52 -3.56
C LEU H 134 21.49 46.92 -3.05
N GLU H 135 21.00 47.78 -3.95
CA GLU H 135 20.64 49.14 -3.56
C GLU H 135 19.46 49.13 -2.60
N THR H 136 18.55 48.17 -2.73
CA THR H 136 17.45 48.06 -1.79
C THR H 136 17.95 47.87 -0.38
N GLN H 137 18.84 46.89 -0.18
CA GLN H 137 19.37 46.71 1.18
C GLN H 137 20.25 47.87 1.62
N LEU H 138 20.95 48.52 0.70
CA LEU H 138 21.71 49.70 1.09
C LEU H 138 20.80 50.79 1.65
N ASP H 139 19.70 51.08 0.96
CA ASP H 139 18.74 52.06 1.46
C ASP H 139 18.18 51.62 2.81
N LEU H 140 17.85 50.34 2.94
CA LEU H 140 17.27 49.85 4.18
C LEU H 140 18.23 50.01 5.35
N ILE H 141 19.51 49.67 5.15
CA ILE H 141 20.47 49.77 6.24
C ILE H 141 20.79 51.21 6.55
N GLU H 142 20.82 52.09 5.55
CA GLU H 142 21.05 53.50 5.82
C GLU H 142 19.92 54.09 6.66
N LYS H 143 18.67 53.74 6.34
CA LYS H 143 17.56 54.31 7.09
C LYS H 143 17.45 53.70 8.48
N LEU H 144 17.58 52.37 8.58
CA LEU H 144 17.23 51.67 9.81
C LEU H 144 18.25 51.90 10.92
N GLY H 145 19.54 51.80 10.59
CA GLY H 145 20.58 51.79 11.60
C GLY H 145 21.35 50.49 11.57
N GLU H 146 22.68 50.57 11.50
CA GLU H 146 23.48 49.39 11.22
C GLU H 146 23.35 48.34 12.31
N SER H 147 23.43 48.74 13.58
CA SER H 147 23.44 47.76 14.67
C SER H 147 22.13 46.99 14.72
N LEU H 148 21.00 47.70 14.62
CA LEU H 148 19.72 47.02 14.68
C LEU H 148 19.51 46.10 13.48
N TYR H 149 19.94 46.54 12.29
CA TYR H 149 19.86 45.69 11.11
C TYR H 149 20.69 44.42 11.30
N LEU H 150 21.89 44.57 11.86
CA LEU H 150 22.72 43.40 12.11
C LEU H 150 22.05 42.46 13.10
N SER H 151 21.42 43.03 14.14
CA SER H 151 20.67 42.22 15.09
C SER H 151 19.50 41.51 14.43
N THR H 152 18.95 42.09 13.37
CA THR H 152 17.82 41.47 12.69
C THR H 152 18.19 40.15 12.03
N VAL H 153 19.42 40.04 11.53
CA VAL H 153 19.78 38.92 10.66
C VAL H 153 20.82 38.04 11.34
N ILE H 154 20.74 37.93 12.66
CA ILE H 154 21.57 37.00 13.41
C ILE H 154 20.73 35.77 13.74
N GLU H 155 21.40 34.63 13.83
CA GLU H 155 20.80 33.41 14.35
C GLU H 155 21.92 32.49 14.83
N GLN H 156 21.60 31.67 15.82
CA GLN H 156 22.58 30.74 16.39
C GLN H 156 22.51 29.36 15.75
N THR H 157 21.30 28.81 15.62
CA THR H 157 21.10 27.51 14.99
C THR H 157 19.75 27.50 14.31
N GLN H 158 19.57 26.53 13.41
CA GLN H 158 18.34 26.30 12.66
C GLN H 158 18.07 27.41 11.66
N PRO H 159 17.15 27.21 10.71
CA PRO H 159 16.89 28.24 9.70
C PRO H 159 15.49 28.14 9.13
N ASP H 160 15.25 27.14 8.27
CA ASP H 160 13.95 26.98 7.65
C ASP H 160 12.90 26.58 8.69
N PRO H 161 11.63 27.00 8.50
CA PRO H 161 10.54 26.69 9.43
C PRO H 161 9.31 26.15 8.71
N MET I 1 -20.99 8.85 54.83
CA MET I 1 -19.84 9.70 55.16
C MET I 1 -20.11 11.15 54.75
N GLN I 2 -19.87 12.07 55.67
CA GLN I 2 -20.04 13.50 55.41
C GLN I 2 -18.81 14.24 55.92
N GLY I 3 -18.40 15.26 55.19
CA GLY I 3 -17.25 16.03 55.59
C GLY I 3 -17.55 17.07 56.65
N ASP I 4 -16.52 17.47 57.37
CA ASP I 4 -16.67 18.53 58.35
C ASP I 4 -16.87 19.87 57.65
N PRO I 5 -17.66 20.76 58.24
CA PRO I 5 -17.98 22.03 57.55
C PRO I 5 -16.75 22.86 57.22
N GLU I 6 -15.69 22.78 58.03
CA GLU I 6 -14.50 23.56 57.76
C GLU I 6 -13.88 23.20 56.41
N VAL I 7 -13.73 21.91 56.13
CA VAL I 7 -13.16 21.50 54.85
C VAL I 7 -14.02 22.01 53.71
N ILE I 8 -15.34 21.88 53.86
CA ILE I 8 -16.26 22.34 52.82
C ILE I 8 -16.07 23.82 52.55
N GLU I 9 -15.99 24.64 53.61
CA GLU I 9 -15.89 26.08 53.38
C GLU I 9 -14.53 26.46 52.80
N PHE I 10 -13.43 25.81 53.23
CA PHE I 10 -12.16 26.03 52.55
C PHE I 10 -12.28 25.76 51.06
N LEU I 11 -12.87 24.63 50.70
CA LEU I 11 -13.03 24.33 49.28
C LEU I 11 -13.90 25.37 48.60
N ASN I 12 -14.89 25.92 49.31
CA ASN I 12 -15.74 26.95 48.72
C ASN I 12 -14.94 28.21 48.38
N GLU I 13 -14.14 28.73 49.32
CA GLU I 13 -13.42 29.95 48.97
C GLU I 13 -12.38 29.66 47.90
N GLN I 14 -11.81 28.46 47.90
CA GLN I 14 -10.87 28.12 46.84
C GLN I 14 -11.57 28.09 45.47
N LEU I 15 -12.80 27.59 45.43
CA LEU I 15 -13.58 27.61 44.19
C LEU I 15 -13.85 29.05 43.74
N THR I 16 -14.20 29.93 44.67
CA THR I 16 -14.45 31.31 44.30
C THR I 16 -13.19 31.97 43.74
N ALA I 17 -12.05 31.68 44.37
CA ALA I 17 -10.77 32.18 43.86
C ALA I 17 -10.50 31.65 42.46
N GLU I 18 -10.79 30.37 42.22
CA GLU I 18 -10.59 29.81 40.89
C GLU I 18 -11.48 30.49 39.85
N LEU I 19 -12.73 30.77 40.22
CA LEU I 19 -13.65 31.42 39.29
C LEU I 19 -13.16 32.81 38.93
N THR I 20 -12.82 33.61 39.93
CA THR I 20 -12.32 34.95 39.63
C THR I 20 -11.01 34.88 38.86
N ALA I 21 -10.21 33.84 39.10
CA ALA I 21 -8.97 33.67 38.36
C ALA I 21 -9.23 33.43 36.88
N ILE I 22 -10.14 32.50 36.56
CA ILE I 22 -10.40 32.23 35.15
C ILE I 22 -11.01 33.45 34.48
N ASN I 23 -11.87 34.19 35.19
CA ASN I 23 -12.46 35.39 34.60
C ASN I 23 -11.38 36.43 34.28
N GLN I 24 -10.49 36.66 35.25
CA GLN I 24 -9.42 37.63 35.04
C GLN I 24 -8.50 37.21 33.91
N TYR I 25 -8.16 35.91 33.85
CA TYR I 25 -7.29 35.43 32.79
C TYR I 25 -7.92 35.62 31.42
N PHE I 26 -9.21 35.30 31.29
CA PHE I 26 -9.87 35.48 30.00
C PHE I 26 -9.92 36.95 29.61
N LEU I 27 -10.23 37.83 30.57
CA LEU I 27 -10.28 39.25 30.25
C LEU I 27 -8.92 39.77 29.79
N HIS I 28 -7.86 39.36 30.49
CA HIS I 28 -6.51 39.80 30.10
C HIS I 28 -6.14 39.24 28.74
N ALA I 29 -6.53 38.00 28.46
CA ALA I 29 -6.25 37.42 27.14
C ALA I 29 -6.95 38.20 26.04
N LYS I 30 -8.22 38.55 26.25
CA LYS I 30 -8.94 39.31 25.22
C LYS I 30 -8.34 40.68 25.02
N LEU I 31 -7.97 41.37 26.10
CA LEU I 31 -7.34 42.68 25.95
C LEU I 31 -6.02 42.57 25.21
N GLN I 32 -5.19 41.59 25.56
CA GLN I 32 -3.90 41.43 24.90
C GLN I 32 -4.08 41.13 23.43
N ASP I 33 -5.07 40.30 23.08
CA ASP I 33 -5.34 40.00 21.69
C ASP I 33 -5.81 41.24 20.93
N HIS I 34 -6.71 42.02 21.54
CA HIS I 34 -7.21 43.22 20.87
C HIS I 34 -6.10 44.22 20.63
N LYS I 35 -5.20 44.39 21.61
CA LYS I 35 -4.05 45.26 21.40
C LYS I 35 -3.16 44.74 20.27
N GLY I 36 -3.16 43.43 20.04
CA GLY I 36 -2.40 42.83 18.98
C GLY I 36 -1.22 41.96 19.38
N TRP I 37 -1.15 41.55 20.64
CA TRP I 37 -0.03 40.75 21.16
C TRP I 37 -0.48 39.30 21.20
N THR I 38 -0.15 38.55 20.15
CA THR I 38 -0.73 37.22 19.95
C THR I 38 -0.21 36.20 20.95
N LYS I 39 1.12 36.13 21.11
CA LYS I 39 1.70 35.06 21.91
C LYS I 39 1.29 35.17 23.38
N LEU I 40 1.28 36.39 23.92
CA LEU I 40 0.80 36.58 25.28
C LEU I 40 -0.65 36.13 25.41
N ALA I 41 -1.46 36.44 24.40
CA ALA I 41 -2.87 36.02 24.44
C ALA I 41 -3.00 34.51 24.48
N LYS I 42 -2.21 33.82 23.64
CA LYS I 42 -2.27 32.36 23.63
C LYS I 42 -1.83 31.78 24.97
N TYR I 43 -0.75 32.31 25.53
CA TYR I 43 -0.26 31.83 26.83
C TYR I 43 -1.31 32.05 27.92
N THR I 44 -1.92 33.24 27.94
CA THR I 44 -2.90 33.55 28.96
C THR I 44 -4.16 32.69 28.82
N ARG I 45 -4.59 32.42 27.59
CA ARG I 45 -5.78 31.58 27.44
C ARG I 45 -5.47 30.13 27.80
N ALA I 46 -4.25 29.67 27.55
CA ALA I 46 -3.85 28.35 28.04
C ALA I 46 -3.91 28.31 29.56
N GLU I 47 -3.42 29.36 30.21
CA GLU I 47 -3.51 29.44 31.67
C GLU I 47 -4.97 29.44 32.14
N SER I 48 -5.84 30.14 31.40
CA SER I 48 -7.24 30.16 31.75
C SER I 48 -7.86 28.77 31.67
N PHE I 49 -7.53 28.01 30.63
CA PHE I 49 -8.04 26.65 30.52
C PHE I 49 -7.50 25.76 31.64
N ASP I 50 -6.23 25.95 32.00
CA ASP I 50 -5.66 25.20 33.11
C ASP I 50 -6.41 25.48 34.40
N GLU I 51 -6.70 26.75 34.67
CA GLU I 51 -7.44 27.09 35.88
C GLU I 51 -8.88 26.57 35.81
N MET I 52 -9.45 26.51 34.61
CA MET I 52 -10.77 25.90 34.46
C MET I 52 -10.75 24.43 34.85
N ARG I 53 -9.71 23.71 34.43
CA ARG I 53 -9.56 22.31 34.84
C ARG I 53 -9.39 22.20 36.36
N HIS I 54 -8.61 23.10 36.94
CA HIS I 54 -8.44 23.13 38.38
C HIS I 54 -9.78 23.29 39.09
N ALA I 55 -10.59 24.25 38.62
CA ALA I 55 -11.90 24.48 39.21
C ALA I 55 -12.79 23.26 39.05
N GLU I 56 -12.72 22.59 37.90
CA GLU I 56 -13.54 21.40 37.67
C GLU I 56 -13.21 20.31 38.68
N VAL I 57 -11.93 19.99 38.84
CA VAL I 57 -11.57 18.92 39.77
C VAL I 57 -11.89 19.33 41.21
N LEU I 58 -11.69 20.60 41.54
CA LEU I 58 -11.99 21.06 42.89
C LEU I 58 -13.48 20.96 43.20
N THR I 59 -14.34 21.35 42.25
CA THR I 59 -15.77 21.26 42.51
C THR I 59 -16.25 19.82 42.54
N ASP I 60 -15.61 18.94 41.77
CA ASP I 60 -15.93 17.52 41.89
C ASP I 60 -15.60 17.03 43.30
N ARG I 61 -14.43 17.41 43.82
CA ARG I 61 -14.05 16.98 45.16
C ARG I 61 -15.00 17.53 46.22
N ILE I 62 -15.35 18.81 46.14
CA ILE I 62 -16.26 19.36 47.14
C ILE I 62 -17.64 18.72 47.03
N LEU I 63 -18.08 18.39 45.81
CA LEU I 63 -19.38 17.77 45.63
C LEU I 63 -19.38 16.32 46.09
N LEU I 64 -18.21 15.67 46.17
CA LEU I 64 -18.17 14.30 46.67
C LEU I 64 -18.61 14.21 48.12
N LEU I 65 -18.22 15.17 48.95
CA LEU I 65 -18.52 15.15 50.38
C LEU I 65 -19.92 15.68 50.70
N ASP I 66 -20.82 15.72 49.73
CA ASP I 66 -22.20 16.16 49.93
C ASP I 66 -22.25 17.60 50.43
N GLY I 67 -21.64 18.49 49.65
CA GLY I 67 -21.67 19.91 49.92
C GLY I 67 -22.44 20.66 48.85
N LEU I 68 -22.51 21.98 49.04
CA LEU I 68 -23.16 22.87 48.10
C LEU I 68 -22.14 23.84 47.52
N PRO I 69 -21.56 23.54 46.36
CA PRO I 69 -20.57 24.45 45.78
C PRO I 69 -21.23 25.70 45.24
N ASN I 70 -21.08 26.81 45.95
CA ASN I 70 -21.74 28.05 45.55
C ASN I 70 -20.95 28.76 44.46
N TYR I 71 -21.67 29.32 43.49
CA TYR I 71 -21.08 30.10 42.41
C TYR I 71 -21.55 31.54 42.39
N GLN I 72 -22.51 31.90 43.24
CA GLN I 72 -23.05 33.26 43.20
C GLN I 72 -22.01 34.28 43.67
N ARG I 73 -21.32 33.98 44.77
CA ARG I 73 -20.33 34.92 45.31
C ARG I 73 -19.09 34.94 44.43
N LEU I 74 -18.39 36.08 44.45
CA LEU I 74 -17.24 36.28 43.58
C LEU I 74 -16.30 37.29 44.22
N PHE I 75 -15.06 37.32 43.74
CA PHE I 75 -14.04 38.23 44.23
C PHE I 75 -13.82 39.39 43.26
N HIS I 76 -13.12 40.41 43.73
CA HIS I 76 -12.88 41.60 42.93
C HIS I 76 -11.88 41.31 41.81
N VAL I 77 -12.25 41.70 40.59
CA VAL I 77 -11.42 41.46 39.41
C VAL I 77 -10.81 42.80 38.99
N ARG I 78 -9.49 42.80 38.79
CA ARG I 78 -8.75 44.01 38.47
C ARG I 78 -8.08 43.86 37.10
N VAL I 79 -7.97 44.98 36.39
CA VAL I 79 -7.44 45.02 35.03
C VAL I 79 -6.34 46.07 34.97
N GLY I 80 -5.83 46.27 33.76
CA GLY I 80 -4.79 47.27 33.54
C GLY I 80 -4.70 47.62 32.07
N GLN I 81 -3.75 48.51 31.77
CA GLN I 81 -3.50 48.95 30.40
C GLN I 81 -2.17 48.42 29.88
N SER I 82 -1.08 48.68 30.58
CA SER I 82 0.21 48.12 30.22
C SER I 82 0.33 46.69 30.72
N VAL I 83 1.30 45.97 30.17
CA VAL I 83 1.53 44.59 30.59
C VAL I 83 2.00 44.54 32.04
N THR I 84 2.69 45.59 32.50
CA THR I 84 3.26 45.59 33.84
C THR I 84 2.17 45.43 34.90
N GLU I 85 1.12 46.24 34.81
CA GLU I 85 0.07 46.18 35.82
C GLU I 85 -0.71 44.86 35.75
N MET I 86 -0.88 44.31 34.54
CA MET I 86 -1.51 43.00 34.43
C MET I 86 -0.70 41.94 35.16
N PHE I 87 0.62 41.97 34.96
CA PHE I 87 1.48 41.01 35.66
C PHE I 87 1.45 41.23 37.17
N GLN I 88 1.40 42.49 37.60
CA GLN I 88 1.32 42.78 39.03
C GLN I 88 0.05 42.21 39.63
N ALA I 89 -1.09 42.41 38.97
CA ALA I 89 -2.34 41.86 39.47
C ALA I 89 -2.31 40.35 39.51
N ASP I 90 -1.74 39.73 38.48
CA ASP I 90 -1.62 38.27 38.46
C ASP I 90 -0.76 37.80 39.63
N ARG I 91 0.35 38.48 39.89
CA ARG I 91 1.20 38.12 41.01
C ARG I 91 0.46 38.24 42.34
N GLU I 92 -0.32 39.32 42.50
CA GLU I 92 -1.06 39.51 43.74
C GLU I 92 -2.05 38.37 43.97
N VAL I 93 -2.83 38.04 42.94
CA VAL I 93 -3.84 37.00 43.13
C VAL I 93 -3.19 35.64 43.36
N GLU I 94 -2.06 35.38 42.69
CA GLU I 94 -1.36 34.12 42.91
C GLU I 94 -0.81 34.03 44.33
N LEU I 95 -0.27 35.14 44.86
CA LEU I 95 0.23 35.14 46.23
C LEU I 95 -0.89 34.87 47.23
N GLU I 96 -2.03 35.54 47.05
CA GLU I 96 -3.15 35.29 47.94
C GLU I 96 -3.58 33.83 47.89
N ALA I 97 -3.70 33.29 46.68
CA ALA I 97 -4.13 31.90 46.53
C ALA I 97 -3.15 30.94 47.18
N ILE I 98 -1.84 31.17 47.00
CA ILE I 98 -0.86 30.23 47.52
C ILE I 98 -0.82 30.26 49.04
N ASP I 99 -0.90 31.46 49.64
CA ASP I 99 -0.92 31.53 51.10
C ASP I 99 -2.15 30.84 51.66
N ARG I 100 -3.32 31.13 51.08
CA ARG I 100 -4.54 30.51 51.56
C ARG I 100 -4.49 28.99 51.40
N LEU I 101 -3.92 28.52 50.29
CA LEU I 101 -3.82 27.09 50.05
C LEU I 101 -2.93 26.41 51.08
N ARG I 102 -1.77 27.01 51.41
CA ARG I 102 -0.91 26.42 52.43
C ARG I 102 -1.61 26.37 53.78
N ARG I 103 -2.25 27.48 54.17
CA ARG I 103 -2.96 27.49 55.44
C ARG I 103 -4.03 26.41 55.48
N GLY I 104 -4.83 26.32 54.42
CA GLY I 104 -5.91 25.34 54.40
C GLY I 104 -5.41 23.91 54.42
N ILE I 105 -4.38 23.61 53.61
CA ILE I 105 -3.89 22.25 53.56
C ILE I 105 -3.34 21.83 54.92
N GLU I 106 -2.64 22.73 55.61
CA GLU I 106 -2.13 22.38 56.93
C GLU I 106 -3.25 22.13 57.93
N VAL I 107 -4.17 23.10 58.06
CA VAL I 107 -5.21 22.99 59.07
C VAL I 107 -6.11 21.79 58.80
N MET I 108 -6.35 21.50 57.53
CA MET I 108 -7.23 20.40 57.13
C MET I 108 -6.55 19.05 57.26
N ARG I 109 -5.26 18.96 56.91
CA ARG I 109 -4.53 17.72 57.14
C ARG I 109 -4.43 17.41 58.63
N ALA I 110 -4.45 18.45 59.46
CA ALA I 110 -4.52 18.17 60.90
C ALA I 110 -5.86 17.49 61.33
N LYS I 111 -6.79 17.14 60.44
CA LYS I 111 -8.09 16.60 60.84
C LYS I 111 -8.44 15.31 60.10
N HIS I 112 -7.43 14.51 59.76
CA HIS I 112 -7.64 13.18 59.17
C HIS I 112 -8.44 13.25 57.86
N ASP I 113 -7.84 13.92 56.87
CA ASP I 113 -8.38 13.92 55.51
C ASP I 113 -7.22 14.09 54.56
N ILE I 114 -7.10 13.20 53.57
CA ILE I 114 -5.88 13.04 52.80
C ILE I 114 -6.09 13.39 51.32
N THR I 115 -7.22 12.98 50.74
CA THR I 115 -7.44 13.22 49.31
C THR I 115 -7.47 14.71 48.99
N SER I 116 -8.20 15.47 49.80
CA SER I 116 -8.21 16.93 49.62
C SER I 116 -6.82 17.52 49.82
N ALA I 117 -5.98 16.88 50.64
CA ALA I 117 -4.59 17.31 50.75
C ALA I 117 -3.87 17.12 49.43
N ASN I 118 -4.15 16.01 48.74
CA ASN I 118 -3.54 15.79 47.44
C ASN I 118 -3.98 16.84 46.42
N VAL I 119 -5.27 17.17 46.39
CA VAL I 119 -5.70 18.17 45.42
C VAL I 119 -5.12 19.54 45.77
N PHE I 120 -5.03 19.87 47.06
CA PHE I 120 -4.41 21.13 47.45
C PHE I 120 -2.94 21.19 47.04
N GLU I 121 -2.19 20.09 47.21
CA GLU I 121 -0.77 20.16 46.88
C GLU I 121 -0.57 20.22 45.37
N ALA I 122 -1.45 19.57 44.60
CA ALA I 122 -1.39 19.70 43.14
C ALA I 122 -1.61 21.15 42.71
N ILE I 123 -2.67 21.77 43.25
CA ILE I 123 -2.94 23.18 42.94
C ILE I 123 -1.75 24.03 43.37
N LEU I 124 -1.17 23.71 44.52
CA LEU I 124 -0.02 24.47 45.03
C LEU I 124 1.13 24.43 44.04
N ALA I 125 1.47 23.23 43.54
CA ALA I 125 2.56 23.11 42.59
C ALA I 125 2.28 23.92 41.33
N ASP I 126 1.07 23.80 40.79
CA ASP I 126 0.76 24.52 39.55
C ASP I 126 0.85 26.03 39.73
N GLU I 127 0.28 26.54 40.83
CA GLU I 127 0.29 27.98 41.03
C GLU I 127 1.70 28.49 41.34
N GLU I 128 2.51 27.69 42.02
CA GLU I 128 3.90 28.09 42.23
C GLU I 128 4.64 28.21 40.91
N HIS I 129 4.41 27.25 40.00
CA HIS I 129 5.04 27.36 38.68
C HIS I 129 4.58 28.62 37.95
N HIS I 130 3.28 28.92 38.01
CA HIS I 130 2.79 30.11 37.34
C HIS I 130 3.39 31.38 37.93
N ILE I 131 3.50 31.45 39.26
CA ILE I 131 4.06 32.65 39.87
C ILE I 131 5.55 32.77 39.54
N ASP I 132 6.26 31.66 39.41
CA ASP I 132 7.65 31.74 38.97
C ASP I 132 7.75 32.29 37.56
N TYR I 133 6.86 31.84 36.67
CA TYR I 133 6.84 32.38 35.32
C TYR I 133 6.57 33.89 35.34
N LEU I 134 5.61 34.31 36.17
CA LEU I 134 5.31 35.74 36.26
C LEU I 134 6.51 36.53 36.75
N GLU I 135 7.21 36.02 37.77
CA GLU I 135 8.36 36.73 38.30
C GLU I 135 9.45 36.88 37.24
N THR I 136 9.76 35.79 36.53
CA THR I 136 10.83 35.87 35.53
C THR I 136 10.42 36.78 34.37
N GLN I 137 9.14 36.78 33.99
CA GLN I 137 8.71 37.67 32.93
C GLN I 137 8.80 39.14 33.37
N LEU I 138 8.41 39.44 34.61
CA LEU I 138 8.53 40.81 35.08
C LEU I 138 9.99 41.25 35.14
N ASP I 139 10.88 40.35 35.56
CA ASP I 139 12.30 40.68 35.56
C ASP I 139 12.79 40.97 34.15
N LEU I 140 12.39 40.14 33.18
CA LEU I 140 12.83 40.36 31.80
C LEU I 140 12.29 41.67 31.25
N ILE I 141 11.05 42.01 31.59
CA ILE I 141 10.48 43.28 31.13
C ILE I 141 11.24 44.45 31.73
N GLU I 142 11.49 44.41 33.04
CA GLU I 142 12.18 45.51 33.69
C GLU I 142 13.62 45.63 33.20
N LYS I 143 14.19 44.54 32.68
CA LYS I 143 15.53 44.62 32.11
C LYS I 143 15.50 45.17 30.69
N LEU I 144 14.81 44.48 29.79
CA LEU I 144 14.86 44.82 28.36
C LEU I 144 14.27 46.19 28.09
N GLY I 145 13.13 46.51 28.70
CA GLY I 145 12.39 47.71 28.36
C GLY I 145 11.05 47.38 27.75
N GLU I 146 10.04 48.20 28.04
CA GLU I 146 8.67 47.87 27.63
C GLU I 146 8.54 47.83 26.12
N SER I 147 9.04 48.85 25.41
CA SER I 147 8.84 48.92 23.96
C SER I 147 9.51 47.75 23.26
N LEU I 148 10.75 47.44 23.63
CA LEU I 148 11.46 46.34 22.99
C LEU I 148 10.80 45.00 23.29
N TYR I 149 10.37 44.80 24.54
CA TYR I 149 9.72 43.55 24.90
C TYR I 149 8.41 43.36 24.14
N LEU I 150 7.62 44.42 24.02
CA LEU I 150 6.41 44.32 23.21
C LEU I 150 6.75 44.10 21.74
N SER I 151 7.87 44.66 21.27
CA SER I 151 8.27 44.48 19.89
C SER I 151 8.62 43.03 19.58
N THR I 152 9.34 42.36 20.50
CA THR I 152 9.77 41.00 20.22
C THR I 152 8.62 40.01 20.19
N VAL I 153 7.43 40.40 20.63
CA VAL I 153 6.25 39.55 20.60
C VAL I 153 5.19 40.25 19.75
N ILE I 154 5.11 39.88 18.47
CA ILE I 154 4.17 40.49 17.55
C ILE I 154 4.01 39.61 16.32
N GLU I 155 2.86 39.67 15.68
CA GLU I 155 2.59 38.84 14.52
C GLU I 155 1.46 39.47 13.71
N GLN I 156 1.38 39.09 12.44
CA GLN I 156 0.35 39.56 11.53
C GLN I 156 -0.48 38.39 11.04
N THR I 157 -1.76 38.66 10.77
CA THR I 157 -2.71 37.62 10.39
C THR I 157 -2.44 37.19 8.94
N GLN I 158 -1.38 36.42 8.77
CA GLN I 158 -1.02 35.86 7.47
C GLN I 158 -0.60 34.41 7.64
N PRO I 159 -0.78 33.58 6.60
CA PRO I 159 -0.41 32.17 6.72
C PRO I 159 -0.19 31.51 5.36
N ASP I 160 -1.19 30.75 4.91
CA ASP I 160 -1.12 30.02 3.64
C ASP I 160 0.08 29.10 3.57
N MET J 1 -10.66 -34.73 -46.78
CA MET J 1 -9.76 -33.92 -47.58
C MET J 1 -8.43 -34.64 -47.80
N GLN J 2 -7.92 -34.57 -49.02
CA GLN J 2 -6.65 -35.21 -49.38
C GLN J 2 -5.82 -34.23 -50.20
N GLY J 3 -4.51 -34.48 -50.23
CA GLY J 3 -3.56 -33.57 -50.87
C GLY J 3 -2.89 -34.22 -52.07
N ASP J 4 -2.60 -33.40 -53.07
CA ASP J 4 -1.86 -33.85 -54.23
C ASP J 4 -0.37 -33.87 -53.90
N PRO J 5 0.30 -35.02 -54.07
CA PRO J 5 1.66 -35.17 -53.52
C PRO J 5 2.68 -34.12 -53.96
N GLU J 6 2.35 -33.22 -54.89
CA GLU J 6 3.29 -32.14 -55.22
C GLU J 6 3.50 -31.22 -54.03
N VAL J 7 2.41 -30.76 -53.40
CA VAL J 7 2.55 -29.92 -52.22
C VAL J 7 3.21 -30.71 -51.09
N ILE J 8 2.91 -32.01 -51.01
CA ILE J 8 3.50 -32.84 -49.96
C ILE J 8 5.01 -32.88 -50.11
N GLU J 9 5.50 -33.13 -51.33
CA GLU J 9 6.94 -33.20 -51.52
C GLU J 9 7.60 -31.85 -51.37
N PHE J 10 6.94 -30.76 -51.77
CA PHE J 10 7.52 -29.45 -51.56
C PHE J 10 7.66 -29.15 -50.07
N LEU J 11 6.62 -29.47 -49.30
CA LEU J 11 6.68 -29.26 -47.85
C LEU J 11 7.75 -30.14 -47.22
N ASN J 12 7.91 -31.38 -47.70
CA ASN J 12 8.95 -32.25 -47.17
C ASN J 12 10.33 -31.72 -47.47
N GLU J 13 10.54 -31.19 -48.67
CA GLU J 13 11.83 -30.59 -49.01
C GLU J 13 12.12 -29.41 -48.07
N GLN J 14 11.13 -28.54 -47.88
CA GLN J 14 11.32 -27.40 -46.99
C GLN J 14 11.59 -27.87 -45.56
N LEU J 15 10.91 -28.92 -45.12
CA LEU J 15 11.11 -29.46 -43.78
C LEU J 15 12.53 -29.95 -43.58
N THR J 16 13.03 -30.75 -44.54
CA THR J 16 14.39 -31.25 -44.44
C THR J 16 15.40 -30.11 -44.44
N ALA J 17 15.17 -29.11 -45.30
CA ALA J 17 16.07 -27.96 -45.33
C ALA J 17 16.07 -27.24 -44.00
N GLU J 18 14.88 -27.05 -43.40
CA GLU J 18 14.79 -26.38 -42.11
C GLU J 18 15.53 -27.15 -41.02
N LEU J 19 15.36 -28.48 -41.00
CA LEU J 19 16.02 -29.28 -39.98
C LEU J 19 17.55 -29.18 -40.10
N THR J 20 18.05 -29.31 -41.33
CA THR J 20 19.50 -29.21 -41.52
C THR J 20 20.01 -27.83 -41.17
N ALA J 21 19.24 -26.79 -41.49
CA ALA J 21 19.62 -25.44 -41.10
C ALA J 21 19.68 -25.30 -39.59
N ILE J 22 18.70 -25.88 -38.89
CA ILE J 22 18.71 -25.84 -37.42
C ILE J 22 19.99 -26.46 -36.89
N ASN J 23 20.34 -27.65 -37.41
CA ASN J 23 21.55 -28.31 -36.93
C ASN J 23 22.79 -27.48 -37.22
N GLN J 24 22.89 -26.91 -38.43
CA GLN J 24 24.04 -26.10 -38.79
C GLN J 24 24.18 -24.89 -37.87
N TYR J 25 23.10 -24.14 -37.69
CA TYR J 25 23.16 -22.96 -36.84
C TYR J 25 23.47 -23.32 -35.40
N PHE J 26 22.90 -24.41 -34.89
CA PHE J 26 23.18 -24.79 -33.52
C PHE J 26 24.66 -25.11 -33.35
N LEU J 27 25.24 -25.86 -34.28
CA LEU J 27 26.67 -26.18 -34.20
C LEU J 27 27.51 -24.91 -34.28
N HIS J 28 27.15 -24.00 -35.20
CA HIS J 28 27.94 -22.78 -35.37
C HIS J 28 27.84 -21.90 -34.13
N ALA J 29 26.66 -21.82 -33.52
CA ALA J 29 26.51 -21.06 -32.29
C ALA J 29 27.38 -21.63 -31.19
N LYS J 30 27.39 -22.96 -31.05
CA LYS J 30 28.22 -23.57 -30.03
C LYS J 30 29.70 -23.28 -30.27
N LEU J 31 30.14 -23.36 -31.53
CA LEU J 31 31.54 -23.11 -31.84
C LEU J 31 31.92 -21.65 -31.57
N GLN J 32 31.07 -20.71 -31.97
CA GLN J 32 31.36 -19.30 -31.70
C GLN J 32 31.41 -19.01 -30.22
N ASP J 33 30.52 -19.63 -29.43
CA ASP J 33 30.59 -19.49 -27.99
C ASP J 33 31.89 -20.05 -27.44
N HIS J 34 32.34 -21.18 -28.00
CA HIS J 34 33.63 -21.73 -27.58
C HIS J 34 34.77 -20.77 -27.86
N LYS J 35 34.72 -20.08 -29.01
CA LYS J 35 35.73 -19.08 -29.30
C LYS J 35 35.64 -17.88 -28.38
N GLY J 36 34.68 -17.87 -27.46
CA GLY J 36 34.47 -16.73 -26.56
C GLY J 36 33.62 -15.63 -27.16
N TRP J 37 33.05 -15.84 -28.34
CA TRP J 37 32.32 -14.81 -29.05
C TRP J 37 30.86 -14.89 -28.66
N THR J 38 30.36 -13.86 -27.96
CA THR J 38 29.11 -13.93 -27.22
C THR J 38 27.91 -13.44 -28.02
N LYS J 39 27.93 -12.19 -28.48
CA LYS J 39 26.75 -11.61 -29.11
C LYS J 39 26.37 -12.35 -30.39
N LEU J 40 27.36 -12.79 -31.15
CA LEU J 40 27.09 -13.63 -32.31
C LEU J 40 26.40 -14.92 -31.89
N ALA J 41 26.85 -15.51 -30.78
CA ALA J 41 26.21 -16.72 -30.28
C ALA J 41 24.75 -16.47 -29.92
N LYS J 42 24.47 -15.34 -29.26
CA LYS J 42 23.10 -15.02 -28.89
C LYS J 42 22.22 -14.85 -30.12
N TYR J 43 22.72 -14.13 -31.12
CA TYR J 43 21.92 -13.91 -32.32
C TYR J 43 21.66 -15.22 -33.05
N THR J 44 22.69 -16.07 -33.15
CA THR J 44 22.50 -17.37 -33.78
C THR J 44 21.51 -18.23 -33.00
N ARG J 45 21.53 -18.14 -31.68
CA ARG J 45 20.54 -18.85 -30.86
C ARG J 45 19.14 -18.41 -31.22
N ALA J 46 18.92 -17.09 -31.28
CA ALA J 46 17.59 -16.56 -31.57
C ALA J 46 17.12 -17.01 -32.95
N GLU J 47 17.99 -16.94 -33.96
CA GLU J 47 17.57 -17.31 -35.31
C GLU J 47 17.39 -18.82 -35.45
N SER J 48 18.15 -19.60 -34.67
CA SER J 48 17.93 -21.05 -34.65
C SER J 48 16.55 -21.39 -34.06
N PHE J 49 16.17 -20.69 -32.99
CA PHE J 49 14.83 -20.88 -32.44
C PHE J 49 13.77 -20.48 -33.45
N ASP J 50 14.02 -19.40 -34.20
CA ASP J 50 13.09 -19.01 -35.25
C ASP J 50 12.93 -20.10 -36.30
N GLU J 51 14.05 -20.70 -36.72
CA GLU J 51 13.98 -21.78 -37.70
C GLU J 51 13.26 -23.00 -37.12
N MET J 52 13.44 -23.29 -35.84
CA MET J 52 12.67 -24.37 -35.23
C MET J 52 11.18 -24.09 -35.25
N ARG J 53 10.79 -22.85 -34.97
CA ARG J 53 9.38 -22.49 -35.07
C ARG J 53 8.86 -22.67 -36.49
N HIS J 54 9.67 -22.30 -37.48
CA HIS J 54 9.30 -22.50 -38.87
C HIS J 54 9.06 -23.97 -39.17
N ALA J 55 9.97 -24.83 -38.68
CA ALA J 55 9.82 -26.28 -38.90
C ALA J 55 8.56 -26.80 -38.21
N GLU J 56 8.25 -26.29 -37.03
CA GLU J 56 7.04 -26.69 -36.33
C GLU J 56 5.79 -26.35 -37.14
N VAL J 57 5.74 -25.13 -37.69
CA VAL J 57 4.60 -24.76 -38.51
C VAL J 57 4.52 -25.64 -39.76
N LEU J 58 5.68 -25.95 -40.34
CA LEU J 58 5.71 -26.80 -41.53
C LEU J 58 5.12 -28.18 -41.24
N THR J 59 5.56 -28.80 -40.15
CA THR J 59 5.06 -30.13 -39.84
C THR J 59 3.60 -30.10 -39.42
N ASP J 60 3.15 -29.02 -38.76
CA ASP J 60 1.74 -28.89 -38.45
C ASP J 60 0.91 -28.87 -39.74
N ARG J 61 1.36 -28.09 -40.72
CA ARG J 61 0.61 -27.98 -41.96
C ARG J 61 0.61 -29.30 -42.73
N ILE J 62 1.74 -29.99 -42.76
CA ILE J 62 1.79 -31.26 -43.49
C ILE J 62 0.94 -32.32 -42.80
N LEU J 63 0.85 -32.27 -41.46
CA LEU J 63 0.01 -33.22 -40.75
C LEU J 63 -1.47 -32.90 -40.95
N LEU J 64 -1.81 -31.62 -41.02
CA LEU J 64 -3.21 -31.24 -41.22
C LEU J 64 -3.73 -31.73 -42.55
N LEU J 65 -2.94 -31.60 -43.61
CA LEU J 65 -3.35 -31.97 -44.96
C LEU J 65 -3.28 -33.47 -45.22
N ASP J 66 -3.23 -34.27 -44.17
CA ASP J 66 -3.16 -35.73 -44.26
C ASP J 66 -1.89 -36.16 -45.01
N GLY J 67 -0.75 -35.77 -44.44
CA GLY J 67 0.54 -36.15 -44.94
C GLY J 67 1.27 -37.09 -44.00
N LEU J 68 2.45 -37.52 -44.43
CA LEU J 68 3.32 -38.39 -43.64
C LEU J 68 4.65 -37.67 -43.49
N PRO J 69 4.83 -36.91 -42.40
CA PRO J 69 6.07 -36.16 -42.22
C PRO J 69 7.26 -37.09 -42.06
N ASN J 70 8.20 -37.01 -43.01
CA ASN J 70 9.43 -37.78 -42.95
C ASN J 70 10.55 -36.94 -42.36
N TYR J 71 11.16 -37.45 -41.30
CA TYR J 71 12.26 -36.76 -40.63
C TYR J 71 13.59 -37.47 -40.83
N GLN J 72 13.65 -38.48 -41.69
CA GLN J 72 14.86 -39.28 -41.84
C GLN J 72 15.84 -38.63 -42.81
N ARG J 73 15.35 -37.99 -43.87
CA ARG J 73 16.23 -37.37 -44.85
C ARG J 73 16.88 -36.11 -44.27
N LEU J 74 18.20 -36.02 -44.44
CA LEU J 74 18.93 -34.81 -44.07
C LEU J 74 19.87 -34.43 -45.20
N PHE J 75 19.94 -33.14 -45.49
CA PHE J 75 20.83 -32.60 -46.50
C PHE J 75 22.25 -32.51 -45.95
N HIS J 76 23.16 -31.97 -46.75
CA HIS J 76 24.55 -31.83 -46.34
C HIS J 76 24.69 -30.76 -45.26
N VAL J 77 25.51 -31.04 -44.26
CA VAL J 77 25.86 -30.09 -43.21
C VAL J 77 27.34 -29.74 -43.37
N ARG J 78 27.64 -28.46 -43.49
CA ARG J 78 29.00 -28.00 -43.69
C ARG J 78 29.39 -27.01 -42.60
N VAL J 79 30.70 -26.96 -42.29
CA VAL J 79 31.22 -26.18 -41.18
C VAL J 79 32.38 -25.33 -41.67
N GLY J 80 32.76 -24.36 -40.83
CA GLY J 80 33.88 -23.50 -41.14
C GLY J 80 34.73 -23.25 -39.90
N GLN J 81 35.76 -22.42 -40.09
CA GLN J 81 36.66 -22.04 -39.00
C GLN J 81 36.59 -20.56 -38.69
N SER J 82 36.78 -19.71 -39.70
CA SER J 82 36.67 -18.28 -39.53
C SER J 82 35.24 -17.81 -39.77
N VAL J 83 35.00 -16.54 -39.48
CA VAL J 83 33.65 -15.99 -39.61
C VAL J 83 33.22 -15.94 -41.08
N THR J 84 34.17 -15.68 -41.98
CA THR J 84 33.82 -15.43 -43.37
C THR J 84 33.10 -16.62 -44.01
N GLU J 85 33.66 -17.82 -43.87
CA GLU J 85 33.06 -18.97 -44.52
C GLU J 85 31.78 -19.41 -43.83
N MET J 86 31.67 -19.21 -42.52
CA MET J 86 30.40 -19.46 -41.85
C MET J 86 29.30 -18.59 -42.43
N PHE J 87 29.58 -17.29 -42.55
CA PHE J 87 28.60 -16.37 -43.12
C PHE J 87 28.28 -16.75 -44.56
N GLN J 88 29.30 -17.12 -45.33
CA GLN J 88 29.10 -17.49 -46.73
C GLN J 88 28.19 -18.71 -46.84
N ALA J 89 28.46 -19.76 -46.06
CA ALA J 89 27.67 -20.97 -46.13
C ALA J 89 26.22 -20.70 -45.72
N ASP J 90 26.03 -19.89 -44.67
CA ASP J 90 24.67 -19.48 -44.33
C ASP J 90 24.00 -18.79 -45.50
N ARG J 91 24.74 -17.92 -46.20
CA ARG J 91 24.20 -17.20 -47.34
C ARG J 91 23.75 -18.15 -48.44
N GLU J 92 24.57 -19.14 -48.78
CA GLU J 92 24.17 -20.04 -49.87
C GLU J 92 23.02 -20.93 -49.46
N VAL J 93 22.98 -21.37 -48.20
CA VAL J 93 21.83 -22.14 -47.73
C VAL J 93 20.55 -21.32 -47.88
N GLU J 94 20.60 -20.06 -47.47
CA GLU J 94 19.44 -19.19 -47.63
C GLU J 94 19.06 -19.03 -49.09
N LEU J 95 20.05 -18.92 -49.99
CA LEU J 95 19.76 -18.76 -51.40
C LEU J 95 19.03 -19.98 -51.96
N GLU J 96 19.52 -21.18 -51.62
CA GLU J 96 18.85 -22.40 -52.08
C GLU J 96 17.43 -22.47 -51.54
N ALA J 97 17.24 -22.11 -50.26
CA ALA J 97 15.90 -22.10 -49.69
C ALA J 97 14.99 -21.14 -50.44
N ILE J 98 15.49 -19.94 -50.75
CA ILE J 98 14.70 -18.96 -51.47
C ILE J 98 14.27 -19.50 -52.82
N ASP J 99 15.20 -20.09 -53.56
CA ASP J 99 14.86 -20.57 -54.90
C ASP J 99 13.84 -21.70 -54.86
N ARG J 100 14.06 -22.67 -53.97
CA ARG J 100 13.13 -23.79 -53.87
C ARG J 100 11.75 -23.33 -53.43
N LEU J 101 11.70 -22.43 -52.44
CA LEU J 101 10.42 -21.92 -51.97
C LEU J 101 9.73 -21.12 -53.06
N ARG J 102 10.50 -20.42 -53.89
CA ARG J 102 9.92 -19.66 -54.99
C ARG J 102 9.24 -20.60 -55.99
N ARG J 103 9.96 -21.65 -56.40
CA ARG J 103 9.36 -22.61 -57.32
C ARG J 103 8.10 -23.23 -56.73
N GLY J 104 8.17 -23.63 -55.46
CA GLY J 104 7.03 -24.24 -54.82
C GLY J 104 5.83 -23.30 -54.72
N ILE J 105 6.07 -22.06 -54.31
CA ILE J 105 4.96 -21.11 -54.14
C ILE J 105 4.26 -20.90 -55.47
N GLU J 106 5.03 -20.69 -56.55
CA GLU J 106 4.38 -20.45 -57.84
C GLU J 106 3.62 -21.69 -58.30
N VAL J 107 4.27 -22.85 -58.28
CA VAL J 107 3.63 -24.03 -58.86
C VAL J 107 2.40 -24.44 -58.05
N MET J 108 2.43 -24.29 -56.73
CA MET J 108 1.28 -24.70 -55.94
C MET J 108 0.15 -23.68 -55.97
N ARG J 109 0.47 -22.38 -55.98
CA ARG J 109 -0.58 -21.39 -56.21
C ARG J 109 -1.23 -21.59 -57.57
N ALA J 110 -0.51 -22.25 -58.50
CA ALA J 110 -1.13 -22.70 -59.74
C ALA J 110 -1.92 -24.00 -59.56
N LYS J 111 -2.33 -24.36 -58.34
CA LYS J 111 -2.98 -25.65 -58.10
C LYS J 111 -4.15 -25.52 -57.11
N HIS J 112 -4.64 -24.30 -56.90
CA HIS J 112 -5.84 -24.05 -56.08
C HIS J 112 -5.64 -24.49 -54.63
N ASP J 113 -4.67 -23.86 -53.97
CA ASP J 113 -4.49 -23.94 -52.53
C ASP J 113 -3.59 -22.78 -52.14
N ILE J 114 -3.96 -22.04 -51.11
CA ILE J 114 -3.31 -20.77 -50.80
C ILE J 114 -2.88 -20.69 -49.33
N THR J 115 -3.44 -21.53 -48.47
CA THR J 115 -3.07 -21.47 -47.05
C THR J 115 -1.60 -21.81 -46.86
N SER J 116 -1.18 -22.98 -47.37
CA SER J 116 0.24 -23.29 -47.36
C SER J 116 1.02 -22.26 -48.18
N ALA J 117 0.37 -21.66 -49.16
CA ALA J 117 1.01 -20.57 -49.88
C ALA J 117 1.27 -19.39 -48.96
N ASN J 118 0.32 -19.08 -48.06
CA ASN J 118 0.53 -17.99 -47.13
C ASN J 118 1.65 -18.30 -46.14
N VAL J 119 1.70 -19.53 -45.62
CA VAL J 119 2.77 -19.84 -44.70
C VAL J 119 4.13 -19.82 -45.42
N PHE J 120 4.14 -20.24 -46.68
CA PHE J 120 5.34 -20.09 -47.50
C PHE J 120 5.72 -18.63 -47.68
N GLU J 121 4.72 -17.75 -47.84
CA GLU J 121 5.01 -16.32 -47.96
C GLU J 121 5.68 -15.80 -46.69
N ALA J 122 5.17 -16.19 -45.53
CA ALA J 122 5.78 -15.77 -44.27
C ALA J 122 7.21 -16.28 -44.15
N ILE J 123 7.42 -17.56 -44.48
CA ILE J 123 8.76 -18.13 -44.41
C ILE J 123 9.70 -17.42 -45.36
N LEU J 124 9.22 -17.11 -46.57
CA LEU J 124 10.04 -16.41 -47.56
C LEU J 124 10.44 -15.04 -47.06
N ALA J 125 9.50 -14.30 -46.46
CA ALA J 125 9.84 -12.98 -45.92
C ALA J 125 10.90 -13.10 -44.83
N ASP J 126 10.74 -14.08 -43.93
CA ASP J 126 11.72 -14.26 -42.87
C ASP J 126 13.10 -14.57 -43.43
N GLU J 127 13.16 -15.45 -44.44
CA GLU J 127 14.44 -15.83 -45.00
C GLU J 127 15.09 -14.68 -45.74
N GLU J 128 14.29 -13.85 -46.43
CA GLU J 128 14.85 -12.66 -47.07
C GLU J 128 15.45 -11.72 -46.03
N HIS J 129 14.76 -11.52 -44.91
CA HIS J 129 15.31 -10.67 -43.87
C HIS J 129 16.63 -11.23 -43.34
N HIS J 130 16.67 -12.54 -43.09
CA HIS J 130 17.89 -13.15 -42.57
C HIS J 130 19.05 -13.04 -43.56
N ILE J 131 18.78 -13.26 -44.85
CA ILE J 131 19.85 -13.17 -45.83
C ILE J 131 20.31 -11.73 -45.99
N ASP J 132 19.41 -10.76 -45.84
CA ASP J 132 19.84 -9.36 -45.85
C ASP J 132 20.80 -9.08 -44.70
N TYR J 133 20.47 -9.59 -43.50
CA TYR J 133 21.38 -9.45 -42.37
C TYR J 133 22.74 -10.08 -42.68
N LEU J 134 22.74 -11.30 -43.23
CA LEU J 134 23.99 -11.97 -43.54
C LEU J 134 24.82 -11.15 -44.52
N GLU J 135 24.18 -10.64 -45.57
CA GLU J 135 24.92 -9.88 -46.57
C GLU J 135 25.52 -8.61 -45.99
N THR J 136 24.74 -7.87 -45.18
CA THR J 136 25.27 -6.62 -44.66
C THR J 136 26.40 -6.87 -43.68
N GLN J 137 26.29 -7.91 -42.84
CA GLN J 137 27.38 -8.16 -41.90
C GLN J 137 28.62 -8.65 -42.63
N LEU J 138 28.46 -9.47 -43.68
CA LEU J 138 29.61 -9.92 -44.45
C LEU J 138 30.31 -8.73 -45.13
N ASP J 139 29.53 -7.81 -45.70
CA ASP J 139 30.14 -6.64 -46.33
C ASP J 139 30.87 -5.79 -45.31
N LEU J 140 30.28 -5.57 -44.13
CA LEU J 140 30.93 -4.71 -43.16
C LEU J 140 32.19 -5.36 -42.59
N ILE J 141 32.19 -6.69 -42.41
CA ILE J 141 33.40 -7.33 -41.91
C ILE J 141 34.49 -7.33 -42.98
N GLU J 142 34.10 -7.44 -44.25
CA GLU J 142 35.09 -7.33 -45.31
C GLU J 142 35.72 -5.94 -45.33
N LYS J 143 34.90 -4.88 -45.25
CA LYS J 143 35.44 -3.53 -45.31
C LYS J 143 36.26 -3.19 -44.07
N LEU J 144 35.74 -3.54 -42.89
CA LEU J 144 36.30 -3.05 -41.64
C LEU J 144 37.60 -3.76 -41.28
N GLY J 145 37.67 -5.07 -41.53
CA GLY J 145 38.81 -5.85 -41.09
C GLY J 145 38.40 -6.91 -40.10
N GLU J 146 39.08 -8.06 -40.11
CA GLU J 146 38.60 -9.20 -39.33
C GLU J 146 38.91 -9.03 -37.84
N SER J 147 40.18 -8.81 -37.50
CA SER J 147 40.55 -8.71 -36.10
C SER J 147 39.87 -7.51 -35.43
N LEU J 148 39.83 -6.37 -36.11
CA LEU J 148 39.16 -5.20 -35.56
C LEU J 148 37.67 -5.46 -35.37
N TYR J 149 37.06 -6.21 -36.28
CA TYR J 149 35.65 -6.59 -36.11
C TYR J 149 35.47 -7.46 -34.89
N LEU J 150 36.29 -8.50 -34.75
CA LEU J 150 36.17 -9.41 -33.62
C LEU J 150 36.44 -8.71 -32.30
N SER J 151 37.25 -7.66 -32.30
CA SER J 151 37.46 -6.89 -31.07
C SER J 151 36.15 -6.26 -30.59
N THR J 152 35.21 -6.02 -31.50
CA THR J 152 33.95 -5.37 -31.13
C THR J 152 32.98 -6.31 -30.44
N VAL J 153 33.12 -7.63 -30.62
CA VAL J 153 32.17 -8.58 -30.06
C VAL J 153 32.70 -9.27 -28.82
N ILE J 154 34.02 -9.34 -28.63
CA ILE J 154 34.57 -10.04 -27.48
C ILE J 154 34.36 -9.23 -26.20
N GLU J 155 34.07 -9.94 -25.12
CA GLU J 155 33.96 -9.32 -23.81
C GLU J 155 34.45 -10.31 -22.76
N GLN J 156 35.18 -9.79 -21.77
CA GLN J 156 35.86 -10.61 -20.77
C GLN J 156 35.12 -10.46 -19.45
N THR J 157 34.28 -11.43 -19.12
CA THR J 157 33.54 -11.40 -17.86
C THR J 157 33.08 -12.81 -17.55
N GLN J 158 32.55 -12.98 -16.34
CA GLN J 158 31.99 -14.26 -15.92
C GLN J 158 30.73 -14.54 -16.72
N PRO J 159 30.11 -15.72 -16.55
CA PRO J 159 28.85 -15.98 -17.25
C PRO J 159 27.81 -14.92 -16.96
N ASP J 160 27.35 -14.22 -18.00
CA ASP J 160 26.47 -13.07 -17.85
C ASP J 160 25.19 -13.47 -17.15
N PRO J 161 24.83 -12.81 -16.05
CA PRO J 161 23.61 -13.17 -15.33
C PRO J 161 22.36 -12.80 -16.11
N SER J 162 21.64 -13.80 -16.60
CA SER J 162 20.43 -13.56 -17.37
C SER J 162 19.23 -13.39 -16.45
N MET K 1 45.52 -29.50 -23.66
CA MET K 1 44.81 -30.72 -23.31
C MET K 1 44.34 -31.44 -24.57
N GLN K 2 44.26 -32.76 -24.51
CA GLN K 2 43.84 -33.58 -25.65
C GLN K 2 43.23 -34.86 -25.13
N GLY K 3 42.02 -35.18 -25.61
CA GLY K 3 41.35 -36.39 -25.21
C GLY K 3 41.78 -37.60 -26.01
N ASP K 4 41.27 -38.77 -25.59
CA ASP K 4 41.54 -40.01 -26.28
C ASP K 4 40.49 -40.28 -27.35
N PRO K 5 40.86 -40.95 -28.44
CA PRO K 5 39.90 -41.18 -29.52
C PRO K 5 38.68 -42.00 -29.12
N GLU K 6 38.84 -42.98 -28.24
CA GLU K 6 37.73 -43.87 -27.92
C GLU K 6 36.61 -43.14 -27.18
N VAL K 7 36.96 -42.30 -26.21
CA VAL K 7 35.94 -41.56 -25.49
C VAL K 7 35.26 -40.56 -26.41
N ILE K 8 36.01 -39.99 -27.35
CA ILE K 8 35.41 -39.11 -28.35
C ILE K 8 34.40 -39.87 -29.20
N GLU K 9 34.75 -41.10 -29.61
CA GLU K 9 33.82 -41.91 -30.37
C GLU K 9 32.56 -42.22 -29.57
N PHE K 10 32.73 -42.54 -28.29
CA PHE K 10 31.56 -42.82 -27.45
C PHE K 10 30.68 -41.60 -27.30
N LEU K 11 31.30 -40.42 -27.13
CA LEU K 11 30.52 -39.20 -27.04
C LEU K 11 29.77 -38.93 -28.34
N ASN K 12 30.41 -39.16 -29.48
CA ASN K 12 29.75 -38.94 -30.77
C ASN K 12 28.55 -39.88 -30.93
N GLU K 13 28.73 -41.16 -30.56
CA GLU K 13 27.62 -42.10 -30.64
C GLU K 13 26.48 -41.69 -29.72
N GLN K 14 26.81 -41.24 -28.50
CA GLN K 14 25.77 -40.77 -27.59
C GLN K 14 25.03 -39.56 -28.18
N LEU K 15 25.77 -38.65 -28.79
CA LEU K 15 25.15 -37.47 -29.38
C LEU K 15 24.20 -37.86 -30.51
N THR K 16 24.63 -38.81 -31.34
CA THR K 16 23.75 -39.29 -32.41
C THR K 16 22.49 -39.92 -31.84
N ALA K 17 22.62 -40.71 -30.78
CA ALA K 17 21.46 -41.33 -30.17
C ALA K 17 20.52 -40.27 -29.60
N GLU K 18 21.06 -39.24 -28.98
CA GLU K 18 20.22 -38.17 -28.44
C GLU K 18 19.49 -37.41 -29.55
N LEU K 19 20.17 -37.16 -30.67
CA LEU K 19 19.49 -36.52 -31.79
C LEU K 19 18.34 -37.38 -32.31
N THR K 20 18.58 -38.68 -32.44
CA THR K 20 17.52 -39.59 -32.88
C THR K 20 16.35 -39.59 -31.91
N ALA K 21 16.65 -39.59 -30.61
CA ALA K 21 15.60 -39.54 -29.61
C ALA K 21 14.80 -38.24 -29.70
N ILE K 22 15.50 -37.12 -29.91
CA ILE K 22 14.82 -35.85 -30.11
C ILE K 22 13.83 -35.94 -31.26
N ASN K 23 14.30 -36.47 -32.38
CA ASN K 23 13.46 -36.58 -33.58
C ASN K 23 12.23 -37.44 -33.30
N GLN K 24 12.45 -38.63 -32.74
CA GLN K 24 11.34 -39.55 -32.52
C GLN K 24 10.35 -38.98 -31.53
N TYR K 25 10.83 -38.37 -30.44
CA TYR K 25 9.94 -37.81 -29.44
C TYR K 25 9.10 -36.67 -30.01
N PHE K 26 9.72 -35.77 -30.77
CA PHE K 26 8.95 -34.67 -31.33
C PHE K 26 7.88 -35.17 -32.29
N LEU K 27 8.25 -36.11 -33.18
CA LEU K 27 7.26 -36.62 -34.12
C LEU K 27 6.13 -37.34 -33.42
N HIS K 28 6.45 -38.14 -32.40
CA HIS K 28 5.42 -38.84 -31.65
C HIS K 28 4.50 -37.87 -30.94
N ALA K 29 5.08 -36.80 -30.36
CA ALA K 29 4.27 -35.81 -29.67
C ALA K 29 3.27 -35.17 -30.63
N LYS K 30 3.75 -34.78 -31.83
CA LYS K 30 2.83 -34.16 -32.78
C LYS K 30 1.75 -35.14 -33.22
N LEU K 31 2.13 -36.39 -33.47
CA LEU K 31 1.13 -37.38 -33.89
C LEU K 31 0.05 -37.58 -32.83
N GLN K 32 0.46 -37.71 -31.56
CA GLN K 32 -0.53 -37.90 -30.51
C GLN K 32 -1.38 -36.65 -30.28
N ASP K 33 -0.77 -35.47 -30.39
CA ASP K 33 -1.55 -34.24 -30.21
C ASP K 33 -2.59 -34.09 -31.31
N HIS K 34 -2.27 -34.52 -32.53
CA HIS K 34 -3.23 -34.39 -33.63
C HIS K 34 -4.49 -35.22 -33.38
N LYS K 35 -4.41 -36.24 -32.54
CA LYS K 35 -5.53 -37.13 -32.27
C LYS K 35 -6.29 -36.77 -31.00
N GLY K 36 -5.93 -35.69 -30.31
CA GLY K 36 -6.67 -35.24 -29.15
C GLY K 36 -6.21 -35.80 -27.82
N TRP K 37 -5.20 -36.69 -27.81
CA TRP K 37 -4.68 -37.25 -26.57
C TRP K 37 -3.73 -36.23 -25.97
N THR K 38 -4.30 -35.25 -25.28
CA THR K 38 -3.56 -34.04 -24.93
C THR K 38 -2.44 -34.31 -23.94
N LYS K 39 -2.74 -34.98 -22.83
CA LYS K 39 -1.77 -35.10 -21.74
C LYS K 39 -0.54 -35.90 -22.18
N LEU K 40 -0.75 -36.96 -22.96
CA LEU K 40 0.38 -37.70 -23.50
C LEU K 40 1.25 -36.81 -24.36
N ALA K 41 0.63 -35.96 -25.18
CA ALA K 41 1.39 -35.03 -26.00
C ALA K 41 2.22 -34.08 -25.15
N LYS K 42 1.62 -33.52 -24.09
CA LYS K 42 2.37 -32.60 -23.23
C LYS K 42 3.56 -33.29 -22.59
N TYR K 43 3.35 -34.51 -22.07
CA TYR K 43 4.47 -35.22 -21.47
C TYR K 43 5.55 -35.51 -22.49
N THR K 44 5.16 -35.84 -23.73
CA THR K 44 6.15 -36.17 -24.74
C THR K 44 6.98 -34.93 -25.12
N ARG K 45 6.34 -33.76 -25.17
CA ARG K 45 7.11 -32.53 -25.38
C ARG K 45 8.09 -32.29 -24.24
N ALA K 46 7.66 -32.56 -23.00
CA ALA K 46 8.57 -32.41 -21.87
C ALA K 46 9.79 -33.33 -22.01
N GLU K 47 9.55 -34.59 -22.39
CA GLU K 47 10.65 -35.53 -22.59
C GLU K 47 11.57 -35.07 -23.72
N SER K 48 11.00 -34.55 -24.80
CA SER K 48 11.81 -34.05 -25.89
C SER K 48 12.71 -32.91 -25.43
N PHE K 49 12.18 -31.98 -24.62
CA PHE K 49 13.00 -30.89 -24.14
C PHE K 49 14.12 -31.39 -23.22
N ASP K 50 13.82 -32.40 -22.40
CA ASP K 50 14.85 -33.01 -21.58
C ASP K 50 15.96 -33.59 -22.45
N GLU K 51 15.59 -34.30 -23.51
CA GLU K 51 16.58 -34.85 -24.42
C GLU K 51 17.41 -33.75 -25.09
N MET K 52 16.77 -32.63 -25.41
CA MET K 52 17.52 -31.52 -26.01
C MET K 52 18.58 -30.99 -25.04
N ARG K 53 18.22 -30.79 -23.77
CA ARG K 53 19.21 -30.28 -22.83
C ARG K 53 20.34 -31.29 -22.62
N HIS K 54 20.00 -32.59 -22.62
CA HIS K 54 21.03 -33.61 -22.53
C HIS K 54 21.98 -33.56 -23.73
N ALA K 55 21.43 -33.41 -24.93
CA ALA K 55 22.26 -33.31 -26.12
C ALA K 55 23.17 -32.09 -26.04
N GLU K 56 22.63 -30.97 -25.55
CA GLU K 56 23.45 -29.75 -25.46
C GLU K 56 24.62 -29.93 -24.51
N VAL K 57 24.39 -30.55 -23.35
CA VAL K 57 25.49 -30.72 -22.40
C VAL K 57 26.51 -31.71 -22.96
N LEU K 58 26.05 -32.74 -23.67
CA LEU K 58 26.99 -33.66 -24.32
C LEU K 58 27.84 -32.94 -25.36
N THR K 59 27.22 -32.04 -26.13
CA THR K 59 27.99 -31.26 -27.11
C THR K 59 29.04 -30.42 -26.41
N ASP K 60 28.67 -29.77 -25.31
CA ASP K 60 29.64 -28.98 -24.57
C ASP K 60 30.83 -29.83 -24.13
N ARG K 61 30.54 -31.00 -23.55
CA ARG K 61 31.64 -31.83 -23.05
C ARG K 61 32.52 -32.32 -24.19
N ILE K 62 31.93 -32.83 -25.27
CA ILE K 62 32.75 -33.37 -26.36
C ILE K 62 33.56 -32.27 -27.02
N LEU K 63 33.01 -31.06 -27.13
CA LEU K 63 33.75 -29.94 -27.68
C LEU K 63 34.87 -29.48 -26.75
N LEU K 64 34.72 -29.69 -25.44
CA LEU K 64 35.78 -29.32 -24.51
C LEU K 64 37.07 -30.05 -24.81
N LEU K 65 36.99 -31.29 -25.29
CA LEU K 65 38.15 -32.14 -25.48
C LEU K 65 38.88 -31.91 -26.80
N ASP K 66 38.69 -30.74 -27.42
CA ASP K 66 39.33 -30.42 -28.70
C ASP K 66 38.98 -31.47 -29.77
N GLY K 67 37.70 -31.84 -29.82
CA GLY K 67 37.22 -32.79 -30.80
C GLY K 67 36.17 -32.20 -31.71
N LEU K 68 35.61 -33.02 -32.59
CA LEU K 68 34.59 -32.57 -33.54
C LEU K 68 33.33 -33.40 -33.38
N PRO K 69 32.22 -32.80 -32.97
CA PRO K 69 30.97 -33.56 -32.85
C PRO K 69 30.44 -33.96 -34.21
N ASN K 70 29.53 -34.94 -34.20
CA ASN K 70 28.92 -35.45 -35.43
C ASN K 70 27.44 -35.09 -35.43
N TYR K 71 27.00 -34.43 -36.50
CA TYR K 71 25.60 -34.09 -36.70
C TYR K 71 25.03 -34.55 -38.04
N GLN K 72 25.87 -34.80 -39.05
CA GLN K 72 25.37 -35.21 -40.35
C GLN K 72 24.66 -36.56 -40.27
N ARG K 73 25.20 -37.47 -39.48
CA ARG K 73 24.68 -38.83 -39.39
C ARG K 73 23.79 -38.98 -38.17
N LEU K 74 22.69 -39.71 -38.37
CA LEU K 74 21.76 -40.02 -37.29
C LEU K 74 21.33 -41.48 -37.42
N PHE K 75 20.85 -42.04 -36.32
CA PHE K 75 20.41 -43.42 -36.32
C PHE K 75 19.02 -43.55 -36.93
N HIS K 76 18.55 -44.78 -37.06
CA HIS K 76 17.24 -45.04 -37.63
C HIS K 76 16.13 -44.53 -36.72
N VAL K 77 15.04 -44.06 -37.31
CA VAL K 77 13.89 -43.54 -36.58
C VAL K 77 12.68 -44.38 -36.96
N ARG K 78 11.90 -44.78 -35.95
CA ARG K 78 10.76 -45.67 -36.15
C ARG K 78 9.50 -45.02 -35.58
N VAL K 79 8.39 -45.18 -36.30
CA VAL K 79 7.12 -44.56 -35.94
C VAL K 79 6.03 -45.63 -36.03
N GLY K 80 4.98 -45.45 -35.23
CA GLY K 80 3.84 -46.35 -35.22
C GLY K 80 2.53 -45.59 -35.29
N GLN K 81 1.45 -46.37 -35.31
CA GLN K 81 0.10 -45.82 -35.45
C GLN K 81 -0.73 -45.91 -34.17
N SER K 82 -0.44 -46.87 -33.29
CA SER K 82 -1.10 -46.97 -32.00
C SER K 82 -0.10 -46.67 -30.89
N VAL K 83 -0.64 -46.58 -29.66
CA VAL K 83 0.20 -46.22 -28.52
C VAL K 83 1.23 -47.31 -28.21
N THR K 84 0.84 -48.58 -28.39
CA THR K 84 1.71 -49.67 -27.97
C THR K 84 3.00 -49.70 -28.77
N GLU K 85 2.91 -49.54 -30.09
CA GLU K 85 4.11 -49.65 -30.92
C GLU K 85 5.10 -48.53 -30.62
N MET K 86 4.61 -47.29 -30.46
CA MET K 86 5.52 -46.21 -30.11
C MET K 86 6.10 -46.43 -28.72
N PHE K 87 5.32 -46.99 -27.79
CA PHE K 87 5.87 -47.30 -26.48
C PHE K 87 7.00 -48.32 -26.57
N GLN K 88 6.82 -49.39 -27.35
CA GLN K 88 7.89 -50.36 -27.49
C GLN K 88 9.11 -49.78 -28.20
N ALA K 89 8.89 -48.91 -29.19
CA ALA K 89 10.02 -48.28 -29.87
C ALA K 89 10.84 -47.45 -28.89
N ASP K 90 10.16 -46.65 -28.06
CA ASP K 90 10.87 -45.89 -27.04
C ASP K 90 11.60 -46.82 -26.07
N ARG K 91 10.95 -47.91 -25.67
CA ARG K 91 11.57 -48.85 -24.74
C ARG K 91 12.86 -49.42 -25.32
N GLU K 92 12.83 -49.86 -26.58
CA GLU K 92 14.00 -50.52 -27.13
C GLU K 92 15.13 -49.52 -27.40
N VAL K 93 14.80 -48.31 -27.85
CA VAL K 93 15.88 -47.33 -28.05
C VAL K 93 16.50 -46.96 -26.71
N GLU K 94 15.69 -46.86 -25.65
CA GLU K 94 16.25 -46.58 -24.33
C GLU K 94 17.11 -47.73 -23.84
N LEU K 95 16.72 -48.97 -24.16
CA LEU K 95 17.50 -50.13 -23.73
C LEU K 95 18.87 -50.14 -24.40
N GLU K 96 18.91 -49.95 -25.72
CA GLU K 96 20.21 -49.92 -26.39
C GLU K 96 21.05 -48.75 -25.90
N ALA K 97 20.40 -47.60 -25.63
CA ALA K 97 21.13 -46.46 -25.08
C ALA K 97 21.75 -46.79 -23.73
N ILE K 98 21.00 -47.43 -22.83
CA ILE K 98 21.53 -47.72 -21.50
C ILE K 98 22.68 -48.72 -21.59
N ASP K 99 22.56 -49.69 -22.50
CA ASP K 99 23.67 -50.64 -22.69
C ASP K 99 24.94 -49.93 -23.12
N ARG K 100 24.86 -49.09 -24.16
CA ARG K 100 26.04 -48.39 -24.62
C ARG K 100 26.57 -47.45 -23.55
N LEU K 101 25.67 -46.84 -22.77
CA LEU K 101 26.08 -45.96 -21.69
C LEU K 101 26.93 -46.71 -20.67
N ARG K 102 26.47 -47.90 -20.25
CA ARG K 102 27.22 -48.68 -19.28
C ARG K 102 28.60 -49.06 -19.82
N ARG K 103 28.64 -49.53 -21.07
CA ARG K 103 29.94 -49.94 -21.64
C ARG K 103 30.90 -48.76 -21.73
N GLY K 104 30.42 -47.61 -22.21
CA GLY K 104 31.28 -46.44 -22.29
C GLY K 104 31.75 -45.99 -20.92
N ILE K 105 30.86 -46.07 -19.92
CA ILE K 105 31.26 -45.71 -18.56
C ILE K 105 32.42 -46.57 -18.11
N GLU K 106 32.31 -47.89 -18.28
CA GLU K 106 33.39 -48.77 -17.83
C GLU K 106 34.69 -48.47 -18.56
N VAL K 107 34.65 -48.36 -19.89
CA VAL K 107 35.88 -48.18 -20.66
C VAL K 107 36.54 -46.85 -20.31
N MET K 108 35.76 -45.77 -20.31
CA MET K 108 36.32 -44.45 -20.07
C MET K 108 36.75 -44.28 -18.61
N ARG K 109 36.10 -44.98 -17.68
CA ARG K 109 36.60 -45.04 -16.32
C ARG K 109 37.97 -45.72 -16.28
N ALA K 110 38.12 -46.81 -17.04
CA ALA K 110 39.43 -47.44 -17.13
C ALA K 110 40.45 -46.54 -17.81
N LYS K 111 40.00 -45.55 -18.58
CA LYS K 111 40.91 -44.65 -19.29
C LYS K 111 41.11 -43.33 -18.54
N HIS K 112 40.84 -43.31 -17.23
CA HIS K 112 41.22 -42.24 -16.30
C HIS K 112 40.38 -40.98 -16.40
N ASP K 113 39.49 -40.87 -17.38
CA ASP K 113 38.63 -39.69 -17.43
C ASP K 113 37.59 -39.77 -16.32
N ILE K 114 37.18 -38.60 -15.82
CA ILE K 114 36.38 -38.50 -14.61
C ILE K 114 35.08 -37.74 -14.85
N THR K 115 35.18 -36.51 -15.37
CA THR K 115 33.98 -35.69 -15.55
C THR K 115 33.01 -36.33 -16.53
N SER K 116 33.54 -36.91 -17.61
CA SER K 116 32.71 -37.69 -18.52
C SER K 116 31.97 -38.79 -17.78
N ALA K 117 32.62 -39.43 -16.81
CA ALA K 117 31.92 -40.45 -16.04
C ALA K 117 30.70 -39.88 -15.36
N ASN K 118 30.83 -38.71 -14.74
CA ASN K 118 29.71 -38.10 -14.04
C ASN K 118 28.57 -37.75 -15.00
N VAL K 119 28.90 -37.19 -16.17
CA VAL K 119 27.83 -36.82 -17.08
C VAL K 119 27.13 -38.05 -17.63
N PHE K 120 27.89 -39.11 -17.93
CA PHE K 120 27.26 -40.37 -18.32
C PHE K 120 26.39 -40.92 -17.21
N GLU K 121 26.79 -40.74 -15.95
CA GLU K 121 25.93 -41.24 -14.86
C GLU K 121 24.62 -40.46 -14.81
N ALA K 122 24.69 -39.14 -14.99
CA ALA K 122 23.47 -38.34 -14.99
C ALA K 122 22.52 -38.78 -16.11
N ILE K 123 23.06 -38.92 -17.32
CA ILE K 123 22.22 -39.35 -18.44
C ILE K 123 21.70 -40.76 -18.22
N LEU K 124 22.50 -41.62 -17.60
CA LEU K 124 22.07 -42.98 -17.31
C LEU K 124 20.88 -42.99 -16.37
N ALA K 125 20.96 -42.20 -15.30
CA ALA K 125 19.86 -42.15 -14.34
C ALA K 125 18.59 -41.62 -15.00
N ASP K 126 18.71 -40.56 -15.81
CA ASP K 126 17.53 -40.02 -16.46
C ASP K 126 16.89 -41.02 -17.42
N GLU K 127 17.72 -41.71 -18.20
CA GLU K 127 17.18 -42.71 -19.13
C GLU K 127 16.54 -43.87 -18.38
N GLU K 128 17.11 -44.27 -17.25
CA GLU K 128 16.51 -45.32 -16.44
C GLU K 128 15.14 -44.90 -15.92
N HIS K 129 15.03 -43.66 -15.45
CA HIS K 129 13.74 -43.14 -15.00
C HIS K 129 12.72 -43.17 -16.14
N HIS K 130 13.12 -42.77 -17.34
CA HIS K 130 12.21 -42.79 -18.47
C HIS K 130 11.77 -44.20 -18.81
N ILE K 131 12.69 -45.17 -18.73
CA ILE K 131 12.33 -46.56 -18.96
C ILE K 131 11.29 -47.02 -17.95
N ASP K 132 11.48 -46.63 -16.68
CA ASP K 132 10.52 -46.97 -15.64
C ASP K 132 9.13 -46.46 -16.01
N TYR K 133 9.05 -45.19 -16.39
CA TYR K 133 7.76 -44.60 -16.74
C TYR K 133 7.13 -45.35 -17.91
N LEU K 134 7.93 -45.64 -18.94
CA LEU K 134 7.40 -46.31 -20.12
C LEU K 134 6.85 -47.68 -19.77
N GLU K 135 7.58 -48.45 -18.96
CA GLU K 135 7.11 -49.78 -18.60
C GLU K 135 5.82 -49.71 -17.78
N THR K 136 5.75 -48.74 -16.85
CA THR K 136 4.55 -48.62 -16.04
C THR K 136 3.34 -48.27 -16.90
N GLN K 137 3.50 -47.33 -17.83
CA GLN K 137 2.38 -47.02 -18.73
C GLN K 137 2.02 -48.24 -19.57
N LEU K 138 3.02 -48.99 -20.04
CA LEU K 138 2.76 -50.13 -20.89
C LEU K 138 1.93 -51.18 -20.18
N ASP K 139 2.35 -51.60 -18.98
CA ASP K 139 1.59 -52.68 -18.33
C ASP K 139 0.27 -52.16 -17.77
N LEU K 140 0.19 -50.87 -17.44
CA LEU K 140 -1.10 -50.30 -17.08
C LEU K 140 -2.09 -50.40 -18.23
N ILE K 141 -1.65 -50.03 -19.45
CA ILE K 141 -2.53 -50.13 -20.61
C ILE K 141 -2.88 -51.59 -20.88
N GLU K 142 -1.90 -52.49 -20.78
CA GLU K 142 -2.16 -53.89 -21.05
C GLU K 142 -3.21 -54.46 -20.12
N LYS K 143 -3.03 -54.28 -18.80
CA LYS K 143 -4.00 -54.81 -17.85
C LYS K 143 -5.36 -54.12 -17.98
N LEU K 144 -5.38 -52.80 -18.18
CA LEU K 144 -6.62 -52.06 -18.12
C LEU K 144 -7.37 -52.14 -19.46
N GLY K 145 -6.74 -51.75 -20.54
CA GLY K 145 -7.35 -51.85 -21.85
C GLY K 145 -7.10 -50.60 -22.69
N GLU K 146 -7.21 -50.79 -24.01
CA GLU K 146 -7.01 -49.68 -24.94
C GLU K 146 -8.09 -48.61 -24.79
N SER K 147 -9.36 -49.03 -24.82
CA SER K 147 -10.46 -48.07 -24.90
C SER K 147 -10.52 -47.19 -23.66
N LEU K 148 -10.54 -47.79 -22.47
CA LEU K 148 -10.67 -47.00 -21.26
C LEU K 148 -9.45 -46.11 -21.04
N TYR K 149 -8.26 -46.60 -21.36
CA TYR K 149 -7.07 -45.78 -21.24
C TYR K 149 -7.14 -44.57 -22.16
N LEU K 150 -7.57 -44.77 -23.40
CA LEU K 150 -7.71 -43.63 -24.31
C LEU K 150 -8.80 -42.68 -23.82
N SER K 151 -9.86 -43.22 -23.22
CA SER K 151 -10.94 -42.37 -22.71
C SER K 151 -10.46 -41.48 -21.57
N THR K 152 -9.64 -42.03 -20.67
CA THR K 152 -9.28 -41.29 -19.47
C THR K 152 -8.26 -40.18 -19.72
N VAL K 153 -7.88 -39.91 -20.96
CA VAL K 153 -6.83 -38.94 -21.25
C VAL K 153 -7.29 -37.84 -22.20
N ILE K 154 -8.46 -37.98 -22.82
CA ILE K 154 -8.93 -36.96 -23.77
C ILE K 154 -9.47 -35.78 -22.98
N GLU K 155 -9.28 -34.57 -23.53
CA GLU K 155 -9.70 -33.33 -22.88
C GLU K 155 -10.78 -32.60 -23.65
N GLN K 156 -10.53 -32.27 -24.92
CA GLN K 156 -11.47 -31.51 -25.76
C GLN K 156 -11.82 -30.18 -25.11
N THR K 157 -10.78 -29.36 -24.94
CA THR K 157 -10.94 -28.05 -24.33
C THR K 157 -11.02 -26.95 -25.39
N MET L 1 37.09 -42.20 11.11
CA MET L 1 37.60 -42.81 12.33
C MET L 1 39.11 -42.54 12.40
N GLN L 2 39.84 -42.99 11.38
CA GLN L 2 41.20 -42.52 11.12
C GLN L 2 41.51 -42.79 9.66
N GLY L 3 42.62 -42.25 9.19
CA GLY L 3 43.06 -42.43 7.82
C GLY L 3 44.53 -42.78 7.75
N ASP L 4 44.91 -43.53 6.72
CA ASP L 4 46.30 -43.83 6.47
C ASP L 4 47.04 -42.59 5.98
N PRO L 5 48.35 -42.48 6.26
CA PRO L 5 49.05 -41.22 5.97
C PRO L 5 49.13 -40.87 4.50
N GLU L 6 48.89 -41.81 3.59
CA GLU L 6 48.99 -41.50 2.16
C GLU L 6 47.93 -40.49 1.73
N VAL L 7 46.67 -40.74 2.10
CA VAL L 7 45.63 -39.78 1.77
C VAL L 7 45.86 -38.47 2.49
N ILE L 8 46.39 -38.53 3.71
CA ILE L 8 46.66 -37.32 4.47
C ILE L 8 47.68 -36.45 3.75
N GLU L 9 48.78 -37.06 3.28
CA GLU L 9 49.80 -36.28 2.58
C GLU L 9 49.31 -35.81 1.21
N PHE L 10 48.46 -36.59 0.54
CA PHE L 10 47.86 -36.12 -0.70
C PHE L 10 47.03 -34.86 -0.47
N LEU L 11 46.19 -34.88 0.57
CA LEU L 11 45.38 -33.71 0.88
C LEU L 11 46.24 -32.53 1.31
N ASN L 12 47.33 -32.79 2.04
CA ASN L 12 48.24 -31.72 2.43
C ASN L 12 48.90 -31.10 1.21
N GLU L 13 49.32 -31.93 0.25
CA GLU L 13 49.87 -31.39 -0.99
C GLU L 13 48.86 -30.53 -1.72
N GLN L 14 47.61 -30.99 -1.79
CA GLN L 14 46.58 -30.20 -2.45
C GLN L 14 46.34 -28.89 -1.72
N LEU L 15 46.36 -28.91 -0.39
CA LEU L 15 46.17 -27.69 0.38
C LEU L 15 47.29 -26.69 0.14
N THR L 16 48.53 -27.18 0.11
CA THR L 16 49.66 -26.30 -0.18
C THR L 16 49.54 -25.71 -1.58
N ALA L 17 49.14 -26.53 -2.56
CA ALA L 17 48.96 -26.02 -3.92
C ALA L 17 47.88 -24.95 -3.96
N GLU L 18 46.79 -25.15 -3.23
CA GLU L 18 45.72 -24.16 -3.22
C GLU L 18 46.15 -22.87 -2.54
N LEU L 19 46.96 -22.96 -1.49
CA LEU L 19 47.51 -21.74 -0.88
C LEU L 19 48.38 -20.99 -1.86
N THR L 20 49.23 -21.72 -2.60
CA THR L 20 50.02 -21.08 -3.64
C THR L 20 49.14 -20.42 -4.68
N ALA L 21 48.04 -21.10 -5.06
CA ALA L 21 47.14 -20.56 -6.07
C ALA L 21 46.49 -19.27 -5.60
N ILE L 22 45.99 -19.25 -4.36
CA ILE L 22 45.33 -18.03 -3.87
C ILE L 22 46.33 -16.90 -3.79
N ASN L 23 47.54 -17.17 -3.32
CA ASN L 23 48.57 -16.14 -3.26
C ASN L 23 48.86 -15.56 -4.63
N GLN L 24 49.12 -16.44 -5.60
CA GLN L 24 49.48 -15.99 -6.95
C GLN L 24 48.33 -15.21 -7.58
N TYR L 25 47.11 -15.70 -7.44
CA TYR L 25 45.97 -15.03 -8.06
C TYR L 25 45.74 -13.66 -7.43
N PHE L 26 45.87 -13.55 -6.11
CA PHE L 26 45.69 -12.26 -5.47
C PHE L 26 46.74 -11.26 -5.93
N LEU L 27 48.01 -11.69 -6.01
CA LEU L 27 49.05 -10.77 -6.46
C LEU L 27 48.80 -10.33 -7.90
N HIS L 28 48.40 -11.27 -8.77
CA HIS L 28 48.11 -10.91 -10.15
C HIS L 28 46.97 -9.92 -10.23
N ALA L 29 45.91 -10.14 -9.44
CA ALA L 29 44.78 -9.21 -9.44
C ALA L 29 45.21 -7.83 -9.02
N LYS L 30 46.04 -7.74 -7.97
CA LYS L 30 46.49 -6.43 -7.51
C LYS L 30 47.33 -5.72 -8.57
N LEU L 31 48.26 -6.43 -9.20
CA LEU L 31 49.12 -5.77 -10.17
C LEU L 31 48.31 -5.33 -11.40
N GLN L 32 47.35 -6.17 -11.83
CA GLN L 32 46.54 -5.80 -12.99
C GLN L 32 45.62 -4.62 -12.67
N ASP L 33 45.07 -4.58 -11.46
CA ASP L 33 44.28 -3.41 -11.07
C ASP L 33 45.14 -2.16 -11.02
N HIS L 34 46.39 -2.30 -10.59
CA HIS L 34 47.32 -1.17 -10.67
C HIS L 34 47.53 -0.73 -12.11
N LYS L 35 47.61 -1.69 -13.04
CA LYS L 35 47.88 -1.35 -14.43
C LYS L 35 46.69 -0.69 -15.12
N GLY L 36 45.51 -0.71 -14.51
CA GLY L 36 44.33 -0.09 -15.10
C GLY L 36 43.42 -1.02 -15.85
N TRP L 37 43.56 -2.33 -15.69
CA TRP L 37 42.75 -3.32 -16.39
C TRP L 37 41.72 -3.86 -15.40
N THR L 38 40.49 -3.36 -15.49
CA THR L 38 39.50 -3.59 -14.44
C THR L 38 38.82 -4.96 -14.56
N LYS L 39 38.39 -5.33 -15.77
CA LYS L 39 37.63 -6.57 -15.94
C LYS L 39 38.45 -7.79 -15.53
N LEU L 40 39.68 -7.88 -16.02
CA LEU L 40 40.54 -9.01 -15.65
C LEU L 40 40.80 -9.01 -14.15
N ALA L 41 40.92 -7.82 -13.55
CA ALA L 41 41.14 -7.74 -12.12
C ALA L 41 39.97 -8.34 -11.35
N LYS L 42 38.74 -7.98 -11.72
CA LYS L 42 37.58 -8.55 -11.03
C LYS L 42 37.52 -10.05 -11.23
N TYR L 43 37.79 -10.51 -12.45
CA TYR L 43 37.68 -11.94 -12.73
C TYR L 43 38.72 -12.73 -11.93
N THR L 44 39.94 -12.20 -11.83
CA THR L 44 40.96 -12.88 -11.04
C THR L 44 40.62 -12.86 -9.55
N ARG L 45 39.99 -11.77 -9.07
CA ARG L 45 39.55 -11.76 -7.68
C ARG L 45 38.52 -12.86 -7.43
N ALA L 46 37.59 -13.04 -8.37
CA ALA L 46 36.61 -14.11 -8.23
C ALA L 46 37.29 -15.48 -8.22
N GLU L 47 38.30 -15.66 -9.09
CA GLU L 47 39.03 -16.92 -9.11
C GLU L 47 39.73 -17.17 -7.77
N SER L 48 40.31 -16.12 -7.18
CA SER L 48 40.96 -16.26 -5.89
C SER L 48 39.96 -16.67 -4.81
N PHE L 49 38.77 -16.07 -4.83
CA PHE L 49 37.75 -16.47 -3.87
C PHE L 49 37.35 -17.94 -4.05
N ASP L 50 37.25 -18.38 -5.30
CA ASP L 50 36.93 -19.78 -5.57
C ASP L 50 37.99 -20.71 -4.98
N GLU L 51 39.26 -20.37 -5.21
CA GLU L 51 40.34 -21.19 -4.65
C GLU L 51 40.32 -21.17 -3.13
N MET L 52 39.97 -20.02 -2.53
CA MET L 52 39.84 -19.96 -1.08
C MET L 52 38.76 -20.91 -0.57
N ARG L 53 37.62 -20.97 -1.27
CA ARG L 53 36.58 -21.91 -0.87
C ARG L 53 37.05 -23.35 -1.01
N HIS L 54 37.82 -23.64 -2.06
CA HIS L 54 38.37 -24.98 -2.24
C HIS L 54 39.27 -25.36 -1.06
N ALA L 55 40.14 -24.44 -0.65
CA ALA L 55 40.99 -24.70 0.49
C ALA L 55 40.16 -24.90 1.76
N GLU L 56 39.08 -24.12 1.89
CA GLU L 56 38.17 -24.27 3.03
C GLU L 56 37.66 -25.70 3.13
N VAL L 57 37.08 -26.21 2.04
CA VAL L 57 36.48 -27.54 2.11
C VAL L 57 37.56 -28.60 2.30
N LEU L 58 38.73 -28.40 1.68
CA LEU L 58 39.80 -29.38 1.81
C LEU L 58 40.29 -29.49 3.25
N THR L 59 40.50 -28.34 3.92
CA THR L 59 40.98 -28.42 5.29
C THR L 59 39.89 -28.94 6.22
N ASP L 60 38.62 -28.64 5.92
CA ASP L 60 37.53 -29.27 6.67
C ASP L 60 37.64 -30.79 6.59
N ARG L 61 37.80 -31.32 5.37
CA ARG L 61 37.86 -32.76 5.21
C ARG L 61 39.08 -33.36 5.89
N ILE L 62 40.24 -32.70 5.78
CA ILE L 62 41.44 -33.28 6.39
C ILE L 62 41.34 -33.28 7.91
N LEU L 63 40.71 -32.26 8.51
CA LEU L 63 40.50 -32.31 9.94
C LEU L 63 39.41 -33.30 10.33
N LEU L 64 38.56 -33.68 9.39
CA LEU L 64 37.62 -34.77 9.67
C LEU L 64 38.36 -36.07 9.96
N LEU L 65 39.42 -36.36 9.21
CA LEU L 65 40.18 -37.60 9.38
C LEU L 65 41.19 -37.53 10.53
N ASP L 66 41.06 -36.55 11.42
CA ASP L 66 41.93 -36.44 12.60
C ASP L 66 43.40 -36.31 12.18
N GLY L 67 43.69 -35.23 11.45
CA GLY L 67 45.01 -34.97 10.96
C GLY L 67 45.49 -33.57 11.33
N LEU L 68 46.66 -33.21 10.80
CA LEU L 68 47.30 -31.93 11.06
C LEU L 68 47.63 -31.24 9.74
N PRO L 69 46.78 -30.32 9.29
CA PRO L 69 47.14 -29.50 8.13
C PRO L 69 48.34 -28.62 8.46
N ASN L 70 49.21 -28.41 7.47
CA ASN L 70 50.39 -27.58 7.63
C ASN L 70 50.25 -26.33 6.79
N TYR L 71 50.28 -25.17 7.45
CA TYR L 71 50.26 -23.88 6.77
C TYR L 71 51.64 -23.28 6.64
N GLN L 72 52.69 -24.04 6.95
CA GLN L 72 54.05 -23.56 6.89
C GLN L 72 54.73 -23.82 5.55
N ARG L 73 54.22 -24.76 4.75
CA ARG L 73 54.84 -25.13 3.49
C ARG L 73 54.11 -24.44 2.34
N LEU L 74 54.87 -23.78 1.47
CA LEU L 74 54.34 -23.11 0.29
C LEU L 74 55.18 -23.49 -0.92
N PHE L 75 54.55 -23.53 -2.09
CA PHE L 75 55.24 -23.83 -3.33
C PHE L 75 55.85 -22.57 -3.96
N HIS L 76 56.46 -22.74 -5.13
CA HIS L 76 57.12 -21.61 -5.76
C HIS L 76 56.06 -20.77 -6.47
N VAL L 77 56.20 -19.45 -6.36
CA VAL L 77 55.24 -18.50 -6.90
C VAL L 77 55.94 -17.65 -7.96
N ARG L 78 55.23 -17.39 -9.06
CA ARG L 78 55.79 -16.65 -10.19
C ARG L 78 54.87 -15.51 -10.57
N VAL L 79 55.44 -14.43 -11.09
CA VAL L 79 54.69 -13.32 -11.65
C VAL L 79 55.34 -12.93 -12.97
N GLY L 80 54.72 -11.94 -13.64
CA GLY L 80 55.26 -11.44 -14.89
C GLY L 80 54.86 -10.00 -15.12
N GLN L 81 55.31 -9.46 -16.25
CA GLN L 81 55.03 -8.07 -16.61
C GLN L 81 53.80 -7.95 -17.50
N SER L 82 53.82 -8.57 -18.68
CA SER L 82 52.69 -8.48 -19.60
C SER L 82 51.68 -9.57 -19.26
N VAL L 83 50.70 -9.76 -20.13
CA VAL L 83 49.62 -10.71 -19.87
C VAL L 83 50.00 -12.14 -20.26
N THR L 84 50.82 -12.31 -21.30
CA THR L 84 51.10 -13.65 -21.81
C THR L 84 51.77 -14.52 -20.75
N GLU L 85 52.78 -13.97 -20.06
CA GLU L 85 53.54 -14.77 -19.11
C GLU L 85 52.72 -15.10 -17.88
N MET L 86 51.88 -14.19 -17.40
CA MET L 86 51.05 -14.52 -16.25
C MET L 86 49.98 -15.54 -16.61
N PHE L 87 49.40 -15.42 -17.82
CA PHE L 87 48.49 -16.45 -18.30
C PHE L 87 49.19 -17.81 -18.33
N GLN L 88 50.42 -17.85 -18.87
CA GLN L 88 51.14 -19.11 -18.95
C GLN L 88 51.47 -19.66 -17.56
N ALA L 89 51.83 -18.79 -16.62
CA ALA L 89 52.14 -19.25 -15.27
C ALA L 89 50.92 -19.85 -14.59
N ASP L 90 49.76 -19.19 -14.71
CA ASP L 90 48.53 -19.74 -14.16
C ASP L 90 48.19 -21.07 -14.83
N ARG L 91 48.38 -21.16 -16.15
CA ARG L 91 48.13 -22.39 -16.87
C ARG L 91 49.03 -23.52 -16.37
N GLU L 92 50.31 -23.21 -16.14
CA GLU L 92 51.24 -24.23 -15.65
C GLU L 92 50.87 -24.71 -14.26
N VAL L 93 50.50 -23.78 -13.37
CA VAL L 93 50.06 -24.16 -12.03
C VAL L 93 48.84 -25.06 -12.12
N GLU L 94 47.88 -24.69 -12.98
CA GLU L 94 46.67 -25.47 -13.14
C GLU L 94 46.98 -26.87 -13.68
N LEU L 95 47.90 -26.97 -14.63
CA LEU L 95 48.24 -28.28 -15.20
C LEU L 95 48.89 -29.19 -14.16
N GLU L 96 49.82 -28.64 -13.38
CA GLU L 96 50.40 -29.45 -12.31
C GLU L 96 49.34 -29.90 -11.32
N ALA L 97 48.44 -28.99 -10.95
CA ALA L 97 47.38 -29.34 -10.01
C ALA L 97 46.49 -30.46 -10.56
N ILE L 98 46.12 -30.36 -11.84
CA ILE L 98 45.20 -31.34 -12.41
C ILE L 98 45.87 -32.71 -12.52
N ASP L 99 47.16 -32.74 -12.87
CA ASP L 99 47.86 -34.02 -12.94
C ASP L 99 47.92 -34.68 -11.58
N ARG L 100 48.32 -33.92 -10.55
CA ARG L 100 48.41 -34.51 -9.22
C ARG L 100 47.04 -34.92 -8.71
N LEU L 101 46.00 -34.15 -9.03
CA LEU L 101 44.65 -34.52 -8.64
C LEU L 101 44.23 -35.84 -9.27
N ARG L 102 44.54 -36.03 -10.56
CA ARG L 102 44.18 -37.28 -11.22
C ARG L 102 44.88 -38.47 -10.57
N ARG L 103 46.18 -38.31 -10.28
CA ARG L 103 46.91 -39.41 -9.63
C ARG L 103 46.30 -39.73 -8.26
N GLY L 104 46.01 -38.69 -7.47
CA GLY L 104 45.44 -38.91 -6.15
C GLY L 104 44.07 -39.57 -6.21
N ILE L 105 43.24 -39.16 -7.17
CA ILE L 105 41.94 -39.80 -7.32
C ILE L 105 42.12 -41.28 -7.62
N GLU L 106 43.02 -41.60 -8.56
CA GLU L 106 43.22 -43.00 -8.91
C GLU L 106 43.61 -43.81 -7.67
N VAL L 107 44.62 -43.35 -6.93
CA VAL L 107 45.13 -44.16 -5.82
C VAL L 107 44.09 -44.25 -4.70
N MET L 108 43.44 -43.14 -4.36
CA MET L 108 42.48 -43.17 -3.27
C MET L 108 41.28 -44.03 -3.60
N ARG L 109 40.72 -43.89 -4.82
CA ARG L 109 39.63 -44.76 -5.21
C ARG L 109 40.06 -46.22 -5.16
N ALA L 110 41.33 -46.49 -5.46
CA ALA L 110 41.85 -47.83 -5.23
C ALA L 110 41.92 -48.21 -3.77
N LYS L 111 41.96 -47.24 -2.85
CA LYS L 111 42.22 -47.54 -1.43
C LYS L 111 41.02 -47.17 -0.56
N HIS L 112 39.82 -47.58 -0.98
CA HIS L 112 38.65 -47.69 -0.07
C HIS L 112 38.33 -46.41 0.68
N ASP L 113 38.24 -45.29 -0.05
CA ASP L 113 37.74 -44.04 0.51
C ASP L 113 37.10 -43.24 -0.61
N ILE L 114 36.02 -42.52 -0.29
CA ILE L 114 35.09 -42.00 -1.30
C ILE L 114 34.90 -40.50 -1.17
N THR L 115 34.55 -40.02 0.03
CA THR L 115 34.15 -38.62 0.19
C THR L 115 35.25 -37.66 -0.25
N SER L 116 36.47 -37.87 0.25
CA SER L 116 37.57 -37.03 -0.22
C SER L 116 37.76 -37.19 -1.72
N ALA L 117 37.65 -38.42 -2.24
CA ALA L 117 37.71 -38.61 -3.68
C ALA L 117 36.66 -37.75 -4.39
N ASN L 118 35.44 -37.68 -3.83
CA ASN L 118 34.39 -36.86 -4.42
C ASN L 118 34.78 -35.40 -4.49
N VAL L 119 35.31 -34.85 -3.39
CA VAL L 119 35.73 -33.45 -3.46
C VAL L 119 36.90 -33.30 -4.42
N PHE L 120 37.68 -34.37 -4.62
CA PHE L 120 38.71 -34.33 -5.65
C PHE L 120 38.13 -34.15 -7.05
N GLU L 121 37.11 -34.93 -7.45
CA GLU L 121 36.63 -34.69 -8.82
C GLU L 121 35.87 -33.36 -8.90
N ALA L 122 35.30 -32.90 -7.79
CA ALA L 122 34.68 -31.58 -7.82
C ALA L 122 35.72 -30.49 -8.12
N ILE L 123 36.82 -30.47 -7.36
CA ILE L 123 37.86 -29.50 -7.62
C ILE L 123 38.49 -29.75 -8.98
N LEU L 124 38.46 -31.00 -9.45
CA LEU L 124 38.95 -31.32 -10.79
C LEU L 124 38.12 -30.61 -11.86
N ALA L 125 36.79 -30.68 -11.74
CA ALA L 125 35.93 -30.00 -12.71
C ALA L 125 36.14 -28.50 -12.66
N ASP L 126 36.27 -27.94 -11.46
CA ASP L 126 36.51 -26.50 -11.36
C ASP L 126 37.82 -26.10 -12.04
N GLU L 127 38.89 -26.86 -11.80
CA GLU L 127 40.17 -26.56 -12.43
C GLU L 127 40.09 -26.73 -13.94
N GLU L 128 39.31 -27.70 -14.41
CA GLU L 128 39.14 -27.85 -15.85
C GLU L 128 38.46 -26.63 -16.46
N HIS L 129 37.43 -26.10 -15.79
CA HIS L 129 36.81 -24.87 -16.28
C HIS L 129 37.81 -23.73 -16.35
N HIS L 130 38.61 -23.57 -15.28
CA HIS L 130 39.59 -22.50 -15.28
C HIS L 130 40.62 -22.67 -16.39
N ILE L 131 41.06 -23.92 -16.62
CA ILE L 131 42.03 -24.18 -17.68
C ILE L 131 41.44 -23.83 -19.04
N ASP L 132 40.19 -24.21 -19.28
CA ASP L 132 39.56 -23.88 -20.55
C ASP L 132 39.51 -22.38 -20.76
N TYR L 133 39.11 -21.64 -19.72
CA TYR L 133 39.06 -20.18 -19.85
C TYR L 133 40.43 -19.61 -20.16
N LEU L 134 41.46 -20.08 -19.44
CA LEU L 134 42.81 -19.56 -19.64
C LEU L 134 43.28 -19.83 -21.07
N GLU L 135 43.05 -21.05 -21.57
CA GLU L 135 43.54 -21.38 -22.90
C GLU L 135 42.83 -20.60 -23.99
N THR L 136 41.49 -20.47 -23.88
CA THR L 136 40.79 -19.70 -24.91
C THR L 136 41.20 -18.23 -24.86
N GLN L 137 41.43 -17.69 -23.65
CA GLN L 137 41.88 -16.31 -23.55
C GLN L 137 43.25 -16.14 -24.18
N LEU L 138 44.16 -17.10 -23.95
CA LEU L 138 45.47 -17.04 -24.57
C LEU L 138 45.36 -17.07 -26.09
N ASP L 139 44.51 -17.94 -26.62
CA ASP L 139 44.34 -18.00 -28.07
C ASP L 139 43.80 -16.69 -28.63
N LEU L 140 42.82 -16.09 -27.94
CA LEU L 140 42.29 -14.81 -28.41
C LEU L 140 43.35 -13.72 -28.40
N ILE L 141 44.12 -13.61 -27.31
CA ILE L 141 45.11 -12.54 -27.26
C ILE L 141 46.25 -12.80 -28.24
N GLU L 142 46.48 -14.07 -28.59
CA GLU L 142 47.48 -14.37 -29.61
C GLU L 142 47.00 -13.97 -31.00
N LYS L 143 45.75 -14.30 -31.33
CA LYS L 143 45.25 -14.04 -32.67
C LYS L 143 44.94 -12.56 -32.89
N LEU L 144 44.35 -11.90 -31.91
CA LEU L 144 43.81 -10.55 -32.09
C LEU L 144 44.87 -9.46 -32.01
N GLY L 145 45.93 -9.67 -31.23
CA GLY L 145 46.94 -8.64 -31.06
C GLY L 145 46.92 -8.07 -29.66
N GLU L 146 48.09 -7.85 -29.07
CA GLU L 146 48.16 -7.47 -27.67
C GLU L 146 47.54 -6.10 -27.42
N SER L 147 47.96 -5.09 -28.18
CA SER L 147 47.46 -3.74 -27.95
C SER L 147 45.96 -3.66 -28.21
N LEU L 148 45.51 -4.25 -29.32
CA LEU L 148 44.09 -4.21 -29.65
C LEU L 148 43.27 -4.96 -28.61
N TYR L 149 43.81 -6.06 -28.08
CA TYR L 149 43.12 -6.76 -27.00
C TYR L 149 43.02 -5.91 -25.75
N LEU L 150 44.15 -5.38 -25.28
CA LEU L 150 44.15 -4.59 -24.06
C LEU L 150 43.31 -3.33 -24.19
N SER L 151 43.03 -2.90 -25.42
CA SER L 151 42.08 -1.81 -25.61
C SER L 151 40.72 -2.14 -25.00
N THR L 152 40.33 -3.41 -24.99
CA THR L 152 39.02 -3.79 -24.48
C THR L 152 38.95 -3.74 -22.96
N VAL L 153 39.98 -4.25 -22.29
CA VAL L 153 39.90 -4.46 -20.84
C VAL L 153 39.80 -3.13 -20.10
N ILE L 154 40.49 -2.09 -20.57
CA ILE L 154 40.37 -0.78 -19.95
C ILE L 154 38.95 -0.27 -20.17
N GLU L 155 38.36 0.31 -19.12
CA GLU L 155 36.96 0.75 -19.22
C GLU L 155 36.88 2.23 -19.60
N GLN L 156 37.35 3.12 -18.73
CA GLN L 156 37.31 4.56 -18.95
C GLN L 156 35.96 5.04 -19.46
N THR L 157 34.90 4.25 -19.23
CA THR L 157 33.60 4.54 -19.82
C THR L 157 32.47 4.50 -18.79
N GLN L 158 32.54 3.57 -17.85
CA GLN L 158 31.47 3.30 -16.90
C GLN L 158 30.13 3.14 -17.61
N PRO L 159 29.93 2.05 -18.37
CA PRO L 159 28.68 1.88 -19.13
C PRO L 159 27.57 1.25 -18.28
N ASP L 160 27.01 2.05 -17.37
CA ASP L 160 25.98 1.60 -16.44
C ASP L 160 24.83 2.61 -16.43
N PRO L 161 24.06 2.70 -17.51
CA PRO L 161 22.92 3.63 -17.52
C PRO L 161 21.90 3.33 -16.43
N SER L 162 21.69 2.05 -16.12
CA SER L 162 20.70 1.68 -15.13
C SER L 162 21.31 0.78 -14.05
N MET M 1 58.69 9.76 -8.50
CA MET M 1 58.01 9.19 -7.33
C MET M 1 58.60 7.82 -7.01
N GLN M 2 59.48 7.76 -6.02
CA GLN M 2 60.17 6.54 -5.62
C GLN M 2 60.16 6.41 -4.11
N GLY M 3 60.25 5.17 -3.62
CA GLY M 3 60.28 4.89 -2.20
C GLY M 3 61.66 4.49 -1.73
N ASP M 4 61.98 4.87 -0.49
CA ASP M 4 63.28 4.56 0.08
C ASP M 4 63.36 3.08 0.48
N PRO M 5 64.54 2.48 0.40
CA PRO M 5 64.65 1.04 0.69
C PRO M 5 64.25 0.67 2.11
N GLU M 6 64.51 1.54 3.09
CA GLU M 6 64.07 1.26 4.45
C GLU M 6 62.56 1.18 4.53
N VAL M 7 61.86 2.09 3.85
CA VAL M 7 60.40 2.06 3.84
C VAL M 7 59.93 0.75 3.21
N ILE M 8 60.53 0.35 2.09
CA ILE M 8 60.04 -0.84 1.38
C ILE M 8 60.30 -2.09 2.21
N GLU M 9 61.45 -2.14 2.92
CA GLU M 9 61.72 -3.30 3.76
C GLU M 9 60.79 -3.36 4.96
N PHE M 10 60.48 -2.21 5.58
CA PHE M 10 59.53 -2.21 6.69
C PHE M 10 58.15 -2.68 6.23
N LEU M 11 57.71 -2.18 5.06
CA LEU M 11 56.42 -2.58 4.53
C LEU M 11 56.38 -4.07 4.24
N ASN M 12 57.45 -4.60 3.63
CA ASN M 12 57.49 -6.03 3.31
C ASN M 12 57.47 -6.89 4.58
N GLU M 13 58.23 -6.48 5.60
CA GLU M 13 58.25 -7.24 6.85
C GLU M 13 56.86 -7.25 7.48
N GLN M 14 56.19 -6.10 7.54
CA GLN M 14 54.86 -6.06 8.13
C GLN M 14 53.87 -6.89 7.31
N LEU M 15 53.99 -6.85 5.98
CA LEU M 15 53.11 -7.65 5.14
C LEU M 15 53.28 -9.14 5.41
N THR M 16 54.54 -9.59 5.52
CA THR M 16 54.80 -11.00 5.80
C THR M 16 54.24 -11.40 7.16
N ALA M 17 54.44 -10.55 8.17
CA ALA M 17 53.90 -10.84 9.49
C ALA M 17 52.39 -10.95 9.46
N GLU M 18 51.73 -10.03 8.75
CA GLU M 18 50.27 -10.08 8.66
C GLU M 18 49.79 -11.33 7.95
N LEU M 19 50.47 -11.75 6.89
CA LEU M 19 50.06 -12.97 6.20
C LEU M 19 50.21 -14.19 7.11
N THR M 20 51.32 -14.27 7.86
CA THR M 20 51.49 -15.35 8.83
C THR M 20 50.37 -15.33 9.85
N ALA M 21 50.01 -14.13 10.32
CA ALA M 21 48.91 -14.00 11.27
C ALA M 21 47.61 -14.51 10.66
N ILE M 22 47.38 -14.22 9.39
CA ILE M 22 46.17 -14.71 8.71
C ILE M 22 46.12 -16.23 8.77
N ASN M 23 47.22 -16.88 8.39
CA ASN M 23 47.23 -18.34 8.38
C ASN M 23 47.01 -18.92 9.77
N GLN M 24 47.71 -18.37 10.76
CA GLN M 24 47.59 -18.85 12.13
C GLN M 24 46.16 -18.70 12.64
N TYR M 25 45.59 -17.49 12.50
CA TYR M 25 44.26 -17.23 13.00
C TYR M 25 43.24 -18.13 12.32
N PHE M 26 43.37 -18.32 11.01
CA PHE M 26 42.42 -19.17 10.30
C PHE M 26 42.50 -20.62 10.78
N LEU M 27 43.71 -21.15 10.95
CA LEU M 27 43.82 -22.53 11.42
C LEU M 27 43.23 -22.68 12.81
N HIS M 28 43.48 -21.72 13.70
CA HIS M 28 42.90 -21.81 15.03
C HIS M 28 41.38 -21.73 14.98
N ALA M 29 40.85 -20.85 14.11
CA ALA M 29 39.40 -20.75 13.96
C ALA M 29 38.81 -22.09 13.55
N LYS M 30 39.43 -22.74 12.57
CA LYS M 30 38.91 -24.03 12.14
C LYS M 30 39.03 -25.07 13.24
N LEU M 31 40.10 -25.01 14.04
CA LEU M 31 40.26 -25.95 15.13
C LEU M 31 39.14 -25.81 16.16
N GLN M 32 38.83 -24.57 16.56
CA GLN M 32 37.71 -24.37 17.47
C GLN M 32 36.40 -24.80 16.85
N ASP M 33 36.21 -24.56 15.55
CA ASP M 33 34.99 -25.00 14.89
C ASP M 33 34.84 -26.51 15.00
N HIS M 34 35.93 -27.25 14.78
CA HIS M 34 35.85 -28.71 14.88
C HIS M 34 35.65 -29.18 16.31
N LYS M 35 36.32 -28.53 17.26
CA LYS M 35 36.21 -28.95 18.66
C LYS M 35 34.78 -28.78 19.17
N GLY M 36 34.14 -27.67 18.84
CA GLY M 36 32.77 -27.44 19.27
C GLY M 36 32.54 -26.09 19.92
N TRP M 37 33.59 -25.30 20.05
CA TRP M 37 33.51 -23.98 20.68
C TRP M 37 33.15 -22.97 19.59
N THR M 38 31.85 -22.72 19.43
CA THR M 38 31.36 -21.97 18.27
C THR M 38 31.67 -20.48 18.38
N LYS M 39 31.47 -19.89 19.56
CA LYS M 39 31.65 -18.44 19.69
C LYS M 39 33.09 -18.04 19.43
N LEU M 40 34.04 -18.81 19.96
CA LEU M 40 35.44 -18.54 19.67
C LEU M 40 35.72 -18.67 18.18
N ALA M 41 35.15 -19.68 17.53
CA ALA M 41 35.35 -19.83 16.09
C ALA M 41 34.85 -18.61 15.34
N LYS M 42 33.67 -18.11 15.73
CA LYS M 42 33.11 -16.93 15.07
C LYS M 42 34.02 -15.73 15.22
N TYR M 43 34.44 -15.44 16.46
CA TYR M 43 35.22 -14.23 16.67
C TYR M 43 36.60 -14.36 16.03
N THR M 44 37.19 -15.55 16.06
CA THR M 44 38.47 -15.75 15.38
C THR M 44 38.34 -15.60 13.88
N ARG M 45 37.24 -16.06 13.29
CA ARG M 45 37.02 -15.81 11.87
C ARG M 45 36.93 -14.31 11.59
N ALA M 46 36.21 -13.58 12.44
CA ALA M 46 36.09 -12.14 12.25
C ALA M 46 37.44 -11.45 12.33
N GLU M 47 38.26 -11.82 13.32
CA GLU M 47 39.56 -11.17 13.48
C GLU M 47 40.52 -11.56 12.35
N SER M 48 40.43 -12.79 11.86
CA SER M 48 41.21 -13.18 10.70
C SER M 48 40.82 -12.36 9.49
N PHE M 49 39.53 -12.12 9.30
CA PHE M 49 39.10 -11.26 8.20
C PHE M 49 39.61 -9.84 8.36
N ASP M 50 39.62 -9.34 9.60
CA ASP M 50 40.17 -8.00 9.83
C ASP M 50 41.64 -7.93 9.45
N GLU M 51 42.42 -8.95 9.84
CA GLU M 51 43.82 -8.97 9.44
C GLU M 51 43.95 -9.11 7.93
N MET M 52 42.98 -9.76 7.29
CA MET M 52 42.96 -9.84 5.83
C MET M 52 42.81 -8.46 5.20
N ARG M 53 41.87 -7.66 5.70
CA ARG M 53 41.73 -6.30 5.19
C ARG M 53 42.99 -5.49 5.45
N HIS M 54 43.64 -5.73 6.59
CA HIS M 54 44.86 -4.99 6.91
C HIS M 54 45.97 -5.32 5.93
N ALA M 55 46.13 -6.60 5.60
CA ALA M 55 47.10 -6.98 4.57
C ALA M 55 46.70 -6.39 3.22
N GLU M 56 45.40 -6.30 2.95
CA GLU M 56 44.92 -5.70 1.71
C GLU M 56 45.41 -4.26 1.58
N VAL M 57 45.19 -3.44 2.61
CA VAL M 57 45.59 -2.05 2.52
C VAL M 57 47.11 -1.93 2.50
N LEU M 58 47.80 -2.81 3.22
CA LEU M 58 49.26 -2.77 3.21
C LEU M 58 49.82 -3.07 1.83
N THR M 59 49.26 -4.07 1.13
CA THR M 59 49.77 -4.39 -0.19
C THR M 59 49.38 -3.33 -1.21
N ASP M 60 48.22 -2.69 -1.04
CA ASP M 60 47.89 -1.55 -1.91
C ASP M 60 48.92 -0.44 -1.74
N ARG M 61 49.26 -0.12 -0.49
CA ARG M 61 50.24 0.94 -0.25
C ARG M 61 51.62 0.58 -0.79
N ILE M 62 52.03 -0.69 -0.64
CA ILE M 62 53.36 -1.07 -1.12
C ILE M 62 53.40 -1.10 -2.64
N LEU M 63 52.29 -1.45 -3.30
CA LEU M 63 52.25 -1.34 -4.75
C LEU M 63 52.21 0.10 -5.19
N LEU M 64 51.75 1.01 -4.32
CA LEU M 64 51.74 2.42 -4.66
C LEU M 64 53.15 2.97 -4.84
N LEU M 65 54.08 2.59 -3.95
CA LEU M 65 55.42 3.16 -3.94
C LEU M 65 56.33 2.55 -5.00
N ASP M 66 55.78 1.85 -5.99
CA ASP M 66 56.55 1.30 -7.11
C ASP M 66 57.62 0.32 -6.60
N GLY M 67 57.20 -0.63 -5.78
CA GLY M 67 58.06 -1.66 -5.25
C GLY M 67 57.72 -3.03 -5.79
N LEU M 68 58.25 -4.04 -5.09
CA LEU M 68 57.98 -5.45 -5.39
C LEU M 68 57.42 -6.12 -4.14
N PRO M 69 56.10 -6.33 -4.07
CA PRO M 69 55.52 -6.98 -2.90
C PRO M 69 55.87 -8.46 -2.90
N ASN M 70 56.62 -8.89 -1.90
CA ASN M 70 57.03 -10.28 -1.80
C ASN M 70 55.96 -11.06 -1.04
N TYR M 71 55.40 -12.07 -1.71
CA TYR M 71 54.42 -12.96 -1.13
C TYR M 71 54.97 -14.34 -0.86
N GLN M 72 56.20 -14.63 -1.30
CA GLN M 72 56.70 -16.00 -1.24
C GLN M 72 57.05 -16.41 0.17
N ARG M 73 57.70 -15.54 0.94
CA ARG M 73 58.19 -15.88 2.26
C ARG M 73 57.08 -15.80 3.30
N LEU M 74 57.32 -16.42 4.45
CA LEU M 74 56.43 -16.32 5.60
C LEU M 74 57.21 -16.67 6.85
N PHE M 75 56.68 -16.24 7.99
CA PHE M 75 57.33 -16.49 9.27
C PHE M 75 56.90 -17.87 9.79
N HIS M 76 57.24 -18.16 11.04
CA HIS M 76 56.93 -19.43 11.66
C HIS M 76 55.54 -19.37 12.31
N VAL M 77 54.72 -20.38 12.01
CA VAL M 77 53.39 -20.50 12.60
C VAL M 77 53.43 -21.57 13.67
N ARG M 78 52.85 -21.28 14.83
CA ARG M 78 52.78 -22.21 15.93
C ARG M 78 51.34 -22.49 16.29
N VAL M 79 51.04 -23.75 16.58
CA VAL M 79 49.69 -24.20 16.86
C VAL M 79 49.64 -24.81 18.26
N GLY M 80 48.62 -24.41 19.01
CA GLY M 80 48.47 -24.89 20.37
C GLY M 80 47.50 -26.05 20.49
N GLN M 81 47.33 -26.56 21.70
CA GLN M 81 46.42 -27.67 21.95
C GLN M 81 45.21 -27.23 22.75
N SER M 82 45.44 -26.60 23.89
CA SER M 82 44.39 -26.01 24.70
C SER M 82 44.26 -24.52 24.37
N VAL M 83 43.24 -23.90 24.94
CA VAL M 83 42.96 -22.49 24.63
C VAL M 83 44.08 -21.59 25.13
N THR M 84 44.70 -21.94 26.26
CA THR M 84 45.70 -21.07 26.86
C THR M 84 46.91 -20.90 25.95
N GLU M 85 47.39 -22.00 25.36
CA GLU M 85 48.56 -21.93 24.49
C GLU M 85 48.28 -21.07 23.26
N MET M 86 47.10 -21.25 22.66
CA MET M 86 46.73 -20.45 21.51
C MET M 86 46.66 -18.97 21.87
N PHE M 87 46.05 -18.66 23.03
CA PHE M 87 45.94 -17.27 23.45
C PHE M 87 47.31 -16.64 23.68
N GLN M 88 48.22 -17.38 24.33
CA GLN M 88 49.54 -16.79 24.59
C GLN M 88 50.35 -16.66 23.30
N ALA M 89 50.18 -17.58 22.36
CA ALA M 89 50.84 -17.45 21.06
C ALA M 89 50.37 -16.19 20.35
N ASP M 90 49.06 -15.96 20.35
CA ASP M 90 48.53 -14.73 19.74
C ASP M 90 49.05 -13.50 20.48
N ARG M 91 49.14 -13.58 21.81
CA ARG M 91 49.64 -12.47 22.60
C ARG M 91 51.06 -12.09 22.20
N GLU M 92 51.96 -13.08 22.10
CA GLU M 92 53.34 -12.77 21.75
C GLU M 92 53.46 -12.29 20.31
N VAL M 93 52.63 -12.84 19.42
CA VAL M 93 52.64 -12.35 18.04
C VAL M 93 52.27 -10.87 17.99
N GLU M 94 51.23 -10.48 18.72
CA GLU M 94 50.85 -9.07 18.75
C GLU M 94 51.94 -8.22 19.38
N LEU M 95 52.60 -8.73 20.42
CA LEU M 95 53.69 -7.97 21.05
C LEU M 95 54.80 -7.66 20.04
N GLU M 96 55.29 -8.69 19.34
CA GLU M 96 56.37 -8.45 18.39
C GLU M 96 55.91 -7.55 17.25
N ALA M 97 54.66 -7.73 16.80
CA ALA M 97 54.15 -6.90 15.72
C ALA M 97 54.12 -5.44 16.11
N ILE M 98 53.61 -5.13 17.30
CA ILE M 98 53.52 -3.73 17.71
C ILE M 98 54.90 -3.14 17.95
N ASP M 99 55.84 -3.95 18.45
CA ASP M 99 57.20 -3.45 18.64
C ASP M 99 57.82 -3.05 17.30
N ARG M 100 57.79 -3.97 16.33
CA ARG M 100 58.36 -3.65 15.02
C ARG M 100 57.63 -2.47 14.38
N LEU M 101 56.32 -2.37 14.61
CA LEU M 101 55.52 -1.29 14.03
C LEU M 101 55.93 0.06 14.60
N ARG M 102 56.11 0.13 15.93
CA ARG M 102 56.57 1.37 16.54
C ARG M 102 57.94 1.76 16.01
N ARG M 103 58.83 0.76 15.89
CA ARG M 103 60.15 1.04 15.32
C ARG M 103 60.02 1.65 13.93
N GLY M 104 59.20 1.04 13.08
CA GLY M 104 59.04 1.54 11.73
C GLY M 104 58.47 2.94 11.68
N ILE M 105 57.49 3.23 12.53
CA ILE M 105 56.90 4.56 12.57
C ILE M 105 57.96 5.59 12.93
N GLU M 106 58.71 5.34 14.01
CA GLU M 106 59.71 6.31 14.44
C GLU M 106 60.86 6.40 13.44
N VAL M 107 61.03 5.38 12.59
CA VAL M 107 62.07 5.45 11.57
C VAL M 107 61.62 6.32 10.41
N MET M 108 60.45 6.03 9.84
CA MET M 108 60.05 6.71 8.61
C MET M 108 59.36 8.04 8.84
N ARG M 109 59.01 8.39 10.09
CA ARG M 109 58.53 9.74 10.35
C ARG M 109 59.62 10.77 10.06
N ALA M 110 60.86 10.47 10.46
CA ALA M 110 61.99 11.33 10.17
C ALA M 110 62.51 11.19 8.74
N LYS M 111 62.05 10.19 8.00
CA LYS M 111 62.44 10.00 6.61
C LYS M 111 61.62 10.87 5.66
N HIS M 112 60.82 11.78 6.21
CA HIS M 112 60.12 12.80 5.43
C HIS M 112 59.02 12.17 4.56
N ASP M 113 58.30 11.21 5.17
CA ASP M 113 57.14 10.56 4.58
C ASP M 113 56.03 10.52 5.62
N ILE M 114 54.77 10.55 5.17
CA ILE M 114 53.62 10.76 6.05
C ILE M 114 52.59 9.66 5.92
N THR M 115 52.19 9.33 4.69
CA THR M 115 51.03 8.45 4.49
C THR M 115 51.26 7.07 5.10
N SER M 116 52.45 6.52 4.90
CA SER M 116 52.77 5.23 5.48
C SER M 116 52.72 5.28 7.01
N ALA M 117 53.12 6.41 7.59
CA ALA M 117 52.97 6.58 9.03
C ALA M 117 51.50 6.53 9.44
N ASN M 118 50.61 7.04 8.58
CA ASN M 118 49.18 7.00 8.90
C ASN M 118 48.64 5.57 8.85
N VAL M 119 49.00 4.81 7.82
CA VAL M 119 48.53 3.43 7.78
C VAL M 119 49.11 2.64 8.96
N PHE M 120 50.35 2.95 9.35
CA PHE M 120 50.95 2.28 10.49
C PHE M 120 50.26 2.65 11.80
N GLU M 121 49.88 3.91 12.00
CA GLU M 121 49.17 4.25 13.23
C GLU M 121 47.80 3.56 13.27
N ALA M 122 47.14 3.45 12.11
CA ALA M 122 45.87 2.73 12.07
C ALA M 122 46.05 1.28 12.51
N ILE M 123 47.01 0.58 11.90
CA ILE M 123 47.26 -0.82 12.25
C ILE M 123 47.70 -0.96 13.70
N LEU M 124 48.49 0.00 14.21
CA LEU M 124 48.92 -0.08 15.59
C LEU M 124 47.74 0.02 16.55
N ALA M 125 46.82 0.96 16.28
CA ALA M 125 45.64 1.09 17.12
C ALA M 125 44.81 -0.19 17.11
N ASP M 126 44.59 -0.75 15.91
CA ASP M 126 43.80 -1.98 15.83
C ASP M 126 44.45 -3.12 16.59
N GLU M 127 45.77 -3.28 16.43
CA GLU M 127 46.45 -4.38 17.10
C GLU M 127 46.45 -4.19 18.62
N GLU M 128 46.56 -2.94 19.08
CA GLU M 128 46.46 -2.68 20.52
C GLU M 128 45.09 -3.10 21.04
N HIS M 129 44.02 -2.74 20.33
CA HIS M 129 42.69 -3.16 20.75
C HIS M 129 42.61 -4.68 20.84
N HIS M 130 43.11 -5.37 19.82
CA HIS M 130 43.02 -6.83 19.81
C HIS M 130 43.80 -7.47 20.95
N ILE M 131 45.02 -6.98 21.21
CA ILE M 131 45.82 -7.57 22.27
C ILE M 131 45.18 -7.30 23.63
N ASP M 132 44.55 -6.13 23.81
CA ASP M 132 43.83 -5.88 25.05
C ASP M 132 42.70 -6.88 25.23
N TYR M 133 41.97 -7.17 24.15
CA TYR M 133 40.94 -8.20 24.23
C TYR M 133 41.51 -9.54 24.68
N LEU M 134 42.59 -9.97 24.03
CA LEU M 134 43.15 -11.28 24.39
C LEU M 134 43.60 -11.31 25.84
N GLU M 135 44.22 -10.22 26.30
CA GLU M 135 44.70 -10.17 27.68
C GLU M 135 43.56 -10.26 28.67
N THR M 136 42.47 -9.52 28.43
CA THR M 136 41.37 -9.55 29.39
C THR M 136 40.65 -10.90 29.37
N GLN M 137 40.48 -11.51 28.19
CA GLN M 137 39.86 -12.83 28.15
C GLN M 137 40.75 -13.86 28.85
N LEU M 138 42.07 -13.73 28.71
CA LEU M 138 42.97 -14.61 29.44
C LEU M 138 42.75 -14.47 30.94
N ASP M 139 42.90 -13.25 31.47
CA ASP M 139 42.76 -13.05 32.91
C ASP M 139 41.43 -13.62 33.40
N LEU M 140 40.38 -13.47 32.58
CA LEU M 140 39.10 -14.11 32.90
C LEU M 140 39.24 -15.63 32.96
N ILE M 141 39.99 -16.23 32.04
CA ILE M 141 40.04 -17.69 32.04
C ILE M 141 40.85 -18.24 33.20
N GLU M 142 41.93 -17.55 33.62
CA GLU M 142 42.57 -18.01 34.86
C GLU M 142 41.67 -17.80 36.08
N LYS M 143 40.96 -16.68 36.15
CA LYS M 143 40.13 -16.44 37.32
C LYS M 143 38.98 -17.44 37.42
N LEU M 144 38.28 -17.68 36.30
CA LEU M 144 37.06 -18.48 36.34
C LEU M 144 37.36 -19.98 36.40
N GLY M 145 38.35 -20.44 35.65
CA GLY M 145 38.62 -21.85 35.50
C GLY M 145 38.64 -22.26 34.05
N GLU M 146 38.81 -23.56 33.84
CA GLU M 146 38.88 -24.10 32.48
C GLU M 146 37.54 -24.65 32.00
N SER M 147 37.02 -25.67 32.69
CA SER M 147 35.79 -26.31 32.24
C SER M 147 34.59 -25.37 32.37
N LEU M 148 34.51 -24.64 33.48
CA LEU M 148 33.40 -23.71 33.67
C LEU M 148 33.45 -22.59 32.64
N TYR M 149 34.66 -22.19 32.23
CA TYR M 149 34.79 -21.21 31.17
C TYR M 149 34.25 -21.77 29.85
N LEU M 150 34.58 -23.02 29.54
CA LEU M 150 34.09 -23.62 28.30
C LEU M 150 32.58 -23.84 28.35
N SER M 151 32.02 -23.98 29.54
CA SER M 151 30.59 -24.25 29.68
C SER M 151 29.72 -23.13 29.11
N THR M 152 30.22 -21.90 29.07
CA THR M 152 29.45 -20.79 28.52
C THR M 152 29.70 -20.56 27.04
N VAL M 153 30.49 -21.42 26.40
CA VAL M 153 30.81 -21.28 24.99
C VAL M 153 30.06 -22.30 24.14
N ILE M 154 29.86 -23.51 24.67
CA ILE M 154 29.23 -24.56 23.87
C ILE M 154 27.80 -24.19 23.49
N GLU M 155 27.48 -24.41 22.22
CA GLU M 155 26.13 -24.25 21.69
C GLU M 155 25.99 -25.16 20.48
N GLN M 156 25.21 -26.23 20.64
CA GLN M 156 25.04 -27.24 19.60
C GLN M 156 24.15 -26.64 18.52
N THR M 157 24.70 -26.49 17.33
CA THR M 157 23.92 -26.01 16.20
C THR M 157 22.79 -26.97 15.90
N GLN M 158 21.56 -26.53 16.13
CA GLN M 158 20.41 -27.38 15.91
C GLN M 158 20.25 -27.65 14.41
N PRO M 159 20.17 -28.91 13.99
CA PRO M 159 20.01 -29.19 12.55
C PRO M 159 18.55 -29.05 12.11
N ASP M 160 18.11 -27.81 11.94
CA ASP M 160 16.75 -27.54 11.51
C ASP M 160 16.75 -26.75 10.22
N PRO M 161 17.52 -27.19 9.22
CA PRO M 161 17.51 -26.50 7.92
C PRO M 161 16.27 -26.75 7.09
N SER M 162 15.51 -27.80 7.39
CA SER M 162 14.30 -28.12 6.65
C SER M 162 13.09 -28.22 7.57
N MET N 1 44.06 34.53 20.61
CA MET N 1 44.58 33.54 19.68
C MET N 1 45.02 34.23 18.40
N GLN N 2 46.31 34.12 18.09
CA GLN N 2 46.88 34.71 16.89
C GLN N 2 47.72 33.67 16.15
N GLY N 3 47.61 33.66 14.84
CA GLY N 3 48.35 32.72 14.01
C GLY N 3 49.76 33.21 13.72
N ASP N 4 50.67 32.25 13.62
CA ASP N 4 52.04 32.56 13.24
C ASP N 4 52.08 33.06 11.79
N PRO N 5 52.70 34.21 11.54
CA PRO N 5 52.76 34.70 10.15
C PRO N 5 53.37 33.71 9.16
N GLU N 6 54.35 32.91 9.59
CA GLU N 6 54.97 31.97 8.67
C GLU N 6 53.97 30.92 8.19
N VAL N 7 53.29 30.26 9.14
CA VAL N 7 52.31 29.25 8.73
C VAL N 7 51.20 29.89 7.92
N ILE N 8 50.86 31.15 8.22
CA ILE N 8 49.84 31.85 7.44
C ILE N 8 50.30 32.01 6.00
N GLU N 9 51.57 32.36 5.78
CA GLU N 9 52.03 32.55 4.41
C GLU N 9 52.16 31.23 3.67
N PHE N 10 52.54 30.15 4.35
CA PHE N 10 52.51 28.84 3.70
C PHE N 10 51.07 28.47 3.31
N LEU N 11 50.12 28.73 4.21
CA LEU N 11 48.72 28.45 3.90
C LEU N 11 48.26 29.24 2.67
N ASN N 12 48.63 30.52 2.61
CA ASN N 12 48.23 31.35 1.48
C ASN N 12 48.85 30.86 0.18
N GLU N 13 50.13 30.44 0.23
CA GLU N 13 50.77 29.87 -0.95
C GLU N 13 50.02 28.63 -1.43
N GLN N 14 49.67 27.75 -0.50
CA GLN N 14 48.91 26.56 -0.87
C GLN N 14 47.56 26.94 -1.47
N LEU N 15 46.89 27.93 -0.89
CA LEU N 15 45.57 28.32 -1.37
C LEU N 15 45.63 28.88 -2.78
N THR N 16 46.61 29.73 -3.07
CA THR N 16 46.71 30.30 -4.41
C THR N 16 47.12 29.25 -5.43
N ALA N 17 47.99 28.32 -5.04
CA ALA N 17 48.28 27.18 -5.92
C ALA N 17 47.01 26.39 -6.20
N GLU N 18 46.18 26.20 -5.18
CA GLU N 18 44.92 25.50 -5.36
C GLU N 18 44.02 26.21 -6.35
N LEU N 19 43.91 27.54 -6.24
CA LEU N 19 43.09 28.30 -7.16
C LEU N 19 43.58 28.13 -8.60
N THR N 20 44.90 28.20 -8.79
CA THR N 20 45.45 27.96 -10.13
C THR N 20 45.06 26.58 -10.63
N ALA N 21 45.13 25.58 -9.75
CA ALA N 21 44.77 24.22 -10.14
C ALA N 21 43.31 24.15 -10.58
N ILE N 22 42.42 24.81 -9.84
CA ILE N 22 41.00 24.78 -10.20
C ILE N 22 40.78 25.40 -11.56
N ASN N 23 41.38 26.57 -11.80
CA ASN N 23 41.18 27.24 -13.08
C ASN N 23 41.70 26.36 -14.22
N GLN N 24 42.89 25.78 -14.04
CA GLN N 24 43.47 24.93 -15.10
C GLN N 24 42.58 23.73 -15.38
N TYR N 25 42.10 23.06 -14.33
CA TYR N 25 41.28 21.87 -14.52
C TYR N 25 39.96 22.22 -15.21
N PHE N 26 39.34 23.32 -14.82
CA PHE N 26 38.08 23.72 -15.43
C PHE N 26 38.27 24.01 -16.91
N LEU N 27 39.33 24.76 -17.26
CA LEU N 27 39.57 25.05 -18.66
C LEU N 27 39.84 23.79 -19.46
N HIS N 28 40.65 22.88 -18.90
CA HIS N 28 40.95 21.63 -19.59
C HIS N 28 39.69 20.82 -19.81
N ALA N 29 38.83 20.75 -18.77
CA ALA N 29 37.59 20.01 -18.89
C ALA N 29 36.73 20.56 -20.01
N LYS N 30 36.58 21.89 -20.06
CA LYS N 30 35.76 22.47 -21.13
C LYS N 30 36.37 22.20 -22.50
N LEU N 31 37.70 22.23 -22.59
CA LEU N 31 38.35 21.97 -23.88
C LEU N 31 38.06 20.56 -24.36
N GLN N 32 38.29 19.56 -23.51
CA GLN N 32 38.02 18.19 -23.93
C GLN N 32 36.54 17.98 -24.20
N ASP N 33 35.66 18.59 -23.41
CA ASP N 33 34.24 18.43 -23.63
C ASP N 33 33.85 18.98 -24.99
N HIS N 34 34.41 20.13 -25.39
CA HIS N 34 34.19 20.63 -26.73
C HIS N 34 34.67 19.64 -27.78
N LYS N 35 35.92 19.21 -27.68
CA LYS N 35 36.49 18.46 -28.80
C LYS N 35 35.85 17.09 -28.95
N GLY N 36 35.11 16.62 -27.94
CA GLY N 36 34.31 15.42 -28.04
C GLY N 36 34.55 14.41 -26.95
N TRP N 37 35.74 14.39 -26.36
CA TRP N 37 36.12 13.38 -25.36
C TRP N 37 35.37 13.66 -24.07
N THR N 38 34.26 12.95 -23.89
CA THR N 38 33.35 13.24 -22.79
C THR N 38 33.92 12.79 -21.44
N LYS N 39 34.44 11.56 -21.39
CA LYS N 39 34.80 10.96 -20.11
C LYS N 39 35.94 11.71 -19.42
N LEU N 40 36.95 12.11 -20.20
CA LEU N 40 38.04 12.89 -19.62
C LEU N 40 37.51 14.21 -19.06
N ALA N 41 36.58 14.84 -19.78
CA ALA N 41 35.98 16.08 -19.30
C ALA N 41 35.24 15.84 -17.98
N LYS N 42 34.48 14.75 -17.89
CA LYS N 42 33.74 14.46 -16.67
C LYS N 42 34.68 14.22 -15.49
N TYR N 43 35.73 13.43 -15.72
CA TYR N 43 36.70 13.18 -14.65
C TYR N 43 37.37 14.46 -14.19
N THR N 44 37.81 15.30 -15.15
CA THR N 44 38.47 16.55 -14.79
C THR N 44 37.51 17.49 -14.08
N ARG N 45 36.22 17.46 -14.42
CA ARG N 45 35.24 18.21 -13.64
C ARG N 45 35.19 17.71 -12.21
N ALA N 46 35.24 16.39 -12.03
CA ALA N 46 35.26 15.84 -10.68
C ALA N 46 36.46 16.34 -9.89
N GLU N 47 37.66 16.29 -10.50
CA GLU N 47 38.83 16.79 -9.77
C GLU N 47 38.73 18.29 -9.53
N SER N 48 38.09 19.03 -10.43
CA SER N 48 37.91 20.46 -10.21
C SER N 48 37.06 20.70 -8.98
N PHE N 49 35.97 19.95 -8.83
CA PHE N 49 35.16 20.07 -7.61
C PHE N 49 35.97 19.69 -6.37
N ASP N 50 36.81 18.66 -6.49
CA ASP N 50 37.64 18.27 -5.35
C ASP N 50 38.59 19.39 -4.94
N GLU N 51 39.25 20.02 -5.92
CA GLU N 51 40.16 21.11 -5.60
C GLU N 51 39.40 22.31 -5.04
N MET N 52 38.17 22.53 -5.49
CA MET N 52 37.35 23.58 -4.88
C MET N 52 37.07 23.29 -3.41
N ARG N 53 36.75 22.03 -3.08
CA ARG N 53 36.57 21.66 -1.69
C ARG N 53 37.84 21.93 -0.89
N HIS N 54 38.99 21.58 -1.46
CA HIS N 54 40.27 21.84 -0.80
C HIS N 54 40.44 23.33 -0.53
N ALA N 55 40.15 24.15 -1.53
CA ALA N 55 40.30 25.60 -1.36
C ALA N 55 39.38 26.12 -0.28
N GLU N 56 38.13 25.63 -0.25
CA GLU N 56 37.19 26.10 0.76
C GLU N 56 37.68 25.76 2.17
N VAL N 57 38.09 24.51 2.39
CA VAL N 57 38.50 24.13 3.74
C VAL N 57 39.77 24.88 4.14
N LEU N 58 40.69 25.10 3.20
CA LEU N 58 41.92 25.80 3.53
C LEU N 58 41.65 27.27 3.85
N THR N 59 40.77 27.90 3.09
CA THR N 59 40.39 29.28 3.40
C THR N 59 39.70 29.37 4.75
N ASP N 60 38.88 28.37 5.08
CA ASP N 60 38.25 28.35 6.40
C ASP N 60 39.29 28.29 7.50
N ARG N 61 40.30 27.44 7.33
CA ARG N 61 41.37 27.37 8.33
C ARG N 61 42.09 28.70 8.46
N ILE N 62 42.43 29.33 7.33
CA ILE N 62 43.15 30.60 7.37
C ILE N 62 42.32 31.66 8.07
N LEU N 63 41.04 31.76 7.73
CA LEU N 63 40.17 32.73 8.38
C LEU N 63 40.01 32.43 9.87
N LEU N 64 40.08 31.15 10.24
CA LEU N 64 40.10 30.81 11.66
C LEU N 64 41.34 31.36 12.33
N LEU N 65 42.48 31.32 11.65
CA LEU N 65 43.73 31.77 12.25
C LEU N 65 43.92 33.29 12.20
N ASP N 66 42.84 34.06 12.02
CA ASP N 66 42.90 35.52 12.02
C ASP N 66 43.90 36.05 10.98
N GLY N 67 43.90 35.43 9.81
CA GLY N 67 44.75 35.83 8.72
C GLY N 67 43.99 36.60 7.65
N LEU N 68 44.75 36.99 6.62
CA LEU N 68 44.20 37.73 5.48
C LEU N 68 44.38 36.90 4.22
N PRO N 69 43.43 36.03 3.88
CA PRO N 69 43.54 35.23 2.65
C PRO N 69 43.53 36.14 1.42
N ASN N 70 44.31 35.78 0.42
CA ASN N 70 44.43 36.57 -0.79
C ASN N 70 43.86 35.81 -1.98
N TYR N 71 43.10 36.51 -2.81
CA TYR N 71 42.55 35.97 -4.05
C TYR N 71 43.11 36.67 -5.28
N GLN N 72 43.93 37.69 -5.08
CA GLN N 72 44.41 38.50 -6.21
C GLN N 72 45.42 37.70 -7.05
N ARG N 73 46.54 37.32 -6.45
CA ARG N 73 47.65 36.75 -7.21
C ARG N 73 47.37 35.30 -7.58
N LEU N 74 47.88 34.92 -8.75
CA LEU N 74 47.82 33.55 -9.23
C LEU N 74 49.14 33.20 -9.88
N PHE N 75 49.47 31.90 -9.85
CA PHE N 75 50.61 31.41 -10.61
C PHE N 75 50.25 31.27 -12.09
N HIS N 76 51.28 31.07 -12.91
CA HIS N 76 51.07 30.82 -14.32
C HIS N 76 50.28 29.53 -14.53
N VAL N 77 49.32 29.58 -15.46
CA VAL N 77 48.57 28.41 -15.88
C VAL N 77 49.08 28.00 -17.25
N ARG N 78 49.21 26.70 -17.47
CA ARG N 78 49.70 26.16 -18.73
C ARG N 78 48.65 25.25 -19.35
N VAL N 79 48.39 25.46 -20.64
CA VAL N 79 47.33 24.76 -21.35
C VAL N 79 47.94 24.13 -22.61
N GLY N 80 47.49 22.91 -22.94
CA GLY N 80 47.99 22.18 -24.07
C GLY N 80 46.89 21.86 -25.07
N GLN N 81 47.32 21.31 -26.22
CA GLN N 81 46.43 21.00 -27.32
C GLN N 81 45.99 19.53 -27.29
N SER N 82 46.94 18.61 -27.27
CA SER N 82 46.61 17.19 -27.16
C SER N 82 46.65 16.76 -25.69
N VAL N 83 46.26 15.51 -25.46
CA VAL N 83 46.13 14.99 -24.10
C VAL N 83 47.46 14.93 -23.38
N THR N 84 48.53 14.57 -24.11
CA THR N 84 49.79 14.27 -23.45
C THR N 84 50.31 15.47 -22.67
N GLU N 85 50.44 16.62 -23.33
CA GLU N 85 51.03 17.77 -22.67
C GLU N 85 50.12 18.31 -21.57
N MET N 86 48.80 18.14 -21.72
CA MET N 86 47.91 18.44 -20.62
C MET N 86 48.24 17.55 -19.42
N PHE N 87 48.56 16.28 -19.67
CA PHE N 87 48.92 15.38 -18.59
C PHE N 87 50.22 15.81 -17.90
N GLN N 88 51.29 16.05 -18.66
CA GLN N 88 52.50 16.51 -17.97
C GLN N 88 52.31 17.87 -17.29
N ALA N 89 51.45 18.72 -17.84
CA ALA N 89 51.14 19.96 -17.13
C ALA N 89 50.55 19.69 -15.76
N ASP N 90 49.53 18.82 -15.71
CA ASP N 90 48.95 18.42 -14.43
C ASP N 90 49.99 17.80 -13.52
N ARG N 91 50.89 17.00 -14.09
CA ARG N 91 51.91 16.31 -13.30
C ARG N 91 52.88 17.30 -12.66
N GLU N 92 53.32 18.30 -13.43
CA GLU N 92 54.18 19.34 -12.87
C GLU N 92 53.48 20.11 -11.77
N VAL N 93 52.21 20.45 -11.99
CA VAL N 93 51.45 21.15 -10.96
C VAL N 93 51.41 20.34 -9.67
N GLU N 94 51.09 19.05 -9.80
CA GLU N 94 50.98 18.20 -8.61
C GLU N 94 52.32 18.01 -7.93
N LEU N 95 53.41 17.92 -8.69
CA LEU N 95 54.72 17.76 -8.09
C LEU N 95 55.13 19.00 -7.30
N GLU N 96 54.91 20.18 -7.88
CA GLU N 96 55.20 21.40 -7.12
C GLU N 96 54.36 21.46 -5.85
N ALA N 97 53.08 21.12 -5.96
CA ALA N 97 52.20 21.14 -4.80
C ALA N 97 52.68 20.19 -3.71
N ILE N 98 53.07 18.97 -4.09
CA ILE N 98 53.46 17.99 -3.08
C ILE N 98 54.75 18.43 -2.39
N ASP N 99 55.71 18.96 -3.16
CA ASP N 99 56.95 19.41 -2.53
C ASP N 99 56.70 20.52 -1.53
N ARG N 100 55.92 21.55 -1.94
CA ARG N 100 55.66 22.65 -1.03
C ARG N 100 54.89 22.18 0.18
N LEU N 101 53.95 21.25 -0.02
CA LEU N 101 53.16 20.73 1.10
C LEU N 101 54.05 20.01 2.11
N ARG N 102 54.95 19.17 1.64
CA ARG N 102 55.81 18.42 2.55
C ARG N 102 56.70 19.36 3.35
N ARG N 103 57.32 20.34 2.68
CA ARG N 103 58.15 21.27 3.43
C ARG N 103 57.32 22.04 4.45
N GLY N 104 56.12 22.48 4.06
CA GLY N 104 55.28 23.23 4.97
C GLY N 104 54.87 22.42 6.19
N ILE N 105 54.47 21.16 5.98
CA ILE N 105 54.03 20.35 7.11
C ILE N 105 55.18 20.09 8.05
N GLU N 106 56.38 19.86 7.52
CA GLU N 106 57.53 19.72 8.40
C GLU N 106 57.74 20.97 9.24
N VAL N 107 57.69 22.14 8.59
CA VAL N 107 57.95 23.39 9.31
C VAL N 107 56.90 23.63 10.40
N MET N 108 55.62 23.46 10.07
CA MET N 108 54.58 23.75 11.05
C MET N 108 54.55 22.72 12.18
N ARG N 109 54.81 21.44 11.86
CA ARG N 109 54.88 20.45 12.92
C ARG N 109 56.04 20.73 13.85
N ALA N 110 57.12 21.33 13.34
CA ALA N 110 58.23 21.68 14.21
C ALA N 110 57.92 22.80 15.17
N LYS N 111 56.79 23.50 15.03
CA LYS N 111 56.55 24.75 15.76
C LYS N 111 55.17 24.77 16.39
N HIS N 112 54.81 23.70 17.10
CA HIS N 112 53.67 23.69 18.02
C HIS N 112 52.35 24.02 17.32
N ASP N 113 52.19 23.53 16.10
CA ASP N 113 50.91 23.61 15.41
C ASP N 113 50.59 22.25 14.83
N ILE N 114 49.32 21.83 14.95
CA ILE N 114 48.93 20.45 14.70
C ILE N 114 47.84 20.35 13.64
N THR N 115 46.72 21.05 13.84
CA THR N 115 45.55 20.85 12.99
C THR N 115 45.83 21.21 11.55
N SER N 116 46.58 22.29 11.33
CA SER N 116 46.97 22.66 9.97
C SER N 116 47.82 21.56 9.35
N ALA N 117 48.70 20.95 10.13
CA ALA N 117 49.46 19.82 9.64
C ALA N 117 48.54 18.67 9.23
N ASN N 118 47.50 18.42 10.02
CA ASN N 118 46.56 17.34 9.69
C ASN N 118 45.83 17.62 8.38
N VAL N 119 45.35 18.84 8.18
CA VAL N 119 44.62 19.14 6.96
C VAL N 119 45.55 19.09 5.76
N PHE N 120 46.81 19.53 5.92
CA PHE N 120 47.77 19.39 4.84
C PHE N 120 48.08 17.92 4.56
N GLU N 121 48.08 17.07 5.58
CA GLU N 121 48.28 15.64 5.33
C GLU N 121 47.15 15.05 4.51
N ALA N 122 45.92 15.44 4.83
CA ALA N 122 44.79 14.98 4.02
C ALA N 122 44.91 15.47 2.59
N ILE N 123 45.28 16.74 2.41
CA ILE N 123 45.48 17.30 1.08
C ILE N 123 46.56 16.54 0.34
N LEU N 124 47.63 16.20 1.05
CA LEU N 124 48.74 15.45 0.48
C LEU N 124 48.28 14.09 -0.04
N ALA N 125 47.49 13.38 0.77
CA ALA N 125 46.99 12.08 0.32
C ALA N 125 46.12 12.22 -0.93
N ASP N 126 45.24 13.23 -0.94
CA ASP N 126 44.37 13.43 -2.09
C ASP N 126 45.18 13.71 -3.36
N GLU N 127 46.10 14.66 -3.30
CA GLU N 127 46.87 15.01 -4.48
C GLU N 127 47.80 13.88 -4.90
N GLU N 128 48.30 13.09 -3.94
CA GLU N 128 49.10 11.93 -4.29
C GLU N 128 48.27 10.94 -5.09
N HIS N 129 47.04 10.68 -4.66
CA HIS N 129 46.19 9.76 -5.41
C HIS N 129 45.93 10.30 -6.82
N HIS N 130 45.68 11.61 -6.93
CA HIS N 130 45.42 12.19 -8.24
C HIS N 130 46.62 12.04 -9.17
N ILE N 131 47.82 12.35 -8.68
CA ILE N 131 49.01 12.24 -9.53
C ILE N 131 49.27 10.79 -9.86
N ASP N 132 48.91 9.86 -8.96
CA ASP N 132 49.07 8.44 -9.26
C ASP N 132 48.21 8.02 -10.44
N TYR N 133 46.94 8.43 -10.42
CA TYR N 133 46.05 8.14 -11.54
C TYR N 133 46.56 8.77 -12.82
N LEU N 134 47.05 10.00 -12.73
CA LEU N 134 47.60 10.66 -13.92
C LEU N 134 48.79 9.89 -14.48
N GLU N 135 49.69 9.42 -13.61
CA GLU N 135 50.87 8.70 -14.08
C GLU N 135 50.49 7.38 -14.73
N THR N 136 49.52 6.66 -14.15
CA THR N 136 49.13 5.40 -14.79
C THR N 136 48.42 5.66 -16.12
N GLN N 137 47.66 6.76 -16.23
CA GLN N 137 47.09 7.11 -17.52
C GLN N 137 48.17 7.44 -18.55
N LEU N 138 49.23 8.12 -18.13
CA LEU N 138 50.34 8.38 -19.02
C LEU N 138 51.00 7.08 -19.49
N ASP N 139 51.18 6.13 -18.58
CA ASP N 139 51.75 4.84 -18.97
C ASP N 139 50.84 4.16 -19.99
N LEU N 140 49.54 4.17 -19.74
CA LEU N 140 48.60 3.52 -20.65
C LEU N 140 48.62 4.17 -22.03
N ILE N 141 48.64 5.50 -22.09
CA ILE N 141 48.66 6.17 -23.38
C ILE N 141 49.98 5.94 -24.11
N GLU N 142 51.11 5.95 -23.40
CA GLU N 142 52.39 5.75 -24.07
C GLU N 142 52.55 4.31 -24.55
N LYS N 143 51.86 3.37 -23.91
CA LYS N 143 51.92 1.99 -24.38
C LYS N 143 50.95 1.76 -25.55
N LEU N 144 49.71 2.23 -25.42
CA LEU N 144 48.66 1.83 -26.34
C LEU N 144 48.76 2.54 -27.68
N GLY N 145 49.13 3.81 -27.67
CA GLY N 145 49.11 4.60 -28.89
C GLY N 145 48.03 5.65 -28.81
N GLU N 146 48.26 6.78 -29.47
CA GLU N 146 47.36 7.93 -29.38
C GLU N 146 45.98 7.59 -29.93
N SER N 147 45.90 7.33 -31.23
CA SER N 147 44.61 7.22 -31.90
C SER N 147 43.79 6.05 -31.36
N LEU N 148 44.42 4.90 -31.17
CA LEU N 148 43.68 3.72 -30.72
C LEU N 148 43.11 3.92 -29.31
N TYR N 149 43.89 4.51 -28.41
CA TYR N 149 43.35 4.82 -27.09
C TYR N 149 42.21 5.82 -27.20
N LEU N 150 42.34 6.80 -28.10
CA LEU N 150 41.26 7.77 -28.27
C LEU N 150 39.97 7.10 -28.71
N SER N 151 40.05 5.91 -29.29
CA SER N 151 38.85 5.18 -29.68
C SER N 151 38.34 4.28 -28.56
N THR N 152 38.22 4.87 -27.37
CA THR N 152 37.48 4.27 -26.25
C THR N 152 36.53 5.23 -25.59
N VAL N 153 36.80 6.53 -25.65
CA VAL N 153 35.92 7.59 -25.17
C VAL N 153 34.89 7.82 -26.28
N ILE N 154 33.86 8.63 -25.98
CA ILE N 154 32.85 9.24 -26.85
C ILE N 154 31.81 8.21 -27.28
N GLU N 155 30.54 8.65 -27.31
CA GLU N 155 29.43 7.83 -27.79
C GLU N 155 28.50 8.55 -28.75
N GLN N 156 28.58 9.88 -28.83
CA GLN N 156 27.66 10.72 -29.60
C GLN N 156 26.21 10.26 -29.47
N THR N 157 25.77 10.13 -28.21
CA THR N 157 24.41 9.68 -27.93
C THR N 157 23.44 10.84 -27.76
N GLN N 158 23.82 11.85 -26.96
CA GLN N 158 22.96 12.99 -26.64
C GLN N 158 21.61 12.50 -26.13
N PRO N 159 21.55 11.93 -24.93
CA PRO N 159 20.30 11.35 -24.41
C PRO N 159 19.35 12.38 -23.78
N ASP N 160 18.55 13.02 -24.64
CA ASP N 160 17.51 13.96 -24.21
C ASP N 160 16.16 13.42 -24.67
N PRO N 161 15.45 12.68 -23.81
CA PRO N 161 14.13 12.11 -24.15
C PRO N 161 13.05 13.17 -24.26
N MET O 1 -19.11 -54.52 10.87
CA MET O 1 -19.70 -53.93 12.07
C MET O 1 -21.22 -53.93 11.98
N GLN O 2 -21.87 -54.39 13.06
CA GLN O 2 -23.32 -54.45 13.11
C GLN O 2 -23.77 -54.09 14.53
N GLY O 3 -24.91 -53.43 14.63
CA GLY O 3 -25.42 -52.95 15.91
C GLY O 3 -26.65 -53.73 16.35
N ASP O 4 -26.74 -53.96 17.66
CA ASP O 4 -27.88 -54.63 18.26
C ASP O 4 -29.12 -53.74 18.16
N PRO O 5 -30.32 -54.35 18.20
CA PRO O 5 -31.55 -53.55 17.99
C PRO O 5 -31.75 -52.43 18.99
N GLU O 6 -31.34 -52.63 20.24
CA GLU O 6 -31.61 -51.63 21.28
C GLU O 6 -30.90 -50.32 21.01
N VAL O 7 -29.64 -50.36 20.59
CA VAL O 7 -28.93 -49.14 20.25
C VAL O 7 -29.64 -48.42 19.12
N ILE O 8 -30.11 -49.20 18.13
CA ILE O 8 -30.82 -48.63 17.00
C ILE O 8 -32.09 -47.92 17.46
N GLU O 9 -32.85 -48.55 18.35
CA GLU O 9 -34.10 -47.94 18.79
C GLU O 9 -33.85 -46.72 19.66
N PHE O 10 -32.82 -46.74 20.50
CA PHE O 10 -32.49 -45.55 21.28
C PHE O 10 -32.09 -44.39 20.38
N LEU O 11 -31.26 -44.65 19.38
CA LEU O 11 -30.87 -43.58 18.47
C LEU O 11 -32.06 -43.08 17.68
N ASN O 12 -32.96 -43.98 17.27
CA ASN O 12 -34.16 -43.56 16.55
C ASN O 12 -35.06 -42.70 17.41
N GLU O 13 -35.24 -43.08 18.69
CA GLU O 13 -36.06 -42.27 19.58
C GLU O 13 -35.45 -40.89 19.79
N GLN O 14 -34.13 -40.83 19.99
CA GLN O 14 -33.49 -39.54 20.17
C GLN O 14 -33.61 -38.68 18.91
N LEU O 15 -33.48 -39.30 17.74
CA LEU O 15 -33.65 -38.58 16.48
C LEU O 15 -35.05 -38.03 16.34
N THR O 16 -36.06 -38.84 16.69
CA THR O 16 -37.44 -38.38 16.61
C THR O 16 -37.69 -37.21 17.56
N ALA O 17 -37.16 -37.30 18.77
CA ALA O 17 -37.27 -36.20 19.71
C ALA O 17 -36.62 -34.93 19.15
N GLU O 18 -35.46 -35.09 18.52
CA GLU O 18 -34.76 -33.95 17.95
C GLU O 18 -35.57 -33.31 16.83
N LEU O 19 -36.17 -34.12 15.97
CA LEU O 19 -36.98 -33.58 14.88
C LEU O 19 -38.18 -32.82 15.43
N THR O 20 -38.86 -33.40 16.42
CA THR O 20 -39.99 -32.72 17.03
C THR O 20 -39.56 -31.40 17.66
N ALA O 21 -38.40 -31.39 18.32
CA ALA O 21 -37.87 -30.15 18.84
C ALA O 21 -37.68 -29.13 17.73
N ILE O 22 -36.97 -29.51 16.67
CA ILE O 22 -36.70 -28.58 15.57
C ILE O 22 -38.00 -27.94 15.09
N ASN O 23 -39.02 -28.76 14.87
CA ASN O 23 -40.31 -28.21 14.44
C ASN O 23 -40.85 -27.22 15.47
N GLN O 24 -40.82 -27.59 16.76
CA GLN O 24 -41.41 -26.76 17.79
C GLN O 24 -40.73 -25.40 17.90
N TYR O 25 -39.40 -25.41 18.05
CA TYR O 25 -38.66 -24.15 18.13
C TYR O 25 -38.83 -23.32 16.87
N PHE O 26 -38.84 -23.94 15.69
CA PHE O 26 -38.98 -23.14 14.47
C PHE O 26 -40.34 -22.44 14.43
N LEU O 27 -41.41 -23.17 14.73
CA LEU O 27 -42.73 -22.55 14.73
C LEU O 27 -42.82 -21.46 15.79
N HIS O 28 -42.26 -21.69 16.97
CA HIS O 28 -42.29 -20.67 18.01
C HIS O 28 -41.53 -19.43 17.58
N ALA O 29 -40.38 -19.61 16.94
CA ALA O 29 -39.60 -18.48 16.46
C ALA O 29 -40.40 -17.65 15.48
N LYS O 30 -41.05 -18.29 14.51
CA LYS O 30 -41.87 -17.55 13.57
C LYS O 30 -43.02 -16.84 14.28
N LEU O 31 -43.57 -17.47 15.33
CA LEU O 31 -44.65 -16.82 16.07
C LEU O 31 -44.18 -15.54 16.76
N GLN O 32 -43.05 -15.59 17.46
CA GLN O 32 -42.55 -14.36 18.08
C GLN O 32 -42.18 -13.33 17.02
N ASP O 33 -41.67 -13.78 15.88
CA ASP O 33 -41.35 -12.84 14.80
C ASP O 33 -42.59 -12.12 14.31
N HIS O 34 -43.71 -12.84 14.19
CA HIS O 34 -44.96 -12.18 13.80
C HIS O 34 -45.42 -11.20 14.87
N LYS O 35 -45.12 -11.50 16.14
CA LYS O 35 -45.53 -10.63 17.24
C LYS O 35 -44.64 -9.41 17.43
N GLY O 36 -43.54 -9.32 16.70
CA GLY O 36 -42.62 -8.21 16.86
C GLY O 36 -41.56 -8.39 17.92
N TRP O 37 -41.54 -9.53 18.60
CA TRP O 37 -40.51 -9.82 19.58
C TRP O 37 -39.30 -10.40 18.85
N THR O 38 -38.20 -9.63 18.80
CA THR O 38 -37.09 -9.90 17.90
C THR O 38 -35.98 -10.72 18.53
N LYS O 39 -35.50 -10.32 19.71
CA LYS O 39 -34.38 -11.03 20.33
C LYS O 39 -34.75 -12.48 20.61
N LEU O 40 -35.95 -12.71 21.15
CA LEU O 40 -36.41 -14.07 21.38
C LEU O 40 -36.50 -14.84 20.07
N ALA O 41 -36.95 -14.18 19.00
CA ALA O 41 -37.05 -14.86 17.71
C ALA O 41 -35.68 -15.32 17.22
N LYS O 42 -34.68 -14.45 17.32
CA LYS O 42 -33.35 -14.82 16.84
C LYS O 42 -32.74 -15.91 17.72
N TYR O 43 -32.97 -15.85 19.03
CA TYR O 43 -32.45 -16.88 19.91
C TYR O 43 -33.09 -18.24 19.61
N THR O 44 -34.39 -18.25 19.39
CA THR O 44 -35.07 -19.49 19.04
C THR O 44 -34.62 -20.02 17.69
N ARG O 45 -34.36 -19.13 16.73
CA ARG O 45 -33.82 -19.58 15.45
C ARG O 45 -32.46 -20.23 15.62
N ALA O 46 -31.60 -19.64 16.45
CA ALA O 46 -30.30 -20.25 16.73
C ALA O 46 -30.46 -21.62 17.38
N GLU O 47 -31.40 -21.74 18.32
CA GLU O 47 -31.65 -23.04 18.96
C GLU O 47 -32.13 -24.06 17.94
N SER O 48 -32.99 -23.63 17.01
CA SER O 48 -33.47 -24.54 15.97
C SER O 48 -32.31 -25.05 15.12
N PHE O 49 -31.40 -24.16 14.75
CA PHE O 49 -30.22 -24.60 13.99
C PHE O 49 -29.37 -25.57 14.80
N ASP O 50 -29.21 -25.31 16.09
CA ASP O 50 -28.43 -26.21 16.94
C ASP O 50 -29.05 -27.60 16.98
N GLU O 51 -30.37 -27.67 17.15
CA GLU O 51 -31.03 -28.97 17.17
C GLU O 51 -30.97 -29.64 15.79
N MET O 52 -30.94 -28.85 14.72
CA MET O 52 -30.71 -29.42 13.40
C MET O 52 -29.34 -30.10 13.34
N ARG O 53 -28.33 -29.47 13.94
CA ARG O 53 -27.01 -30.10 14.01
C ARG O 53 -27.06 -31.39 14.82
N HIS O 54 -27.81 -31.40 15.93
CA HIS O 54 -27.94 -32.62 16.72
C HIS O 54 -28.57 -33.74 15.89
N ALA O 55 -29.63 -33.42 15.14
CA ALA O 55 -30.25 -34.44 14.29
C ALA O 55 -29.26 -34.94 13.24
N GLU O 56 -28.46 -34.03 12.68
CA GLU O 56 -27.44 -34.42 11.72
C GLU O 56 -26.49 -35.45 12.31
N VAL O 57 -25.93 -35.16 13.48
CA VAL O 57 -24.94 -36.08 14.05
C VAL O 57 -25.61 -37.39 14.44
N LEU O 58 -26.85 -37.33 14.91
CA LEU O 58 -27.57 -38.55 15.30
C LEU O 58 -27.79 -39.47 14.11
N THR O 59 -28.28 -38.92 12.99
CA THR O 59 -28.50 -39.77 11.81
C THR O 59 -27.18 -40.26 11.25
N ASP O 60 -26.13 -39.45 11.34
CA ASP O 60 -24.81 -39.91 10.94
C ASP O 60 -24.41 -41.16 11.72
N ARG O 61 -24.55 -41.11 13.04
CA ARG O 61 -24.18 -42.26 13.86
C ARG O 61 -25.05 -43.48 13.57
N ILE O 62 -26.37 -43.28 13.47
CA ILE O 62 -27.24 -44.44 13.32
C ILE O 62 -27.02 -45.11 11.97
N LEU O 63 -26.73 -44.34 10.91
CA LEU O 63 -26.34 -44.96 9.65
C LEU O 63 -24.95 -45.56 9.75
N LEU O 64 -24.08 -44.95 10.56
CA LEU O 64 -22.75 -45.51 10.82
C LEU O 64 -22.84 -46.90 11.41
N LEU O 65 -23.89 -47.17 12.18
CA LEU O 65 -24.09 -48.51 12.72
C LEU O 65 -24.91 -49.41 11.81
N ASP O 66 -25.08 -49.04 10.54
CA ASP O 66 -25.78 -49.86 9.56
C ASP O 66 -27.22 -50.14 10.00
N GLY O 67 -28.01 -49.06 10.08
CA GLY O 67 -29.42 -49.16 10.39
C GLY O 67 -30.26 -48.34 9.43
N LEU O 68 -31.55 -48.31 9.72
CA LEU O 68 -32.52 -47.54 8.92
C LEU O 68 -33.14 -46.46 9.80
N PRO O 69 -32.68 -45.22 9.69
CA PRO O 69 -33.26 -44.14 10.50
C PRO O 69 -34.73 -43.93 10.16
N ASN O 70 -35.51 -43.59 11.18
CA ASN O 70 -36.95 -43.38 10.99
C ASN O 70 -37.23 -41.88 10.85
N TYR O 71 -38.15 -41.54 9.94
CA TYR O 71 -38.58 -40.18 9.74
C TYR O 71 -40.08 -40.01 9.65
N GLN O 72 -40.85 -41.07 9.39
CA GLN O 72 -42.30 -40.96 9.38
C GLN O 72 -42.83 -40.58 10.75
N ARG O 73 -42.28 -41.17 11.80
CA ARG O 73 -42.79 -40.96 13.15
C ARG O 73 -42.46 -39.55 13.64
N LEU O 74 -43.44 -38.91 14.26
CA LEU O 74 -43.27 -37.59 14.84
C LEU O 74 -44.07 -37.52 16.13
N PHE O 75 -43.48 -36.97 17.18
CA PHE O 75 -44.16 -36.85 18.46
C PHE O 75 -45.14 -35.68 18.44
N HIS O 76 -45.85 -35.52 19.56
CA HIS O 76 -46.86 -34.49 19.67
C HIS O 76 -46.22 -33.12 19.80
N VAL O 77 -46.65 -32.18 18.96
CA VAL O 77 -46.15 -30.82 18.94
C VAL O 77 -47.23 -29.91 19.52
N ARG O 78 -46.86 -29.14 20.54
CA ARG O 78 -47.78 -28.26 21.25
C ARG O 78 -47.29 -26.83 21.13
N VAL O 79 -48.25 -25.90 21.08
CA VAL O 79 -47.95 -24.48 20.91
C VAL O 79 -48.74 -23.69 21.93
N GLY O 80 -48.08 -22.71 22.54
CA GLY O 80 -48.73 -21.79 23.44
C GLY O 80 -49.25 -20.56 22.71
N GLN O 81 -49.97 -19.71 23.45
CA GLN O 81 -50.48 -18.47 22.91
C GLN O 81 -49.79 -17.23 23.47
N SER O 82 -49.06 -17.37 24.57
CA SER O 82 -48.18 -16.33 25.08
C SER O 82 -46.82 -16.94 25.38
N VAL O 83 -45.90 -16.08 25.82
CA VAL O 83 -44.50 -16.49 25.95
C VAL O 83 -44.33 -17.51 27.08
N THR O 84 -45.10 -17.35 28.17
CA THR O 84 -44.95 -18.26 29.31
C THR O 84 -45.30 -19.69 28.92
N GLU O 85 -46.37 -19.87 28.15
CA GLU O 85 -46.76 -21.20 27.72
C GLU O 85 -45.67 -21.83 26.84
N MET O 86 -45.08 -21.04 25.95
CA MET O 86 -44.01 -21.54 25.10
C MET O 86 -42.82 -22.00 25.95
N PHE O 87 -42.45 -21.19 26.94
CA PHE O 87 -41.34 -21.56 27.81
C PHE O 87 -41.64 -22.84 28.57
N GLN O 88 -42.85 -22.98 29.10
CA GLN O 88 -43.21 -24.18 29.85
C GLN O 88 -43.17 -25.41 28.96
N ALA O 89 -43.71 -25.31 27.74
CA ALA O 89 -43.73 -26.44 26.83
C ALA O 89 -42.32 -26.87 26.46
N ASP O 90 -41.46 -25.90 26.14
CA ASP O 90 -40.07 -26.24 25.82
C ASP O 90 -39.39 -26.89 27.01
N ARG O 91 -39.64 -26.36 28.21
CA ARG O 91 -39.02 -26.90 29.41
C ARG O 91 -39.40 -28.35 29.64
N GLU O 92 -40.70 -28.67 29.53
CA GLU O 92 -41.12 -30.04 29.78
C GLU O 92 -40.65 -31.00 28.69
N VAL O 93 -40.66 -30.55 27.43
CA VAL O 93 -40.15 -31.39 26.35
C VAL O 93 -38.68 -31.72 26.60
N GLU O 94 -37.89 -30.71 26.96
CA GLU O 94 -36.47 -30.94 27.12
C GLU O 94 -36.17 -31.72 28.40
N LEU O 95 -37.06 -31.63 29.40
CA LEU O 95 -36.93 -32.46 30.59
C LEU O 95 -37.11 -33.93 30.27
N GLU O 96 -38.17 -34.27 29.54
CA GLU O 96 -38.34 -35.67 29.15
C GLU O 96 -37.17 -36.10 28.26
N ALA O 97 -36.64 -35.17 27.46
CA ALA O 97 -35.50 -35.47 26.63
C ALA O 97 -34.28 -35.86 27.48
N ILE O 98 -33.97 -35.08 28.52
CA ILE O 98 -32.79 -35.38 29.32
C ILE O 98 -32.99 -36.67 30.11
N ASP O 99 -34.22 -36.94 30.53
CA ASP O 99 -34.50 -38.21 31.21
C ASP O 99 -34.19 -39.39 30.30
N ARG O 100 -34.72 -39.35 29.06
CA ARG O 100 -34.44 -40.41 28.11
C ARG O 100 -32.94 -40.50 27.81
N LEU O 101 -32.26 -39.35 27.73
CA LEU O 101 -30.84 -39.35 27.45
C LEU O 101 -30.05 -40.04 28.56
N ARG O 102 -30.41 -39.77 29.82
CA ARG O 102 -29.71 -40.42 30.94
C ARG O 102 -29.91 -41.92 30.92
N ARG O 103 -31.17 -42.35 30.71
CA ARG O 103 -31.43 -43.79 30.64
C ARG O 103 -30.65 -44.42 29.50
N GLY O 104 -30.64 -43.78 28.34
CA GLY O 104 -29.91 -44.30 27.20
C GLY O 104 -28.41 -44.37 27.45
N ILE O 105 -27.84 -43.34 28.07
CA ILE O 105 -26.41 -43.36 28.38
C ILE O 105 -26.08 -44.55 29.26
N GLU O 106 -26.86 -44.75 30.32
CA GLU O 106 -26.57 -45.87 31.22
C GLU O 106 -26.68 -47.20 30.51
N VAL O 107 -27.76 -47.38 29.72
CA VAL O 107 -27.96 -48.66 29.03
C VAL O 107 -26.86 -48.90 28.02
N MET O 108 -26.49 -47.87 27.24
CA MET O 108 -25.44 -48.03 26.24
C MET O 108 -24.12 -48.41 26.88
N ARG O 109 -23.69 -47.67 27.91
CA ARG O 109 -22.38 -47.96 28.49
C ARG O 109 -22.39 -49.27 29.25
N ALA O 110 -23.57 -49.77 29.63
CA ALA O 110 -23.55 -51.10 30.22
C ALA O 110 -23.35 -52.22 29.18
N LYS O 111 -23.16 -51.96 27.89
CA LYS O 111 -23.16 -53.04 26.90
C LYS O 111 -22.06 -52.85 25.85
N HIS O 112 -20.91 -52.30 26.26
CA HIS O 112 -19.72 -52.19 25.42
C HIS O 112 -19.98 -51.37 24.15
N ASP O 113 -20.31 -50.10 24.35
CA ASP O 113 -20.31 -49.13 23.26
C ASP O 113 -19.95 -47.78 23.84
N ILE O 114 -19.08 -47.05 23.14
CA ILE O 114 -18.44 -45.85 23.66
C ILE O 114 -18.88 -44.60 22.92
N THR O 115 -18.77 -44.61 21.58
CA THR O 115 -19.03 -43.42 20.79
C THR O 115 -20.46 -42.94 20.96
N SER O 116 -21.42 -43.86 20.96
CA SER O 116 -22.81 -43.50 21.19
C SER O 116 -22.97 -42.86 22.56
N ALA O 117 -22.29 -43.40 23.57
CA ALA O 117 -22.32 -42.79 24.89
C ALA O 117 -21.77 -41.37 24.84
N ASN O 118 -20.69 -41.15 24.09
CA ASN O 118 -20.09 -39.82 24.02
C ASN O 118 -21.03 -38.81 23.36
N VAL O 119 -21.66 -39.19 22.24
CA VAL O 119 -22.56 -38.25 21.58
C VAL O 119 -23.78 -37.99 22.44
N PHE O 120 -24.27 -39.00 23.15
CA PHE O 120 -25.37 -38.79 24.08
C PHE O 120 -24.97 -37.84 25.20
N GLU O 121 -23.74 -37.97 25.70
CA GLU O 121 -23.27 -37.07 26.75
C GLU O 121 -23.20 -35.63 26.26
N ALA O 122 -22.68 -35.42 25.05
CA ALA O 122 -22.61 -34.07 24.50
C ALA O 122 -24.01 -33.48 24.34
N ILE O 123 -24.94 -34.26 23.79
CA ILE O 123 -26.30 -33.79 23.62
C ILE O 123 -26.92 -33.46 24.98
N LEU O 124 -26.65 -34.30 25.98
CA LEU O 124 -27.18 -34.06 27.32
C LEU O 124 -26.65 -32.76 27.91
N ALA O 125 -25.37 -32.48 27.70
CA ALA O 125 -24.80 -31.22 28.20
C ALA O 125 -25.47 -30.02 27.53
N ASP O 126 -25.68 -30.11 26.21
CA ASP O 126 -26.35 -29.00 25.51
C ASP O 126 -27.77 -28.81 26.03
N GLU O 127 -28.48 -29.92 26.25
CA GLU O 127 -29.83 -29.82 26.81
C GLU O 127 -29.82 -29.21 28.21
N GLU O 128 -28.84 -29.56 29.03
CA GLU O 128 -28.77 -28.94 30.36
C GLU O 128 -28.55 -27.44 30.27
N HIS O 129 -27.69 -27.01 29.36
CA HIS O 129 -27.48 -25.57 29.19
C HIS O 129 -28.77 -24.88 28.75
N HIS O 130 -29.49 -25.48 27.80
CA HIS O 130 -30.73 -24.87 27.33
C HIS O 130 -31.78 -24.84 28.44
N ILE O 131 -31.85 -25.90 29.26
CA ILE O 131 -32.74 -25.90 30.42
C ILE O 131 -32.37 -24.77 31.37
N ASP O 132 -31.08 -24.58 31.62
CA ASP O 132 -30.66 -23.50 32.52
C ASP O 132 -31.15 -22.16 32.01
N TYR O 133 -30.95 -21.89 30.72
CA TYR O 133 -31.40 -20.61 30.16
C TYR O 133 -32.91 -20.47 30.27
N LEU O 134 -33.65 -21.53 29.91
CA LEU O 134 -35.10 -21.44 29.96
C LEU O 134 -35.60 -21.19 31.37
N GLU O 135 -35.04 -21.90 32.35
CA GLU O 135 -35.50 -21.76 33.73
C GLU O 135 -35.18 -20.37 34.29
N THR O 136 -33.97 -19.87 34.06
CA THR O 136 -33.65 -18.55 34.57
C THR O 136 -34.49 -17.48 33.88
N GLN O 137 -34.75 -17.65 32.58
CA GLN O 137 -35.61 -16.69 31.88
C GLN O 137 -37.03 -16.71 32.42
N LEU O 138 -37.55 -17.90 32.69
CA LEU O 138 -38.90 -18.02 33.24
C LEU O 138 -38.98 -17.40 34.64
N ASP O 139 -37.96 -17.63 35.46
CA ASP O 139 -37.94 -17.00 36.78
C ASP O 139 -37.93 -15.48 36.65
N LEU O 140 -37.12 -14.95 35.74
CA LEU O 140 -37.04 -13.52 35.56
C LEU O 140 -38.37 -12.95 35.10
N ILE O 141 -39.03 -13.62 34.15
CA ILE O 141 -40.30 -13.08 33.65
C ILE O 141 -41.38 -13.17 34.72
N GLU O 142 -41.38 -14.21 35.54
CA GLU O 142 -42.43 -14.30 36.56
C GLU O 142 -42.18 -13.32 37.70
N LYS O 143 -40.91 -12.96 37.96
CA LYS O 143 -40.64 -12.03 39.05
C LYS O 143 -40.75 -10.57 38.63
N LEU O 144 -40.13 -10.19 37.51
CA LEU O 144 -40.00 -8.78 37.16
C LEU O 144 -41.31 -8.19 36.67
N GLY O 145 -42.11 -8.96 35.93
CA GLY O 145 -43.34 -8.45 35.38
C GLY O 145 -43.42 -8.65 33.88
N GLU O 146 -44.52 -9.26 33.41
CA GLU O 146 -44.62 -9.61 31.99
C GLU O 146 -44.59 -8.37 31.11
N SER O 147 -45.34 -7.33 31.47
CA SER O 147 -45.39 -6.13 30.65
C SER O 147 -44.02 -5.47 30.55
N LEU O 148 -43.30 -5.35 31.67
CA LEU O 148 -42.00 -4.71 31.65
C LEU O 148 -41.01 -5.50 30.81
N TYR O 149 -40.97 -6.83 30.99
CA TYR O 149 -40.06 -7.64 30.18
C TYR O 149 -40.39 -7.50 28.70
N LEU O 150 -41.67 -7.68 28.34
CA LEU O 150 -42.05 -7.58 26.94
C LEU O 150 -41.70 -6.21 26.37
N SER O 151 -41.80 -5.15 27.17
CA SER O 151 -41.34 -3.85 26.72
C SER O 151 -39.84 -3.85 26.47
N THR O 152 -39.07 -4.49 27.37
CA THR O 152 -37.62 -4.52 27.20
C THR O 152 -37.20 -5.27 25.94
N VAL O 153 -37.92 -6.33 25.59
CA VAL O 153 -37.51 -7.15 24.45
C VAL O 153 -37.94 -6.54 23.12
N ILE O 154 -38.85 -5.57 23.12
CA ILE O 154 -39.31 -4.97 21.87
C ILE O 154 -38.16 -4.26 21.17
N GLU O 155 -38.03 -4.50 19.88
CA GLU O 155 -37.10 -3.75 19.04
C GLU O 155 -37.78 -2.42 18.70
N GLN O 156 -37.66 -1.45 19.61
CA GLN O 156 -38.29 -0.16 19.44
C GLN O 156 -37.64 0.69 18.37
N THR O 157 -36.56 0.21 17.74
CA THR O 157 -36.05 0.87 16.56
C THR O 157 -36.83 0.50 15.31
N GLN O 158 -37.38 -0.73 15.25
CA GLN O 158 -38.03 -1.32 14.08
C GLN O 158 -37.30 -0.93 12.80
N PRO O 159 -36.07 -1.46 12.60
CA PRO O 159 -35.25 -1.01 11.47
C PRO O 159 -35.96 -1.07 10.12
N ASP O 160 -36.14 0.10 9.50
CA ASP O 160 -36.78 0.17 8.20
C ASP O 160 -36.02 -0.60 7.13
N PRO O 161 -34.69 -0.53 7.05
CA PRO O 161 -33.98 -1.27 5.99
C PRO O 161 -34.20 -2.76 6.04
N SER O 162 -34.41 -3.33 7.22
CA SER O 162 -34.68 -4.77 7.38
C SER O 162 -33.60 -5.63 6.73
N MET P 1 -59.04 -8.05 8.44
CA MET P 1 -58.36 -8.67 7.32
C MET P 1 -57.93 -10.10 7.62
N GLN P 2 -58.76 -11.06 7.22
CA GLN P 2 -58.46 -12.47 7.40
C GLN P 2 -58.89 -13.22 6.15
N GLY P 3 -58.14 -14.27 5.81
CA GLY P 3 -58.45 -15.03 4.61
C GLY P 3 -59.56 -16.04 4.82
N ASP P 4 -60.14 -16.49 3.70
CA ASP P 4 -61.17 -17.51 3.76
C ASP P 4 -60.55 -18.89 3.97
N PRO P 5 -61.33 -19.86 4.48
CA PRO P 5 -60.74 -21.16 4.84
C PRO P 5 -60.11 -21.92 3.67
N GLU P 6 -60.59 -21.71 2.44
CA GLU P 6 -60.10 -22.52 1.33
C GLU P 6 -58.63 -22.23 1.02
N VAL P 7 -58.26 -20.95 0.93
CA VAL P 7 -56.87 -20.64 0.60
C VAL P 7 -55.95 -21.06 1.74
N ILE P 8 -56.41 -20.92 2.99
CA ILE P 8 -55.55 -21.28 4.12
C ILE P 8 -55.36 -22.79 4.18
N GLU P 9 -56.40 -23.57 3.87
CA GLU P 9 -56.21 -25.02 3.86
C GLU P 9 -55.34 -25.46 2.69
N PHE P 10 -55.45 -24.78 1.54
CA PHE P 10 -54.54 -25.04 0.44
C PHE P 10 -53.10 -24.78 0.84
N LEU P 11 -52.86 -23.65 1.52
CA LEU P 11 -51.52 -23.31 1.97
C LEU P 11 -51.00 -24.34 2.98
N ASN P 12 -51.87 -24.79 3.89
CA ASN P 12 -51.46 -25.81 4.86
C ASN P 12 -51.07 -27.10 4.16
N GLU P 13 -51.88 -27.53 3.18
CA GLU P 13 -51.56 -28.75 2.44
C GLU P 13 -50.23 -28.62 1.70
N GLN P 14 -50.01 -27.48 1.05
CA GLN P 14 -48.75 -27.30 0.33
C GLN P 14 -47.57 -27.24 1.29
N LEU P 15 -47.74 -26.65 2.48
CA LEU P 15 -46.69 -26.64 3.48
C LEU P 15 -46.35 -28.05 3.95
N THR P 16 -47.38 -28.86 4.17
CA THR P 16 -47.14 -30.26 4.56
C THR P 16 -46.35 -31.00 3.49
N ALA P 17 -46.74 -30.82 2.23
CA ALA P 17 -46.01 -31.44 1.13
C ALA P 17 -44.57 -30.96 1.09
N GLU P 18 -44.35 -29.66 1.31
CA GLU P 18 -43.00 -29.12 1.32
C GLU P 18 -42.16 -29.73 2.43
N LEU P 19 -42.72 -29.86 3.63
CA LEU P 19 -41.96 -30.46 4.73
C LEU P 19 -41.59 -31.90 4.43
N THR P 20 -42.55 -32.66 3.90
CA THR P 20 -42.26 -34.05 3.53
C THR P 20 -41.17 -34.12 2.47
N ALA P 21 -41.21 -33.23 1.48
CA ALA P 21 -40.18 -33.20 0.45
C ALA P 21 -38.82 -32.88 1.04
N ILE P 22 -38.76 -31.91 1.96
CA ILE P 22 -37.50 -31.57 2.63
C ILE P 22 -36.93 -32.81 3.31
N ASN P 23 -37.77 -33.50 4.08
CA ASN P 23 -37.28 -34.65 4.84
C ASN P 23 -36.77 -35.75 3.91
N GLN P 24 -37.54 -36.06 2.86
CA GLN P 24 -37.14 -37.10 1.94
C GLN P 24 -35.85 -36.74 1.21
N TYR P 25 -35.73 -35.49 0.78
CA TYR P 25 -34.52 -35.06 0.07
C TYR P 25 -33.30 -35.18 0.97
N PHE P 26 -33.42 -34.74 2.23
CA PHE P 26 -32.28 -34.82 3.13
C PHE P 26 -31.88 -36.27 3.40
N LEU P 27 -32.86 -37.15 3.63
CA LEU P 27 -32.53 -38.56 3.85
C LEU P 27 -31.85 -39.16 2.63
N HIS P 28 -32.35 -38.86 1.44
CA HIS P 28 -31.73 -39.38 0.23
C HIS P 28 -30.31 -38.88 0.09
N ALA P 29 -30.08 -37.59 0.38
CA ALA P 29 -28.72 -37.04 0.31
C ALA P 29 -27.79 -37.75 1.26
N LYS P 30 -28.26 -38.04 2.47
CA LYS P 30 -27.41 -38.75 3.43
C LYS P 30 -27.10 -40.17 2.95
N LEU P 31 -28.10 -40.83 2.35
CA LEU P 31 -27.84 -42.14 1.78
C LEU P 31 -26.77 -42.08 0.70
N GLN P 32 -26.86 -41.09 -0.19
CA GLN P 32 -25.89 -41.02 -1.29
C GLN P 32 -24.49 -40.70 -0.80
N ASP P 33 -24.33 -39.71 0.09
CA ASP P 33 -22.97 -39.39 0.52
C ASP P 33 -22.45 -40.39 1.53
N HIS P 34 -23.31 -41.31 2.00
CA HIS P 34 -22.82 -42.40 2.84
C HIS P 34 -21.84 -43.29 2.09
N LYS P 35 -22.18 -43.67 0.85
CA LYS P 35 -21.50 -44.76 0.15
C LYS P 35 -20.67 -44.27 -1.04
N GLY P 36 -19.99 -43.14 -0.90
CA GLY P 36 -19.03 -42.69 -1.90
C GLY P 36 -19.57 -41.84 -3.03
N TRP P 37 -20.88 -41.59 -3.06
CA TRP P 37 -21.47 -40.71 -4.06
C TRP P 37 -21.53 -39.31 -3.49
N THR P 38 -20.73 -38.40 -4.04
CA THR P 38 -20.52 -37.10 -3.42
C THR P 38 -21.25 -35.96 -4.13
N LYS P 39 -21.01 -35.77 -5.42
CA LYS P 39 -21.58 -34.62 -6.11
C LYS P 39 -23.11 -34.65 -6.07
N LEU P 40 -23.68 -35.84 -6.25
CA LEU P 40 -25.12 -35.99 -6.12
C LEU P 40 -25.59 -35.50 -4.75
N ALA P 41 -24.82 -35.79 -3.70
CA ALA P 41 -25.18 -35.36 -2.37
C ALA P 41 -25.22 -33.85 -2.26
N LYS P 42 -24.21 -33.17 -2.82
CA LYS P 42 -24.22 -31.71 -2.79
C LYS P 42 -25.43 -31.15 -3.52
N TYR P 43 -25.73 -31.69 -4.70
CA TYR P 43 -26.89 -31.21 -5.44
C TYR P 43 -28.18 -31.42 -4.65
N THR P 44 -28.35 -32.59 -4.05
CA THR P 44 -29.57 -32.89 -3.32
C THR P 44 -29.67 -32.05 -2.05
N ARG P 45 -28.55 -31.76 -1.40
CA ARG P 45 -28.56 -30.85 -0.26
C ARG P 45 -29.00 -29.46 -0.68
N ALA P 46 -28.52 -28.98 -1.83
CA ALA P 46 -28.99 -27.70 -2.35
C ALA P 46 -30.49 -27.72 -2.60
N GLU P 47 -31.00 -28.82 -3.17
CA GLU P 47 -32.43 -28.94 -3.42
C GLU P 47 -33.22 -28.91 -2.12
N SER P 48 -32.73 -29.62 -1.10
CA SER P 48 -33.41 -29.62 0.19
C SER P 48 -33.44 -28.22 0.80
N PHE P 49 -32.32 -27.49 0.70
CA PHE P 49 -32.30 -26.13 1.22
C PHE P 49 -33.28 -25.23 0.48
N ASP P 50 -33.37 -25.40 -0.85
CA ASP P 50 -34.34 -24.63 -1.62
C ASP P 50 -35.77 -24.92 -1.16
N GLU P 51 -36.09 -26.20 -0.96
CA GLU P 51 -37.40 -26.55 -0.44
C GLU P 51 -37.63 -25.95 0.94
N MET P 52 -36.57 -25.86 1.75
CA MET P 52 -36.69 -25.19 3.05
C MET P 52 -37.07 -23.73 2.89
N ARG P 53 -36.42 -23.02 1.93
CA ARG P 53 -36.79 -21.63 1.69
C ARG P 53 -38.25 -21.51 1.26
N HIS P 54 -38.69 -22.42 0.39
CA HIS P 54 -40.11 -22.44 0.03
C HIS P 54 -40.99 -22.60 1.27
N ALA P 55 -40.57 -23.46 2.18
CA ALA P 55 -41.34 -23.68 3.41
C ALA P 55 -41.44 -22.41 4.24
N GLU P 56 -40.32 -21.69 4.42
CA GLU P 56 -40.39 -20.46 5.19
C GLU P 56 -41.28 -19.43 4.52
N VAL P 57 -41.19 -19.31 3.20
CA VAL P 57 -42.05 -18.34 2.52
C VAL P 57 -43.51 -18.71 2.69
N LEU P 58 -43.83 -20.00 2.57
CA LEU P 58 -45.21 -20.45 2.74
C LEU P 58 -45.73 -20.15 4.13
N THR P 59 -44.93 -20.45 5.16
CA THR P 59 -45.41 -20.22 6.52
C THR P 59 -45.53 -18.73 6.81
N ASP P 60 -44.65 -17.91 6.24
CA ASP P 60 -44.77 -16.47 6.40
C ASP P 60 -46.08 -15.98 5.80
N ARG P 61 -46.39 -16.42 4.58
CA ARG P 61 -47.62 -15.98 3.93
C ARG P 61 -48.85 -16.44 4.70
N ILE P 62 -48.85 -17.70 5.16
CA ILE P 62 -50.05 -18.19 5.87
C ILE P 62 -50.20 -17.48 7.21
N LEU P 63 -49.10 -17.19 7.90
CA LEU P 63 -49.20 -16.47 9.15
C LEU P 63 -49.62 -15.02 8.95
N LEU P 64 -49.32 -14.46 7.78
CA LEU P 64 -49.76 -13.09 7.47
C LEU P 64 -51.28 -13.01 7.47
N LEU P 65 -51.96 -14.04 6.97
CA LEU P 65 -53.40 -14.03 6.82
C LEU P 65 -54.14 -14.37 8.10
N ASP P 66 -53.49 -14.23 9.26
CA ASP P 66 -54.09 -14.50 10.57
C ASP P 66 -54.60 -15.94 10.64
N GLY P 67 -53.73 -16.89 10.32
CA GLY P 67 -54.05 -18.29 10.35
C GLY P 67 -53.26 -19.06 11.41
N LEU P 68 -53.41 -20.38 11.35
CA LEU P 68 -52.77 -21.29 12.29
C LEU P 68 -52.02 -22.36 11.51
N PRO P 69 -50.73 -22.19 11.30
CA PRO P 69 -49.95 -23.19 10.56
C PRO P 69 -49.90 -24.52 11.30
N ASN P 70 -49.84 -25.60 10.52
CA ASN P 70 -49.79 -26.97 11.05
C ASN P 70 -48.41 -27.55 10.78
N TYR P 71 -47.76 -28.03 11.85
CA TYR P 71 -46.46 -28.67 11.75
C TYR P 71 -46.47 -30.12 12.23
N GLN P 72 -47.65 -30.69 12.50
CA GLN P 72 -47.70 -32.05 13.04
C GLN P 72 -47.73 -33.11 11.94
N ARG P 73 -48.70 -33.03 11.04
CA ARG P 73 -48.92 -34.09 10.06
C ARG P 73 -47.82 -34.12 9.02
N LEU P 74 -47.53 -35.33 8.53
CA LEU P 74 -46.65 -35.54 7.40
C LEU P 74 -47.26 -36.60 6.50
N PHE P 75 -46.92 -36.52 5.21
CA PHE P 75 -47.34 -37.54 4.27
C PHE P 75 -46.35 -38.71 4.33
N HIS P 76 -46.63 -39.74 3.53
CA HIS P 76 -45.73 -40.88 3.47
C HIS P 76 -44.41 -40.50 2.81
N VAL P 77 -43.31 -40.99 3.35
CA VAL P 77 -41.98 -40.77 2.81
C VAL P 77 -41.48 -42.09 2.24
N ARG P 78 -41.02 -42.07 0.99
CA ARG P 78 -40.57 -43.26 0.30
C ARG P 78 -39.06 -43.18 0.07
N VAL P 79 -38.37 -44.28 0.35
CA VAL P 79 -36.93 -44.37 0.21
C VAL P 79 -36.58 -45.62 -0.57
N GLY P 80 -35.43 -45.60 -1.25
CA GLY P 80 -34.99 -46.71 -2.04
C GLY P 80 -33.49 -46.95 -1.89
N GLN P 81 -32.98 -47.85 -2.74
CA GLN P 81 -31.58 -48.26 -2.66
C GLN P 81 -30.76 -47.64 -3.79
N SER P 82 -31.16 -47.90 -5.04
CA SER P 82 -30.46 -47.37 -6.19
C SER P 82 -30.95 -45.97 -6.53
N VAL P 83 -30.20 -45.29 -7.39
CA VAL P 83 -30.57 -43.94 -7.80
C VAL P 83 -31.88 -43.95 -8.58
N THR P 84 -32.20 -45.09 -9.21
CA THR P 84 -33.42 -45.18 -10.01
C THR P 84 -34.66 -44.91 -9.17
N GLU P 85 -34.79 -45.62 -8.05
CA GLU P 85 -35.99 -45.46 -7.23
C GLU P 85 -36.02 -44.10 -6.54
N MET P 86 -34.87 -43.57 -6.13
CA MET P 86 -34.84 -42.22 -5.58
C MET P 86 -35.36 -41.22 -6.60
N PHE P 87 -34.84 -41.30 -7.83
CA PHE P 87 -35.26 -40.37 -8.87
C PHE P 87 -36.76 -40.50 -9.16
N GLN P 88 -37.27 -41.73 -9.22
CA GLN P 88 -38.67 -41.92 -9.59
C GLN P 88 -39.61 -41.49 -8.46
N ALA P 89 -39.20 -41.72 -7.21
CA ALA P 89 -40.00 -41.23 -6.08
C ALA P 89 -40.03 -39.71 -6.06
N ASP P 90 -38.89 -39.07 -6.34
CA ASP P 90 -38.87 -37.62 -6.45
C ASP P 90 -39.77 -37.16 -7.59
N ARG P 91 -39.79 -37.91 -8.69
CA ARG P 91 -40.68 -37.59 -9.80
C ARG P 91 -42.15 -37.62 -9.36
N GLU P 92 -42.53 -38.66 -8.60
CA GLU P 92 -43.90 -38.74 -8.11
C GLU P 92 -44.24 -37.55 -7.23
N VAL P 93 -43.32 -37.20 -6.32
CA VAL P 93 -43.55 -36.06 -5.44
C VAL P 93 -43.75 -34.79 -6.26
N GLU P 94 -42.90 -34.60 -7.27
CA GLU P 94 -43.00 -33.39 -8.09
C GLU P 94 -44.30 -33.35 -8.88
N LEU P 95 -44.76 -34.50 -9.39
CA LEU P 95 -46.02 -34.52 -10.14
C LEU P 95 -47.21 -34.18 -9.25
N GLU P 96 -47.25 -34.76 -8.05
CA GLU P 96 -48.31 -34.42 -7.11
C GLU P 96 -48.29 -32.93 -6.80
N ALA P 97 -47.10 -32.40 -6.52
CA ALA P 97 -46.99 -30.97 -6.22
C ALA P 97 -47.45 -30.13 -7.40
N ILE P 98 -47.05 -30.49 -8.62
CA ILE P 98 -47.33 -29.65 -9.77
C ILE P 98 -48.84 -29.58 -10.01
N ASP P 99 -49.53 -30.72 -9.94
CA ASP P 99 -50.97 -30.68 -10.22
C ASP P 99 -51.73 -29.98 -9.11
N ARG P 100 -51.35 -30.22 -7.84
CA ARG P 100 -52.05 -29.54 -6.75
C ARG P 100 -51.83 -28.03 -6.83
N LEU P 101 -50.63 -27.60 -7.21
CA LEU P 101 -50.36 -26.17 -7.33
C LEU P 101 -51.13 -25.55 -8.48
N ARG P 102 -51.27 -26.28 -9.59
CA ARG P 102 -52.09 -25.78 -10.70
C ARG P 102 -53.52 -25.53 -10.24
N ARG P 103 -54.12 -26.54 -9.58
CA ARG P 103 -55.49 -26.38 -9.10
C ARG P 103 -55.59 -25.21 -8.14
N GLY P 104 -54.63 -25.12 -7.21
CA GLY P 104 -54.66 -24.06 -6.22
C GLY P 104 -54.58 -22.68 -6.84
N ILE P 105 -53.65 -22.47 -7.77
CA ILE P 105 -53.51 -21.15 -8.38
C ILE P 105 -54.79 -20.79 -9.11
N GLU P 106 -55.38 -21.76 -9.84
CA GLU P 106 -56.60 -21.45 -10.57
C GLU P 106 -57.70 -20.98 -9.61
N VAL P 107 -57.94 -21.74 -8.54
CA VAL P 107 -59.06 -21.41 -7.66
C VAL P 107 -58.80 -20.11 -6.92
N MET P 108 -57.58 -19.93 -6.41
CA MET P 108 -57.26 -18.72 -5.64
C MET P 108 -57.35 -17.48 -6.53
N ARG P 109 -56.88 -17.56 -7.78
CA ARG P 109 -57.06 -16.44 -8.68
C ARG P 109 -58.55 -16.20 -8.95
N ALA P 110 -59.33 -17.27 -9.05
CA ALA P 110 -60.77 -17.12 -9.26
C ALA P 110 -61.47 -16.47 -8.08
N LYS P 111 -60.91 -16.56 -6.87
CA LYS P 111 -61.58 -16.05 -5.68
C LYS P 111 -60.92 -14.79 -5.14
N HIS P 112 -60.43 -13.93 -6.03
CA HIS P 112 -59.94 -12.59 -5.67
C HIS P 112 -58.80 -12.63 -4.66
N ASP P 113 -57.67 -13.22 -5.09
CA ASP P 113 -56.44 -13.14 -4.33
C ASP P 113 -55.29 -12.98 -5.32
N ILE P 114 -54.22 -12.30 -4.90
CA ILE P 114 -53.15 -11.96 -5.82
C ILE P 114 -51.80 -12.47 -5.36
N THR P 115 -51.31 -11.97 -4.22
CA THR P 115 -49.93 -12.21 -3.81
C THR P 115 -49.68 -13.70 -3.57
N SER P 116 -50.62 -14.37 -2.90
CA SER P 116 -50.49 -15.80 -2.68
C SER P 116 -50.39 -16.55 -4.00
N ALA P 117 -51.20 -16.15 -4.98
CA ALA P 117 -51.05 -16.72 -6.31
C ALA P 117 -49.62 -16.53 -6.82
N ASN P 118 -49.06 -15.33 -6.66
CA ASN P 118 -47.72 -15.04 -7.18
C ASN P 118 -46.67 -15.97 -6.59
N VAL P 119 -46.64 -16.10 -5.26
CA VAL P 119 -45.67 -17.00 -4.66
C VAL P 119 -45.94 -18.43 -5.13
N PHE P 120 -47.20 -18.76 -5.39
CA PHE P 120 -47.52 -20.08 -5.90
C PHE P 120 -46.89 -20.32 -7.27
N GLU P 121 -46.95 -19.33 -8.19
CA GLU P 121 -46.32 -19.57 -9.49
C GLU P 121 -44.81 -19.60 -9.37
N ALA P 122 -44.25 -18.85 -8.42
CA ALA P 122 -42.80 -18.96 -8.19
C ALA P 122 -42.43 -20.39 -7.83
N ILE P 123 -43.17 -20.98 -6.88
CA ILE P 123 -42.95 -22.38 -6.51
C ILE P 123 -43.15 -23.28 -7.73
N LEU P 124 -44.16 -22.96 -8.54
CA LEU P 124 -44.45 -23.73 -9.74
C LEU P 124 -43.23 -23.80 -10.65
N ALA P 125 -42.64 -22.65 -10.95
CA ALA P 125 -41.49 -22.60 -11.84
C ALA P 125 -40.32 -23.37 -11.27
N ASP P 126 -40.08 -23.21 -9.96
CA ASP P 126 -38.94 -23.91 -9.36
C ASP P 126 -39.13 -25.43 -9.46
N GLU P 127 -40.34 -25.91 -9.17
CA GLU P 127 -40.60 -27.34 -9.25
C GLU P 127 -40.48 -27.84 -10.68
N GLU P 128 -40.91 -27.04 -11.66
CA GLU P 128 -40.77 -27.45 -13.04
C GLU P 128 -39.29 -27.59 -13.42
N HIS P 129 -38.46 -26.66 -12.97
CA HIS P 129 -37.03 -26.77 -13.23
C HIS P 129 -36.46 -28.05 -12.62
N HIS P 130 -36.86 -28.35 -11.37
CA HIS P 130 -36.32 -29.54 -10.71
C HIS P 130 -36.76 -30.82 -11.41
N ILE P 131 -38.02 -30.89 -11.84
CA ILE P 131 -38.47 -32.11 -12.51
C ILE P 131 -37.80 -32.24 -13.87
N ASP P 132 -37.48 -31.11 -14.53
CA ASP P 132 -36.66 -31.18 -15.73
C ASP P 132 -35.31 -31.84 -15.43
N TYR P 133 -34.68 -31.41 -14.34
CA TYR P 133 -33.40 -32.04 -13.97
C TYR P 133 -33.58 -33.53 -13.76
N LEU P 134 -34.63 -33.93 -13.03
CA LEU P 134 -34.81 -35.34 -12.73
C LEU P 134 -35.02 -36.16 -14.00
N GLU P 135 -35.82 -35.66 -14.92
CA GLU P 135 -36.08 -36.41 -16.15
C GLU P 135 -34.82 -36.52 -17.01
N THR P 136 -34.06 -35.43 -17.15
CA THR P 136 -32.85 -35.55 -17.96
C THR P 136 -31.83 -36.47 -17.31
N GLN P 137 -31.75 -36.47 -15.98
CA GLN P 137 -30.85 -37.40 -15.31
C GLN P 137 -31.30 -38.85 -15.53
N LEU P 138 -32.61 -39.08 -15.47
CA LEU P 138 -33.13 -40.43 -15.65
C LEU P 138 -32.86 -40.96 -17.05
N ASP P 139 -33.17 -40.18 -18.08
CA ASP P 139 -32.94 -40.75 -19.41
C ASP P 139 -31.44 -40.80 -19.73
N LEU P 140 -30.64 -39.92 -19.13
CA LEU P 140 -29.19 -40.03 -19.30
C LEU P 140 -28.66 -41.34 -18.71
N ILE P 141 -29.08 -41.67 -17.49
CA ILE P 141 -28.62 -42.93 -16.91
C ILE P 141 -29.17 -44.12 -17.68
N GLU P 142 -30.40 -44.01 -18.19
CA GLU P 142 -30.97 -45.11 -18.97
C GLU P 142 -30.13 -45.38 -20.22
N LYS P 143 -29.75 -44.32 -20.94
CA LYS P 143 -28.94 -44.52 -22.13
C LYS P 143 -27.53 -44.98 -21.80
N LEU P 144 -26.93 -44.42 -20.74
CA LEU P 144 -25.51 -44.61 -20.50
C LEU P 144 -25.21 -45.94 -19.82
N GLY P 145 -25.75 -46.14 -18.62
CA GLY P 145 -25.46 -47.34 -17.85
C GLY P 145 -25.16 -47.04 -16.40
N GLU P 146 -25.56 -47.95 -15.51
CA GLU P 146 -25.47 -47.67 -14.08
C GLU P 146 -24.02 -47.59 -13.62
N SER P 147 -23.21 -48.58 -13.99
CA SER P 147 -21.84 -48.65 -13.48
C SER P 147 -21.00 -47.48 -13.96
N LEU P 148 -21.06 -47.15 -15.25
CA LEU P 148 -20.30 -46.02 -15.77
C LEU P 148 -20.76 -44.71 -15.14
N TYR P 149 -22.07 -44.54 -14.99
CA TYR P 149 -22.60 -43.33 -14.37
C TYR P 149 -22.09 -43.20 -12.94
N LEU P 150 -22.12 -44.29 -12.17
CA LEU P 150 -21.62 -44.24 -10.81
C LEU P 150 -20.12 -43.96 -10.78
N SER P 151 -19.38 -44.51 -11.74
CA SER P 151 -17.95 -44.20 -11.82
C SER P 151 -17.72 -42.72 -12.06
N THR P 152 -18.57 -42.08 -12.87
CA THR P 152 -18.37 -40.66 -13.17
C THR P 152 -18.67 -39.78 -11.96
N VAL P 153 -19.25 -40.33 -10.90
CA VAL P 153 -19.67 -39.52 -9.76
C VAL P 153 -18.90 -39.87 -8.48
N ILE P 154 -17.77 -40.55 -8.60
CA ILE P 154 -16.93 -40.87 -7.45
C ILE P 154 -15.69 -40.01 -7.49
N GLU P 155 -15.32 -39.45 -6.34
CA GLU P 155 -14.16 -38.57 -6.26
C GLU P 155 -12.99 -39.18 -5.50
N GLN P 156 -13.24 -39.86 -4.37
CA GLN P 156 -12.19 -40.43 -3.53
C GLN P 156 -11.17 -39.34 -3.16
N THR P 157 -11.63 -38.40 -2.36
CA THR P 157 -10.81 -37.26 -1.98
C THR P 157 -10.81 -37.05 -0.47
N GLN P 158 -10.35 -35.87 -0.03
CA GLN P 158 -10.29 -35.49 1.37
C GLN P 158 -9.41 -36.45 2.15
N PRO P 159 -8.14 -36.59 1.78
CA PRO P 159 -7.23 -37.42 2.59
C PRO P 159 -6.58 -36.59 3.69
N ASP P 160 -6.66 -35.27 3.57
CA ASP P 160 -6.06 -34.40 4.57
C ASP P 160 -6.89 -34.41 5.85
N PRO P 161 -6.27 -34.72 7.00
CA PRO P 161 -6.95 -34.75 8.30
C PRO P 161 -7.37 -33.36 8.77
N MET Q 1 -50.17 3.74 -29.09
CA MET Q 1 -51.47 3.16 -28.75
C MET Q 1 -52.17 4.01 -27.69
N GLN Q 2 -53.46 3.75 -27.48
CA GLN Q 2 -54.27 4.50 -26.53
C GLN Q 2 -55.06 3.54 -25.67
N GLY Q 3 -55.14 3.87 -24.38
CA GLY Q 3 -55.84 3.03 -23.42
C GLY Q 3 -57.29 3.41 -23.23
N ASP Q 4 -58.05 2.48 -22.66
CA ASP Q 4 -59.47 2.70 -22.41
C ASP Q 4 -59.66 3.75 -21.32
N PRO Q 5 -60.76 4.50 -21.36
CA PRO Q 5 -60.97 5.54 -20.35
C PRO Q 5 -61.08 5.00 -18.93
N GLU Q 6 -61.67 3.81 -18.74
CA GLU Q 6 -61.90 3.30 -17.40
C GLU Q 6 -60.58 3.05 -16.67
N VAL Q 7 -59.61 2.45 -17.35
CA VAL Q 7 -58.32 2.23 -16.70
C VAL Q 7 -57.63 3.57 -16.44
N ILE Q 8 -57.82 4.54 -17.33
CA ILE Q 8 -57.24 5.87 -17.10
C ILE Q 8 -57.78 6.47 -15.81
N GLU Q 9 -59.09 6.40 -15.61
CA GLU Q 9 -59.66 7.01 -14.42
C GLU Q 9 -59.36 6.20 -13.16
N PHE Q 10 -59.22 4.87 -13.27
CA PHE Q 10 -58.72 4.09 -12.15
C PHE Q 10 -57.32 4.54 -11.76
N LEU Q 11 -56.44 4.70 -12.75
CA LEU Q 11 -55.07 5.14 -12.48
C LEU Q 11 -55.07 6.52 -11.84
N ASN Q 12 -55.94 7.42 -12.31
CA ASN Q 12 -56.00 8.76 -11.74
C ASN Q 12 -56.48 8.72 -10.29
N GLU Q 13 -57.48 7.89 -10.00
CA GLU Q 13 -57.95 7.76 -8.62
C GLU Q 13 -56.84 7.22 -7.72
N GLN Q 14 -56.11 6.20 -8.20
CA GLN Q 14 -55.03 5.67 -7.39
C GLN Q 14 -53.93 6.69 -7.18
N LEU Q 15 -53.66 7.52 -8.19
CA LEU Q 15 -52.68 8.59 -8.04
C LEU Q 15 -53.12 9.57 -6.96
N THR Q 16 -54.40 9.95 -6.97
CA THR Q 16 -54.91 10.85 -5.94
C THR Q 16 -54.76 10.24 -4.56
N ALA Q 17 -55.11 8.96 -4.42
CA ALA Q 17 -54.97 8.29 -3.13
C ALA Q 17 -53.51 8.27 -2.67
N GLU Q 18 -52.59 8.00 -3.60
CA GLU Q 18 -51.18 7.98 -3.25
C GLU Q 18 -50.68 9.35 -2.80
N LEU Q 19 -51.11 10.40 -3.49
CA LEU Q 19 -50.72 11.75 -3.09
C LEU Q 19 -51.23 12.07 -1.68
N THR Q 20 -52.49 11.72 -1.40
CA THR Q 20 -53.02 11.94 -0.07
C THR Q 20 -52.25 11.17 0.99
N ALA Q 21 -51.87 9.93 0.67
CA ALA Q 21 -51.10 9.13 1.62
C ALA Q 21 -49.73 9.76 1.89
N ILE Q 22 -49.06 10.23 0.82
CA ILE Q 22 -47.78 10.91 1.00
C ILE Q 22 -47.94 12.10 1.93
N ASN Q 23 -48.97 12.90 1.69
CA ASN Q 23 -49.21 14.09 2.48
C ASN Q 23 -49.43 13.75 3.95
N GLN Q 24 -50.31 12.78 4.22
CA GLN Q 24 -50.64 12.43 5.59
C GLN Q 24 -49.42 11.87 6.33
N TYR Q 25 -48.65 11.02 5.64
CA TYR Q 25 -47.48 10.43 6.28
C TYR Q 25 -46.43 11.48 6.59
N PHE Q 26 -46.25 12.45 5.71
CA PHE Q 26 -45.29 13.52 6.01
C PHE Q 26 -45.76 14.34 7.21
N LEU Q 27 -47.05 14.64 7.28
CA LEU Q 27 -47.59 15.29 8.47
C LEU Q 27 -47.22 14.53 9.73
N HIS Q 28 -47.48 13.22 9.72
CA HIS Q 28 -47.33 12.45 10.94
C HIS Q 28 -45.86 12.32 11.31
N ALA Q 29 -44.98 12.21 10.32
CA ALA Q 29 -43.55 12.17 10.59
C ALA Q 29 -43.10 13.45 11.28
N LYS Q 30 -43.45 14.61 10.70
CA LYS Q 30 -43.00 15.87 11.30
C LYS Q 30 -43.60 16.06 12.69
N LEU Q 31 -44.88 15.72 12.86
CA LEU Q 31 -45.52 15.92 14.15
C LEU Q 31 -44.90 15.02 15.22
N GLN Q 32 -44.63 13.75 14.89
CA GLN Q 32 -43.99 12.86 15.84
C GLN Q 32 -42.59 13.33 16.19
N ASP Q 33 -41.84 13.82 15.19
CA ASP Q 33 -40.51 14.34 15.49
C ASP Q 33 -40.59 15.53 16.44
N HIS Q 34 -41.54 16.44 16.21
CA HIS Q 34 -41.71 17.57 17.11
C HIS Q 34 -42.09 17.11 18.51
N LYS Q 35 -42.87 16.03 18.60
CA LYS Q 35 -43.19 15.47 19.92
C LYS Q 35 -41.93 14.98 20.63
N GLY Q 36 -41.02 14.35 19.88
CA GLY Q 36 -39.78 13.85 20.46
C GLY Q 36 -39.64 12.35 20.34
N TRP Q 37 -40.31 11.77 19.33
CA TRP Q 37 -40.40 10.32 19.17
C TRP Q 37 -39.64 9.96 17.89
N THR Q 38 -38.33 9.76 18.03
CA THR Q 38 -37.45 9.76 16.87
C THR Q 38 -37.66 8.54 15.98
N LYS Q 39 -37.73 7.35 16.57
CA LYS Q 39 -37.73 6.13 15.78
C LYS Q 39 -38.98 6.03 14.90
N LEU Q 40 -40.15 6.31 15.47
CA LEU Q 40 -41.37 6.33 14.68
C LEU Q 40 -41.29 7.39 13.59
N ALA Q 41 -40.63 8.51 13.89
CA ALA Q 41 -40.46 9.56 12.89
C ALA Q 41 -39.64 9.07 11.70
N LYS Q 42 -38.54 8.37 11.98
CA LYS Q 42 -37.72 7.83 10.89
C LYS Q 42 -38.49 6.80 10.08
N TYR Q 43 -39.22 5.92 10.77
CA TYR Q 43 -40.03 4.93 10.06
C TYR Q 43 -41.06 5.60 9.17
N THR Q 44 -41.71 6.64 9.69
CA THR Q 44 -42.74 7.33 8.92
C THR Q 44 -42.16 8.07 7.73
N ARG Q 45 -40.96 8.65 7.89
CA ARG Q 45 -40.29 9.28 6.75
C ARG Q 45 -39.98 8.25 5.67
N ALA Q 46 -39.50 7.07 6.07
CA ALA Q 46 -39.24 6.01 5.10
C ALA Q 46 -40.53 5.61 4.38
N GLU Q 47 -41.63 5.49 5.12
CA GLU Q 47 -42.91 5.16 4.50
C GLU Q 47 -43.33 6.23 3.51
N SER Q 48 -43.15 7.50 3.87
CA SER Q 48 -43.51 8.60 2.98
C SER Q 48 -42.69 8.56 1.69
N PHE Q 49 -41.40 8.28 1.81
CA PHE Q 49 -40.57 8.18 0.62
C PHE Q 49 -41.00 7.02 -0.27
N ASP Q 50 -41.37 5.89 0.35
CA ASP Q 50 -41.86 4.76 -0.43
C ASP Q 50 -43.13 5.13 -1.18
N GLU Q 51 -44.03 5.85 -0.52
CA GLU Q 51 -45.25 6.28 -1.20
C GLU Q 51 -44.94 7.29 -2.32
N MET Q 52 -43.91 8.12 -2.13
CA MET Q 52 -43.48 9.01 -3.21
C MET Q 52 -43.02 8.20 -4.43
N ARG Q 53 -42.24 7.15 -4.19
CA ARG Q 53 -41.80 6.29 -5.29
C ARG Q 53 -42.99 5.63 -5.98
N HIS Q 54 -43.97 5.18 -5.20
CA HIS Q 54 -45.17 4.59 -5.75
C HIS Q 54 -45.88 5.57 -6.67
N ALA Q 55 -46.04 6.81 -6.20
CA ALA Q 55 -46.70 7.82 -7.02
C ALA Q 55 -45.92 8.09 -8.29
N GLU Q 56 -44.59 8.12 -8.20
CA GLU Q 56 -43.77 8.38 -9.38
C GLU Q 56 -43.96 7.30 -10.45
N VAL Q 57 -43.90 6.03 -10.03
CA VAL Q 57 -44.04 4.95 -11.01
C VAL Q 57 -45.45 4.95 -11.59
N LEU Q 58 -46.46 5.25 -10.75
CA LEU Q 58 -47.83 5.31 -11.25
C LEU Q 58 -47.99 6.42 -12.29
N THR Q 59 -47.40 7.59 -12.02
CA THR Q 59 -47.46 8.68 -12.97
C THR Q 59 -46.78 8.32 -14.28
N ASP Q 60 -45.63 7.65 -14.21
CA ASP Q 60 -44.97 7.21 -15.42
C ASP Q 60 -45.86 6.27 -16.23
N ARG Q 61 -46.50 5.31 -15.55
CA ARG Q 61 -47.35 4.37 -16.26
C ARG Q 61 -48.53 5.09 -16.91
N ILE Q 62 -49.18 6.01 -16.19
CA ILE Q 62 -50.34 6.68 -16.76
C ILE Q 62 -49.94 7.59 -17.92
N LEU Q 63 -48.78 8.24 -17.83
CA LEU Q 63 -48.31 9.06 -18.93
C LEU Q 63 -47.89 8.23 -20.13
N LEU Q 64 -47.54 6.96 -19.91
CA LEU Q 64 -47.16 6.10 -21.04
C LEU Q 64 -48.31 5.92 -22.02
N LEU Q 65 -49.54 5.76 -21.51
CA LEU Q 65 -50.69 5.51 -22.35
C LEU Q 65 -51.37 6.78 -22.87
N ASP Q 66 -50.63 7.90 -22.93
CA ASP Q 66 -51.16 9.17 -23.42
C ASP Q 66 -52.39 9.59 -22.62
N GLY Q 67 -52.20 9.73 -21.31
CA GLY Q 67 -53.20 10.26 -20.43
C GLY Q 67 -52.93 11.70 -20.06
N LEU Q 68 -53.75 12.21 -19.13
CA LEU Q 68 -53.61 13.57 -18.63
C LEU Q 68 -53.57 13.52 -17.11
N PRO Q 69 -52.40 13.24 -16.53
CA PRO Q 69 -52.29 13.22 -15.07
C PRO Q 69 -52.54 14.60 -14.48
N ASN Q 70 -53.48 14.67 -13.55
CA ASN Q 70 -53.82 15.89 -12.83
C ASN Q 70 -53.65 15.64 -11.34
N TYR Q 71 -53.02 16.59 -10.66
CA TYR Q 71 -52.88 16.57 -9.21
C TYR Q 71 -53.64 17.71 -8.53
N GLN Q 72 -54.60 18.33 -9.24
CA GLN Q 72 -55.34 19.44 -8.67
C GLN Q 72 -56.23 18.99 -7.52
N ARG Q 73 -56.85 17.83 -7.65
CA ARG Q 73 -57.81 17.34 -6.67
C ARG Q 73 -57.15 16.40 -5.67
N LEU Q 74 -57.61 16.46 -4.42
CA LEU Q 74 -57.12 15.63 -3.34
C LEU Q 74 -58.29 15.10 -2.52
N PHE Q 75 -58.07 13.97 -1.87
CA PHE Q 75 -59.03 13.44 -0.91
C PHE Q 75 -58.88 14.16 0.43
N HIS Q 76 -59.72 13.79 1.39
CA HIS Q 76 -59.61 14.37 2.72
C HIS Q 76 -58.37 13.85 3.44
N VAL Q 77 -57.74 14.72 4.21
CA VAL Q 77 -56.58 14.36 5.03
C VAL Q 77 -56.96 14.56 6.48
N ARG Q 78 -56.77 13.53 7.29
CA ARG Q 78 -57.13 13.56 8.70
C ARG Q 78 -55.87 13.54 9.56
N VAL Q 79 -55.91 14.30 10.65
CA VAL Q 79 -54.78 14.44 11.56
C VAL Q 79 -55.17 13.93 12.93
N GLY Q 80 -54.30 13.10 13.51
CA GLY Q 80 -54.55 12.55 14.82
C GLY Q 80 -53.60 13.09 15.87
N GLN Q 81 -54.06 13.18 17.12
CA GLN Q 81 -53.25 13.74 18.18
C GLN Q 81 -52.36 12.68 18.81
N SER Q 82 -52.96 11.63 19.36
CA SER Q 82 -52.20 10.52 19.92
C SER Q 82 -51.89 9.49 18.84
N VAL Q 83 -51.09 8.49 19.21
CA VAL Q 83 -50.66 7.48 18.26
C VAL Q 83 -51.83 6.62 17.80
N THR Q 84 -52.77 6.37 18.71
CA THR Q 84 -53.87 5.45 18.40
C THR Q 84 -54.72 5.95 17.24
N GLU Q 85 -55.18 7.20 17.32
CA GLU Q 85 -56.07 7.72 16.29
C GLU Q 85 -55.38 7.79 14.94
N MET Q 86 -54.12 8.20 14.90
CA MET Q 86 -53.43 8.30 13.63
C MET Q 86 -53.10 6.93 13.05
N PHE Q 87 -52.82 5.94 13.90
CA PHE Q 87 -52.72 4.57 13.43
C PHE Q 87 -54.03 4.11 12.80
N GLN Q 88 -55.16 4.39 13.45
CA GLN Q 88 -56.45 4.01 12.88
C GLN Q 88 -56.69 4.73 11.56
N ALA Q 89 -56.31 6.00 11.47
CA ALA Q 89 -56.48 6.76 10.23
C ALA Q 89 -55.68 6.14 9.09
N ASP Q 90 -54.41 5.84 9.35
CA ASP Q 90 -53.59 5.16 8.34
C ASP Q 90 -54.19 3.81 7.98
N ARG Q 91 -54.78 3.12 8.96
CA ARG Q 91 -55.44 1.86 8.70
C ARG Q 91 -56.57 2.01 7.70
N GLU Q 92 -57.44 3.01 7.93
CA GLU Q 92 -58.54 3.23 6.99
C GLU Q 92 -58.02 3.61 5.61
N VAL Q 93 -56.96 4.43 5.56
CA VAL Q 93 -56.40 4.81 4.27
C VAL Q 93 -55.94 3.58 3.50
N GLU Q 94 -55.18 2.71 4.16
CA GLU Q 94 -54.67 1.53 3.46
C GLU Q 94 -55.79 0.56 3.10
N LEU Q 95 -56.84 0.49 3.94
CA LEU Q 95 -57.96 -0.38 3.63
C LEU Q 95 -58.70 0.08 2.38
N GLU Q 96 -58.99 1.38 2.28
CA GLU Q 96 -59.65 1.87 1.07
C GLU Q 96 -58.74 1.71 -0.14
N ALA Q 97 -57.43 1.88 0.07
CA ALA Q 97 -56.49 1.69 -1.03
C ALA Q 97 -56.54 0.26 -1.55
N ILE Q 98 -56.50 -0.74 -0.67
CA ILE Q 98 -56.49 -2.12 -1.12
C ILE Q 98 -57.83 -2.49 -1.73
N ASP Q 99 -58.92 -1.94 -1.20
CA ASP Q 99 -60.24 -2.18 -1.80
C ASP Q 99 -60.28 -1.70 -3.25
N ARG Q 100 -59.87 -0.44 -3.47
CA ARG Q 100 -59.86 0.11 -4.81
C ARG Q 100 -58.91 -0.68 -5.72
N LEU Q 101 -57.75 -1.09 -5.18
CA LEU Q 101 -56.79 -1.83 -5.98
C LEU Q 101 -57.36 -3.15 -6.45
N ARG Q 102 -58.01 -3.89 -5.54
CA ARG Q 102 -58.60 -5.17 -5.92
C ARG Q 102 -59.68 -4.98 -6.97
N ARG Q 103 -60.58 -4.02 -6.75
CA ARG Q 103 -61.64 -3.80 -7.73
C ARG Q 103 -61.07 -3.41 -9.09
N GLY Q 104 -60.10 -2.50 -9.11
CA GLY Q 104 -59.54 -2.06 -10.37
C GLY Q 104 -58.80 -3.16 -11.11
N ILE Q 105 -58.02 -3.97 -10.38
CA ILE Q 105 -57.29 -5.05 -11.03
C ILE Q 105 -58.25 -6.08 -11.60
N GLU Q 106 -59.30 -6.42 -10.86
CA GLU Q 106 -60.27 -7.37 -11.39
C GLU Q 106 -60.96 -6.81 -12.63
N VAL Q 107 -61.27 -5.51 -12.62
CA VAL Q 107 -61.91 -4.91 -13.77
C VAL Q 107 -61.00 -4.95 -14.99
N MET Q 108 -59.83 -4.33 -14.89
CA MET Q 108 -58.96 -4.20 -16.06
C MET Q 108 -58.35 -5.52 -16.52
N ARG Q 109 -58.32 -6.54 -15.66
CA ARG Q 109 -57.69 -7.80 -16.05
C ARG Q 109 -58.39 -8.44 -17.25
N ALA Q 110 -59.67 -8.15 -17.41
CA ALA Q 110 -60.47 -8.75 -18.48
C ALA Q 110 -60.38 -8.01 -19.80
N LYS Q 111 -59.73 -6.85 -19.85
CA LYS Q 111 -59.60 -6.09 -21.09
C LYS Q 111 -58.18 -6.10 -21.63
N HIS Q 112 -57.48 -7.23 -21.47
CA HIS Q 112 -56.24 -7.52 -22.18
C HIS Q 112 -55.12 -6.52 -21.88
N ASP Q 113 -55.19 -5.82 -20.75
CA ASP Q 113 -54.08 -5.00 -20.28
C ASP Q 113 -53.42 -5.71 -19.11
N ILE Q 114 -52.09 -5.81 -19.16
CA ILE Q 114 -51.34 -6.69 -18.27
C ILE Q 114 -50.33 -5.93 -17.42
N THR Q 115 -49.59 -4.99 -18.02
CA THR Q 115 -48.50 -4.33 -17.29
C THR Q 115 -49.04 -3.52 -16.11
N SER Q 116 -50.08 -2.72 -16.34
CA SER Q 116 -50.67 -1.97 -15.25
C SER Q 116 -51.29 -2.89 -14.21
N ALA Q 117 -51.75 -4.07 -14.63
CA ALA Q 117 -52.16 -5.08 -13.67
C ALA Q 117 -51.00 -5.45 -12.76
N ASN Q 118 -49.80 -5.59 -13.33
CA ASN Q 118 -48.63 -5.93 -12.54
C ASN Q 118 -48.25 -4.82 -11.57
N VAL Q 119 -48.33 -3.56 -12.00
CA VAL Q 119 -47.99 -2.48 -11.06
C VAL Q 119 -49.03 -2.39 -9.95
N PHE Q 120 -50.30 -2.67 -10.28
CA PHE Q 120 -51.33 -2.76 -9.23
C PHE Q 120 -51.01 -3.89 -8.26
N GLU Q 121 -50.55 -5.03 -8.76
CA GLU Q 121 -50.14 -6.11 -7.86
C GLU Q 121 -49.01 -5.68 -6.94
N ALA Q 122 -48.02 -4.98 -7.49
CA ALA Q 122 -46.88 -4.54 -6.68
C ALA Q 122 -47.33 -3.58 -5.58
N ILE Q 123 -48.15 -2.59 -5.94
CA ILE Q 123 -48.60 -1.62 -4.94
C ILE Q 123 -49.51 -2.30 -3.91
N LEU Q 124 -50.30 -3.29 -4.35
CA LEU Q 124 -51.12 -4.03 -3.41
C LEU Q 124 -50.26 -4.76 -2.40
N ALA Q 125 -49.19 -5.41 -2.85
CA ALA Q 125 -48.30 -6.10 -1.93
C ALA Q 125 -47.66 -5.13 -0.95
N ASP Q 126 -47.20 -3.99 -1.45
CA ASP Q 126 -46.57 -2.99 -0.58
C ASP Q 126 -47.54 -2.52 0.51
N GLU Q 127 -48.75 -2.14 0.10
CA GLU Q 127 -49.71 -1.62 1.07
C GLU Q 127 -50.17 -2.70 2.03
N GLU Q 128 -50.24 -3.96 1.57
CA GLU Q 128 -50.60 -5.06 2.45
C GLU Q 128 -49.54 -5.27 3.53
N HIS Q 129 -48.27 -5.22 3.15
CA HIS Q 129 -47.21 -5.32 4.16
C HIS Q 129 -47.30 -4.17 5.16
N HIS Q 130 -47.52 -2.95 4.65
CA HIS Q 130 -47.60 -1.80 5.55
C HIS Q 130 -48.77 -1.94 6.52
N ILE Q 131 -49.93 -2.37 6.03
CA ILE Q 131 -51.10 -2.48 6.91
C ILE Q 131 -50.91 -3.60 7.92
N ASP Q 132 -50.21 -4.68 7.55
CA ASP Q 132 -49.88 -5.70 8.53
C ASP Q 132 -49.02 -5.12 9.64
N TYR Q 133 -48.00 -4.34 9.28
CA TYR Q 133 -47.18 -3.68 10.28
C TYR Q 133 -48.02 -2.80 11.20
N LEU Q 134 -48.92 -2.00 10.61
CA LEU Q 134 -49.71 -1.06 11.40
C LEU Q 134 -50.62 -1.80 12.37
N GLU Q 135 -51.26 -2.87 11.91
CA GLU Q 135 -52.15 -3.62 12.80
C GLU Q 135 -51.37 -4.28 13.92
N THR Q 136 -50.19 -4.83 13.62
CA THR Q 136 -49.38 -5.42 14.67
C THR Q 136 -48.98 -4.40 15.72
N GLN Q 137 -48.56 -3.21 15.27
CA GLN Q 137 -48.19 -2.16 16.24
C GLN Q 137 -49.39 -1.72 17.06
N LEU Q 138 -50.56 -1.62 16.44
CA LEU Q 138 -51.76 -1.24 17.17
C LEU Q 138 -52.10 -2.26 18.25
N ASP Q 139 -52.04 -3.54 17.91
CA ASP Q 139 -52.29 -4.57 18.92
C ASP Q 139 -51.26 -4.52 20.03
N LEU Q 140 -50.00 -4.25 19.67
CA LEU Q 140 -48.95 -4.17 20.68
C LEU Q 140 -49.19 -3.02 21.65
N ILE Q 141 -49.54 -1.83 21.13
CA ILE Q 141 -49.77 -0.71 22.02
C ILE Q 141 -51.02 -0.93 22.86
N GLU Q 142 -52.02 -1.61 22.29
CA GLU Q 142 -53.20 -1.95 23.08
C GLU Q 142 -52.85 -2.88 24.23
N LYS Q 143 -52.02 -3.90 23.98
CA LYS Q 143 -51.72 -4.87 25.02
C LYS Q 143 -50.79 -4.29 26.08
N LEU Q 144 -49.75 -3.57 25.66
CA LEU Q 144 -48.71 -3.15 26.59
C LEU Q 144 -49.09 -1.87 27.35
N GLY Q 145 -49.67 -0.90 26.65
CA GLY Q 145 -49.97 0.38 27.26
C GLY Q 145 -49.25 1.52 26.57
N GLU Q 146 -49.95 2.64 26.37
CA GLU Q 146 -49.40 3.74 25.58
C GLU Q 146 -48.18 4.35 26.25
N SER Q 147 -48.29 4.65 27.55
CA SER Q 147 -47.21 5.35 28.24
C SER Q 147 -45.93 4.54 28.25
N LEU Q 148 -46.02 3.28 28.67
CA LEU Q 148 -44.84 2.42 28.70
C LEU Q 148 -44.26 2.21 27.30
N TYR Q 149 -45.13 2.08 26.29
CA TYR Q 149 -44.64 1.91 24.93
C TYR Q 149 -43.83 3.12 24.48
N LEU Q 150 -44.39 4.32 24.61
CA LEU Q 150 -43.66 5.49 24.14
C LEU Q 150 -42.50 5.84 25.07
N SER Q 151 -42.46 5.21 26.25
CA SER Q 151 -41.31 5.41 27.14
C SER Q 151 -40.02 4.89 26.53
N THR Q 152 -40.08 3.84 25.72
CA THR Q 152 -38.89 3.21 25.18
C THR Q 152 -38.56 3.64 23.77
N VAL Q 153 -39.27 4.63 23.21
CA VAL Q 153 -39.01 5.11 21.87
C VAL Q 153 -38.38 6.50 21.89
N ILE Q 154 -37.89 6.94 23.04
CA ILE Q 154 -37.37 8.29 23.22
C ILE Q 154 -35.90 8.23 23.61
N GLU Q 155 -35.12 9.16 23.08
CA GLU Q 155 -33.73 9.33 23.51
C GLU Q 155 -33.26 10.71 23.09
N GLN Q 156 -32.77 11.48 24.05
CA GLN Q 156 -32.17 12.79 23.80
C GLN Q 156 -30.65 12.69 23.72
N THR Q 157 -30.14 11.79 22.88
CA THR Q 157 -28.73 11.46 22.86
C THR Q 157 -28.06 11.82 21.53
N GLN Q 158 -28.62 11.37 20.42
CA GLN Q 158 -28.00 11.48 19.10
C GLN Q 158 -26.58 10.91 19.15
N PRO Q 159 -26.43 9.60 19.35
CA PRO Q 159 -25.10 9.02 19.52
C PRO Q 159 -24.43 8.65 18.21
N ASP Q 160 -23.13 8.90 18.15
CA ASP Q 160 -22.31 8.57 16.99
C ASP Q 160 -20.85 8.42 17.39
N PRO Q 161 -20.40 7.21 17.69
CA PRO Q 161 -19.00 7.05 18.12
C PRO Q 161 -17.99 7.59 17.11
N SER Q 162 -18.26 7.42 15.82
CA SER Q 162 -17.34 7.90 14.78
C SER Q 162 -18.06 8.09 13.45
N MET R 1 -45.14 31.41 24.28
CA MET R 1 -44.39 31.10 23.07
C MET R 1 -45.35 30.86 21.92
N GLN R 2 -46.64 31.07 22.19
CA GLN R 2 -47.67 30.85 21.19
C GLN R 2 -47.51 31.83 20.02
N GLY R 3 -48.01 31.43 18.86
CA GLY R 3 -47.86 32.20 17.65
C GLY R 3 -48.86 33.34 17.54
N ASP R 4 -48.71 34.09 16.45
CA ASP R 4 -49.56 35.23 16.14
C ASP R 4 -50.39 34.92 14.91
N PRO R 5 -51.72 35.11 14.96
CA PRO R 5 -52.58 34.55 13.90
C PRO R 5 -52.23 35.01 12.49
N GLU R 6 -51.91 36.29 12.30
CA GLU R 6 -51.55 36.75 10.96
C GLU R 6 -50.21 36.18 10.52
N VAL R 7 -49.28 36.01 11.45
CA VAL R 7 -48.03 35.31 11.15
C VAL R 7 -48.34 33.90 10.64
N ILE R 8 -49.23 33.19 11.33
CA ILE R 8 -49.55 31.83 10.94
C ILE R 8 -50.20 31.81 9.57
N GLU R 9 -51.11 32.76 9.30
CA GLU R 9 -51.77 32.76 7.99
C GLU R 9 -50.80 33.09 6.87
N PHE R 10 -49.84 34.00 7.09
CA PHE R 10 -48.84 34.29 6.08
C PHE R 10 -47.98 33.06 5.81
N LEU R 11 -47.55 32.39 6.87
CA LEU R 11 -46.76 31.17 6.71
C LEU R 11 -47.54 30.11 5.93
N ASN R 12 -48.85 29.97 6.24
CA ASN R 12 -49.66 28.98 5.56
C ASN R 12 -49.82 29.31 4.08
N GLU R 13 -50.02 30.58 3.75
CA GLU R 13 -50.12 30.96 2.34
C GLU R 13 -48.82 30.65 1.59
N GLN R 14 -47.68 31.00 2.19
CA GLN R 14 -46.40 30.71 1.53
C GLN R 14 -46.21 29.21 1.35
N LEU R 15 -46.61 28.42 2.34
CA LEU R 15 -46.50 26.98 2.25
C LEU R 15 -47.38 26.41 1.15
N THR R 16 -48.62 26.90 1.05
CA THR R 16 -49.52 26.40 0.01
C THR R 16 -48.99 26.73 -1.37
N ALA R 17 -48.42 27.94 -1.53
CA ALA R 17 -47.77 28.27 -2.78
C ALA R 17 -46.61 27.33 -3.06
N GLU R 18 -45.85 26.96 -2.03
CA GLU R 18 -44.75 26.01 -2.21
C GLU R 18 -45.25 24.66 -2.71
N LEU R 19 -46.33 24.17 -2.12
CA LEU R 19 -46.88 22.88 -2.54
C LEU R 19 -47.36 22.93 -3.99
N THR R 20 -48.08 23.99 -4.35
CA THR R 20 -48.53 24.12 -5.74
C THR R 20 -47.34 24.17 -6.69
N ALA R 21 -46.29 24.92 -6.30
CA ALA R 21 -45.12 25.04 -7.14
C ALA R 21 -44.42 23.71 -7.33
N ILE R 22 -44.25 22.94 -6.26
CA ILE R 22 -43.54 21.66 -6.40
C ILE R 22 -44.36 20.71 -7.27
N ASN R 23 -45.68 20.68 -7.10
CA ASN R 23 -46.50 19.83 -7.95
C ASN R 23 -46.38 20.22 -9.41
N GLN R 24 -46.42 21.53 -9.70
CA GLN R 24 -46.32 22.00 -11.07
C GLN R 24 -44.95 21.67 -11.66
N TYR R 25 -43.88 21.89 -10.89
CA TYR R 25 -42.54 21.60 -11.37
C TYR R 25 -42.39 20.11 -11.69
N PHE R 26 -42.92 19.25 -10.81
CA PHE R 26 -42.78 17.82 -11.03
C PHE R 26 -43.57 17.37 -12.26
N LEU R 27 -44.81 17.83 -12.40
CA LEU R 27 -45.59 17.50 -13.59
C LEU R 27 -44.87 17.93 -14.87
N HIS R 28 -44.39 19.17 -14.90
CA HIS R 28 -43.73 19.63 -16.11
C HIS R 28 -42.47 18.83 -16.40
N ALA R 29 -41.68 18.55 -15.35
CA ALA R 29 -40.45 17.79 -15.55
C ALA R 29 -40.76 16.43 -16.14
N LYS R 30 -41.78 15.75 -15.62
CA LYS R 30 -42.18 14.47 -16.19
C LYS R 30 -42.63 14.64 -17.63
N LEU R 31 -43.30 15.76 -17.94
CA LEU R 31 -43.81 15.96 -19.28
C LEU R 31 -42.67 16.07 -20.30
N GLN R 32 -41.71 16.97 -20.06
CA GLN R 32 -40.61 17.03 -21.02
C GLN R 32 -39.74 15.78 -20.98
N ASP R 33 -39.68 15.09 -19.84
CA ASP R 33 -38.92 13.84 -19.80
C ASP R 33 -39.54 12.80 -20.73
N HIS R 34 -40.87 12.69 -20.74
CA HIS R 34 -41.53 11.81 -21.68
C HIS R 34 -41.37 12.32 -23.10
N LYS R 35 -41.35 13.64 -23.29
CA LYS R 35 -41.13 14.19 -24.62
C LYS R 35 -39.77 13.80 -25.17
N GLY R 36 -38.75 13.77 -24.32
CA GLY R 36 -37.41 13.44 -24.75
C GLY R 36 -36.45 14.59 -24.56
N TRP R 37 -36.72 15.41 -23.55
CA TRP R 37 -35.95 16.62 -23.27
C TRP R 37 -35.34 16.45 -21.87
N THR R 38 -34.17 15.82 -21.82
CA THR R 38 -33.63 15.33 -20.56
C THR R 38 -33.09 16.45 -19.69
N LYS R 39 -32.36 17.40 -20.28
CA LYS R 39 -31.69 18.43 -19.49
C LYS R 39 -32.68 19.29 -18.74
N LEU R 40 -33.75 19.69 -19.42
CA LEU R 40 -34.81 20.45 -18.78
C LEU R 40 -35.42 19.64 -17.65
N ALA R 41 -35.60 18.33 -17.85
CA ALA R 41 -36.15 17.48 -16.81
C ALA R 41 -35.26 17.48 -15.57
N LYS R 42 -33.94 17.34 -15.78
CA LYS R 42 -33.02 17.34 -14.64
C LYS R 42 -33.06 18.66 -13.89
N TYR R 43 -32.97 19.78 -14.62
CA TYR R 43 -32.93 21.07 -13.95
C TYR R 43 -34.24 21.35 -13.22
N THR R 44 -35.37 21.05 -13.85
CA THR R 44 -36.66 21.30 -13.24
C THR R 44 -36.90 20.40 -12.02
N ARG R 45 -36.48 19.14 -12.08
CA ARG R 45 -36.65 18.30 -10.90
C ARG R 45 -35.73 18.73 -9.76
N ALA R 46 -34.53 19.25 -10.09
CA ALA R 46 -33.69 19.82 -9.05
C ALA R 46 -34.36 21.02 -8.40
N GLU R 47 -34.96 21.89 -9.22
CA GLU R 47 -35.68 23.03 -8.66
C GLU R 47 -36.85 22.59 -7.80
N SER R 48 -37.53 21.52 -8.22
CA SER R 48 -38.63 20.97 -7.43
C SER R 48 -38.13 20.49 -6.07
N PHE R 49 -37.00 19.80 -6.04
CA PHE R 49 -36.44 19.36 -4.77
C PHE R 49 -36.05 20.55 -3.89
N ASP R 50 -35.53 21.60 -4.50
CA ASP R 50 -35.19 22.81 -3.73
C ASP R 50 -36.45 23.42 -3.10
N GLU R 51 -37.53 23.51 -3.87
CA GLU R 51 -38.78 24.02 -3.31
C GLU R 51 -39.32 23.09 -2.23
N MET R 52 -39.06 21.78 -2.36
CA MET R 52 -39.44 20.84 -1.31
C MET R 52 -38.70 21.14 -0.02
N ARG R 53 -37.39 21.40 -0.11
CA ARG R 53 -36.64 21.77 1.09
C ARG R 53 -37.16 23.08 1.68
N HIS R 54 -37.50 24.04 0.82
CA HIS R 54 -38.11 25.28 1.28
C HIS R 54 -39.35 24.99 2.10
N ALA R 55 -40.24 24.15 1.56
CA ALA R 55 -41.48 23.82 2.24
C ALA R 55 -41.24 23.10 3.57
N GLU R 56 -40.23 22.22 3.60
CA GLU R 56 -39.91 21.54 4.84
C GLU R 56 -39.45 22.52 5.91
N VAL R 57 -38.60 23.47 5.54
CA VAL R 57 -38.19 24.51 6.49
C VAL R 57 -39.41 25.30 6.96
N LEU R 58 -40.30 25.62 6.03
CA LEU R 58 -41.50 26.39 6.36
C LEU R 58 -42.35 25.66 7.40
N THR R 59 -42.57 24.37 7.18
CA THR R 59 -43.44 23.62 8.09
C THR R 59 -42.77 23.39 9.44
N ASP R 60 -41.46 23.19 9.46
CA ASP R 60 -40.78 23.09 10.75
C ASP R 60 -40.91 24.38 11.53
N ARG R 61 -40.76 25.52 10.85
CA ARG R 61 -40.91 26.80 11.55
C ARG R 61 -42.33 26.99 12.06
N ILE R 62 -43.34 26.65 11.25
CA ILE R 62 -44.71 26.87 11.70
C ILE R 62 -45.05 25.92 12.86
N LEU R 63 -44.47 24.73 12.88
CA LEU R 63 -44.64 23.87 14.05
C LEU R 63 -43.93 24.44 15.27
N LEU R 64 -42.81 25.13 15.08
CA LEU R 64 -42.07 25.69 16.20
C LEU R 64 -42.92 26.74 16.92
N LEU R 65 -43.65 27.57 16.18
CA LEU R 65 -44.44 28.65 16.76
C LEU R 65 -45.78 28.17 17.31
N ASP R 66 -45.94 26.87 17.55
CA ASP R 66 -47.17 26.31 18.12
C ASP R 66 -48.38 26.62 17.24
N GLY R 67 -48.35 26.11 16.01
CA GLY R 67 -49.45 26.25 15.09
C GLY R 67 -49.80 24.92 14.44
N LEU R 68 -50.92 24.93 13.72
CA LEU R 68 -51.43 23.74 13.03
C LEU R 68 -51.23 23.88 11.54
N PRO R 69 -50.31 23.13 10.94
CA PRO R 69 -50.21 23.12 9.47
C PRO R 69 -51.47 22.56 8.84
N ASN R 70 -51.86 23.15 7.72
CA ASN R 70 -52.98 22.68 6.92
C ASN R 70 -52.51 22.44 5.50
N TYR R 71 -52.67 21.20 5.02
CA TYR R 71 -52.26 20.89 3.66
C TYR R 71 -53.46 20.48 2.80
N GLN R 72 -54.68 20.54 3.34
CA GLN R 72 -55.85 20.04 2.65
C GLN R 72 -56.16 20.83 1.38
N ARG R 73 -55.67 22.05 1.27
CA ARG R 73 -55.97 22.94 0.17
C ARG R 73 -54.70 23.29 -0.58
N LEU R 74 -54.85 23.61 -1.87
CA LEU R 74 -53.75 24.07 -2.68
C LEU R 74 -54.29 24.84 -3.88
N PHE R 75 -53.48 25.76 -4.38
CA PHE R 75 -53.90 26.69 -5.43
C PHE R 75 -54.12 25.94 -6.74
N HIS R 76 -54.56 26.66 -7.76
CA HIS R 76 -54.71 26.07 -9.07
C HIS R 76 -53.36 25.73 -9.68
N VAL R 77 -53.31 24.64 -10.44
CA VAL R 77 -52.13 24.22 -11.18
C VAL R 77 -52.43 24.33 -12.66
N ARG R 78 -51.56 24.99 -13.41
CA ARG R 78 -51.73 25.19 -14.84
C ARG R 78 -50.53 24.61 -15.58
N VAL R 79 -50.79 23.96 -16.71
CA VAL R 79 -49.75 23.30 -17.50
C VAL R 79 -49.81 23.84 -18.91
N GLY R 80 -48.90 23.34 -19.76
CA GLY R 80 -48.85 23.76 -21.14
C GLY R 80 -48.14 22.73 -21.99
N GLN R 81 -48.26 22.91 -23.30
CA GLN R 81 -47.64 21.99 -24.26
C GLN R 81 -46.27 22.51 -24.72
N SER R 82 -46.24 23.72 -25.28
CA SER R 82 -44.96 24.32 -25.62
C SER R 82 -44.29 24.86 -24.36
N VAL R 83 -42.96 24.97 -24.44
CA VAL R 83 -42.19 25.41 -23.28
C VAL R 83 -42.49 26.86 -22.93
N THR R 84 -42.89 27.66 -23.91
CA THR R 84 -43.08 29.09 -23.67
C THR R 84 -44.20 29.35 -22.67
N GLU R 85 -45.35 28.70 -22.84
CA GLU R 85 -46.48 28.95 -21.95
C GLU R 85 -46.19 28.46 -20.54
N MET R 86 -45.57 27.30 -20.39
CA MET R 86 -45.24 26.82 -19.05
C MET R 86 -44.21 27.72 -18.38
N PHE R 87 -43.24 28.22 -19.15
CA PHE R 87 -42.26 29.15 -18.61
C PHE R 87 -42.94 30.44 -18.13
N GLN R 88 -43.88 30.95 -18.93
CA GLN R 88 -44.62 32.14 -18.52
C GLN R 88 -45.43 31.89 -17.26
N ALA R 89 -46.06 30.70 -17.17
CA ALA R 89 -46.84 30.37 -15.98
C ALA R 89 -45.95 30.32 -14.74
N ASP R 90 -44.77 29.71 -14.87
CA ASP R 90 -43.83 29.68 -13.75
C ASP R 90 -43.41 31.09 -13.37
N ARG R 91 -43.16 31.95 -14.37
CA ARG R 91 -42.81 33.34 -14.08
C ARG R 91 -43.92 34.02 -13.28
N GLU R 92 -45.17 33.82 -13.68
CA GLU R 92 -46.29 34.44 -12.97
C GLU R 92 -46.37 33.93 -11.53
N VAL R 93 -46.20 32.62 -11.34
CA VAL R 93 -46.26 32.06 -9.99
C VAL R 93 -45.16 32.65 -9.12
N GLU R 94 -43.94 32.72 -9.65
CA GLU R 94 -42.84 33.26 -8.87
C GLU R 94 -43.05 34.72 -8.54
N LEU R 95 -43.59 35.50 -9.50
CA LEU R 95 -43.83 36.91 -9.25
C LEU R 95 -44.87 37.12 -8.16
N GLU R 96 -45.98 36.36 -8.22
CA GLU R 96 -47.00 36.51 -7.19
C GLU R 96 -46.44 36.10 -5.82
N ALA R 97 -45.64 35.03 -5.79
CA ALA R 97 -45.01 34.64 -4.53
C ALA R 97 -44.10 35.74 -4.01
N ILE R 98 -43.34 36.39 -4.90
CA ILE R 98 -42.42 37.45 -4.48
C ILE R 98 -43.19 38.61 -3.88
N ASP R 99 -44.26 39.04 -4.53
CA ASP R 99 -45.04 40.18 -4.02
C ASP R 99 -45.66 39.84 -2.66
N ARG R 100 -46.28 38.66 -2.55
CA ARG R 100 -46.89 38.27 -1.28
C ARG R 100 -45.85 38.18 -0.18
N LEU R 101 -44.68 37.61 -0.50
CA LEU R 101 -43.63 37.47 0.49
C LEU R 101 -43.07 38.82 0.92
N ARG R 102 -42.97 39.78 0.01
CA ARG R 102 -42.53 41.11 0.39
C ARG R 102 -43.52 41.78 1.33
N ARG R 103 -44.81 41.68 1.03
CA ARG R 103 -45.79 42.26 1.95
C ARG R 103 -45.73 41.59 3.31
N GLY R 104 -45.61 40.26 3.32
CA GLY R 104 -45.53 39.54 4.57
C GLY R 104 -44.29 39.87 5.37
N ILE R 105 -43.14 39.99 4.69
CA ILE R 105 -41.90 40.32 5.38
C ILE R 105 -41.99 41.70 5.99
N GLU R 106 -42.60 42.66 5.29
CA GLU R 106 -42.72 44.00 5.86
C GLU R 106 -43.57 43.97 7.11
N VAL R 107 -44.78 43.41 7.02
CA VAL R 107 -45.67 43.44 8.19
C VAL R 107 -45.08 42.62 9.33
N MET R 108 -44.37 41.53 9.00
CA MET R 108 -43.86 40.63 10.02
C MET R 108 -42.67 41.22 10.74
N ARG R 109 -41.77 41.90 10.03
CA ARG R 109 -40.70 42.64 10.69
C ARG R 109 -41.28 43.77 11.54
N ALA R 110 -42.32 44.45 11.02
CA ALA R 110 -42.96 45.49 11.81
C ALA R 110 -43.64 44.96 13.05
N LYS R 111 -43.98 43.66 13.10
CA LYS R 111 -44.62 43.08 14.26
C LYS R 111 -43.63 42.27 15.12
N HIS R 112 -42.41 42.78 15.24
CA HIS R 112 -41.40 42.29 16.20
C HIS R 112 -41.24 40.77 16.17
N ASP R 113 -40.96 40.25 14.98
CA ASP R 113 -40.56 38.85 14.82
C ASP R 113 -39.39 38.83 13.85
N ILE R 114 -38.40 37.98 14.11
CA ILE R 114 -37.12 38.04 13.44
C ILE R 114 -36.79 36.76 12.70
N THR R 115 -37.05 35.59 13.31
CA THR R 115 -36.63 34.33 12.70
C THR R 115 -37.37 34.08 11.38
N SER R 116 -38.69 34.23 11.40
CA SER R 116 -39.45 34.11 10.17
C SER R 116 -39.00 35.14 9.15
N ALA R 117 -38.50 36.29 9.61
CA ALA R 117 -37.99 37.30 8.69
C ALA R 117 -36.80 36.77 7.90
N ASN R 118 -35.85 36.10 8.57
CA ASN R 118 -34.68 35.61 7.88
C ASN R 118 -35.00 34.41 6.99
N VAL R 119 -35.91 33.53 7.43
CA VAL R 119 -36.29 32.46 6.50
C VAL R 119 -36.96 33.07 5.26
N PHE R 120 -37.76 34.13 5.44
CA PHE R 120 -38.39 34.77 4.30
C PHE R 120 -37.37 35.44 3.38
N GLU R 121 -36.32 36.06 3.95
CA GLU R 121 -35.33 36.69 3.08
C GLU R 121 -34.59 35.64 2.26
N ALA R 122 -34.27 34.49 2.88
CA ALA R 122 -33.64 33.41 2.11
C ALA R 122 -34.54 32.94 0.97
N ILE R 123 -35.84 32.77 1.25
CA ILE R 123 -36.76 32.33 0.21
C ILE R 123 -36.84 33.39 -0.90
N LEU R 124 -36.86 34.67 -0.54
CA LEU R 124 -36.87 35.73 -1.55
C LEU R 124 -35.63 35.65 -2.44
N ALA R 125 -34.46 35.42 -1.84
CA ALA R 125 -33.24 35.32 -2.64
C ALA R 125 -33.34 34.17 -3.63
N ASP R 126 -33.78 33.00 -3.16
CA ASP R 126 -33.87 31.85 -4.05
C ASP R 126 -34.86 32.10 -5.19
N GLU R 127 -36.02 32.66 -4.87
CA GLU R 127 -37.02 32.89 -5.89
C GLU R 127 -36.56 33.95 -6.89
N GLU R 128 -35.85 34.98 -6.43
CA GLU R 128 -35.31 35.97 -7.34
C GLU R 128 -34.31 35.34 -8.30
N HIS R 129 -33.45 34.45 -7.79
CA HIS R 129 -32.50 33.77 -8.67
C HIS R 129 -33.24 32.94 -9.72
N HIS R 130 -34.28 32.22 -9.30
CA HIS R 130 -35.02 31.39 -10.25
C HIS R 130 -35.71 32.25 -11.30
N ILE R 131 -36.26 33.40 -10.89
CA ILE R 131 -36.87 34.31 -11.84
C ILE R 131 -35.84 34.81 -12.84
N ASP R 132 -34.65 35.16 -12.37
CA ASP R 132 -33.57 35.55 -13.27
C ASP R 132 -33.33 34.47 -14.32
N TYR R 133 -33.18 33.22 -13.87
CA TYR R 133 -32.93 32.13 -14.82
C TYR R 133 -34.05 32.01 -15.84
N LEU R 134 -35.30 32.05 -15.37
CA LEU R 134 -36.42 31.85 -16.27
C LEU R 134 -36.49 32.95 -17.32
N GLU R 135 -36.29 34.20 -16.90
CA GLU R 135 -36.38 35.31 -17.84
C GLU R 135 -35.26 35.25 -18.88
N THR R 136 -34.02 34.95 -18.44
CA THR R 136 -32.93 34.85 -19.41
C THR R 136 -33.16 33.71 -20.38
N GLN R 137 -33.66 32.57 -19.89
CA GLN R 137 -33.92 31.44 -20.78
C GLN R 137 -35.01 31.79 -21.79
N LEU R 138 -36.05 32.49 -21.34
CA LEU R 138 -37.12 32.90 -22.25
C LEU R 138 -36.60 33.85 -23.32
N ASP R 139 -35.75 34.80 -22.94
CA ASP R 139 -35.14 35.67 -23.94
C ASP R 139 -34.31 34.87 -24.92
N LEU R 140 -33.55 33.89 -24.43
CA LEU R 140 -32.71 33.08 -25.30
C LEU R 140 -33.54 32.31 -26.32
N ILE R 141 -34.62 31.66 -25.86
CA ILE R 141 -35.44 30.89 -26.80
C ILE R 141 -36.18 31.81 -27.76
N GLU R 142 -36.63 32.99 -27.30
CA GLU R 142 -37.25 33.93 -28.20
C GLU R 142 -36.30 34.35 -29.30
N LYS R 143 -35.03 34.56 -28.96
CA LYS R 143 -34.05 34.95 -29.97
C LYS R 143 -33.76 33.81 -30.93
N LEU R 144 -33.53 32.60 -30.40
CA LEU R 144 -33.07 31.50 -31.23
C LEU R 144 -34.20 30.89 -32.07
N GLY R 145 -35.39 30.79 -31.52
CA GLY R 145 -36.45 30.04 -32.16
C GLY R 145 -36.58 28.64 -31.58
N GLU R 146 -37.75 28.05 -31.78
CA GLU R 146 -38.10 26.82 -31.07
C GLU R 146 -37.25 25.65 -31.52
N SER R 147 -37.29 25.33 -32.83
CA SER R 147 -36.58 24.14 -33.31
C SER R 147 -35.08 24.27 -33.15
N LEU R 148 -34.52 25.45 -33.46
CA LEU R 148 -33.09 25.65 -33.35
C LEU R 148 -32.63 25.54 -31.90
N TYR R 149 -33.38 26.14 -30.98
CA TYR R 149 -33.03 26.02 -29.56
C TYR R 149 -33.13 24.58 -29.08
N LEU R 150 -34.16 23.87 -29.52
CA LEU R 150 -34.39 22.52 -29.02
C LEU R 150 -33.37 21.53 -29.56
N SER R 151 -32.99 21.65 -30.84
CA SER R 151 -32.23 20.59 -31.49
C SER R 151 -30.79 20.52 -31.02
N THR R 152 -30.02 21.57 -31.25
CA THR R 152 -28.57 21.48 -31.08
C THR R 152 -28.12 21.44 -29.63
N VAL R 153 -29.03 21.68 -28.67
CA VAL R 153 -28.62 21.66 -27.27
C VAL R 153 -28.75 20.29 -26.62
N ILE R 154 -29.29 19.30 -27.34
CA ILE R 154 -29.44 17.98 -26.73
C ILE R 154 -28.06 17.36 -26.56
N GLU R 155 -27.77 16.94 -25.33
CA GLU R 155 -26.44 16.46 -24.97
C GLU R 155 -26.56 15.31 -23.98
N GLN R 156 -25.52 14.48 -23.95
CA GLN R 156 -25.45 13.37 -23.00
C GLN R 156 -23.99 13.03 -22.76
N THR R 157 -23.57 13.00 -21.50
CA THR R 157 -22.20 12.71 -21.14
C THR R 157 -22.09 12.25 -19.69
N MET S 1 -15.89 56.57 15.73
CA MET S 1 -15.79 55.12 15.63
C MET S 1 -16.37 54.44 16.86
N GLN S 2 -16.43 55.18 17.97
CA GLN S 2 -16.98 54.64 19.20
C GLN S 2 -18.48 54.43 19.08
N GLY S 3 -19.00 53.47 19.82
CA GLY S 3 -20.43 53.22 19.88
C GLY S 3 -21.12 54.08 20.92
N ASP S 4 -22.44 54.16 20.79
CA ASP S 4 -23.22 54.94 21.73
C ASP S 4 -23.41 54.15 23.04
N PRO S 5 -23.55 54.86 24.17
CA PRO S 5 -23.57 54.15 25.46
C PRO S 5 -24.69 53.13 25.61
N GLU S 6 -25.85 53.38 25.01
CA GLU S 6 -26.98 52.48 25.20
C GLU S 6 -26.72 51.09 24.62
N VAL S 7 -26.10 51.03 23.44
CA VAL S 7 -25.83 49.72 22.84
C VAL S 7 -24.77 48.98 23.65
N ILE S 8 -23.78 49.70 24.17
CA ILE S 8 -22.75 49.08 24.99
C ILE S 8 -23.36 48.52 26.28
N GLU S 9 -24.26 49.29 26.91
CA GLU S 9 -24.86 48.79 28.15
C GLU S 9 -25.78 47.60 27.87
N PHE S 10 -26.50 47.61 26.75
CA PHE S 10 -27.30 46.45 26.38
C PHE S 10 -26.42 45.21 26.19
N LEU S 11 -25.31 45.36 25.46
CA LEU S 11 -24.42 44.22 25.25
C LEU S 11 -23.81 43.74 26.56
N ASN S 12 -23.42 44.66 27.44
CA ASN S 12 -22.84 44.27 28.71
C ASN S 12 -23.84 43.50 29.57
N GLU S 13 -25.09 43.97 29.62
CA GLU S 13 -26.12 43.26 30.37
C GLU S 13 -26.34 41.87 29.79
N GLN S 14 -26.39 41.76 28.47
CA GLN S 14 -26.55 40.45 27.85
C GLN S 14 -25.39 39.54 28.18
N LEU S 15 -24.18 40.11 28.24
CA LEU S 15 -23.00 39.32 28.62
C LEU S 15 -23.12 38.81 30.04
N THR S 16 -23.58 39.65 30.96
CA THR S 16 -23.75 39.19 32.35
C THR S 16 -24.78 38.08 32.43
N ALA S 17 -25.88 38.22 31.68
CA ALA S 17 -26.88 37.15 31.65
C ALA S 17 -26.28 35.86 31.08
N GLU S 18 -25.45 35.98 30.05
CA GLU S 18 -24.81 34.80 29.48
C GLU S 18 -23.90 34.12 30.49
N LEU S 19 -23.12 34.90 31.24
CA LEU S 19 -22.23 34.30 32.25
C LEU S 19 -23.04 33.58 33.32
N THR S 20 -24.12 34.20 33.79
CA THR S 20 -24.96 33.56 34.79
C THR S 20 -25.55 32.26 34.24
N ALA S 21 -25.99 32.27 32.99
CA ALA S 21 -26.53 31.06 32.38
C ALA S 21 -25.47 29.98 32.29
N ILE S 22 -24.24 30.35 31.92
CA ILE S 22 -23.15 29.38 31.84
C ILE S 22 -22.94 28.71 33.19
N ASN S 23 -22.86 29.52 34.25
CA ASN S 23 -22.60 28.97 35.57
C ASN S 23 -23.71 28.03 36.01
N GLN S 24 -24.96 28.45 35.83
CA GLN S 24 -26.09 27.63 36.25
C GLN S 24 -26.13 26.32 35.47
N TYR S 25 -25.89 26.39 34.16
CA TYR S 25 -25.91 25.18 33.33
C TYR S 25 -24.82 24.22 33.76
N PHE S 26 -23.61 24.74 34.03
CA PHE S 26 -22.53 23.87 34.45
C PHE S 26 -22.84 23.20 35.79
N LEU S 27 -23.38 23.96 36.74
CA LEU S 27 -23.71 23.37 38.04
C LEU S 27 -24.76 22.28 37.89
N HIS S 28 -25.80 22.54 37.12
CA HIS S 28 -26.83 21.53 36.91
C HIS S 28 -26.25 20.30 36.23
N ALA S 29 -25.39 20.50 35.24
CA ALA S 29 -24.76 19.38 34.55
C ALA S 29 -23.99 18.50 35.52
N LYS S 30 -23.15 19.11 36.35
CA LYS S 30 -22.36 18.33 37.28
C LYS S 30 -23.23 17.61 38.29
N LEU S 31 -24.30 18.27 38.76
CA LEU S 31 -25.19 17.63 39.73
C LEU S 31 -25.88 16.42 39.12
N GLN S 32 -26.40 16.56 37.90
CA GLN S 32 -27.05 15.41 37.25
C GLN S 32 -26.05 14.29 37.01
N ASP S 33 -24.81 14.63 36.64
CA ASP S 33 -23.80 13.59 36.47
C ASP S 33 -23.54 12.86 37.77
N HIS S 34 -23.49 13.58 38.89
CA HIS S 34 -23.31 12.93 40.17
C HIS S 34 -24.48 12.03 40.51
N LYS S 35 -25.71 12.46 40.21
CA LYS S 35 -26.88 11.65 40.51
C LYS S 35 -26.94 10.38 39.67
N GLY S 36 -26.11 10.28 38.62
CA GLY S 36 -26.07 9.11 37.77
C GLY S 36 -26.75 9.26 36.44
N TRP S 37 -27.54 10.32 36.24
CA TRP S 37 -28.22 10.57 34.97
C TRP S 37 -27.20 11.15 34.01
N THR S 38 -26.75 10.32 33.06
CA THR S 38 -25.59 10.67 32.24
C THR S 38 -25.98 11.54 31.05
N LYS S 39 -26.96 11.10 30.27
CA LYS S 39 -27.27 11.77 29.01
C LYS S 39 -27.68 13.23 29.24
N LEU S 40 -28.46 13.46 30.31
CA LEU S 40 -28.80 14.84 30.66
C LEU S 40 -27.55 15.65 30.95
N ALA S 41 -26.59 15.05 31.65
CA ALA S 41 -25.33 15.75 31.93
C ALA S 41 -24.60 16.12 30.64
N LYS S 42 -24.53 15.18 29.69
CA LYS S 42 -23.85 15.47 28.44
C LYS S 42 -24.54 16.60 27.68
N TYR S 43 -25.87 16.54 27.59
CA TYR S 43 -26.60 17.58 26.87
C TYR S 43 -26.44 18.94 27.52
N THR S 44 -26.51 18.99 28.86
CA THR S 44 -26.34 20.25 29.56
C THR S 44 -24.91 20.77 29.41
N ARG S 45 -23.92 19.88 29.37
CA ARG S 45 -22.55 20.31 29.13
C ARG S 45 -22.40 20.94 27.74
N ALA S 46 -23.03 20.33 26.73
CA ALA S 46 -23.01 20.91 25.40
C ALA S 46 -23.66 22.28 25.38
N GLU S 47 -24.80 22.42 26.08
CA GLU S 47 -25.45 23.72 26.16
C GLU S 47 -24.58 24.75 26.85
N SER S 48 -23.86 24.33 27.90
CA SER S 48 -22.96 25.24 28.59
C SER S 48 -21.84 25.73 27.68
N PHE S 49 -21.27 24.82 26.87
CA PHE S 49 -20.22 25.24 25.95
C PHE S 49 -20.76 26.16 24.87
N ASP S 50 -21.99 25.93 24.42
CA ASP S 50 -22.62 26.85 23.47
C ASP S 50 -22.79 28.23 24.09
N GLU S 51 -23.24 28.29 25.34
CA GLU S 51 -23.34 29.57 26.02
C GLU S 51 -21.96 30.22 26.15
N MET S 52 -20.92 29.41 26.34
CA MET S 52 -19.56 29.94 26.42
C MET S 52 -19.15 30.60 25.11
N ARG S 53 -19.39 29.94 23.98
CA ARG S 53 -19.02 30.55 22.70
C ARG S 53 -19.83 31.81 22.44
N HIS S 54 -21.10 31.81 22.86
CA HIS S 54 -21.92 33.02 22.75
C HIS S 54 -21.30 34.16 23.55
N ALA S 55 -20.86 33.88 24.78
CA ALA S 55 -20.22 34.91 25.59
C ALA S 55 -18.95 35.42 24.93
N GLU S 56 -18.16 34.51 24.35
CA GLU S 56 -16.93 34.92 23.69
C GLU S 56 -17.21 35.87 22.53
N VAL S 57 -18.16 35.51 21.66
CA VAL S 57 -18.42 36.36 20.50
C VAL S 57 -19.01 37.70 20.94
N LEU S 58 -19.85 37.69 21.97
CA LEU S 58 -20.45 38.93 22.44
C LEU S 58 -19.40 39.86 23.03
N THR S 59 -18.48 39.32 23.84
CA THR S 59 -17.45 40.19 24.42
C THR S 59 -16.47 40.67 23.36
N ASP S 60 -16.20 39.87 22.32
CA ASP S 60 -15.38 40.38 21.23
C ASP S 60 -16.07 41.51 20.50
N ARG S 61 -17.38 41.39 20.29
CA ARG S 61 -18.12 42.47 19.65
C ARG S 61 -18.06 43.75 20.48
N ILE S 62 -18.18 43.62 21.80
CA ILE S 62 -18.03 44.79 22.67
C ILE S 62 -16.62 45.38 22.53
N LEU S 63 -15.60 44.53 22.60
CA LEU S 63 -14.22 45.02 22.54
C LEU S 63 -13.93 45.71 21.21
N LEU S 64 -14.64 45.34 20.15
CA LEU S 64 -14.47 46.02 18.87
C LEU S 64 -14.86 47.49 18.99
N LEU S 65 -15.95 47.79 19.71
CA LEU S 65 -16.47 49.15 19.82
C LEU S 65 -15.83 49.93 20.95
N ASP S 66 -14.62 49.53 21.40
CA ASP S 66 -13.88 50.23 22.45
C ASP S 66 -14.73 50.38 23.72
N GLY S 67 -15.46 49.31 24.05
CA GLY S 67 -16.27 49.26 25.26
C GLY S 67 -15.53 48.59 26.40
N LEU S 68 -16.13 48.69 27.58
CA LEU S 68 -15.56 48.09 28.79
C LEU S 68 -16.38 46.88 29.18
N PRO S 69 -15.89 45.67 28.92
CA PRO S 69 -16.67 44.46 29.26
C PRO S 69 -16.74 44.27 30.76
N ASN S 70 -17.96 44.36 31.30
CA ASN S 70 -18.16 44.22 32.74
C ASN S 70 -18.19 42.75 33.11
N TYR S 71 -17.20 42.30 33.87
CA TYR S 71 -17.13 40.93 34.35
C TYR S 71 -17.36 40.80 35.85
N GLN S 72 -17.31 41.90 36.60
CA GLN S 72 -17.40 41.81 38.05
C GLN S 72 -18.78 41.36 38.51
N ARG S 73 -19.84 41.83 37.86
CA ARG S 73 -21.20 41.59 38.32
C ARG S 73 -21.76 40.31 37.73
N LEU S 74 -22.73 39.73 38.43
CA LEU S 74 -23.42 38.53 37.97
C LEU S 74 -24.87 38.61 38.43
N PHE S 75 -25.74 37.90 37.70
CA PHE S 75 -27.15 37.83 38.07
C PHE S 75 -27.36 36.71 39.08
N HIS S 76 -28.60 36.57 39.53
CA HIS S 76 -28.95 35.55 40.51
C HIS S 76 -28.84 34.16 39.90
N VAL S 77 -28.32 33.22 40.68
CA VAL S 77 -28.17 31.83 40.27
C VAL S 77 -29.07 30.98 41.14
N ARG S 78 -29.93 30.19 40.50
CA ARG S 78 -30.89 29.36 41.20
C ARG S 78 -30.70 27.89 40.81
N VAL S 79 -30.90 27.00 41.78
CA VAL S 79 -30.69 25.57 41.59
C VAL S 79 -31.90 24.83 42.16
N GLY S 80 -32.03 23.57 41.74
CA GLY S 80 -33.14 22.74 42.17
C GLY S 80 -32.68 21.33 42.50
N GLN S 81 -33.61 20.54 43.03
CA GLN S 81 -33.31 19.18 43.45
C GLN S 81 -33.62 18.17 42.34
N SER S 82 -34.87 18.10 41.92
CA SER S 82 -35.24 17.18 40.84
C SER S 82 -35.09 17.87 39.50
N VAL S 83 -35.34 17.12 38.43
CA VAL S 83 -35.14 17.63 37.08
C VAL S 83 -36.16 18.71 36.74
N THR S 84 -37.38 18.59 37.26
CA THR S 84 -38.45 19.50 36.84
C THR S 84 -38.14 20.94 37.20
N GLU S 85 -37.78 21.21 38.46
CA GLU S 85 -37.60 22.59 38.90
C GLU S 85 -36.46 23.26 38.16
N MET S 86 -35.35 22.56 37.94
CA MET S 86 -34.27 23.15 37.17
C MET S 86 -34.68 23.35 35.71
N PHE S 87 -35.56 22.48 35.19
CA PHE S 87 -36.18 22.76 33.90
C PHE S 87 -36.89 24.10 33.87
N GLN S 88 -37.80 24.35 34.83
CA GLN S 88 -38.51 25.63 34.79
C GLN S 88 -37.56 26.80 35.03
N ALA S 89 -36.54 26.62 35.87
CA ALA S 89 -35.58 27.69 36.09
C ALA S 89 -34.88 28.07 34.79
N ASP S 90 -34.40 27.08 34.07
CA ASP S 90 -33.77 27.35 32.78
C ASP S 90 -34.76 28.00 31.83
N ARG S 91 -36.00 27.53 31.81
CA ARG S 91 -36.98 28.09 30.88
C ARG S 91 -37.26 29.55 31.18
N GLU S 92 -37.43 29.92 32.45
CA GLU S 92 -37.73 31.30 32.77
C GLU S 92 -36.54 32.21 32.50
N VAL S 93 -35.32 31.72 32.78
CA VAL S 93 -34.13 32.51 32.43
C VAL S 93 -34.11 32.76 30.93
N GLU S 94 -34.38 31.73 30.13
CA GLU S 94 -34.34 31.88 28.69
C GLU S 94 -35.45 32.82 28.20
N LEU S 95 -36.64 32.74 28.79
CA LEU S 95 -37.73 33.62 28.40
C LEU S 95 -37.38 35.08 28.67
N GLU S 96 -36.85 35.38 29.86
CA GLU S 96 -36.50 36.77 30.15
C GLU S 96 -35.38 37.24 29.22
N ALA S 97 -34.42 36.36 28.93
CA ALA S 97 -33.34 36.71 28.02
C ALA S 97 -33.88 37.05 26.64
N ILE S 98 -34.80 36.24 26.13
CA ILE S 98 -35.34 36.48 24.79
C ILE S 98 -36.18 37.75 24.76
N ASP S 99 -36.99 38.00 25.79
CA ASP S 99 -37.79 39.21 25.82
C ASP S 99 -36.92 40.46 25.80
N ARG S 100 -35.94 40.52 26.72
CA ARG S 100 -35.05 41.67 26.74
C ARG S 100 -34.21 41.75 25.48
N LEU S 101 -33.89 40.62 24.87
CA LEU S 101 -33.12 40.60 23.64
C LEU S 101 -33.91 41.24 22.51
N ARG S 102 -35.19 40.89 22.39
CA ARG S 102 -36.06 41.51 21.40
C ARG S 102 -36.18 43.01 21.65
N ARG S 103 -36.35 43.41 22.91
CA ARG S 103 -36.43 44.84 23.19
C ARG S 103 -35.15 45.55 22.76
N GLY S 104 -34.00 44.98 23.08
CA GLY S 104 -32.74 45.60 22.73
C GLY S 104 -32.53 45.72 21.23
N ILE S 105 -32.85 44.65 20.49
CA ILE S 105 -32.65 44.69 19.04
C ILE S 105 -33.61 45.68 18.40
N GLU S 106 -34.85 45.76 18.90
CA GLU S 106 -35.79 46.73 18.33
C GLU S 106 -35.34 48.16 18.61
N VAL S 107 -34.87 48.43 19.83
CA VAL S 107 -34.42 49.78 20.16
C VAL S 107 -33.20 50.16 19.34
N MET S 108 -32.23 49.26 19.26
CA MET S 108 -30.96 49.54 18.59
C MET S 108 -31.07 49.57 17.07
N ARG S 109 -32.06 48.89 16.49
CA ARG S 109 -32.18 48.87 15.02
C ARG S 109 -32.37 50.26 14.44
N ALA S 110 -32.89 51.19 15.23
CA ALA S 110 -33.05 52.56 14.76
C ALA S 110 -31.79 53.40 14.90
N LYS S 111 -30.78 52.90 15.61
CA LYS S 111 -29.53 53.63 15.83
C LYS S 111 -28.53 53.41 14.69
N HIS S 112 -29.00 52.91 13.55
CA HIS S 112 -28.17 52.80 12.34
C HIS S 112 -26.99 51.85 12.54
N ASP S 113 -27.16 50.87 13.42
CA ASP S 113 -26.16 49.84 13.65
C ASP S 113 -26.76 48.50 13.30
N ILE S 114 -26.02 47.67 12.56
CA ILE S 114 -26.57 46.47 11.95
C ILE S 114 -25.90 45.21 12.46
N THR S 115 -24.57 45.21 12.60
CA THR S 115 -23.86 43.99 12.96
C THR S 115 -24.32 43.45 14.31
N SER S 116 -24.48 44.34 15.29
CA SER S 116 -25.00 43.93 16.59
C SER S 116 -26.39 43.32 16.45
N ALA S 117 -27.19 43.84 15.52
CA ALA S 117 -28.51 43.23 15.27
C ALA S 117 -28.37 41.81 14.76
N ASN S 118 -27.38 41.56 13.89
CA ASN S 118 -27.16 40.22 13.37
C ASN S 118 -26.76 39.26 14.48
N VAL S 119 -25.83 39.66 15.34
CA VAL S 119 -25.43 38.74 16.41
C VAL S 119 -26.59 38.53 17.39
N PHE S 120 -27.38 39.59 17.65
CA PHE S 120 -28.52 39.44 18.53
C PHE S 120 -29.54 38.46 17.97
N GLU S 121 -29.81 38.53 16.66
CA GLU S 121 -30.79 37.62 16.08
C GLU S 121 -30.28 36.19 16.05
N ALA S 122 -28.97 36.00 15.86
CA ALA S 122 -28.41 34.65 15.94
C ALA S 122 -28.61 34.07 17.34
N ILE S 123 -28.30 34.86 18.37
CA ILE S 123 -28.50 34.40 19.74
C ILE S 123 -29.98 34.10 19.99
N LEU S 124 -30.86 34.94 19.44
CA LEU S 124 -32.29 34.75 19.60
C LEU S 124 -32.74 33.42 19.03
N ALA S 125 -32.26 33.09 17.83
CA ALA S 125 -32.62 31.81 17.22
C ALA S 125 -32.11 30.64 18.06
N ASP S 126 -30.87 30.74 18.54
CA ASP S 126 -30.33 29.64 19.35
C ASP S 126 -31.16 29.41 20.60
N GLU S 127 -31.53 30.50 21.28
CA GLU S 127 -32.30 30.34 22.51
C GLU S 127 -33.73 29.89 22.22
N GLU S 128 -34.27 30.25 21.06
CA GLU S 128 -35.57 29.71 20.67
C GLU S 128 -35.50 28.20 20.53
N HIS S 129 -34.45 27.68 19.89
CA HIS S 129 -34.30 26.23 19.78
C HIS S 129 -34.15 25.59 21.15
N HIS S 130 -33.38 26.21 22.04
CA HIS S 130 -33.20 25.64 23.37
C HIS S 130 -34.52 25.60 24.13
N ILE S 131 -35.33 26.66 24.02
CA ILE S 131 -36.62 26.67 24.70
C ILE S 131 -37.54 25.60 24.11
N ASP S 132 -37.48 25.38 22.80
CA ASP S 132 -38.21 24.27 22.20
C ASP S 132 -37.84 22.96 22.85
N TYR S 133 -36.54 22.70 22.98
CA TYR S 133 -36.09 21.44 23.58
C TYR S 133 -36.58 21.32 25.03
N LEU S 134 -36.46 22.41 25.79
CA LEU S 134 -36.87 22.36 27.20
C LEU S 134 -38.37 22.09 27.33
N GLU S 135 -39.18 22.75 26.52
CA GLU S 135 -40.63 22.57 26.63
C GLU S 135 -41.03 21.16 26.22
N THR S 136 -40.45 20.63 25.15
CA THR S 136 -40.82 19.27 24.75
C THR S 136 -40.37 18.26 25.81
N GLN S 137 -39.21 18.48 26.44
CA GLN S 137 -38.79 17.60 27.53
C GLN S 137 -39.76 17.68 28.71
N LEU S 138 -40.21 18.88 29.05
CA LEU S 138 -41.16 19.03 30.15
C LEU S 138 -42.46 18.30 29.86
N ASP S 139 -43.00 18.46 28.65
CA ASP S 139 -44.24 17.77 28.32
C ASP S 139 -44.04 16.26 28.33
N LEU S 140 -42.90 15.79 27.82
CA LEU S 140 -42.63 14.35 27.81
C LEU S 140 -42.59 13.79 29.23
N ILE S 141 -41.84 14.44 30.12
CA ILE S 141 -41.74 13.92 31.49
C ILE S 141 -43.08 14.04 32.21
N GLU S 142 -43.87 15.07 31.89
CA GLU S 142 -45.21 15.16 32.45
C GLU S 142 -46.05 13.97 32.03
N LYS S 143 -45.99 13.60 30.74
CA LYS S 143 -46.82 12.50 30.26
C LYS S 143 -46.36 11.16 30.83
N LEU S 144 -45.04 10.91 30.87
CA LEU S 144 -44.54 9.63 31.35
C LEU S 144 -44.67 9.49 32.86
N GLY S 145 -44.33 10.52 33.60
CA GLY S 145 -44.12 10.37 35.03
C GLY S 145 -42.62 10.34 35.29
N GLU S 146 -42.22 10.79 36.48
CA GLU S 146 -40.81 11.05 36.74
C GLU S 146 -39.99 9.76 36.74
N SER S 147 -40.47 8.74 37.46
CA SER S 147 -39.67 7.52 37.61
C SER S 147 -39.48 6.79 36.29
N LEU S 148 -40.55 6.63 35.51
CA LEU S 148 -40.44 5.89 34.26
C LEU S 148 -39.53 6.62 33.27
N TYR S 149 -39.65 7.95 33.20
CA TYR S 149 -38.75 8.72 32.37
C TYR S 149 -37.30 8.56 32.83
N LEU S 150 -37.06 8.69 34.13
CA LEU S 150 -35.70 8.57 34.65
C LEU S 150 -35.11 7.19 34.38
N SER S 151 -35.96 6.16 34.31
CA SER S 151 -35.48 4.83 33.97
C SER S 151 -34.86 4.77 32.58
N THR S 152 -35.19 5.70 31.70
CA THR S 152 -34.71 5.67 30.33
C THR S 152 -33.46 6.51 30.11
N VAL S 153 -32.90 7.11 31.15
CA VAL S 153 -31.74 7.99 31.02
C VAL S 153 -30.49 7.41 31.67
N ILE S 154 -30.62 6.42 32.53
CA ILE S 154 -29.49 5.84 33.25
C ILE S 154 -28.63 5.02 32.30
N GLU S 155 -27.35 4.87 32.67
CA GLU S 155 -26.43 3.92 32.09
C GLU S 155 -25.16 3.91 32.92
N GLN S 156 -24.66 2.72 33.20
CA GLN S 156 -23.40 2.56 33.91
C GLN S 156 -22.56 1.50 33.22
N THR S 157 -21.32 1.85 32.90
CA THR S 157 -20.41 0.92 32.24
C THR S 157 -19.00 0.91 32.80
N GLN S 158 -18.62 1.87 33.64
CA GLN S 158 -17.24 2.06 34.08
C GLN S 158 -16.30 2.14 32.88
N PRO S 159 -16.63 2.96 31.88
CA PRO S 159 -15.83 3.00 30.65
C PRO S 159 -14.47 3.66 30.86
N ASP S 160 -13.40 2.86 30.81
CA ASP S 160 -12.04 3.37 30.99
C ASP S 160 -11.06 2.46 30.27
N PRO S 161 -10.82 2.73 28.98
CA PRO S 161 -9.84 1.98 28.20
C PRO S 161 -8.43 2.58 28.27
N MET T 1 15.53 -55.58 -18.32
CA MET T 1 15.88 -54.94 -17.06
C MET T 1 15.53 -55.87 -15.90
N GLN T 2 16.53 -56.17 -15.07
CA GLN T 2 16.35 -57.06 -13.94
C GLN T 2 17.35 -56.72 -12.86
N GLY T 3 17.09 -57.19 -11.64
CA GLY T 3 17.98 -56.98 -10.52
C GLY T 3 18.55 -58.30 -10.03
N ASP T 4 19.86 -58.44 -10.15
CA ASP T 4 20.53 -59.62 -9.62
C ASP T 4 20.43 -59.66 -8.09
N PRO T 5 20.37 -60.86 -7.51
CA PRO T 5 19.94 -60.97 -6.10
C PRO T 5 20.84 -60.26 -5.10
N GLU T 6 22.14 -60.15 -5.36
CA GLU T 6 23.06 -59.69 -4.32
C GLU T 6 22.88 -58.21 -4.02
N VAL T 7 22.66 -57.37 -5.03
CA VAL T 7 22.37 -55.98 -4.74
C VAL T 7 21.10 -55.88 -3.92
N ILE T 8 20.12 -56.73 -4.22
CA ILE T 8 18.85 -56.73 -3.50
C ILE T 8 19.07 -57.08 -2.04
N GLU T 9 19.88 -58.10 -1.76
CA GLU T 9 20.12 -58.49 -0.38
C GLU T 9 20.91 -57.43 0.37
N PHE T 10 21.89 -56.81 -0.28
CA PHE T 10 22.61 -55.72 0.37
C PHE T 10 21.66 -54.58 0.72
N LEU T 11 20.80 -54.20 -0.22
CA LEU T 11 19.86 -53.12 0.03
C LEU T 11 18.88 -53.49 1.13
N ASN T 12 18.42 -54.74 1.17
CA ASN T 12 17.51 -55.16 2.23
C ASN T 12 18.18 -55.12 3.59
N GLU T 13 19.43 -55.57 3.68
CA GLU T 13 20.14 -55.50 4.95
C GLU T 13 20.32 -54.06 5.40
N GLN T 14 20.68 -53.18 4.46
CA GLN T 14 20.80 -51.76 4.81
C GLN T 14 19.46 -51.20 5.26
N LEU T 15 18.37 -51.60 4.62
CA LEU T 15 17.05 -51.14 5.00
C LEU T 15 16.70 -51.58 6.42
N THR T 16 17.02 -52.84 6.77
CA THR T 16 16.77 -53.30 8.12
C THR T 16 17.59 -52.51 9.13
N ALA T 17 18.85 -52.22 8.80
CA ALA T 17 19.66 -51.38 9.67
C ALA T 17 19.04 -50.00 9.85
N GLU T 18 18.51 -49.44 8.76
CA GLU T 18 17.89 -48.12 8.84
C GLU T 18 16.63 -48.14 9.71
N LEU T 19 15.84 -49.21 9.60
CA LEU T 19 14.64 -49.32 10.44
C LEU T 19 15.01 -49.42 11.92
N THR T 20 16.02 -50.24 12.23
CA THR T 20 16.48 -50.31 13.62
C THR T 20 16.98 -48.96 14.08
N ALA T 21 17.70 -48.24 13.21
CA ALA T 21 18.21 -46.92 13.57
C ALA T 21 17.10 -45.94 13.87
N ILE T 22 16.06 -45.90 13.02
CA ILE T 22 14.98 -44.95 13.24
C ILE T 22 14.25 -45.26 14.54
N ASN T 23 14.00 -46.55 14.80
CA ASN T 23 13.36 -46.93 16.06
C ASN T 23 14.19 -46.47 17.26
N GLN T 24 15.50 -46.77 17.24
CA GLN T 24 16.35 -46.43 18.36
C GLN T 24 16.42 -44.92 18.56
N TYR T 25 16.58 -44.17 17.47
CA TYR T 25 16.69 -42.72 17.59
C TYR T 25 15.41 -42.10 18.12
N PHE T 26 14.25 -42.56 17.65
CA PHE T 26 13.01 -42.01 18.16
C PHE T 26 12.82 -42.31 19.64
N LEU T 27 13.11 -43.56 20.05
CA LEU T 27 12.95 -43.91 21.46
C LEU T 27 13.88 -43.08 22.33
N HIS T 28 15.13 -42.90 21.89
CA HIS T 28 16.05 -42.05 22.62
C HIS T 28 15.51 -40.63 22.72
N ALA T 29 15.14 -40.04 21.59
CA ALA T 29 14.67 -38.66 21.56
C ALA T 29 13.54 -38.45 22.55
N LYS T 30 12.59 -39.38 22.57
CA LYS T 30 11.49 -39.27 23.52
C LYS T 30 12.00 -39.42 24.95
N LEU T 31 13.06 -40.21 25.16
CA LEU T 31 13.61 -40.33 26.51
C LEU T 31 14.18 -38.99 26.99
N GLN T 32 15.03 -38.35 26.19
CA GLN T 32 15.52 -37.04 26.60
C GLN T 32 14.38 -36.04 26.75
N ASP T 33 13.35 -36.16 25.92
CA ASP T 33 12.20 -35.28 26.06
C ASP T 33 11.54 -35.45 27.42
N HIS T 34 11.42 -36.69 27.88
CA HIS T 34 10.79 -36.94 29.18
C HIS T 34 11.71 -36.53 30.33
N LYS T 35 13.02 -36.60 30.13
CA LYS T 35 13.95 -36.26 31.19
C LYS T 35 14.26 -34.77 31.28
N GLY T 36 13.67 -33.95 30.40
CA GLY T 36 13.86 -32.52 30.47
C GLY T 36 15.06 -31.98 29.72
N TRP T 37 15.73 -32.78 28.90
CA TRP T 37 16.84 -32.34 28.08
C TRP T 37 16.29 -32.05 26.69
N THR T 38 15.62 -30.91 26.56
CA THR T 38 14.80 -30.64 25.38
C THR T 38 15.64 -30.52 24.12
N LYS T 39 16.81 -29.88 24.23
CA LYS T 39 17.58 -29.52 23.04
C LYS T 39 18.16 -30.75 22.36
N LEU T 40 18.71 -31.69 23.15
CA LEU T 40 19.10 -32.98 22.58
C LEU T 40 17.91 -33.70 21.99
N ALA T 41 16.73 -33.54 22.59
CA ALA T 41 15.54 -34.17 22.03
C ALA T 41 15.22 -33.63 20.64
N LYS T 42 15.32 -32.31 20.47
CA LYS T 42 15.09 -31.73 19.15
C LYS T 42 16.12 -32.23 18.15
N TYR T 43 17.39 -32.25 18.56
CA TYR T 43 18.43 -32.72 17.65
C TYR T 43 18.19 -34.17 17.24
N THR T 44 17.83 -35.02 18.20
CA THR T 44 17.63 -36.43 17.89
C THR T 44 16.40 -36.66 17.05
N ARG T 45 15.35 -35.86 17.24
CA ARG T 45 14.20 -35.95 16.33
C ARG T 45 14.59 -35.56 14.92
N ALA T 46 15.43 -34.52 14.77
CA ALA T 46 15.91 -34.17 13.45
C ALA T 46 16.70 -35.33 12.83
N GLU T 47 17.55 -35.98 13.63
CA GLU T 47 18.32 -37.12 13.13
C GLU T 47 17.40 -38.27 12.71
N SER T 48 16.34 -38.52 13.49
CA SER T 48 15.40 -39.58 13.14
C SER T 48 14.71 -39.27 11.83
N PHE T 49 14.32 -38.00 11.61
CA PHE T 49 13.72 -37.64 10.34
C PHE T 49 14.70 -37.80 9.18
N ASP T 50 15.97 -37.47 9.41
CA ASP T 50 16.99 -37.69 8.38
C ASP T 50 17.08 -39.17 8.02
N GLU T 51 17.07 -40.03 9.04
CA GLU T 51 17.14 -41.47 8.77
C GLU T 51 15.88 -41.96 8.08
N MET T 52 14.73 -41.33 8.37
CA MET T 52 13.50 -41.65 7.66
C MET T 52 13.63 -41.32 6.17
N ARG T 53 14.24 -40.18 5.87
CA ARG T 53 14.53 -39.85 4.47
C ARG T 53 15.46 -40.88 3.83
N HIS T 54 16.49 -41.28 4.57
CA HIS T 54 17.37 -42.36 4.10
C HIS T 54 16.57 -43.59 3.71
N ALA T 55 15.65 -44.01 4.58
CA ALA T 55 14.85 -45.19 4.31
C ALA T 55 13.95 -44.99 3.09
N GLU T 56 13.40 -43.78 2.95
CA GLU T 56 12.59 -43.49 1.76
C GLU T 56 13.39 -43.71 0.49
N VAL T 57 14.59 -43.13 0.42
CA VAL T 57 15.39 -43.26 -0.80
C VAL T 57 15.77 -44.72 -1.02
N LEU T 58 16.15 -45.42 0.04
CA LEU T 58 16.59 -46.80 -0.11
C LEU T 58 15.46 -47.69 -0.61
N THR T 59 14.26 -47.54 -0.05
CA THR T 59 13.15 -48.37 -0.53
C THR T 59 12.73 -48.00 -1.94
N ASP T 60 12.83 -46.71 -2.30
CA ASP T 60 12.59 -46.33 -3.69
C ASP T 60 13.54 -47.06 -4.62
N ARG T 61 14.83 -47.09 -4.24
CA ARG T 61 15.82 -47.78 -5.07
C ARG T 61 15.55 -49.28 -5.15
N ILE T 62 15.20 -49.91 -4.02
CA ILE T 62 15.03 -51.37 -4.04
C ILE T 62 13.80 -51.76 -4.85
N LEU T 63 12.70 -51.00 -4.72
CA LEU T 63 11.53 -51.32 -5.54
C LEU T 63 11.72 -50.88 -6.98
N LEU T 64 12.71 -50.01 -7.23
CA LEU T 64 13.00 -49.63 -8.61
C LEU T 64 13.49 -50.82 -9.42
N LEU T 65 14.34 -51.66 -8.82
CA LEU T 65 14.96 -52.79 -9.50
C LEU T 65 14.10 -54.03 -9.51
N ASP T 66 12.78 -53.89 -9.32
CA ASP T 66 11.85 -55.01 -9.32
C ASP T 66 12.24 -56.03 -8.24
N GLY T 67 12.24 -55.55 -6.99
CA GLY T 67 12.52 -56.38 -5.84
C GLY T 67 11.29 -56.55 -4.96
N LEU T 68 11.54 -57.15 -3.78
CA LEU T 68 10.51 -57.34 -2.78
C LEU T 68 11.07 -56.84 -1.45
N PRO T 69 10.82 -55.58 -1.09
CA PRO T 69 11.25 -55.08 0.21
C PRO T 69 10.58 -55.85 1.34
N ASN T 70 11.33 -56.04 2.43
CA ASN T 70 10.81 -56.71 3.61
C ASN T 70 10.87 -55.78 4.82
N TYR T 71 9.79 -55.74 5.57
CA TYR T 71 9.69 -54.92 6.77
C TYR T 71 9.53 -55.76 8.03
N GLN T 72 9.66 -57.08 7.93
CA GLN T 72 9.51 -57.95 9.09
C GLN T 72 10.78 -57.98 9.92
N ARG T 73 11.90 -58.35 9.31
CA ARG T 73 13.15 -58.48 10.04
C ARG T 73 13.59 -57.13 10.59
N LEU T 74 14.02 -57.13 11.85
CA LEU T 74 14.60 -55.94 12.47
C LEU T 74 15.68 -56.39 13.43
N PHE T 75 16.76 -55.62 13.50
CA PHE T 75 17.89 -55.99 14.35
C PHE T 75 17.59 -55.63 15.80
N HIS T 76 18.48 -56.05 16.69
CA HIS T 76 18.33 -55.73 18.10
C HIS T 76 18.53 -54.24 18.34
N VAL T 77 17.69 -53.66 19.18
CA VAL T 77 17.77 -52.26 19.57
C VAL T 77 18.12 -52.19 21.04
N ARG T 78 19.04 -51.29 21.40
CA ARG T 78 19.55 -51.17 22.76
C ARG T 78 19.20 -49.79 23.30
N VAL T 79 18.85 -49.74 24.58
CA VAL T 79 18.46 -48.50 25.24
C VAL T 79 19.33 -48.31 26.48
N GLY T 80 19.72 -47.06 26.72
CA GLY T 80 20.55 -46.74 27.86
C GLY T 80 19.92 -45.73 28.80
N GLN T 81 20.56 -45.50 29.95
CA GLN T 81 20.03 -44.56 30.94
C GLN T 81 20.85 -43.27 30.98
N SER T 82 22.16 -43.39 31.21
CA SER T 82 23.02 -42.22 31.16
C SER T 82 23.39 -41.92 29.71
N VAL T 83 23.68 -40.64 29.46
CA VAL T 83 23.82 -40.15 28.09
C VAL T 83 24.95 -40.85 27.36
N THR T 84 26.04 -41.17 28.07
CA THR T 84 27.17 -41.86 27.45
C THR T 84 26.74 -43.17 26.81
N GLU T 85 25.78 -43.87 27.44
CA GLU T 85 25.37 -45.17 26.92
C GLU T 85 24.68 -45.05 25.57
N MET T 86 23.69 -44.17 25.46
CA MET T 86 23.04 -43.99 24.16
C MET T 86 24.02 -43.43 23.12
N PHE T 87 24.91 -42.53 23.55
CA PHE T 87 25.89 -42.00 22.60
C PHE T 87 26.78 -43.10 22.02
N GLN T 88 27.29 -43.98 22.88
CA GLN T 88 28.17 -45.04 22.38
C GLN T 88 27.39 -46.09 21.60
N ALA T 89 26.14 -46.36 21.98
CA ALA T 89 25.31 -47.27 21.19
C ALA T 89 25.11 -46.73 19.78
N ASP T 90 24.78 -45.45 19.67
CA ASP T 90 24.64 -44.84 18.35
C ASP T 90 25.96 -44.89 17.59
N ARG T 91 27.08 -44.67 18.29
CA ARG T 91 28.38 -44.70 17.63
C ARG T 91 28.67 -46.08 17.04
N GLU T 92 28.41 -47.15 17.80
CA GLU T 92 28.67 -48.48 17.26
C GLU T 92 27.71 -48.84 16.14
N VAL T 93 26.45 -48.37 16.22
CA VAL T 93 25.53 -48.57 15.10
C VAL T 93 26.08 -47.91 13.84
N GLU T 94 26.57 -46.68 13.98
CA GLU T 94 27.15 -45.97 12.84
C GLU T 94 28.37 -46.72 12.30
N LEU T 95 29.17 -47.32 13.19
CA LEU T 95 30.34 -48.06 12.73
C LEU T 95 29.96 -49.28 11.91
N GLU T 96 28.98 -50.05 12.38
CA GLU T 96 28.50 -51.17 11.59
C GLU T 96 27.97 -50.69 10.24
N ALA T 97 27.22 -49.59 10.26
CA ALA T 97 26.66 -49.06 9.03
C ALA T 97 27.77 -48.67 8.05
N ILE T 98 28.81 -47.99 8.53
CA ILE T 98 29.85 -47.50 7.62
C ILE T 98 30.63 -48.68 7.03
N ASP T 99 30.91 -49.71 7.84
CA ASP T 99 31.61 -50.86 7.29
C ASP T 99 30.79 -51.56 6.21
N ARG T 100 29.50 -51.78 6.50
CA ARG T 100 28.63 -52.41 5.51
C ARG T 100 28.52 -51.57 4.25
N LEU T 101 28.43 -50.25 4.41
CA LEU T 101 28.39 -49.34 3.27
C LEU T 101 29.63 -49.45 2.41
N ARG T 102 30.81 -49.49 3.03
CA ARG T 102 32.05 -49.60 2.26
C ARG T 102 32.06 -50.89 1.44
N ARG T 103 31.73 -52.00 2.10
CA ARG T 103 31.73 -53.27 1.36
C ARG T 103 30.74 -53.23 0.21
N GLY T 104 29.52 -52.74 0.47
CA GLY T 104 28.51 -52.71 -0.57
C GLY T 104 28.90 -51.84 -1.75
N ILE T 105 29.41 -50.63 -1.47
CA ILE T 105 29.78 -49.74 -2.57
C ILE T 105 30.89 -50.35 -3.39
N GLU T 106 31.86 -51.00 -2.74
CA GLU T 106 32.94 -51.64 -3.50
C GLU T 106 32.37 -52.70 -4.44
N VAL T 107 31.52 -53.58 -3.92
CA VAL T 107 31.02 -54.68 -4.74
C VAL T 107 30.17 -54.14 -5.88
N MET T 108 29.28 -53.18 -5.59
CA MET T 108 28.43 -52.63 -6.63
C MET T 108 29.23 -51.90 -7.71
N ARG T 109 30.23 -51.13 -7.31
CA ARG T 109 31.15 -50.52 -8.28
C ARG T 109 31.82 -51.59 -9.12
N ALA T 110 32.07 -52.76 -8.53
CA ALA T 110 32.72 -53.84 -9.27
C ALA T 110 31.80 -54.54 -10.25
N LYS T 111 30.51 -54.67 -9.96
CA LYS T 111 29.65 -55.55 -10.74
C LYS T 111 28.60 -54.78 -11.54
N HIS T 112 28.99 -53.67 -12.16
CA HIS T 112 28.28 -53.02 -13.25
C HIS T 112 26.96 -52.38 -12.85
N ASP T 113 26.81 -51.94 -11.59
CA ASP T 113 25.71 -51.08 -11.19
C ASP T 113 26.28 -49.85 -10.52
N ILE T 114 25.75 -48.68 -10.87
CA ILE T 114 26.41 -47.42 -10.57
C ILE T 114 25.53 -46.51 -9.71
N THR T 115 24.28 -46.30 -10.12
CA THR T 115 23.42 -45.37 -9.41
C THR T 115 23.20 -45.80 -7.96
N SER T 116 23.02 -47.10 -7.75
CA SER T 116 22.97 -47.63 -6.39
C SER T 116 24.23 -47.27 -5.62
N ALA T 117 25.39 -47.31 -6.28
CA ALA T 117 26.62 -46.89 -5.62
C ALA T 117 26.56 -45.41 -5.23
N ASN T 118 25.94 -44.59 -6.08
CA ASN T 118 25.81 -43.17 -5.75
C ASN T 118 24.94 -42.95 -4.52
N VAL T 119 23.78 -43.62 -4.46
CA VAL T 119 22.92 -43.43 -3.29
C VAL T 119 23.62 -43.99 -2.04
N PHE T 120 24.31 -45.12 -2.19
CA PHE T 120 25.02 -45.70 -1.05
C PHE T 120 26.10 -44.76 -0.53
N GLU T 121 26.86 -44.13 -1.44
CA GLU T 121 27.90 -43.22 -0.98
C GLU T 121 27.32 -41.95 -0.37
N ALA T 122 26.13 -41.51 -0.82
CA ALA T 122 25.45 -40.42 -0.15
C ALA T 122 25.13 -40.79 1.29
N ILE T 123 24.58 -41.99 1.49
CA ILE T 123 24.33 -42.47 2.85
C ILE T 123 25.63 -42.49 3.64
N LEU T 124 26.71 -42.93 3.00
CA LEU T 124 28.01 -43.02 3.67
C LEU T 124 28.46 -41.66 4.18
N ALA T 125 28.36 -40.64 3.33
CA ALA T 125 28.78 -39.31 3.74
C ALA T 125 27.92 -38.79 4.89
N ASP T 126 26.60 -39.00 4.82
CA ASP T 126 25.74 -38.53 5.89
C ASP T 126 26.08 -39.20 7.21
N GLU T 127 26.30 -40.52 7.18
CA GLU T 127 26.62 -41.23 8.41
C GLU T 127 27.99 -40.84 8.94
N GLU T 128 28.94 -40.54 8.06
CA GLU T 128 30.23 -40.04 8.52
C GLU T 128 30.07 -38.72 9.27
N HIS T 129 29.25 -37.81 8.73
CA HIS T 129 29.02 -36.55 9.43
C HIS T 129 28.39 -36.80 10.80
N HIS T 130 27.39 -37.69 10.86
CA HIS T 130 26.72 -37.95 12.13
C HIS T 130 27.69 -38.57 13.14
N ILE T 131 28.53 -39.50 12.71
CA ILE T 131 29.45 -40.15 13.64
C ILE T 131 30.51 -39.18 14.11
N ASP T 132 30.95 -38.25 13.25
CA ASP T 132 31.84 -37.19 13.72
C ASP T 132 31.17 -36.37 14.81
N TYR T 133 29.91 -36.00 14.59
CA TYR T 133 29.17 -35.26 15.61
C TYR T 133 29.15 -36.01 16.94
N LEU T 134 28.79 -37.29 16.90
CA LEU T 134 28.69 -38.07 18.12
C LEU T 134 30.04 -38.18 18.82
N GLU T 135 31.10 -38.42 18.05
CA GLU T 135 32.42 -38.59 18.66
C GLU T 135 32.88 -37.31 19.34
N THR T 136 32.71 -36.16 18.68
CA THR T 136 33.17 -34.92 19.29
C THR T 136 32.33 -34.57 20.51
N GLN T 137 31.03 -34.88 20.48
CA GLN T 137 30.20 -34.67 21.67
C GLN T 137 30.66 -35.54 22.83
N LEU T 138 30.99 -36.80 22.55
CA LEU T 138 31.45 -37.69 23.61
C LEU T 138 32.79 -37.23 24.18
N ASP T 139 33.70 -36.78 23.31
CA ASP T 139 34.96 -36.22 23.80
C ASP T 139 34.71 -35.02 24.69
N LEU T 140 33.81 -34.13 24.28
CA LEU T 140 33.55 -32.93 25.08
C LEU T 140 32.94 -33.27 26.42
N ILE T 141 31.98 -34.20 26.44
CA ILE T 141 31.36 -34.55 27.73
C ILE T 141 32.36 -35.23 28.64
N GLU T 142 33.27 -36.04 28.08
CA GLU T 142 34.31 -36.64 28.90
C GLU T 142 35.24 -35.57 29.49
N LYS T 143 35.65 -34.60 28.67
CA LYS T 143 36.62 -33.62 29.14
C LYS T 143 36.01 -32.65 30.15
N LEU T 144 34.81 -32.14 29.85
CA LEU T 144 34.28 -31.02 30.62
C LEU T 144 33.77 -31.47 31.98
N GLY T 145 32.84 -32.40 32.01
CA GLY T 145 32.25 -32.87 33.25
C GLY T 145 30.78 -33.19 33.04
N GLU T 146 30.33 -34.27 33.68
CA GLU T 146 28.97 -34.76 33.46
C GLU T 146 27.93 -33.75 33.93
N SER T 147 28.06 -33.28 35.17
CA SER T 147 27.03 -32.42 35.75
C SER T 147 26.95 -31.08 35.03
N LEU T 148 28.09 -30.45 34.75
CA LEU T 148 28.07 -29.17 34.04
C LEU T 148 27.54 -29.35 32.62
N TYR T 149 27.94 -30.43 31.95
CA TYR T 149 27.46 -30.64 30.58
C TYR T 149 25.95 -30.85 30.56
N LEU T 150 25.42 -31.59 31.53
CA LEU T 150 23.97 -31.69 31.62
C LEU T 150 23.34 -30.33 31.88
N SER T 151 23.87 -29.59 32.87
CA SER T 151 23.28 -28.31 33.26
C SER T 151 23.23 -27.33 32.11
N THR T 152 24.20 -27.38 31.21
CA THR T 152 24.18 -26.37 30.15
C THR T 152 23.08 -26.61 29.10
N VAL T 153 22.12 -27.52 29.26
CA VAL T 153 21.15 -27.79 28.19
C VAL T 153 19.71 -27.75 28.65
N ILE T 154 19.39 -27.98 29.92
CA ILE T 154 17.99 -27.96 30.34
C ILE T 154 17.46 -26.53 30.35
N GLU T 155 16.28 -26.35 29.76
CA GLU T 155 15.58 -25.08 29.80
C GLU T 155 14.10 -25.37 30.02
N GLN T 156 13.50 -24.68 30.98
CA GLN T 156 12.09 -24.86 31.31
C GLN T 156 11.37 -23.53 31.18
N THR T 157 10.18 -23.57 30.58
CA THR T 157 9.36 -22.38 30.38
C THR T 157 7.94 -22.83 30.11
N GLN T 158 7.09 -21.87 29.72
CA GLN T 158 5.70 -22.18 29.41
C GLN T 158 5.47 -22.00 27.92
N PRO T 159 6.06 -22.85 27.08
CA PRO T 159 5.91 -22.68 25.63
C PRO T 159 4.62 -23.25 25.07
N ASP T 160 3.83 -23.95 25.89
CA ASP T 160 2.57 -24.49 25.39
C ASP T 160 1.59 -23.35 25.12
N PRO T 161 1.05 -23.25 23.92
CA PRO T 161 0.08 -22.17 23.64
C PRO T 161 0.74 -20.88 23.21
N SER T 162 2.04 -20.76 23.43
CA SER T 162 2.78 -19.56 23.05
C SER T 162 3.28 -19.66 21.61
N MET U 1 4.41 -41.53 40.34
CA MET U 1 3.22 -42.39 40.37
C MET U 1 3.54 -43.77 39.80
N GLN U 2 2.90 -44.80 40.34
CA GLN U 2 3.12 -46.18 39.93
C GLN U 2 1.86 -46.74 39.28
N GLY U 3 2.04 -47.43 38.16
CA GLY U 3 0.93 -47.99 37.40
C GLY U 3 0.93 -49.50 37.48
N ASP U 4 -0.27 -50.07 37.59
CA ASP U 4 -0.41 -51.52 37.63
C ASP U 4 -0.01 -52.14 36.29
N PRO U 5 0.55 -53.35 36.31
CA PRO U 5 1.15 -53.92 35.10
C PRO U 5 0.18 -54.16 33.95
N GLU U 6 -1.10 -54.46 34.23
CA GLU U 6 -2.01 -54.86 33.16
C GLU U 6 -2.23 -53.73 32.17
N VAL U 7 -2.42 -52.51 32.67
CA VAL U 7 -2.58 -51.39 31.74
C VAL U 7 -1.29 -51.17 30.95
N ILE U 8 -0.14 -51.41 31.58
CA ILE U 8 1.14 -51.23 30.90
C ILE U 8 1.26 -52.21 29.74
N GLU U 9 0.92 -53.47 29.98
CA GLU U 9 1.02 -54.46 28.90
C GLU U 9 -0.02 -54.20 27.82
N PHE U 10 -1.21 -53.73 28.19
CA PHE U 10 -2.20 -53.36 27.19
C PHE U 10 -1.66 -52.25 26.29
N LEU U 11 -1.07 -51.22 26.90
CA LEU U 11 -0.52 -50.11 26.13
C LEU U 11 0.62 -50.59 25.23
N ASN U 12 1.49 -51.46 25.75
CA ASN U 12 2.60 -51.95 24.94
C ASN U 12 2.12 -52.77 23.76
N GLU U 13 1.12 -53.63 23.98
CA GLU U 13 0.55 -54.41 22.89
C GLU U 13 -0.05 -53.51 21.83
N GLN U 14 -0.80 -52.47 22.24
CA GLN U 14 -1.38 -51.57 21.26
C GLN U 14 -0.29 -50.77 20.55
N LEU U 15 0.79 -50.46 21.25
CA LEU U 15 1.93 -49.78 20.62
C LEU U 15 2.53 -50.62 19.51
N THR U 16 2.75 -51.91 19.79
CA THR U 16 3.28 -52.81 18.77
C THR U 16 2.31 -52.94 17.60
N ALA U 17 1.01 -53.01 17.90
CA ALA U 17 0.01 -53.09 16.84
C ALA U 17 0.06 -51.85 15.96
N GLU U 18 0.20 -50.68 16.56
CA GLU U 18 0.27 -49.44 15.79
C GLU U 18 1.54 -49.40 14.94
N LEU U 19 2.67 -49.85 15.49
CA LEU U 19 3.90 -49.87 14.70
C LEU U 19 3.77 -50.79 13.50
N THR U 20 3.23 -51.98 13.70
CA THR U 20 3.00 -52.89 12.58
C THR U 20 2.06 -52.26 11.56
N ALA U 21 1.01 -51.58 12.05
CA ALA U 21 0.06 -50.94 11.16
C ALA U 21 0.73 -49.87 10.31
N ILE U 22 1.60 -49.05 10.91
CA ILE U 22 2.21 -47.97 10.15
C ILE U 22 3.19 -48.53 9.12
N ASN U 23 3.95 -49.57 9.49
CA ASN U 23 4.83 -50.18 8.50
C ASN U 23 4.04 -50.72 7.31
N GLN U 24 2.99 -51.51 7.60
CA GLN U 24 2.19 -52.11 6.54
C GLN U 24 1.52 -51.05 5.69
N TYR U 25 0.97 -50.01 6.33
CA TYR U 25 0.29 -48.95 5.61
C TYR U 25 1.24 -48.20 4.69
N PHE U 26 2.43 -47.84 5.19
CA PHE U 26 3.37 -47.11 4.35
C PHE U 26 3.83 -47.95 3.18
N LEU U 27 4.09 -49.25 3.42
CA LEU U 27 4.52 -50.12 2.32
C LEU U 27 3.43 -50.23 1.27
N HIS U 28 2.18 -50.41 1.71
CA HIS U 28 1.07 -50.46 0.75
C HIS U 28 0.98 -49.16 -0.04
N ALA U 29 1.12 -48.02 0.66
CA ALA U 29 1.00 -46.73 -0.01
C ALA U 29 2.06 -46.55 -1.08
N LYS U 30 3.32 -46.87 -0.76
CA LYS U 30 4.36 -46.64 -1.75
C LYS U 30 4.24 -47.66 -2.88
N LEU U 31 3.73 -48.86 -2.58
CA LEU U 31 3.47 -49.82 -3.65
C LEU U 31 2.40 -49.30 -4.62
N GLN U 32 1.31 -48.73 -4.09
CA GLN U 32 0.30 -48.16 -4.96
C GLN U 32 0.86 -47.01 -5.77
N ASP U 33 1.67 -46.16 -5.14
CA ASP U 33 2.27 -45.04 -5.86
C ASP U 33 3.17 -45.52 -6.99
N HIS U 34 4.00 -46.54 -6.71
CA HIS U 34 4.92 -47.03 -7.72
C HIS U 34 4.19 -47.71 -8.87
N LYS U 35 3.13 -48.46 -8.55
CA LYS U 35 2.44 -49.20 -9.60
C LYS U 35 1.69 -48.31 -10.57
N GLY U 36 1.32 -47.10 -10.16
CA GLY U 36 0.69 -46.14 -11.07
C GLY U 36 -0.64 -45.57 -10.60
N TRP U 37 -1.02 -45.72 -9.33
CA TRP U 37 -2.26 -45.18 -8.82
C TRP U 37 -1.94 -44.12 -7.76
N THR U 38 -2.48 -42.92 -7.94
CA THR U 38 -2.02 -41.74 -7.21
C THR U 38 -2.83 -41.46 -5.95
N LYS U 39 -4.14 -41.21 -6.11
CA LYS U 39 -4.93 -40.73 -4.98
C LYS U 39 -5.06 -41.78 -3.88
N LEU U 40 -5.14 -43.06 -4.24
CA LEU U 40 -5.09 -44.10 -3.22
C LEU U 40 -3.77 -44.06 -2.46
N ALA U 41 -2.66 -43.83 -3.17
CA ALA U 41 -1.36 -43.72 -2.50
C ALA U 41 -1.34 -42.56 -1.52
N LYS U 42 -1.84 -41.39 -1.95
CA LYS U 42 -1.87 -40.23 -1.05
C LYS U 42 -2.72 -40.53 0.18
N TYR U 43 -3.90 -41.12 -0.03
CA TYR U 43 -4.78 -41.43 1.09
C TYR U 43 -4.12 -42.39 2.07
N THR U 44 -3.46 -43.44 1.56
CA THR U 44 -2.87 -44.42 2.44
C THR U 44 -1.65 -43.84 3.18
N ARG U 45 -0.90 -42.96 2.51
CA ARG U 45 0.21 -42.30 3.18
C ARG U 45 -0.29 -41.41 4.32
N ALA U 46 -1.38 -40.67 4.09
CA ALA U 46 -1.96 -39.87 5.15
C ALA U 46 -2.43 -40.74 6.30
N GLU U 47 -3.05 -41.89 5.98
CA GLU U 47 -3.50 -42.81 7.01
C GLU U 47 -2.34 -43.31 7.85
N SER U 48 -1.22 -43.65 7.19
CA SER U 48 -0.04 -44.10 7.91
C SER U 48 0.50 -43.01 8.82
N PHE U 49 0.51 -41.77 8.34
CA PHE U 49 0.95 -40.66 9.19
C PHE U 49 0.06 -40.53 10.42
N ASP U 50 -1.25 -40.62 10.25
CA ASP U 50 -2.16 -40.52 11.38
C ASP U 50 -1.94 -41.64 12.37
N GLU U 51 -1.75 -42.87 11.88
CA GLU U 51 -1.49 -43.99 12.77
C GLU U 51 -0.17 -43.80 13.51
N MET U 52 0.81 -43.18 12.85
CA MET U 52 2.07 -42.86 13.53
C MET U 52 1.84 -41.85 14.67
N ARG U 53 0.99 -40.85 14.45
CA ARG U 53 0.65 -39.93 15.54
C ARG U 53 0.00 -40.69 16.69
N HIS U 54 -0.87 -41.64 16.37
CA HIS U 54 -1.51 -42.46 17.41
C HIS U 54 -0.46 -43.23 18.20
N ALA U 55 0.50 -43.83 17.51
CA ALA U 55 1.57 -44.56 18.19
C ALA U 55 2.37 -43.64 19.10
N GLU U 56 2.67 -42.43 18.64
CA GLU U 56 3.44 -41.50 19.46
C GLU U 56 2.69 -41.12 20.73
N VAL U 57 1.39 -40.83 20.61
CA VAL U 57 0.64 -40.43 21.80
C VAL U 57 0.51 -41.60 22.77
N LEU U 58 0.36 -42.83 22.24
CA LEU U 58 0.34 -43.99 23.12
C LEU U 58 1.66 -44.15 23.86
N THR U 59 2.78 -43.93 23.16
CA THR U 59 4.08 -44.03 23.79
C THR U 59 4.23 -42.98 24.88
N ASP U 60 3.73 -41.77 24.63
CA ASP U 60 3.77 -40.72 25.65
C ASP U 60 3.00 -41.14 26.88
N ARG U 61 1.78 -41.67 26.68
CA ARG U 61 0.98 -42.06 27.82
C ARG U 61 1.64 -43.17 28.63
N ILE U 62 2.21 -44.17 27.95
CA ILE U 62 2.81 -45.27 28.70
C ILE U 62 4.08 -44.82 29.42
N LEU U 63 4.91 -44.00 28.79
CA LEU U 63 6.12 -43.53 29.46
C LEU U 63 5.78 -42.60 30.62
N LEU U 64 4.63 -41.92 30.56
CA LEU U 64 4.23 -41.06 31.66
C LEU U 64 4.03 -41.85 32.96
N LEU U 65 3.57 -43.09 32.86
CA LEU U 65 3.32 -43.92 34.03
C LEU U 65 4.54 -44.69 34.50
N ASP U 66 5.74 -44.25 34.12
CA ASP U 66 6.99 -44.90 34.50
C ASP U 66 6.99 -46.37 34.04
N GLY U 67 6.92 -46.54 32.72
CA GLY U 67 6.99 -47.84 32.10
C GLY U 67 8.22 -47.97 31.22
N LEU U 68 8.24 -49.05 30.44
CA LEU U 68 9.33 -49.33 29.51
C LEU U 68 8.73 -49.65 28.15
N PRO U 69 8.48 -48.64 27.32
CA PRO U 69 8.02 -48.92 25.95
C PRO U 69 9.04 -49.76 25.21
N ASN U 70 8.54 -50.73 24.45
CA ASN U 70 9.39 -51.67 23.73
C ASN U 70 9.13 -51.55 22.24
N TYR U 71 10.22 -51.40 21.47
CA TYR U 71 10.14 -51.35 20.01
C TYR U 71 10.70 -52.61 19.37
N GLN U 72 10.98 -53.65 20.16
CA GLN U 72 11.68 -54.82 19.64
C GLN U 72 10.76 -55.70 18.78
N ARG U 73 9.53 -55.93 19.21
CA ARG U 73 8.69 -56.94 18.58
C ARG U 73 7.69 -56.31 17.61
N LEU U 74 7.42 -57.04 16.53
CA LEU U 74 6.47 -56.63 15.52
C LEU U 74 5.61 -57.82 15.11
N PHE U 75 4.32 -57.56 14.92
CA PHE U 75 3.43 -58.60 14.43
C PHE U 75 3.70 -58.87 12.96
N HIS U 76 3.12 -59.95 12.45
CA HIS U 76 3.31 -60.33 11.06
C HIS U 76 2.59 -59.36 10.14
N VAL U 77 3.28 -58.97 9.06
CA VAL U 77 2.70 -58.12 8.04
C VAL U 77 2.42 -58.96 6.81
N ARG U 78 1.60 -58.43 5.91
CA ARG U 78 1.26 -59.12 4.69
C ARG U 78 1.03 -58.11 3.57
N VAL U 79 1.42 -58.49 2.35
CA VAL U 79 1.32 -57.63 1.19
C VAL U 79 0.64 -58.40 0.06
N GLY U 80 -0.27 -57.73 -0.65
CA GLY U 80 -0.95 -58.35 -1.76
C GLY U 80 -0.61 -57.71 -3.09
N GLN U 81 -1.16 -58.25 -4.17
CA GLN U 81 -0.91 -57.73 -5.51
C GLN U 81 -2.11 -56.95 -6.03
N SER U 82 -3.28 -57.57 -6.06
CA SER U 82 -4.50 -56.84 -6.34
C SER U 82 -4.88 -55.98 -5.14
N VAL U 83 -5.59 -54.90 -5.42
CA VAL U 83 -5.96 -53.96 -4.35
C VAL U 83 -6.94 -54.61 -3.38
N THR U 84 -7.69 -55.62 -3.84
CA THR U 84 -8.74 -56.22 -3.00
C THR U 84 -8.14 -56.86 -1.76
N GLU U 85 -7.14 -57.72 -1.93
CA GLU U 85 -6.55 -58.39 -0.77
C GLU U 85 -5.82 -57.41 0.13
N MET U 86 -5.26 -56.34 -0.45
CA MET U 86 -4.61 -55.33 0.38
C MET U 86 -5.62 -54.64 1.28
N PHE U 87 -6.77 -54.27 0.72
CA PHE U 87 -7.84 -53.70 1.54
C PHE U 87 -8.31 -54.70 2.59
N GLN U 88 -8.43 -55.97 2.22
CA GLN U 88 -8.87 -56.99 3.17
C GLN U 88 -7.88 -57.13 4.32
N ALA U 89 -6.59 -57.09 4.03
CA ALA U 89 -5.59 -57.14 5.08
C ALA U 89 -5.72 -55.94 6.01
N ASP U 90 -5.92 -54.75 5.43
CA ASP U 90 -6.08 -53.56 6.25
C ASP U 90 -7.29 -53.69 7.18
N ARG U 91 -8.43 -54.16 6.66
CA ARG U 91 -9.62 -54.27 7.49
C ARG U 91 -9.48 -55.36 8.55
N GLU U 92 -8.74 -56.44 8.24
CA GLU U 92 -8.48 -57.45 9.27
C GLU U 92 -7.67 -56.85 10.41
N VAL U 93 -6.62 -56.09 10.08
CA VAL U 93 -5.83 -55.43 11.12
C VAL U 93 -6.72 -54.51 11.94
N GLU U 94 -7.61 -53.77 11.26
CA GLU U 94 -8.47 -52.83 11.98
C GLU U 94 -9.43 -53.54 12.93
N LEU U 95 -9.96 -54.70 12.52
CA LEU U 95 -10.90 -55.40 13.40
C LEU U 95 -10.18 -56.00 14.60
N GLU U 96 -8.97 -56.53 14.40
CA GLU U 96 -8.18 -56.95 15.55
C GLU U 96 -7.95 -55.79 16.50
N ALA U 97 -7.60 -54.62 15.96
CA ALA U 97 -7.43 -53.45 16.79
C ALA U 97 -8.70 -53.11 17.56
N ILE U 98 -9.85 -53.15 16.89
CA ILE U 98 -11.08 -52.68 17.54
C ILE U 98 -11.45 -53.62 18.70
N ASP U 99 -11.33 -54.94 18.50
CA ASP U 99 -11.73 -55.85 19.57
C ASP U 99 -10.77 -55.77 20.74
N ARG U 100 -9.47 -55.65 20.45
CA ARG U 100 -8.49 -55.51 21.53
C ARG U 100 -8.73 -54.21 22.31
N LEU U 101 -9.00 -53.12 21.61
CA LEU U 101 -9.28 -51.86 22.31
C LEU U 101 -10.53 -51.96 23.17
N ARG U 102 -11.57 -52.63 22.69
CA ARG U 102 -12.79 -52.75 23.50
C ARG U 102 -12.50 -53.52 24.79
N ARG U 103 -11.85 -54.68 24.66
CA ARG U 103 -11.53 -55.46 25.86
C ARG U 103 -10.66 -54.66 26.82
N GLY U 104 -9.61 -54.02 26.29
CA GLY U 104 -8.71 -53.28 27.15
C GLY U 104 -9.37 -52.10 27.83
N ILE U 105 -10.19 -51.35 27.09
CA ILE U 105 -10.86 -50.19 27.68
C ILE U 105 -11.75 -50.62 28.83
N GLU U 106 -12.55 -51.66 28.62
CA GLU U 106 -13.43 -52.10 29.71
C GLU U 106 -12.63 -52.55 30.91
N VAL U 107 -11.63 -53.42 30.68
CA VAL U 107 -10.94 -54.03 31.81
C VAL U 107 -10.14 -53.00 32.59
N MET U 108 -9.52 -52.04 31.91
CA MET U 108 -8.70 -51.06 32.64
C MET U 108 -9.54 -49.97 33.29
N ARG U 109 -10.66 -49.53 32.69
CA ARG U 109 -11.51 -48.62 33.44
C ARG U 109 -12.14 -49.32 34.64
N ALA U 110 -12.25 -50.65 34.60
CA ALA U 110 -12.70 -51.38 35.78
C ALA U 110 -11.78 -51.20 36.98
N LYS U 111 -10.62 -50.58 36.84
CA LYS U 111 -9.65 -50.45 37.92
C LYS U 111 -9.12 -48.99 37.99
N HIS U 112 -10.06 -48.05 37.90
CA HIS U 112 -9.81 -46.64 38.23
C HIS U 112 -8.68 -46.04 37.40
N ASP U 113 -8.91 -45.96 36.09
CA ASP U 113 -7.97 -45.29 35.18
C ASP U 113 -8.75 -44.67 34.04
N ILE U 114 -8.58 -43.37 33.84
CA ILE U 114 -9.46 -42.58 32.99
C ILE U 114 -8.72 -41.96 31.80
N THR U 115 -7.56 -41.35 32.05
CA THR U 115 -6.87 -40.62 30.99
C THR U 115 -6.46 -41.54 29.85
N SER U 116 -5.76 -42.63 30.17
CA SER U 116 -5.40 -43.60 29.14
C SER U 116 -6.65 -44.28 28.59
N ALA U 117 -7.71 -44.36 29.41
CA ALA U 117 -8.99 -44.79 28.88
C ALA U 117 -9.48 -43.83 27.81
N ASN U 118 -9.30 -42.52 28.04
CA ASN U 118 -9.74 -41.54 27.06
C ASN U 118 -8.93 -41.64 25.77
N VAL U 119 -7.62 -41.87 25.88
CA VAL U 119 -6.83 -41.98 24.64
C VAL U 119 -7.20 -43.24 23.89
N PHE U 120 -7.50 -44.34 24.61
CA PHE U 120 -8.09 -45.50 23.93
C PHE U 120 -9.41 -45.15 23.24
N GLU U 121 -10.24 -44.34 23.87
CA GLU U 121 -11.50 -43.94 23.24
C GLU U 121 -11.26 -43.22 21.92
N ALA U 122 -10.32 -42.26 21.94
CA ALA U 122 -10.01 -41.52 20.72
C ALA U 122 -9.47 -42.44 19.62
N ILE U 123 -8.56 -43.34 20.00
CA ILE U 123 -7.99 -44.28 19.03
C ILE U 123 -9.08 -45.17 18.45
N LEU U 124 -10.00 -45.62 19.31
CA LEU U 124 -11.10 -46.46 18.85
C LEU U 124 -11.96 -45.73 17.83
N ALA U 125 -12.30 -44.46 18.10
CA ALA U 125 -13.11 -43.70 17.14
C ALA U 125 -12.38 -43.55 15.81
N ASP U 126 -11.08 -43.24 15.86
CA ASP U 126 -10.32 -43.05 14.63
C ASP U 126 -10.30 -44.34 13.81
N GLU U 127 -10.10 -45.49 14.47
CA GLU U 127 -10.11 -46.75 13.74
C GLU U 127 -11.49 -47.10 13.22
N GLU U 128 -12.55 -46.67 13.93
CA GLU U 128 -13.90 -46.82 13.38
C GLU U 128 -14.04 -46.10 12.04
N HIS U 129 -13.54 -44.86 11.98
CA HIS U 129 -13.62 -44.11 10.72
C HIS U 129 -12.77 -44.78 9.62
N HIS U 130 -11.57 -45.22 9.98
CA HIS U 130 -10.75 -45.91 8.97
C HIS U 130 -11.48 -47.15 8.45
N ILE U 131 -12.10 -47.93 9.35
CA ILE U 131 -12.69 -49.19 8.93
C ILE U 131 -13.96 -48.97 8.10
N ASP U 132 -14.79 -47.97 8.42
CA ASP U 132 -15.98 -47.81 7.59
C ASP U 132 -15.61 -47.24 6.24
N TYR U 133 -14.57 -46.40 6.18
CA TYR U 133 -14.01 -46.04 4.89
C TYR U 133 -13.62 -47.27 4.09
N LEU U 134 -12.92 -48.21 4.75
CA LEU U 134 -12.51 -49.43 4.07
C LEU U 134 -13.71 -50.19 3.56
N GLU U 135 -14.74 -50.36 4.39
CA GLU U 135 -15.89 -51.16 4.01
C GLU U 135 -16.64 -50.53 2.84
N THR U 136 -16.83 -49.21 2.88
CA THR U 136 -17.47 -48.53 1.77
C THR U 136 -16.66 -48.67 0.49
N GLN U 137 -15.32 -48.60 0.60
CA GLN U 137 -14.50 -48.76 -0.59
C GLN U 137 -14.64 -50.16 -1.18
N LEU U 138 -14.69 -51.18 -0.34
CA LEU U 138 -14.91 -52.54 -0.84
C LEU U 138 -16.27 -52.68 -1.52
N ASP U 139 -17.31 -52.09 -0.93
CA ASP U 139 -18.62 -52.15 -1.58
C ASP U 139 -18.57 -51.49 -2.95
N LEU U 140 -17.93 -50.32 -3.04
CA LEU U 140 -17.85 -49.64 -4.32
C LEU U 140 -17.09 -50.46 -5.35
N ILE U 141 -15.96 -51.05 -4.95
CA ILE U 141 -15.17 -51.81 -5.93
C ILE U 141 -15.91 -53.06 -6.36
N GLU U 142 -16.67 -53.67 -5.44
CA GLU U 142 -17.43 -54.86 -5.81
C GLU U 142 -18.54 -54.53 -6.78
N LYS U 143 -19.35 -53.51 -6.47
CA LYS U 143 -20.49 -53.20 -7.34
C LYS U 143 -20.02 -52.67 -8.68
N LEU U 144 -19.07 -51.76 -8.68
CA LEU U 144 -18.64 -51.10 -9.91
C LEU U 144 -17.84 -52.04 -10.79
N GLY U 145 -16.70 -52.51 -10.30
CA GLY U 145 -15.84 -53.37 -11.09
C GLY U 145 -14.39 -53.14 -10.71
N GLU U 146 -13.52 -53.75 -11.52
CA GLU U 146 -12.08 -53.64 -11.32
C GLU U 146 -11.42 -52.67 -12.27
N SER U 147 -11.54 -52.90 -13.58
CA SER U 147 -10.83 -52.06 -14.55
C SER U 147 -11.33 -50.62 -14.52
N LEU U 148 -12.65 -50.43 -14.46
CA LEU U 148 -13.19 -49.08 -14.41
C LEU U 148 -12.75 -48.36 -13.14
N TYR U 149 -12.78 -49.07 -12.01
CA TYR U 149 -12.41 -48.44 -10.75
C TYR U 149 -10.98 -47.97 -10.76
N LEU U 150 -10.06 -48.78 -11.29
CA LEU U 150 -8.68 -48.35 -11.38
C LEU U 150 -8.51 -47.24 -12.41
N SER U 151 -9.32 -47.27 -13.47
CA SER U 151 -9.32 -46.15 -14.42
C SER U 151 -9.68 -44.84 -13.72
N THR U 152 -10.57 -44.90 -12.73
CA THR U 152 -11.00 -43.68 -12.05
C THR U 152 -9.85 -43.01 -11.31
N VAL U 153 -8.80 -43.74 -10.97
CA VAL U 153 -7.73 -43.23 -10.12
C VAL U 153 -6.45 -42.95 -10.91
N ILE U 154 -6.46 -43.16 -12.22
CA ILE U 154 -5.28 -42.90 -13.02
C ILE U 154 -5.10 -41.40 -13.20
N GLU U 155 -3.88 -40.92 -12.99
CA GLU U 155 -3.55 -39.50 -13.11
C GLU U 155 -2.66 -39.18 -14.29
N GLN U 156 -1.51 -39.84 -14.41
CA GLN U 156 -0.53 -39.56 -15.47
C GLN U 156 -0.10 -38.09 -15.38
N THR U 157 0.74 -37.81 -14.39
CA THR U 157 1.17 -36.45 -14.12
C THR U 157 2.30 -36.01 -15.04
N MET V 1 -32.22 -29.00 37.63
CA MET V 1 -32.87 -29.78 38.67
C MET V 1 -31.94 -29.99 39.86
N GLN V 2 -32.50 -30.02 41.07
CA GLN V 2 -31.70 -30.16 42.27
C GLN V 2 -31.00 -31.52 42.31
N GLY V 3 -29.77 -31.52 42.80
CA GLY V 3 -28.96 -32.72 42.82
C GLY V 3 -28.77 -33.32 44.20
N ASP V 4 -28.39 -34.59 44.24
CA ASP V 4 -28.14 -35.27 45.50
C ASP V 4 -26.94 -34.65 46.22
N PRO V 5 -27.02 -34.45 47.54
CA PRO V 5 -26.08 -33.55 48.22
C PRO V 5 -24.62 -33.98 48.17
N GLU V 6 -24.33 -35.28 48.03
CA GLU V 6 -22.95 -35.73 48.13
C GLU V 6 -22.10 -35.19 46.99
N VAL V 7 -22.66 -35.08 45.78
CA VAL V 7 -21.89 -34.51 44.68
C VAL V 7 -21.60 -33.04 44.96
N ILE V 8 -22.56 -32.31 45.54
CA ILE V 8 -22.32 -30.91 45.90
C ILE V 8 -21.22 -30.81 46.93
N GLU V 9 -21.23 -31.68 47.94
CA GLU V 9 -20.18 -31.60 48.96
C GLU V 9 -18.81 -31.96 48.40
N PHE V 10 -18.75 -32.92 47.48
CA PHE V 10 -17.48 -33.24 46.82
C PHE V 10 -16.98 -32.05 46.01
N LEU V 11 -17.87 -31.40 45.27
CA LEU V 11 -17.49 -30.22 44.52
C LEU V 11 -17.01 -29.10 45.45
N ASN V 12 -17.67 -28.94 46.59
CA ASN V 12 -17.25 -27.90 47.54
C ASN V 12 -15.86 -28.19 48.09
N GLU V 13 -15.59 -29.46 48.43
CA GLU V 13 -14.26 -29.82 48.90
C GLU V 13 -13.21 -29.55 47.82
N GLN V 14 -13.51 -29.89 46.57
CA GLN V 14 -12.59 -29.62 45.48
C GLN V 14 -12.36 -28.12 45.33
N LEU V 15 -13.42 -27.32 45.47
CA LEU V 15 -13.29 -25.88 45.39
C LEU V 15 -12.38 -25.34 46.48
N THR V 16 -12.55 -25.84 47.71
CA THR V 16 -11.69 -25.40 48.81
C THR V 16 -10.24 -25.76 48.52
N ALA V 17 -10.01 -26.97 48.01
CA ALA V 17 -8.65 -27.37 47.67
C ALA V 17 -8.05 -26.45 46.60
N GLU V 18 -8.84 -26.10 45.60
CA GLU V 18 -8.34 -25.21 44.55
C GLU V 18 -8.03 -23.81 45.09
N LEU V 19 -8.87 -23.29 45.99
CA LEU V 19 -8.58 -21.99 46.58
C LEU V 19 -7.27 -22.03 47.36
N THR V 20 -7.08 -23.07 48.17
CA THR V 20 -5.83 -23.19 48.91
C THR V 20 -4.64 -23.32 47.97
N ALA V 21 -4.79 -24.10 46.90
CA ALA V 21 -3.70 -24.30 45.96
C ALA V 21 -3.33 -23.00 45.25
N ILE V 22 -4.33 -22.22 44.83
CA ILE V 22 -4.02 -20.97 44.14
C ILE V 22 -3.35 -19.99 45.09
N ASN V 23 -3.82 -19.91 46.34
CA ASN V 23 -3.17 -19.00 47.28
C ASN V 23 -1.72 -19.40 47.52
N GLN V 24 -1.47 -20.70 47.72
CA GLN V 24 -0.12 -21.18 47.94
C GLN V 24 0.76 -20.91 46.73
N TYR V 25 0.25 -21.17 45.53
CA TYR V 25 1.03 -20.96 44.32
C TYR V 25 1.38 -19.48 44.14
N PHE V 26 0.42 -18.60 44.38
CA PHE V 26 0.72 -17.16 44.26
C PHE V 26 1.76 -16.71 45.28
N LEU V 27 1.64 -17.19 46.52
CA LEU V 27 2.62 -16.81 47.53
C LEU V 27 4.01 -17.31 47.15
N HIS V 28 4.10 -18.55 46.67
CA HIS V 28 5.38 -19.10 46.26
C HIS V 28 5.96 -18.31 45.10
N ALA V 29 5.11 -17.91 44.15
CA ALA V 29 5.56 -17.09 43.03
C ALA V 29 6.16 -15.79 43.53
N LYS V 30 5.49 -15.14 44.48
CA LYS V 30 6.01 -13.86 44.97
C LYS V 30 7.35 -14.04 45.68
N LEU V 31 7.47 -15.08 46.51
CA LEU V 31 8.75 -15.31 47.18
C LEU V 31 9.87 -15.59 46.18
N GLN V 32 9.61 -16.47 45.21
CA GLN V 32 10.66 -16.79 44.23
C GLN V 32 11.05 -15.58 43.41
N ASP V 33 10.07 -14.75 43.04
CA ASP V 33 10.40 -13.54 42.28
C ASP V 33 11.23 -12.59 43.14
N HIS V 34 10.88 -12.45 44.43
CA HIS V 34 11.67 -11.60 45.30
C HIS V 34 13.09 -12.11 45.44
N LYS V 35 13.26 -13.44 45.47
CA LYS V 35 14.61 -14.00 45.50
C LYS V 35 15.40 -13.62 44.26
N GLY V 36 14.76 -13.66 43.09
CA GLY V 36 15.40 -13.28 41.86
C GLY V 36 15.35 -14.35 40.79
N TRP V 37 14.65 -15.46 41.09
CA TRP V 37 14.59 -16.61 40.19
C TRP V 37 13.38 -16.43 39.29
N THR V 38 13.62 -15.86 38.10
CA THR V 38 12.54 -15.34 37.27
C THR V 38 11.73 -16.46 36.62
N LYS V 39 12.41 -17.45 36.03
CA LYS V 39 11.71 -18.46 35.26
C LYS V 39 10.73 -19.25 36.11
N LEU V 40 11.15 -19.64 37.31
CA LEU V 40 10.25 -20.31 38.23
C LEU V 40 9.08 -19.40 38.59
N ALA V 41 9.35 -18.10 38.75
CA ALA V 41 8.29 -17.16 39.09
C ALA V 41 7.21 -17.14 38.01
N LYS V 42 7.61 -17.02 36.74
CA LYS V 42 6.60 -16.95 35.68
C LYS V 42 5.88 -18.28 35.50
N TYR V 43 6.61 -19.40 35.66
CA TYR V 43 5.95 -20.70 35.57
C TYR V 43 4.88 -20.85 36.64
N THR V 44 5.21 -20.48 37.89
CA THR V 44 4.24 -20.58 38.96
C THR V 44 3.08 -19.60 38.78
N ARG V 45 3.35 -18.42 38.21
CA ARG V 45 2.25 -17.50 37.89
C ARG V 45 1.28 -18.12 36.90
N ALA V 46 1.82 -18.76 35.85
CA ALA V 46 0.96 -19.43 34.88
C ALA V 46 0.16 -20.54 35.55
N GLU V 47 0.79 -21.31 36.43
CA GLU V 47 0.07 -22.37 37.14
C GLU V 47 -1.04 -21.78 38.01
N SER V 48 -0.77 -20.65 38.67
CA SER V 48 -1.78 -20.02 39.50
C SER V 48 -2.99 -19.60 38.67
N PHE V 49 -2.75 -19.03 37.49
CA PHE V 49 -3.88 -18.60 36.66
C PHE V 49 -4.65 -19.79 36.12
N ASP V 50 -3.96 -20.88 35.82
CA ASP V 50 -4.65 -22.11 35.42
C ASP V 50 -5.55 -22.62 36.56
N GLU V 51 -5.04 -22.58 37.79
CA GLU V 51 -5.87 -22.96 38.93
C GLU V 51 -7.06 -22.03 39.09
N MET V 52 -6.87 -20.74 38.79
CA MET V 52 -8.01 -19.82 38.80
C MET V 52 -9.08 -20.27 37.80
N ARG V 53 -8.66 -20.67 36.61
CA ARG V 53 -9.62 -21.17 35.62
C ARG V 53 -10.35 -22.40 36.14
N HIS V 54 -9.61 -23.31 36.78
CA HIS V 54 -10.23 -24.50 37.35
C HIS V 54 -11.28 -24.13 38.39
N ALA V 55 -10.94 -23.19 39.27
CA ALA V 55 -11.88 -22.77 40.32
C ALA V 55 -13.13 -22.16 39.69
N GLU V 56 -12.96 -21.34 38.66
CA GLU V 56 -14.11 -20.75 37.98
C GLU V 56 -15.03 -21.83 37.41
N VAL V 57 -14.44 -22.82 36.76
CA VAL V 57 -15.24 -23.90 36.18
C VAL V 57 -16.01 -24.64 37.28
N LEU V 58 -15.34 -24.94 38.39
CA LEU V 58 -15.98 -25.64 39.49
C LEU V 58 -17.15 -24.84 40.05
N THR V 59 -16.94 -23.54 40.26
CA THR V 59 -17.99 -22.70 40.82
C THR V 59 -19.19 -22.63 39.87
N ASP V 60 -18.94 -22.47 38.57
CA ASP V 60 -20.04 -22.41 37.61
C ASP V 60 -20.84 -23.72 37.63
N ARG V 61 -20.12 -24.85 37.61
CA ARG V 61 -20.82 -26.14 37.58
C ARG V 61 -21.67 -26.32 38.84
N ILE V 62 -21.10 -26.01 40.01
CA ILE V 62 -21.87 -26.20 41.24
C ILE V 62 -23.05 -25.24 41.33
N LEU V 63 -22.92 -24.03 40.79
CA LEU V 63 -24.08 -23.14 40.74
C LEU V 63 -25.16 -23.68 39.81
N LEU V 64 -24.79 -24.35 38.73
CA LEU V 64 -25.80 -24.85 37.81
C LEU V 64 -26.69 -25.90 38.50
N LEU V 65 -26.14 -26.64 39.45
CA LEU V 65 -26.88 -27.67 40.16
C LEU V 65 -27.71 -27.14 41.32
N ASP V 66 -27.90 -25.82 41.42
CA ASP V 66 -28.68 -25.20 42.48
C ASP V 66 -28.09 -25.55 43.86
N GLY V 67 -26.87 -25.09 44.08
CA GLY V 67 -26.18 -25.25 45.35
C GLY V 67 -25.79 -23.91 45.95
N LEU V 68 -24.98 -24.00 47.01
CA LEU V 68 -24.45 -22.83 47.71
C LEU V 68 -22.94 -22.97 47.86
N PRO V 69 -22.17 -22.48 46.89
CA PRO V 69 -20.71 -22.53 47.01
C PRO V 69 -20.24 -21.73 48.21
N ASN V 70 -19.21 -22.24 48.88
CA ASN V 70 -18.66 -21.61 50.08
C ASN V 70 -17.22 -21.19 49.81
N TYR V 71 -16.91 -19.94 50.14
CA TYR V 71 -15.56 -19.41 50.05
C TYR V 71 -14.94 -19.17 51.42
N GLN V 72 -15.74 -19.22 52.48
CA GLN V 72 -15.27 -18.86 53.81
C GLN V 72 -14.27 -19.88 54.35
N ARG V 73 -14.40 -21.15 53.96
CA ARG V 73 -13.57 -22.21 54.50
C ARG V 73 -12.33 -22.40 53.63
N LEU V 74 -11.17 -22.50 54.29
CA LEU V 74 -9.91 -22.71 53.61
C LEU V 74 -9.14 -23.84 54.31
N PHE V 75 -8.37 -24.59 53.52
CA PHE V 75 -7.54 -25.65 54.05
C PHE V 75 -6.27 -25.05 54.65
N HIS V 76 -5.32 -25.91 54.98
CA HIS V 76 -4.05 -25.45 55.54
C HIS V 76 -3.06 -25.17 54.42
N VAL V 77 -2.43 -23.99 54.47
CA VAL V 77 -1.41 -23.59 53.52
C VAL V 77 -0.04 -23.72 54.17
N ARG V 78 0.91 -24.29 53.43
CA ARG V 78 2.25 -24.49 53.92
C ARG V 78 3.26 -23.85 52.98
N VAL V 79 4.34 -23.33 53.55
CA VAL V 79 5.37 -22.64 52.80
C VAL V 79 6.73 -23.27 53.13
N GLY V 80 7.69 -23.05 52.23
CA GLY V 80 9.02 -23.58 52.40
C GLY V 80 10.05 -22.47 52.42
N GLN V 81 11.28 -22.86 52.76
CA GLN V 81 12.41 -21.93 52.81
C GLN V 81 13.25 -22.00 51.54
N SER V 82 13.63 -23.20 51.12
CA SER V 82 14.37 -23.38 49.87
C SER V 82 13.44 -23.98 48.82
N VAL V 83 14.00 -24.25 47.65
CA VAL V 83 13.21 -24.69 46.51
C VAL V 83 12.65 -26.09 46.74
N THR V 84 13.42 -26.97 47.38
CA THR V 84 12.99 -28.35 47.58
C THR V 84 11.72 -28.42 48.41
N GLU V 85 11.65 -27.63 49.48
CA GLU V 85 10.46 -27.64 50.33
C GLU V 85 9.23 -27.20 49.57
N MET V 86 9.37 -26.15 48.75
CA MET V 86 8.25 -25.68 47.95
C MET V 86 7.79 -26.76 46.98
N PHE V 87 8.75 -27.42 46.32
CA PHE V 87 8.40 -28.49 45.38
C PHE V 87 7.66 -29.62 46.09
N GLN V 88 8.14 -30.03 47.26
CA GLN V 88 7.52 -31.16 47.95
C GLN V 88 6.15 -30.79 48.50
N ALA V 89 5.98 -29.57 48.99
CA ALA V 89 4.65 -29.14 49.44
C ALA V 89 3.67 -29.13 48.27
N ASP V 90 4.09 -28.60 47.12
CA ASP V 90 3.22 -28.61 45.95
C ASP V 90 2.87 -30.03 45.54
N ARG V 91 3.85 -30.93 45.56
CA ARG V 91 3.61 -32.31 45.16
C ARG V 91 2.63 -33.01 46.12
N GLU V 92 2.75 -32.73 47.42
CA GLU V 92 1.82 -33.35 48.37
C GLU V 92 0.40 -32.81 48.17
N VAL V 93 0.28 -31.52 47.86
CA VAL V 93 -1.04 -30.96 47.57
C VAL V 93 -1.63 -31.64 46.34
N GLU V 94 -0.80 -31.84 45.30
CA GLU V 94 -1.26 -32.52 44.10
C GLU V 94 -1.72 -33.94 44.41
N LEU V 95 -0.98 -34.65 45.26
CA LEU V 95 -1.34 -36.03 45.61
C LEU V 95 -2.68 -36.08 46.33
N GLU V 96 -2.88 -35.20 47.31
CA GLU V 96 -4.16 -35.16 48.01
C GLU V 96 -5.30 -34.88 47.02
N ALA V 97 -5.08 -33.90 46.13
CA ALA V 97 -6.11 -33.54 45.17
C ALA V 97 -6.46 -34.73 44.28
N ILE V 98 -5.45 -35.43 43.75
CA ILE V 98 -5.73 -36.52 42.81
C ILE V 98 -6.42 -37.68 43.52
N ASP V 99 -6.03 -37.95 44.77
CA ASP V 99 -6.67 -39.04 45.51
C ASP V 99 -8.16 -38.75 45.72
N ARG V 100 -8.47 -37.60 46.35
CA ARG V 100 -9.86 -37.27 46.58
C ARG V 100 -10.61 -37.14 45.27
N LEU V 101 -9.92 -36.76 44.21
CA LEU V 101 -10.55 -36.57 42.91
C LEU V 101 -10.99 -37.89 42.30
N ARG V 102 -10.10 -38.90 42.32
CA ARG V 102 -10.48 -40.20 41.82
C ARG V 102 -11.63 -40.78 42.64
N ARG V 103 -11.56 -40.63 43.96
CA ARG V 103 -12.66 -41.16 44.80
C ARG V 103 -13.98 -40.51 44.42
N GLY V 104 -14.01 -39.19 44.33
CA GLY V 104 -15.23 -38.50 43.98
C GLY V 104 -15.74 -38.85 42.59
N ILE V 105 -14.83 -38.91 41.61
CA ILE V 105 -15.27 -39.17 40.25
C ILE V 105 -15.91 -40.54 40.16
N GLU V 106 -15.33 -41.55 40.82
CA GLU V 106 -15.96 -42.86 40.81
C GLU V 106 -17.31 -42.83 41.51
N VAL V 107 -17.39 -42.17 42.67
CA VAL V 107 -18.61 -42.26 43.45
C VAL V 107 -19.77 -41.56 42.74
N MET V 108 -19.52 -40.45 42.04
CA MET V 108 -20.62 -39.83 41.32
C MET V 108 -20.85 -40.41 39.94
N ARG V 109 -19.85 -41.06 39.33
CA ARG V 109 -20.15 -41.83 38.11
C ARG V 109 -21.07 -42.99 38.45
N ALA V 110 -20.94 -43.55 39.65
CA ALA V 110 -21.80 -44.64 40.06
C ALA V 110 -23.26 -44.24 40.25
N LYS V 111 -23.57 -42.95 40.29
CA LYS V 111 -24.92 -42.50 40.67
C LYS V 111 -25.49 -41.52 39.66
N HIS V 112 -25.36 -41.85 38.37
CA HIS V 112 -26.07 -41.17 37.29
C HIS V 112 -25.78 -39.66 37.25
N ASP V 113 -24.52 -39.34 36.98
CA ASP V 113 -24.13 -37.97 36.66
C ASP V 113 -23.11 -38.01 35.53
N ILE V 114 -23.10 -36.97 34.71
CA ILE V 114 -22.32 -36.95 33.48
C ILE V 114 -21.32 -35.79 33.47
N THR V 115 -21.82 -34.55 33.51
CA THR V 115 -20.94 -33.40 33.31
C THR V 115 -19.91 -33.29 34.42
N SER V 116 -20.30 -33.57 35.66
CA SER V 116 -19.36 -33.51 36.77
C SER V 116 -18.22 -34.48 36.56
N ALA V 117 -18.52 -35.69 36.09
CA ALA V 117 -17.47 -36.67 35.82
C ALA V 117 -16.50 -36.14 34.79
N ASN V 118 -17.00 -35.51 33.73
CA ASN V 118 -16.12 -35.05 32.66
C ASN V 118 -15.24 -33.88 33.11
N VAL V 119 -15.81 -32.93 33.85
CA VAL V 119 -14.98 -31.82 34.33
C VAL V 119 -13.93 -32.34 35.30
N PHE V 120 -14.28 -33.35 36.10
CA PHE V 120 -13.29 -33.93 36.99
C PHE V 120 -12.22 -34.66 36.20
N GLU V 121 -12.59 -35.29 35.08
CA GLU V 121 -11.58 -35.90 34.20
C GLU V 121 -10.60 -34.86 33.68
N ALA V 122 -11.12 -33.72 33.23
CA ALA V 122 -10.25 -32.68 32.69
C ALA V 122 -9.28 -32.16 33.76
N ILE V 123 -9.80 -31.85 34.95
CA ILE V 123 -8.94 -31.33 36.00
C ILE V 123 -7.97 -32.40 36.46
N LEU V 124 -8.36 -33.68 36.38
CA LEU V 124 -7.46 -34.77 36.69
C LEU V 124 -6.28 -34.80 35.73
N ALA V 125 -6.55 -34.66 34.44
CA ALA V 125 -5.46 -34.63 33.47
C ALA V 125 -4.52 -33.47 33.73
N ASP V 126 -5.09 -32.28 34.00
CA ASP V 126 -4.24 -31.12 34.26
C ASP V 126 -3.36 -31.33 35.49
N GLU V 127 -3.95 -31.86 36.58
CA GLU V 127 -3.17 -32.06 37.80
C GLU V 127 -2.11 -33.14 37.60
N GLU V 128 -2.41 -34.17 36.80
CA GLU V 128 -1.39 -35.18 36.51
C GLU V 128 -0.22 -34.56 35.77
N HIS V 129 -0.49 -33.69 34.80
CA HIS V 129 0.60 -33.03 34.10
C HIS V 129 1.43 -32.18 35.06
N HIS V 130 0.76 -31.44 35.95
CA HIS V 130 1.48 -30.58 36.88
C HIS V 130 2.36 -31.39 37.83
N ILE V 131 1.82 -32.48 38.37
CA ILE V 131 2.62 -33.28 39.31
C ILE V 131 3.78 -33.95 38.59
N ASP V 132 3.58 -34.36 37.33
CA ASP V 132 4.70 -34.92 36.58
C ASP V 132 5.80 -33.88 36.41
N TYR V 133 5.42 -32.64 36.08
CA TYR V 133 6.42 -31.58 35.94
C TYR V 133 7.17 -31.34 37.25
N LEU V 134 6.44 -31.31 38.37
CA LEU V 134 7.10 -31.10 39.66
C LEU V 134 8.07 -32.23 39.97
N GLU V 135 7.65 -33.48 39.71
CA GLU V 135 8.51 -34.63 40.00
C GLU V 135 9.77 -34.59 39.16
N THR V 136 9.66 -34.27 37.87
CA THR V 136 10.85 -34.26 37.04
C THR V 136 11.78 -33.10 37.42
N GLN V 137 11.21 -31.97 37.84
CA GLN V 137 12.04 -30.88 38.35
C GLN V 137 12.82 -31.32 39.58
N LEU V 138 12.14 -32.00 40.50
CA LEU V 138 12.83 -32.48 41.70
C LEU V 138 13.91 -33.49 41.37
N ASP V 139 13.64 -34.38 40.40
CA ASP V 139 14.63 -35.34 39.99
C ASP V 139 15.87 -34.65 39.41
N LEU V 140 15.65 -33.66 38.54
CA LEU V 140 16.78 -32.94 37.97
C LEU V 140 17.58 -32.22 39.05
N ILE V 141 16.89 -31.57 39.99
CA ILE V 141 17.63 -30.80 40.99
C ILE V 141 18.40 -31.71 41.93
N GLU V 142 17.84 -32.87 42.27
CA GLU V 142 18.56 -33.78 43.15
C GLU V 142 19.75 -34.40 42.44
N LYS V 143 19.61 -34.70 41.14
CA LYS V 143 20.72 -35.29 40.41
C LYS V 143 21.84 -34.28 40.17
N LEU V 144 21.47 -33.01 39.94
CA LEU V 144 22.43 -32.01 39.47
C LEU V 144 23.06 -31.23 40.62
N GLY V 145 22.24 -30.62 41.46
CA GLY V 145 22.74 -29.81 42.55
C GLY V 145 22.02 -28.49 42.68
N GLU V 146 21.74 -28.06 43.91
CA GLU V 146 20.95 -26.85 44.13
C GLU V 146 21.67 -25.61 43.60
N SER V 147 22.98 -25.50 43.84
CA SER V 147 23.71 -24.30 43.44
C SER V 147 23.73 -24.15 41.92
N LEU V 148 24.13 -25.20 41.21
CA LEU V 148 24.21 -25.11 39.76
C LEU V 148 22.82 -24.92 39.15
N TYR V 149 21.80 -25.54 39.73
CA TYR V 149 20.44 -25.35 39.27
C TYR V 149 20.00 -23.89 39.40
N LEU V 150 20.24 -23.30 40.58
CA LEU V 150 19.86 -21.90 40.78
C LEU V 150 20.65 -20.99 39.85
N SER V 151 21.90 -21.33 39.57
CA SER V 151 22.67 -20.59 38.58
C SER V 151 22.03 -20.70 37.20
N THR V 152 21.53 -21.88 36.85
CA THR V 152 20.88 -22.06 35.56
C THR V 152 19.62 -21.22 35.45
N VAL V 153 18.84 -21.15 36.53
CA VAL V 153 17.53 -20.51 36.47
C VAL V 153 17.60 -19.00 36.71
N ILE V 154 18.78 -18.44 36.93
CA ILE V 154 18.87 -17.04 37.31
C ILE V 154 18.87 -16.15 36.06
N GLU V 155 18.39 -14.92 36.24
CA GLU V 155 18.34 -13.90 35.19
C GLU V 155 18.73 -12.56 35.80
N GLN V 156 19.38 -11.71 35.00
CA GLN V 156 19.88 -10.42 35.48
C GLN V 156 19.05 -9.25 34.99
N THR V 157 17.74 -9.46 34.79
CA THR V 157 16.83 -8.43 34.32
C THR V 157 17.34 -7.79 33.03
N GLN V 158 18.01 -6.64 33.16
CA GLN V 158 18.59 -5.93 32.02
C GLN V 158 17.55 -5.69 30.93
N PRO V 159 16.59 -4.78 31.14
CA PRO V 159 15.54 -4.57 30.15
C PRO V 159 16.09 -4.12 28.81
N ASP V 160 15.61 -4.75 27.74
CA ASP V 160 15.93 -4.36 26.37
C ASP V 160 14.64 -4.39 25.56
N PRO V 161 14.15 -3.24 25.06
CA PRO V 161 12.88 -3.26 24.34
C PRO V 161 12.86 -4.22 23.15
N SER V 162 14.00 -4.38 22.47
CA SER V 162 14.12 -5.29 21.34
C SER V 162 13.09 -5.02 20.25
N MET W 1 17.12 -2.32 58.06
CA MET W 1 16.06 -2.01 57.10
C MET W 1 14.77 -2.73 57.48
N GLN W 2 14.83 -3.56 58.50
CA GLN W 2 13.64 -4.28 58.96
C GLN W 2 12.68 -3.33 59.67
N GLY W 3 11.40 -3.46 59.35
CA GLY W 3 10.40 -2.58 59.92
C GLY W 3 9.91 -3.03 61.28
N ASP W 4 9.38 -2.06 62.02
CA ASP W 4 8.81 -2.35 63.33
C ASP W 4 7.52 -3.16 63.16
N PRO W 5 7.16 -3.96 64.18
CA PRO W 5 6.06 -4.92 63.99
C PRO W 5 4.72 -4.30 63.67
N GLU W 6 4.43 -3.09 64.17
CA GLU W 6 3.08 -2.55 64.01
C GLU W 6 2.75 -2.26 62.55
N VAL W 7 3.72 -1.77 61.77
CA VAL W 7 3.44 -1.54 60.36
C VAL W 7 3.19 -2.87 59.65
N ILE W 8 3.92 -3.92 60.05
CA ILE W 8 3.75 -5.22 59.43
C ILE W 8 2.36 -5.77 59.73
N GLU W 9 1.91 -5.64 60.98
CA GLU W 9 0.58 -6.16 61.31
C GLU W 9 -0.53 -5.33 60.67
N PHE W 10 -0.32 -4.02 60.52
CA PHE W 10 -1.29 -3.21 59.78
C PHE W 10 -1.38 -3.67 58.34
N LEU W 11 -0.23 -3.93 57.72
CA LEU W 11 -0.22 -4.46 56.36
C LEU W 11 -0.94 -5.80 56.28
N ASN W 12 -0.71 -6.67 57.27
CA ASN W 12 -1.35 -7.98 57.27
C ASN W 12 -2.86 -7.86 57.39
N GLU W 13 -3.33 -6.97 58.27
CA GLU W 13 -4.77 -6.77 58.42
C GLU W 13 -5.39 -6.25 57.14
N GLN W 14 -4.73 -5.28 56.51
CA GLN W 14 -5.24 -4.74 55.25
C GLN W 14 -5.27 -5.81 54.17
N LEU W 15 -4.25 -6.66 54.13
CA LEU W 15 -4.21 -7.76 53.17
C LEU W 15 -5.37 -8.72 53.38
N THR W 16 -5.64 -9.06 54.65
CA THR W 16 -6.76 -9.95 54.94
C THR W 16 -8.08 -9.34 54.50
N ALA W 17 -8.27 -8.05 54.78
CA ALA W 17 -9.49 -7.38 54.33
C ALA W 17 -9.61 -7.41 52.82
N GLU W 18 -8.50 -7.16 52.12
CA GLU W 18 -8.52 -7.20 50.66
C GLU W 18 -8.89 -8.58 50.14
N LEU W 19 -8.33 -9.63 50.73
CA LEU W 19 -8.64 -10.99 50.28
C LEU W 19 -10.11 -11.32 50.51
N THR W 20 -10.65 -10.94 51.67
CA THR W 20 -12.06 -11.18 51.94
C THR W 20 -12.93 -10.44 50.94
N ALA W 21 -12.59 -9.19 50.64
CA ALA W 21 -13.34 -8.42 49.64
C ALA W 21 -13.27 -9.08 48.27
N ILE W 22 -12.10 -9.59 47.90
CA ILE W 22 -11.93 -10.28 46.63
C ILE W 22 -12.89 -11.46 46.54
N ASN W 23 -12.90 -12.30 47.58
CA ASN W 23 -13.76 -13.47 47.56
C ASN W 23 -15.22 -13.08 47.47
N GLN W 24 -15.64 -12.11 48.28
CA GLN W 24 -17.03 -11.69 48.27
C GLN W 24 -17.44 -11.14 46.91
N TYR W 25 -16.59 -10.30 46.32
CA TYR W 25 -16.93 -9.69 45.04
C TYR W 25 -17.00 -10.73 43.93
N PHE W 26 -16.07 -11.69 43.93
CA PHE W 26 -16.14 -12.72 42.89
C PHE W 26 -17.39 -13.58 43.04
N LEU W 27 -17.73 -13.96 44.27
CA LEU W 27 -18.95 -14.73 44.48
C LEU W 27 -20.17 -13.96 44.02
N HIS W 28 -20.23 -12.67 44.36
CA HIS W 28 -21.37 -11.85 43.94
C HIS W 28 -21.44 -11.74 42.42
N ALA W 29 -20.29 -11.56 41.77
CA ALA W 29 -20.27 -11.45 40.32
C ALA W 29 -20.80 -12.72 39.68
N LYS W 30 -20.37 -13.88 40.17
CA LYS W 30 -20.90 -15.14 39.65
C LYS W 30 -22.41 -15.25 39.88
N LEU W 31 -22.87 -14.81 41.05
CA LEU W 31 -24.29 -14.90 41.36
C LEU W 31 -25.13 -14.04 40.42
N GLN W 32 -24.71 -12.79 40.18
CA GLN W 32 -25.45 -11.95 39.24
C GLN W 32 -25.35 -12.46 37.82
N ASP W 33 -24.21 -13.03 37.44
CA ASP W 33 -24.11 -13.62 36.11
C ASP W 33 -25.11 -14.76 35.96
N HIS W 34 -25.30 -15.54 37.02
CA HIS W 34 -26.34 -16.57 36.99
C HIS W 34 -27.74 -15.94 36.94
N LYS W 35 -27.93 -14.82 37.64
CA LYS W 35 -29.24 -14.17 37.66
C LYS W 35 -29.58 -13.54 36.32
N GLY W 36 -28.62 -13.47 35.40
CA GLY W 36 -28.82 -12.84 34.12
C GLY W 36 -28.57 -11.35 34.09
N TRP W 37 -28.30 -10.73 35.23
CA TRP W 37 -28.01 -9.30 35.31
C TRP W 37 -26.57 -9.11 34.86
N THR W 38 -26.38 -8.90 33.57
CA THR W 38 -25.05 -8.95 32.98
C THR W 38 -24.20 -7.74 33.38
N LYS W 39 -24.79 -6.54 33.32
CA LYS W 39 -23.98 -5.33 33.49
C LYS W 39 -23.37 -5.24 34.89
N LEU W 40 -24.17 -5.55 35.93
CA LEU W 40 -23.61 -5.63 37.26
C LEU W 40 -22.53 -6.70 37.35
N ALA W 41 -22.70 -7.80 36.61
CA ALA W 41 -21.68 -8.84 36.62
C ALA W 41 -20.35 -8.31 36.08
N LYS W 42 -20.39 -7.59 34.96
CA LYS W 42 -19.17 -7.01 34.41
C LYS W 42 -18.55 -6.02 35.39
N TYR W 43 -19.38 -5.14 35.96
CA TYR W 43 -18.83 -4.13 36.86
C TYR W 43 -18.21 -4.76 38.10
N THR W 44 -18.86 -5.78 38.65
CA THR W 44 -18.33 -6.44 39.83
C THR W 44 -17.05 -7.20 39.51
N ARG W 45 -16.96 -7.79 38.31
CA ARG W 45 -15.71 -8.43 37.92
C ARG W 45 -14.57 -7.42 37.83
N ALA W 46 -14.86 -6.24 37.27
CA ALA W 46 -13.85 -5.20 37.21
C ALA W 46 -13.41 -4.76 38.61
N GLU W 47 -14.37 -4.60 39.52
CA GLU W 47 -14.03 -4.25 40.90
C GLU W 47 -13.16 -5.33 41.54
N SER W 48 -13.49 -6.59 41.30
CA SER W 48 -12.69 -7.69 41.85
C SER W 48 -11.27 -7.67 41.32
N PHE W 49 -11.10 -7.40 40.02
CA PHE W 49 -9.76 -7.27 39.47
C PHE W 49 -8.99 -6.12 40.14
N ASP W 50 -9.67 -4.99 40.36
CA ASP W 50 -9.02 -3.89 41.06
C ASP W 50 -8.56 -4.32 42.45
N GLU W 51 -9.41 -5.05 43.17
CA GLU W 51 -9.03 -5.53 44.50
C GLU W 51 -7.86 -6.51 44.45
N MET W 52 -7.80 -7.35 43.42
CA MET W 52 -6.64 -8.25 43.28
C MET W 52 -5.36 -7.46 43.04
N ARG W 53 -5.43 -6.40 42.22
CA ARG W 53 -4.27 -5.55 42.06
C ARG W 53 -3.83 -4.94 43.38
N HIS W 54 -4.80 -4.49 44.18
CA HIS W 54 -4.52 -3.96 45.50
C HIS W 54 -3.78 -4.99 46.36
N ALA W 55 -4.28 -6.22 46.35
CA ALA W 55 -3.65 -7.28 47.14
C ALA W 55 -2.23 -7.55 46.69
N GLU W 56 -2.00 -7.56 45.37
CA GLU W 56 -0.66 -7.82 44.86
C GLU W 56 0.32 -6.73 45.29
N VAL W 57 -0.08 -5.47 45.15
CA VAL W 57 0.85 -4.41 45.55
C VAL W 57 1.09 -4.43 47.05
N LEU W 58 0.06 -4.77 47.83
CA LEU W 58 0.22 -4.85 49.27
C LEU W 58 1.20 -5.95 49.67
N THR W 59 1.07 -7.13 49.07
CA THR W 59 1.99 -8.20 49.43
C THR W 59 3.40 -7.92 48.94
N ASP W 60 3.55 -7.20 47.81
CA ASP W 60 4.88 -6.79 47.40
C ASP W 60 5.50 -5.86 48.42
N ARG W 61 4.72 -4.89 48.91
CA ARG W 61 5.24 -3.95 49.91
C ARG W 61 5.59 -4.68 51.20
N ILE W 62 4.80 -5.68 51.58
CA ILE W 62 5.13 -6.48 52.76
C ILE W 62 6.44 -7.23 52.54
N LEU W 63 6.62 -7.82 51.36
CA LEU W 63 7.84 -8.57 51.08
C LEU W 63 9.06 -7.68 51.13
N LEU W 64 8.95 -6.43 50.66
CA LEU W 64 10.11 -5.55 50.64
C LEU W 64 10.63 -5.28 52.05
N LEU W 65 9.73 -5.15 53.02
CA LEU W 65 10.10 -4.79 54.38
C LEU W 65 10.57 -5.97 55.22
N ASP W 66 10.91 -7.10 54.60
CA ASP W 66 11.40 -8.28 55.31
C ASP W 66 10.37 -8.76 56.33
N GLY W 67 9.22 -9.19 55.83
CA GLY W 67 8.16 -9.69 56.68
C GLY W 67 7.69 -11.08 56.31
N LEU W 68 6.40 -11.35 56.53
CA LEU W 68 5.80 -12.64 56.19
C LEU W 68 4.31 -12.43 55.98
N PRO W 69 3.86 -12.37 54.72
CA PRO W 69 2.43 -12.15 54.45
C PRO W 69 1.63 -13.41 54.78
N ASN W 70 0.72 -13.30 55.75
CA ASN W 70 -0.15 -14.40 56.10
C ASN W 70 -1.21 -14.61 55.03
N TYR W 71 -1.36 -15.85 54.59
CA TYR W 71 -2.37 -16.22 53.61
C TYR W 71 -3.36 -17.23 54.18
N GLN W 72 -3.59 -17.20 55.48
CA GLN W 72 -4.47 -18.16 56.14
C GLN W 72 -5.72 -17.51 56.73
N ARG W 73 -5.57 -16.52 57.58
CA ARG W 73 -6.72 -15.96 58.27
C ARG W 73 -7.59 -15.16 57.31
N LEU W 74 -8.90 -15.26 57.49
CA LEU W 74 -9.87 -14.64 56.60
C LEU W 74 -11.03 -14.09 57.41
N PHE W 75 -11.49 -12.90 57.05
CA PHE W 75 -12.63 -12.29 57.72
C PHE W 75 -13.93 -12.91 57.21
N HIS W 76 -15.03 -12.55 57.87
CA HIS W 76 -16.32 -13.14 57.55
C HIS W 76 -16.81 -12.67 56.19
N VAL W 77 -17.49 -13.56 55.47
CA VAL W 77 -18.04 -13.27 54.15
C VAL W 77 -19.55 -13.28 54.25
N ARG W 78 -20.19 -12.28 53.66
CA ARG W 78 -21.64 -12.12 53.70
C ARG W 78 -22.18 -12.09 52.28
N VAL W 79 -23.29 -12.80 52.06
CA VAL W 79 -23.97 -12.82 50.77
C VAL W 79 -25.45 -12.55 51.00
N GLY W 80 -26.12 -12.12 49.93
CA GLY W 80 -27.52 -11.77 49.99
C GLY W 80 -28.31 -12.42 48.87
N GLN W 81 -29.56 -11.98 48.74
CA GLN W 81 -30.48 -12.49 47.73
C GLN W 81 -30.84 -11.43 46.69
N SER W 82 -31.32 -10.28 47.13
CA SER W 82 -31.59 -9.16 46.25
C SER W 82 -30.38 -8.22 46.23
N VAL W 83 -30.42 -7.25 45.33
CA VAL W 83 -29.29 -6.33 45.17
C VAL W 83 -29.10 -5.50 46.43
N THR W 84 -30.17 -5.25 47.19
CA THR W 84 -30.08 -4.38 48.35
C THR W 84 -29.11 -4.92 49.40
N GLU W 85 -29.26 -6.19 49.76
CA GLU W 85 -28.41 -6.77 50.79
C GLU W 85 -26.95 -6.76 50.36
N MET W 86 -26.69 -7.11 49.10
CA MET W 86 -25.33 -7.16 48.60
C MET W 86 -24.69 -5.78 48.60
N PHE W 87 -25.43 -4.77 48.13
CA PHE W 87 -24.91 -3.41 48.14
C PHE W 87 -24.62 -2.94 49.56
N GLN W 88 -25.52 -3.25 50.49
CA GLN W 88 -25.30 -2.84 51.88
C GLN W 88 -24.06 -3.51 52.46
N ALA W 89 -23.89 -4.81 52.20
CA ALA W 89 -22.73 -5.52 52.73
C ALA W 89 -21.43 -4.97 52.17
N ASP W 90 -21.41 -4.70 50.85
CA ASP W 90 -20.21 -4.14 50.25
C ASP W 90 -19.90 -2.76 50.83
N ARG W 91 -20.94 -1.95 51.02
CA ARG W 91 -20.75 -0.63 51.61
C ARG W 91 -20.17 -0.74 53.02
N GLU W 92 -20.67 -1.69 53.82
CA GLU W 92 -20.19 -1.85 55.18
C GLU W 92 -18.73 -2.28 55.21
N VAL W 93 -18.38 -3.29 54.40
CA VAL W 93 -17.00 -3.77 54.43
C VAL W 93 -16.04 -2.69 53.94
N GLU W 94 -16.45 -1.92 52.92
CA GLU W 94 -15.59 -0.84 52.47
C GLU W 94 -15.47 0.26 53.53
N LEU W 95 -16.55 0.52 54.29
CA LEU W 95 -16.44 1.49 55.37
C LEU W 95 -15.44 1.04 56.43
N GLU W 96 -15.47 -0.25 56.79
CA GLU W 96 -14.48 -0.75 57.73
C GLU W 96 -13.06 -0.62 57.17
N ALA W 97 -12.89 -0.92 55.88
CA ALA W 97 -11.58 -0.77 55.27
C ALA W 97 -11.09 0.67 55.31
N ILE W 98 -11.99 1.62 55.03
CA ILE W 98 -11.61 3.04 55.07
C ILE W 98 -11.21 3.44 56.48
N ASP W 99 -11.96 2.98 57.49
CA ASP W 99 -11.64 3.30 58.87
C ASP W 99 -10.23 2.82 59.22
N ARG W 100 -9.95 1.55 58.93
CA ARG W 100 -8.64 1.00 59.28
C ARG W 100 -7.54 1.67 58.47
N LEU W 101 -7.82 2.05 57.22
CA LEU W 101 -6.81 2.72 56.41
C LEU W 101 -6.46 4.09 56.99
N ARG W 102 -7.48 4.85 57.41
CA ARG W 102 -7.21 6.16 57.99
C ARG W 102 -6.41 6.04 59.28
N ARG W 103 -6.78 5.06 60.12
CA ARG W 103 -6.02 4.82 61.34
C ARG W 103 -4.57 4.47 61.01
N GLY W 104 -4.37 3.65 59.97
CA GLY W 104 -3.03 3.32 59.55
C GLY W 104 -2.25 4.53 59.07
N ILE W 105 -2.88 5.37 58.24
CA ILE W 105 -2.25 6.63 57.83
C ILE W 105 -1.70 7.36 59.05
N GLU W 106 -2.58 7.64 60.01
CA GLU W 106 -2.15 8.48 61.13
C GLU W 106 -1.02 7.82 61.91
N VAL W 107 -1.23 6.58 62.33
CA VAL W 107 -0.26 5.94 63.23
C VAL W 107 1.07 5.73 62.52
N MET W 108 1.02 5.42 61.22
CA MET W 108 2.22 5.09 60.47
C MET W 108 3.01 6.34 60.10
N ARG W 109 2.34 7.37 59.57
CA ARG W 109 3.02 8.63 59.33
C ARG W 109 3.58 9.22 60.61
N ALA W 110 3.01 8.85 61.76
CA ALA W 110 3.56 9.31 63.03
C ALA W 110 4.94 8.74 63.34
N LYS W 111 5.42 7.73 62.61
CA LYS W 111 6.63 7.02 63.01
C LYS W 111 7.64 6.90 61.87
N HIS W 112 7.80 7.97 61.09
CA HIS W 112 8.95 8.14 60.20
C HIS W 112 9.03 7.06 59.13
N ASP W 113 7.99 7.02 58.29
CA ASP W 113 8.00 6.26 57.05
C ASP W 113 6.99 6.88 56.12
N ILE W 114 7.19 6.71 54.81
CA ILE W 114 6.46 7.46 53.80
C ILE W 114 5.76 6.53 52.80
N THR W 115 6.48 5.53 52.30
CA THR W 115 5.97 4.73 51.17
C THR W 115 4.65 4.04 51.53
N SER W 116 4.58 3.48 52.74
CA SER W 116 3.34 2.83 53.17
C SER W 116 2.19 3.82 53.18
N ALA W 117 2.44 5.06 53.60
CA ALA W 117 1.41 6.08 53.56
C ALA W 117 0.93 6.32 52.13
N ASN W 118 1.86 6.36 51.18
CA ASN W 118 1.49 6.59 49.79
C ASN W 118 0.60 5.47 49.25
N VAL W 119 1.02 4.21 49.44
CA VAL W 119 0.22 3.11 48.92
C VAL W 119 -1.14 3.05 49.62
N PHE W 120 -1.16 3.28 50.94
CA PHE W 120 -2.42 3.29 51.67
C PHE W 120 -3.35 4.39 51.18
N GLU W 121 -2.83 5.59 50.91
CA GLU W 121 -3.72 6.68 50.51
C GLU W 121 -4.25 6.44 49.09
N ALA W 122 -3.44 5.83 48.22
CA ALA W 122 -3.97 5.43 46.92
C ALA W 122 -5.12 4.46 47.07
N ILE W 123 -4.93 3.43 47.92
CA ILE W 123 -6.01 2.48 48.19
C ILE W 123 -7.22 3.22 48.74
N LEU W 124 -6.99 4.18 49.65
CA LEU W 124 -8.08 4.93 50.26
C LEU W 124 -8.91 5.68 49.23
N ALA W 125 -8.24 6.35 48.30
CA ALA W 125 -8.96 7.07 47.26
C ALA W 125 -9.80 6.11 46.42
N ASP W 126 -9.23 4.95 46.09
CA ASP W 126 -9.99 3.97 45.31
C ASP W 126 -11.23 3.51 46.07
N GLU W 127 -11.10 3.26 47.37
CA GLU W 127 -12.24 2.78 48.14
C GLU W 127 -13.30 3.88 48.31
N GLU W 128 -12.87 5.13 48.43
CA GLU W 128 -13.85 6.22 48.47
C GLU W 128 -14.63 6.31 47.17
N HIS W 129 -13.95 6.12 46.03
CA HIS W 129 -14.67 6.12 44.76
C HIS W 129 -15.68 4.98 44.71
N HIS W 130 -15.29 3.78 45.17
CA HIS W 130 -16.21 2.65 45.17
C HIS W 130 -17.41 2.92 46.08
N ILE W 131 -17.15 3.53 47.24
CA ILE W 131 -18.23 3.89 48.16
C ILE W 131 -19.20 4.87 47.51
N ASP W 132 -18.65 5.84 46.76
CA ASP W 132 -19.51 6.77 46.03
C ASP W 132 -20.41 6.03 45.05
N TYR W 133 -19.82 5.09 44.28
CA TYR W 133 -20.63 4.32 43.35
C TYR W 133 -21.75 3.60 44.07
N LEU W 134 -21.42 2.91 45.17
CA LEU W 134 -22.42 2.11 45.87
C LEU W 134 -23.52 2.99 46.44
N GLU W 135 -23.15 4.13 47.03
CA GLU W 135 -24.15 5.02 47.61
C GLU W 135 -25.10 5.57 46.55
N THR W 136 -24.56 6.03 45.42
CA THR W 136 -25.43 6.53 44.36
C THR W 136 -26.34 5.43 43.83
N GLN W 137 -25.79 4.23 43.64
CA GLN W 137 -26.58 3.11 43.13
C GLN W 137 -27.72 2.79 44.08
N LEU W 138 -27.43 2.72 45.38
CA LEU W 138 -28.46 2.37 46.36
C LEU W 138 -29.54 3.46 46.43
N ASP W 139 -29.13 4.73 46.43
CA ASP W 139 -30.12 5.81 46.47
C ASP W 139 -31.02 5.78 45.25
N LEU W 140 -30.44 5.54 44.08
CA LEU W 140 -31.26 5.50 42.87
C LEU W 140 -32.19 4.29 42.87
N ILE W 141 -31.72 3.16 43.39
CA ILE W 141 -32.58 1.98 43.49
C ILE W 141 -33.77 2.27 44.40
N GLU W 142 -33.52 2.85 45.57
CA GLU W 142 -34.62 3.08 46.50
C GLU W 142 -35.57 4.14 45.97
N LYS W 143 -35.07 5.10 45.20
CA LYS W 143 -35.96 6.11 44.64
C LYS W 143 -36.80 5.55 43.51
N LEU W 144 -36.21 4.73 42.65
CA LEU W 144 -36.86 4.37 41.39
C LEU W 144 -37.82 3.19 41.55
N GLY W 145 -37.30 2.05 41.98
CA GLY W 145 -38.09 0.84 42.10
C GLY W 145 -37.24 -0.36 41.72
N GLU W 146 -37.60 -1.53 42.26
CA GLU W 146 -36.76 -2.71 42.12
C GLU W 146 -36.87 -3.31 40.71
N SER W 147 -38.06 -3.77 40.34
CA SER W 147 -38.24 -4.40 39.04
C SER W 147 -37.97 -3.42 37.90
N LEU W 148 -38.42 -2.18 38.05
CA LEU W 148 -38.20 -1.18 37.02
C LEU W 148 -36.70 -0.94 36.83
N TYR W 149 -35.94 -0.90 37.92
CA TYR W 149 -34.49 -0.77 37.80
C TYR W 149 -33.89 -1.99 37.12
N LEU W 150 -34.28 -3.19 37.55
CA LEU W 150 -33.72 -4.40 36.96
C LEU W 150 -34.04 -4.54 35.49
N SER W 151 -35.13 -3.92 35.03
CA SER W 151 -35.42 -3.91 33.60
C SER W 151 -34.31 -3.22 32.82
N THR W 152 -33.66 -2.23 33.42
CA THR W 152 -32.58 -1.52 32.74
C THR W 152 -31.34 -2.39 32.58
N VAL W 153 -30.96 -3.12 33.62
CA VAL W 153 -29.74 -3.91 33.55
C VAL W 153 -29.89 -5.14 32.67
N ILE W 154 -31.08 -5.70 32.55
CA ILE W 154 -31.26 -6.95 31.83
C ILE W 154 -31.21 -6.70 30.33
N GLU W 155 -30.40 -7.51 29.65
CA GLU W 155 -30.37 -7.55 28.20
C GLU W 155 -29.77 -8.89 27.80
N GLN W 156 -30.59 -9.77 27.26
CA GLN W 156 -30.16 -11.13 26.90
C GLN W 156 -30.01 -11.19 25.39
N THR W 157 -28.76 -11.30 24.93
CA THR W 157 -28.46 -11.48 23.51
C THR W 157 -27.84 -12.83 23.23
N GLN W 158 -26.71 -13.14 23.87
CA GLN W 158 -25.96 -14.36 23.64
C GLN W 158 -25.71 -14.58 22.15
N PRO W 159 -24.99 -13.66 21.49
CA PRO W 159 -24.77 -13.80 20.05
C PRO W 159 -24.01 -15.09 19.72
N ASP W 160 -24.39 -15.69 18.59
CA ASP W 160 -23.76 -16.93 18.16
C ASP W 160 -22.77 -16.66 17.02
N MET X 1 8.58 35.82 47.66
CA MET X 1 9.02 34.45 47.92
C MET X 1 10.50 34.49 48.27
N GLN X 2 10.86 33.87 49.39
CA GLN X 2 12.25 33.80 49.85
C GLN X 2 12.38 32.56 50.73
N GLY X 3 13.13 31.57 50.27
CA GLY X 3 13.24 30.32 51.00
C GLY X 3 14.08 30.45 52.25
N ASP X 4 13.72 29.68 53.27
CA ASP X 4 14.49 29.63 54.50
C ASP X 4 15.74 28.77 54.31
N PRO X 5 16.85 29.13 54.98
CA PRO X 5 18.15 28.51 54.66
C PRO X 5 18.22 27.01 54.90
N GLU X 6 17.51 26.47 55.89
CA GLU X 6 17.69 25.06 56.26
C GLU X 6 17.29 24.12 55.13
N VAL X 7 16.16 24.39 54.48
CA VAL X 7 15.78 23.53 53.35
C VAL X 7 16.78 23.67 52.22
N ILE X 8 17.32 24.87 52.02
CA ILE X 8 18.29 25.09 50.96
C ILE X 8 19.55 24.26 51.20
N GLU X 9 20.04 24.27 52.44
CA GLU X 9 21.25 23.50 52.74
C GLU X 9 21.00 22.00 52.69
N PHE X 10 19.81 21.55 53.11
CA PHE X 10 19.46 20.15 52.90
C PHE X 10 19.53 19.78 51.43
N LEU X 11 18.94 20.62 50.56
CA LEU X 11 18.95 20.34 49.14
C LEU X 11 20.37 20.33 48.58
N ASN X 12 21.20 21.29 48.98
CA ASN X 12 22.58 21.34 48.49
C ASN X 12 23.35 20.09 48.90
N GLU X 13 23.19 19.65 50.16
CA GLU X 13 23.94 18.49 50.61
C GLU X 13 23.46 17.21 49.92
N GLN X 14 22.14 17.10 49.71
CA GLN X 14 21.63 15.97 48.95
C GLN X 14 22.15 15.97 47.52
N LEU X 15 22.23 17.15 46.91
CA LEU X 15 22.78 17.25 45.55
C LEU X 15 24.25 16.84 45.51
N THR X 16 25.01 17.23 46.53
CA THR X 16 26.40 16.80 46.62
C THR X 16 26.50 15.29 46.69
N ALA X 17 25.65 14.67 47.51
CA ALA X 17 25.62 13.21 47.59
C ALA X 17 25.29 12.59 46.24
N GLU X 18 24.34 13.19 45.53
CA GLU X 18 23.97 12.67 44.21
C GLU X 18 25.12 12.76 43.23
N LEU X 19 25.87 13.87 43.25
CA LEU X 19 27.01 14.00 42.36
C LEU X 19 28.07 12.94 42.65
N THR X 20 28.36 12.73 43.94
CA THR X 20 29.31 11.68 44.30
C THR X 20 28.83 10.32 43.81
N ALA X 21 27.53 10.05 43.97
CA ALA X 21 26.98 8.79 43.49
C ALA X 21 27.12 8.66 41.99
N ILE X 22 26.88 9.75 41.25
CA ILE X 22 27.03 9.73 39.80
C ILE X 22 28.44 9.30 39.43
N ASN X 23 29.43 9.96 40.03
CA ASN X 23 30.81 9.70 39.66
C ASN X 23 31.22 8.27 40.01
N GLN X 24 30.85 7.82 41.22
CA GLN X 24 31.25 6.50 41.69
C GLN X 24 30.59 5.40 40.86
N TYR X 25 29.29 5.54 40.59
CA TYR X 25 28.60 4.59 39.74
C TYR X 25 29.20 4.53 38.34
N PHE X 26 29.55 5.69 37.77
CA PHE X 26 30.13 5.67 36.43
C PHE X 26 31.46 4.92 36.43
N LEU X 27 32.29 5.16 37.44
CA LEU X 27 33.58 4.45 37.48
C LEU X 27 33.39 2.95 37.63
N HIS X 28 32.46 2.54 38.50
CA HIS X 28 32.21 1.10 38.63
C HIS X 28 31.69 0.51 37.33
N ALA X 29 30.83 1.25 36.61
CA ALA X 29 30.33 0.76 35.33
C ALA X 29 31.47 0.54 34.35
N LYS X 30 32.41 1.50 34.28
CA LYS X 30 33.54 1.34 33.39
C LYS X 30 34.39 0.14 33.77
N LEU X 31 34.61 -0.05 35.08
CA LEU X 31 35.42 -1.18 35.53
C LEU X 31 34.77 -2.50 35.14
N GLN X 32 33.46 -2.63 35.36
CA GLN X 32 32.76 -3.84 34.94
C GLN X 32 32.86 -4.04 33.44
N ASP X 33 32.67 -2.98 32.66
CA ASP X 33 32.70 -3.12 31.20
C ASP X 33 34.07 -3.61 30.73
N HIS X 34 35.14 -3.08 31.32
CA HIS X 34 36.47 -3.52 30.91
C HIS X 34 36.75 -4.96 31.36
N LYS X 35 36.32 -5.31 32.58
CA LYS X 35 36.54 -6.67 33.06
C LYS X 35 35.78 -7.71 32.25
N GLY X 36 34.79 -7.30 31.47
CA GLY X 36 34.02 -8.21 30.66
C GLY X 36 32.68 -8.62 31.23
N TRP X 37 32.32 -8.17 32.43
CA TRP X 37 31.09 -8.57 33.09
C TRP X 37 30.02 -7.57 32.65
N THR X 38 29.46 -7.82 31.46
CA THR X 38 28.78 -6.76 30.70
C THR X 38 27.43 -6.40 31.31
N LYS X 39 26.64 -7.40 31.70
CA LYS X 39 25.26 -7.13 32.13
C LYS X 39 25.25 -6.20 33.34
N LEU X 40 26.15 -6.44 34.29
CA LEU X 40 26.28 -5.53 35.42
C LEU X 40 26.66 -4.13 34.95
N ALA X 41 27.49 -4.04 33.90
CA ALA X 41 27.85 -2.74 33.37
C ALA X 41 26.63 -2.00 32.82
N LYS X 42 25.78 -2.72 32.07
CA LYS X 42 24.56 -2.10 31.55
C LYS X 42 23.67 -1.62 32.69
N TYR X 43 23.49 -2.47 33.71
CA TYR X 43 22.64 -2.08 34.83
C TYR X 43 23.20 -0.84 35.53
N THR X 44 24.51 -0.82 35.76
CA THR X 44 25.13 0.32 36.43
C THR X 44 24.99 1.60 35.61
N ARG X 45 25.16 1.51 34.30
CA ARG X 45 24.96 2.69 33.47
C ARG X 45 23.53 3.20 33.55
N ALA X 46 22.56 2.28 33.50
CA ALA X 46 21.16 2.70 33.59
C ALA X 46 20.87 3.37 34.93
N GLU X 47 21.38 2.81 36.02
CA GLU X 47 21.12 3.38 37.33
C GLU X 47 21.82 4.73 37.50
N SER X 48 23.03 4.86 36.97
CA SER X 48 23.70 6.16 37.01
C SER X 48 22.91 7.20 36.22
N PHE X 49 22.34 6.81 35.09
CA PHE X 49 21.51 7.76 34.34
C PHE X 49 20.26 8.14 35.13
N ASP X 50 19.68 7.18 35.86
CA ASP X 50 18.56 7.50 36.73
C ASP X 50 18.96 8.54 37.77
N GLU X 51 20.14 8.36 38.38
CA GLU X 51 20.63 9.36 39.32
C GLU X 51 20.91 10.69 38.63
N MET X 52 21.23 10.66 37.33
CA MET X 52 21.38 11.91 36.58
C MET X 52 20.07 12.69 36.54
N ARG X 53 18.96 11.99 36.23
CA ARG X 53 17.67 12.68 36.29
C ARG X 53 17.34 13.14 37.71
N HIS X 54 17.71 12.34 38.71
CA HIS X 54 17.52 12.75 40.10
C HIS X 54 18.17 14.11 40.36
N ALA X 55 19.46 14.21 39.98
CA ALA X 55 20.18 15.46 40.19
C ALA X 55 19.57 16.61 39.39
N GLU X 56 19.13 16.33 38.16
CA GLU X 56 18.51 17.36 37.35
C GLU X 56 17.29 17.96 38.04
N VAL X 57 16.36 17.10 38.48
CA VAL X 57 15.15 17.62 39.09
C VAL X 57 15.47 18.33 40.41
N LEU X 58 16.42 17.78 41.18
CA LEU X 58 16.76 18.40 42.44
C LEU X 58 17.36 19.80 42.24
N THR X 59 18.26 19.94 41.27
CA THR X 59 18.89 21.24 41.05
C THR X 59 17.88 22.23 40.46
N ASP X 60 16.94 21.76 39.64
CA ASP X 60 15.90 22.67 39.16
C ASP X 60 15.06 23.18 40.32
N ARG X 61 14.68 22.28 41.24
CA ARG X 61 13.88 22.70 42.39
C ARG X 61 14.62 23.68 43.26
N ILE X 62 15.91 23.43 43.52
CA ILE X 62 16.64 24.37 44.37
C ILE X 62 16.84 25.70 43.64
N LEU X 63 17.03 25.69 42.33
CA LEU X 63 17.20 26.93 41.60
C LEU X 63 15.94 27.79 41.63
N LEU X 64 14.76 27.17 41.49
CA LEU X 64 13.54 27.97 41.51
C LEU X 64 13.29 28.59 42.88
N LEU X 65 13.99 28.11 43.91
CA LEU X 65 13.83 28.63 45.27
C LEU X 65 14.78 29.79 45.57
N ASP X 66 15.30 30.46 44.55
CA ASP X 66 16.18 31.61 44.71
C ASP X 66 17.41 31.27 45.56
N GLY X 67 17.93 30.07 45.34
CA GLY X 67 19.12 29.59 46.00
C GLY X 67 20.35 29.68 45.11
N LEU X 68 21.44 29.09 45.61
CA LEU X 68 22.70 29.04 44.89
C LEU X 68 23.19 27.60 44.93
N PRO X 69 22.81 26.79 43.93
CA PRO X 69 23.36 25.43 43.85
C PRO X 69 24.87 25.46 43.68
N ASN X 70 25.54 24.51 44.33
CA ASN X 70 26.99 24.44 44.32
C ASN X 70 27.44 23.09 43.77
N TYR X 71 28.33 23.12 42.79
CA TYR X 71 28.93 21.92 42.23
C TYR X 71 30.39 21.77 42.60
N GLN X 72 30.96 22.72 43.35
CA GLN X 72 32.39 22.68 43.62
C GLN X 72 32.76 21.51 44.53
N ARG X 73 32.01 21.32 45.61
CA ARG X 73 32.36 20.34 46.63
C ARG X 73 31.61 19.03 46.40
N LEU X 74 32.24 17.94 46.82
CA LEU X 74 31.62 16.61 46.76
C LEU X 74 32.19 15.77 47.88
N PHE X 75 31.46 14.70 48.21
CA PHE X 75 31.88 13.80 49.28
C PHE X 75 32.96 12.84 48.78
N HIS X 76 33.47 12.02 49.69
CA HIS X 76 34.52 11.07 49.35
C HIS X 76 33.98 9.95 48.49
N VAL X 77 34.79 9.51 47.53
CA VAL X 77 34.45 8.38 46.66
C VAL X 77 35.30 7.19 47.07
N ARG X 78 34.70 6.00 47.00
CA ARG X 78 35.40 4.77 47.32
C ARG X 78 35.16 3.76 46.21
N VAL X 79 36.20 2.98 45.91
CA VAL X 79 36.15 1.97 44.86
C VAL X 79 36.82 0.70 45.37
N GLY X 80 36.64 -0.38 44.61
CA GLY X 80 37.19 -1.67 44.96
C GLY X 80 37.66 -2.47 43.77
N GLN X 81 37.85 -3.78 43.97
CA GLN X 81 38.27 -4.68 42.92
C GLN X 81 37.20 -5.71 42.55
N SER X 82 36.71 -6.45 43.52
CA SER X 82 35.71 -7.49 43.27
C SER X 82 34.30 -6.95 43.57
N VAL X 83 33.30 -7.75 43.19
CA VAL X 83 31.92 -7.30 43.25
C VAL X 83 31.49 -6.98 44.67
N THR X 84 32.02 -7.72 45.65
CA THR X 84 31.52 -7.61 47.02
C THR X 84 31.79 -6.22 47.60
N GLU X 85 33.02 -5.74 47.47
CA GLU X 85 33.38 -4.47 48.10
C GLU X 85 32.59 -3.31 47.52
N MET X 86 32.45 -3.28 46.18
CA MET X 86 31.69 -2.21 45.56
C MET X 86 30.22 -2.30 45.90
N PHE X 87 29.67 -3.52 45.99
CA PHE X 87 28.27 -3.66 46.40
C PHE X 87 28.06 -3.12 47.81
N GLN X 88 28.96 -3.46 48.74
CA GLN X 88 28.84 -2.94 50.09
C GLN X 88 29.00 -1.43 50.14
N ALA X 89 29.91 -0.89 49.33
CA ALA X 89 30.08 0.57 49.27
C ALA X 89 28.79 1.24 48.82
N ASP X 90 28.17 0.70 47.77
CA ASP X 90 26.92 1.26 47.30
C ASP X 90 25.85 1.18 48.38
N ARG X 91 25.78 0.04 49.10
CA ARG X 91 24.82 -0.08 50.18
C ARG X 91 25.03 0.99 51.24
N GLU X 92 26.29 1.25 51.60
CA GLU X 92 26.58 2.33 52.54
C GLU X 92 26.05 3.66 52.02
N VAL X 93 26.25 3.90 50.72
CA VAL X 93 25.80 5.15 50.10
C VAL X 93 24.29 5.30 50.27
N GLU X 94 23.53 4.28 49.87
CA GLU X 94 22.07 4.42 49.96
C GLU X 94 21.59 4.43 51.40
N LEU X 95 22.32 3.78 52.32
CA LEU X 95 21.90 3.80 53.72
C LEU X 95 22.00 5.21 54.29
N GLU X 96 23.15 5.86 54.12
CA GLU X 96 23.26 7.24 54.59
C GLU X 96 22.28 8.14 53.85
N ALA X 97 22.07 7.88 52.56
CA ALA X 97 21.11 8.67 51.79
C ALA X 97 19.72 8.59 52.38
N ILE X 98 19.23 7.38 52.68
CA ILE X 98 17.86 7.23 53.15
C ILE X 98 17.73 7.79 54.56
N ASP X 99 18.77 7.67 55.39
CA ASP X 99 18.71 8.30 56.71
C ASP X 99 18.52 9.81 56.57
N ARG X 100 19.36 10.45 55.76
CA ARG X 100 19.24 11.88 55.55
C ARG X 100 17.88 12.24 54.96
N LEU X 101 17.40 11.42 54.03
CA LEU X 101 16.12 11.69 53.38
C LEU X 101 14.97 11.67 54.38
N ARG X 102 14.96 10.67 55.26
CA ARG X 102 13.90 10.61 56.27
C ARG X 102 13.94 11.83 57.19
N ARG X 103 15.14 12.18 57.66
CA ARG X 103 15.24 13.34 58.54
C ARG X 103 14.79 14.63 57.83
N GLY X 104 15.22 14.82 56.58
CA GLY X 104 14.86 16.02 55.86
C GLY X 104 13.37 16.09 55.55
N ILE X 105 12.76 14.94 55.22
CA ILE X 105 11.33 14.91 54.99
C ILE X 105 10.59 15.33 56.25
N GLU X 106 10.99 14.80 57.40
CA GLU X 106 10.35 15.20 58.65
C GLU X 106 10.49 16.71 58.86
N VAL X 107 11.71 17.24 58.68
CA VAL X 107 11.94 18.65 58.96
C VAL X 107 11.10 19.53 58.06
N MET X 108 11.16 19.29 56.75
CA MET X 108 10.40 20.12 55.81
C MET X 108 8.90 20.00 56.03
N ARG X 109 8.42 18.77 56.30
CA ARG X 109 6.99 18.62 56.55
C ARG X 109 6.58 19.39 57.79
N ALA X 110 7.48 19.51 58.76
CA ALA X 110 7.20 20.34 59.92
C ALA X 110 7.32 21.83 59.61
N LYS X 111 8.06 22.21 58.58
CA LYS X 111 8.34 23.61 58.28
C LYS X 111 7.50 24.16 57.13
N HIS X 112 6.26 23.71 56.97
CA HIS X 112 5.31 24.29 56.03
C HIS X 112 5.87 24.35 54.61
N ASP X 113 6.54 23.28 54.20
CA ASP X 113 7.01 23.13 52.84
C ASP X 113 6.52 21.80 52.30
N ILE X 114 6.13 21.77 51.03
CA ILE X 114 5.36 20.65 50.50
C ILE X 114 6.05 19.98 49.32
N THR X 115 6.35 20.76 48.27
CA THR X 115 6.81 20.16 47.02
C THR X 115 8.14 19.43 47.19
N SER X 116 9.10 20.06 47.87
CA SER X 116 10.38 19.41 48.10
C SER X 116 10.22 18.15 48.94
N ALA X 117 9.27 18.17 49.88
CA ALA X 117 8.96 16.95 50.61
C ALA X 117 8.51 15.84 49.67
N ASN X 118 7.67 16.18 48.69
CA ASN X 118 7.19 15.18 47.74
C ASN X 118 8.33 14.63 46.88
N VAL X 119 9.24 15.49 46.42
CA VAL X 119 10.32 14.99 45.58
C VAL X 119 11.24 14.10 46.40
N PHE X 120 11.48 14.45 47.67
CA PHE X 120 12.23 13.53 48.53
C PHE X 120 11.48 12.22 48.78
N GLU X 121 10.16 12.26 48.86
CA GLU X 121 9.41 11.00 48.98
C GLU X 121 9.66 10.11 47.78
N ALA X 122 9.60 10.68 46.57
CA ALA X 122 9.82 9.90 45.37
C ALA X 122 11.23 9.34 45.31
N ILE X 123 12.23 10.17 45.62
CA ILE X 123 13.61 9.70 45.55
C ILE X 123 13.88 8.66 46.63
N LEU X 124 13.22 8.78 47.79
CA LEU X 124 13.37 7.76 48.82
C LEU X 124 12.79 6.43 48.36
N ALA X 125 11.65 6.46 47.67
CA ALA X 125 11.11 5.22 47.11
C ALA X 125 12.10 4.60 46.13
N ASP X 126 12.68 5.42 45.25
CA ASP X 126 13.62 4.88 44.26
C ASP X 126 14.86 4.29 44.94
N GLU X 127 15.39 4.97 45.96
CA GLU X 127 16.57 4.46 46.65
C GLU X 127 16.26 3.19 47.42
N GLU X 128 15.05 3.07 47.97
CA GLU X 128 14.64 1.84 48.62
C GLU X 128 14.63 0.68 47.62
N HIS X 129 14.07 0.92 46.44
CA HIS X 129 14.10 -0.11 45.40
C HIS X 129 15.53 -0.51 45.06
N HIS X 130 16.42 0.48 44.89
CA HIS X 130 17.79 0.17 44.52
C HIS X 130 18.51 -0.64 45.60
N ILE X 131 18.34 -0.26 46.86
CA ILE X 131 19.01 -0.97 47.93
C ILE X 131 18.46 -2.39 48.07
N ASP X 132 17.16 -2.57 47.80
CA ASP X 132 16.62 -3.93 47.77
C ASP X 132 17.30 -4.77 46.69
N TYR X 133 17.50 -4.17 45.51
CA TYR X 133 18.20 -4.89 44.44
C TYR X 133 19.61 -5.29 44.88
N LEU X 134 20.35 -4.34 45.47
CA LEU X 134 21.69 -4.66 45.95
C LEU X 134 21.67 -5.81 46.95
N GLU X 135 20.73 -5.76 47.89
CA GLU X 135 20.68 -6.77 48.94
C GLU X 135 20.41 -8.15 48.37
N THR X 136 19.44 -8.26 47.45
CA THR X 136 19.15 -9.58 46.90
C THR X 136 20.30 -10.10 46.05
N GLN X 137 20.95 -9.21 45.28
CA GLN X 137 22.10 -9.65 44.49
C GLN X 137 23.21 -10.16 45.39
N LEU X 138 23.46 -9.47 46.51
CA LEU X 138 24.42 -9.98 47.48
C LEU X 138 24.01 -11.35 47.98
N ASP X 139 22.82 -11.45 48.60
CA ASP X 139 22.42 -12.74 49.17
C ASP X 139 22.66 -13.88 48.19
N LEU X 140 22.38 -13.62 46.90
CA LEU X 140 22.71 -14.59 45.88
C LEU X 140 24.22 -14.84 45.78
N ILE X 141 25.04 -13.78 45.83
CA ILE X 141 26.47 -14.00 45.61
C ILE X 141 27.09 -14.79 46.75
N GLU X 142 26.69 -14.51 48.00
CA GLU X 142 27.14 -15.37 49.08
C GLU X 142 26.62 -16.80 48.93
N LYS X 143 25.36 -16.97 48.52
CA LYS X 143 24.82 -18.33 48.45
C LYS X 143 25.54 -19.17 47.40
N LEU X 144 25.79 -18.59 46.22
CA LEU X 144 26.19 -19.39 45.06
C LEU X 144 27.70 -19.63 45.05
N GLY X 145 28.49 -18.57 45.15
CA GLY X 145 29.92 -18.67 44.93
C GLY X 145 30.36 -17.70 43.86
N GLU X 146 31.46 -16.99 44.10
CA GLU X 146 31.85 -15.89 43.22
C GLU X 146 32.12 -16.38 41.79
N SER X 147 32.82 -17.50 41.66
CA SER X 147 33.15 -18.01 40.33
C SER X 147 31.89 -18.36 39.54
N LEU X 148 30.99 -19.13 40.14
CA LEU X 148 29.80 -19.56 39.42
C LEU X 148 28.92 -18.37 39.05
N TYR X 149 28.75 -17.43 39.97
CA TYR X 149 27.96 -16.23 39.64
C TYR X 149 28.61 -15.43 38.53
N LEU X 150 29.94 -15.34 38.54
CA LEU X 150 30.64 -14.66 37.46
C LEU X 150 30.49 -15.41 36.14
N SER X 151 30.24 -16.72 36.19
CA SER X 151 30.12 -17.51 34.96
C SER X 151 28.91 -17.10 34.15
N THR X 152 27.78 -16.80 34.80
CA THR X 152 26.57 -16.50 34.06
C THR X 152 26.50 -15.07 33.56
N VAL X 153 27.32 -14.16 34.08
CA VAL X 153 27.26 -12.76 33.66
C VAL X 153 28.13 -12.48 32.45
N ILE X 154 29.21 -13.24 32.23
CA ILE X 154 30.07 -13.02 31.08
C ILE X 154 29.32 -13.41 29.80
N GLU X 155 29.45 -12.57 28.78
CA GLU X 155 28.95 -12.87 27.45
C GLU X 155 30.10 -12.71 26.47
N GLN X 156 30.06 -13.46 25.37
CA GLN X 156 31.10 -13.41 24.35
C GLN X 156 30.50 -13.13 22.97
N THR X 157 29.37 -12.44 22.91
CA THR X 157 28.76 -12.12 21.64
C THR X 157 29.69 -11.25 20.80
N GLN X 158 29.42 -11.20 19.49
CA GLN X 158 30.33 -10.54 18.56
C GLN X 158 30.40 -9.04 18.86
N PRO X 159 31.50 -8.57 19.44
CA PRO X 159 31.69 -7.13 19.66
C PRO X 159 32.40 -6.46 18.48
N ASP X 160 31.85 -6.66 17.28
CA ASP X 160 32.42 -6.15 16.05
C ASP X 160 31.35 -5.35 15.31
N PRO X 161 31.03 -4.15 15.77
CA PRO X 161 30.00 -3.32 15.13
C PRO X 161 30.59 -2.34 14.12
FE FE2 Y . -39.15 -9.11 -28.35
FE FE2 Z . -26.66 -10.23 -31.73
FE FE2 AA . -19.40 -20.72 -42.43
FE FE2 BA . -0.50 5.45 -49.83
FE FE2 CA . 5.80 14.43 -37.79
FE FE2 DA . 17.50 24.49 -40.54
FE FE2 EA . -2.96 39.23 -25.41
FE FE2 FA . -7.99 38.94 -10.86
FE FE2 GA . -15.43 46.66 0.61
FE FE2 HA . 37.54 19.81 26.53
FE FE2 IA . 26.76 14.50 32.10
FE FE2 JA . 28.44 40.51 -13.05
FE FE2 KA . 31.51 26.98 -5.89
FE FE2 LA . -5.64 26.73 40.79
FE FE2 MA . 12.63 -20.75 -42.62
FE FE2 NA . 18.76 -38.87 -23.16
FE FE2 OA . 14.24 -25.63 -28.78
FE FE2 PA . 41.31 -25.53 -7.02
FE FE2 QA . 44.64 -9.03 15.34
FE FE2 RA . 43.31 -14.76 1.10
FE FE2 SA . 46.13 20.98 -5.30
FE FE2 TA . -30.91 -31.47 21.34
FE FE2 UA . -34.12 -29.19 7.90
FE FE2 VA . -40.50 -26.14 -3.24
FE FE2 WA . -45.13 1.79 2.04
FE FE2 XA . -40.82 15.85 -4.06
FE FE2 YA . -39.46 28.79 -1.74
FE FE2 ZA . -27.10 32.41 24.66
FE FE2 AB . -17.46 28.13 31.54
FE FE2 BB . 22.05 -44.73 8.90
FE FE2 CB . 6.72 -39.61 9.74
FE FE2 DB . -4.64 -45.63 15.58
FE FE2 EB . -6.47 -27.90 39.83
FE FE2 FB . -9.50 -2.41 47.98
FE FE2 GB . -10.93 -10.59 40.52
FE FE2 HB . 19.20 9.02 44.05
#